data_8OF8
#
_entry.id   8OF8
#
loop_
_entity.id
_entity.type
_entity.pdbx_description
1 polymer Calmodulin-1
2 polymer 'Actin, alpha skeletal muscle'
3 polymer 'Unconventional myosin-Va'
#
loop_
_entity_poly.entity_id
_entity_poly.type
_entity_poly.pdbx_seq_one_letter_code
_entity_poly.pdbx_strand_id
1 'polypeptide(L)'
;ADQLTEEQIAEFKEAFSLFDKDGDGTITTKELGTVMRSLGQNPTEAELQDMINEVDADGNGTIDFPEFLTMMARKMKDTD
SEEEIREAFRVFDKDGNGYISAAELRHVMTNLGEKLTDEEVDEMIREADIDGDGQVNYEEFVQMMTAK
;
A,B,C,D,E,F
2 'polypeptide(L)'
;DEDETTALVCDNGSGLVKAGFAGDDAPRAVFPSIVGRPRHQGVMVGMGQKDSYVGDEAQSKRGILTLKYPIE(HIC)GII
TNWDDMEKIWHHTFYNELRVAPEEHPTLLTEAPLNPKANREKMTQIMFETFNVPAMYVAIQAVLSLYASGRTTGIVLDSG
DGVTHNVPIYEGYALPHAIMRLDLAGRDLTDYLMKILTERGYSFVTTAEREIVRDIKEKLCYVALDFENEMATAASSSSL
EKSYELPDGQVITIGNERFRCPETLFQPSFIGMESAGIHETTYNSIMKCDIDIRKDLYANNVMSGGTTMYPGIADRMQKE
ITALAPSTMKIKIIAPPERKYSVWIGGSILASLSTFQQMWITKQEYDEAGPSIVHRKCF
;
J,K,L
3 'polypeptide(L)'
;MAASELYTKFARVWIPDPEEVWKSAELLKDYKPGDKVLLLHLEEGKDLEYRLDPKTGELPHLRNPDILVGENDLTALSYL
HEPAVLHNLRVRFIDSKLIYTYCGIVLVAINPYEQLPIYGEDIINAYSGQNMGDMDPHIFAVAEEAYKQMARDERNQSII
VSGESGAGKTVSAKYAMRYFATVSGSASEANVEEKVLASNPIMESIGNAKTTRNDNSSRFGKYIEIGFDKRYRIIGANMR
TYLLEKSRVVFQAEEERNYHIFYQLCASAKLPEFKMLRLGNADSFHYTKQGGSPMIEGVDDAKEMAHTRQACTLLGISES
YQMGIFRILAGILHLGNVGFASRDSDSCTIPPKHEPLTIFCDLMGVDYEEMCHWLCHRKLATATETYIKPISKLQATNAR
DALAKHIYAKLFNWIVDHVNQALHSAVKQHSFIGVLDIYGFETFEINSFEQFCINYANEKLQQQFNMHVFKLEQEEYMKE
QIPWTLIDFYDNQPCINLIESKLGILDLLDEECKMPKGTDDTWAQKLYNTHLNKCALFEKPRMSNKAFIIKHFADKVEYQ
CEGFLEKNKDTVFEEQIKVLKSSKFKMLPELFQDDEKAISPTSATSSGRTPLTRVPVKPTKGRPGQTAKEHKKTVGHQFR
NSLHLLMETLNATTPHYVRCIKPNDFKFPFTFDEKRAVQQLRACGVLETIRISAAGFPSRWTYQEFFSRYRVLMKQKDVL
GDRKQTCKNVLEKLILDKDKYQFGKTKIFFRAGQVAYLEKLRADKLRAACIRIQKTIRGWLLRKRYLCMQRAAITVQRYV
RGYQARCYAKFLRRTKAATTIQKYWRMYVVRRRYKIRRAATIVIQSYLRGYLTRNRYRKILREYKAVIIQKRVRGWLART
HYKRTMKAIVYLQCCFRRMMAKRELKKDYKDDDDK
;
M
#
# COMPACT_ATOMS: atom_id res chain seq x y z
N ASP A 2 37.60 -13.66 26.92
CA ASP A 2 38.20 -13.16 25.67
C ASP A 2 37.39 -13.66 24.48
N GLN A 3 36.25 -13.00 24.27
CA GLN A 3 35.17 -13.33 23.32
C GLN A 3 35.60 -13.50 21.86
N LEU A 4 34.94 -14.46 21.20
CA LEU A 4 35.02 -14.80 19.77
C LEU A 4 36.33 -15.54 19.39
N THR A 5 37.10 -15.96 20.40
CA THR A 5 38.14 -16.99 20.27
C THR A 5 37.54 -18.37 20.01
N GLU A 6 38.40 -19.31 19.60
CA GLU A 6 38.03 -20.65 19.16
C GLU A 6 37.31 -21.48 20.25
N GLU A 7 37.62 -21.23 21.53
CA GLU A 7 36.92 -21.79 22.70
C GLU A 7 35.40 -21.50 22.68
N GLN A 8 35.00 -20.25 22.49
CA GLN A 8 33.57 -19.87 22.44
C GLN A 8 32.86 -20.48 21.22
N ILE A 9 33.58 -20.65 20.11
CA ILE A 9 33.08 -21.26 18.89
C ILE A 9 32.79 -22.77 19.07
N ALA A 10 33.44 -23.45 20.02
CA ALA A 10 33.13 -24.85 20.37
C ALA A 10 31.68 -25.03 20.86
N GLU A 11 31.21 -24.21 21.82
CA GLU A 11 29.80 -24.25 22.25
C GLU A 11 28.84 -23.75 21.16
N PHE A 12 29.28 -22.83 20.29
CA PHE A 12 28.51 -22.47 19.10
C PHE A 12 28.33 -23.68 18.14
N LYS A 13 29.34 -24.56 17.98
CA LYS A 13 29.20 -25.84 17.27
C LYS A 13 28.28 -26.82 18.01
N GLU A 14 28.39 -26.92 19.34
CA GLU A 14 27.48 -27.73 20.18
C GLU A 14 26.00 -27.36 19.94
N ALA A 15 25.64 -26.09 20.17
CA ALA A 15 24.28 -25.59 19.98
C ALA A 15 23.78 -25.71 18.52
N PHE A 16 24.63 -25.43 17.53
CA PHE A 16 24.31 -25.65 16.12
C PHE A 16 24.00 -27.12 15.81
N SER A 17 24.76 -28.05 16.39
CA SER A 17 24.61 -29.51 16.19
C SER A 17 23.25 -30.04 16.68
N LEU A 18 22.59 -29.36 17.61
CA LEU A 18 21.21 -29.68 18.01
C LEU A 18 20.18 -29.52 16.87
N PHE A 19 20.42 -28.58 15.94
CA PHE A 19 19.51 -28.27 14.83
C PHE A 19 19.96 -28.83 13.47
N ASP A 20 21.22 -29.24 13.31
CA ASP A 20 21.72 -29.96 12.12
C ASP A 20 21.36 -31.45 12.22
N LYS A 21 20.07 -31.74 12.06
CA LYS A 21 19.48 -33.08 12.29
C LYS A 21 19.84 -34.09 11.19
N ASP A 22 20.04 -33.67 9.94
CA ASP A 22 20.62 -34.52 8.89
C ASP A 22 22.15 -34.71 9.03
N GLY A 23 22.85 -33.80 9.71
CA GLY A 23 24.28 -33.93 10.07
C GLY A 23 25.25 -33.58 8.95
N ASP A 24 24.98 -32.51 8.19
CA ASP A 24 25.77 -32.12 7.00
C ASP A 24 26.47 -30.75 7.11
N GLY A 25 26.40 -30.05 8.25
CA GLY A 25 27.00 -28.73 8.46
C GLY A 25 26.07 -27.56 8.16
N THR A 26 24.74 -27.78 8.12
CA THR A 26 23.73 -26.80 7.69
C THR A 26 22.51 -26.84 8.62
N ILE A 27 21.85 -25.69 8.86
CA ILE A 27 20.57 -25.58 9.59
C ILE A 27 19.55 -24.77 8.78
N THR A 28 18.25 -24.92 9.07
CA THR A 28 17.19 -24.09 8.47
C THR A 28 17.16 -22.67 9.04
N THR A 29 16.72 -21.70 8.24
CA THR A 29 16.38 -20.33 8.69
C THR A 29 15.34 -20.31 9.81
N LYS A 30 14.40 -21.28 9.83
CA LYS A 30 13.24 -21.33 10.72
C LYS A 30 13.56 -21.40 12.23
N GLU A 31 14.75 -21.89 12.60
CA GLU A 31 15.21 -22.00 13.99
C GLU A 31 16.44 -21.10 14.30
N LEU A 32 16.83 -20.20 13.40
CA LEU A 32 18.03 -19.35 13.56
C LEU A 32 17.98 -18.47 14.82
N GLY A 33 16.81 -17.89 15.12
CA GLY A 33 16.56 -17.18 16.38
C GLY A 33 16.62 -18.08 17.61
N THR A 34 16.08 -19.29 17.49
CA THR A 34 16.07 -20.31 18.56
C THR A 34 17.49 -20.64 19.02
N VAL A 35 18.40 -20.97 18.09
CA VAL A 35 19.81 -21.26 18.42
C VAL A 35 20.56 -20.03 18.94
N MET A 36 20.41 -18.85 18.32
CA MET A 36 21.09 -17.62 18.77
C MET A 36 20.71 -17.22 20.21
N ARG A 37 19.42 -17.29 20.56
CA ARG A 37 18.92 -17.00 21.93
C ARG A 37 19.19 -18.13 22.92
N SER A 38 19.27 -19.39 22.47
CA SER A 38 19.79 -20.51 23.29
C SER A 38 21.23 -20.26 23.75
N LEU A 39 22.07 -19.75 22.83
CA LEU A 39 23.42 -19.24 23.11
C LEU A 39 23.44 -17.90 23.86
N GLY A 40 22.27 -17.30 24.11
CA GLY A 40 22.08 -16.12 24.95
C GLY A 40 22.32 -14.77 24.28
N GLN A 41 22.59 -14.71 22.98
CA GLN A 41 22.61 -13.45 22.22
C GLN A 41 21.18 -13.02 21.84
N ASN A 42 20.90 -11.72 21.95
CA ASN A 42 19.54 -11.20 22.05
C ASN A 42 19.15 -10.25 20.89
N PRO A 43 18.65 -10.79 19.75
CA PRO A 43 18.01 -10.01 18.67
C PRO A 43 16.49 -9.87 18.87
N THR A 44 15.90 -8.77 18.40
CA THR A 44 14.45 -8.59 18.23
C THR A 44 13.86 -9.44 17.08
N GLU A 45 12.53 -9.50 16.99
CA GLU A 45 11.83 -10.31 15.97
C GLU A 45 12.03 -9.79 14.54
N ALA A 46 11.77 -8.50 14.29
CA ALA A 46 11.89 -7.87 12.98
C ALA A 46 13.35 -7.92 12.46
N GLU A 47 14.31 -7.62 13.33
CA GLU A 47 15.76 -7.74 13.12
C GLU A 47 16.17 -9.13 12.61
N LEU A 48 15.75 -10.20 13.31
CA LEU A 48 15.94 -11.59 12.89
C LEU A 48 15.30 -11.86 11.51
N GLN A 49 14.06 -11.43 11.30
CA GLN A 49 13.35 -11.61 10.02
C GLN A 49 14.06 -10.89 8.86
N ASP A 50 14.50 -9.65 9.05
CA ASP A 50 15.30 -8.89 8.06
C ASP A 50 16.65 -9.57 7.77
N MET A 51 17.35 -10.09 8.79
CA MET A 51 18.58 -10.88 8.61
C MET A 51 18.36 -12.17 7.81
N ILE A 52 17.21 -12.83 7.97
CA ILE A 52 16.81 -14.00 7.16
C ILE A 52 16.49 -13.58 5.72
N ASN A 53 15.66 -12.56 5.53
CA ASN A 53 15.23 -12.13 4.19
C ASN A 53 16.30 -11.39 3.36
N GLU A 54 17.39 -10.94 3.99
CA GLU A 54 18.63 -10.52 3.31
C GLU A 54 19.33 -11.70 2.59
N VAL A 55 19.23 -12.91 3.15
CA VAL A 55 19.73 -14.17 2.56
C VAL A 55 18.79 -14.74 1.50
N ASP A 56 17.48 -14.77 1.76
CA ASP A 56 16.47 -15.30 0.81
C ASP A 56 15.11 -14.60 0.93
N ALA A 57 14.63 -14.01 -0.16
CA ALA A 57 13.31 -13.39 -0.27
C ALA A 57 12.14 -14.36 -0.02
N ASP A 58 12.31 -15.67 -0.26
CA ASP A 58 11.34 -16.71 0.10
C ASP A 58 11.25 -16.94 1.63
N GLY A 59 12.28 -16.57 2.41
CA GLY A 59 12.39 -16.76 3.86
C GLY A 59 12.61 -18.21 4.32
N ASN A 60 12.16 -19.16 3.51
CA ASN A 60 12.20 -20.60 3.73
C ASN A 60 13.49 -21.14 3.12
N GLY A 61 14.52 -21.40 3.93
CA GLY A 61 15.81 -21.86 3.42
C GLY A 61 16.75 -22.41 4.49
N THR A 62 18.04 -22.37 4.18
CA THR A 62 19.13 -22.95 4.99
C THR A 62 20.38 -22.08 5.04
N ILE A 63 21.18 -22.25 6.08
CA ILE A 63 22.45 -21.54 6.33
C ILE A 63 23.50 -22.52 6.88
N ASP A 64 24.68 -22.52 6.24
CA ASP A 64 25.84 -23.36 6.63
C ASP A 64 26.56 -22.80 7.88
N PHE A 65 27.23 -23.68 8.63
CA PHE A 65 27.92 -23.33 9.88
C PHE A 65 28.83 -22.08 9.80
N PRO A 66 29.69 -21.88 8.78
CA PRO A 66 30.51 -20.67 8.67
C PRO A 66 29.68 -19.38 8.56
N GLU A 67 28.58 -19.40 7.80
CA GLU A 67 27.72 -18.22 7.63
C GLU A 67 26.76 -18.01 8.82
N PHE A 68 26.41 -19.07 9.54
CA PHE A 68 25.86 -18.98 10.89
C PHE A 68 26.81 -18.22 11.84
N LEU A 69 28.11 -18.52 11.83
CA LEU A 69 29.11 -17.74 12.56
C LEU A 69 29.18 -16.28 12.08
N THR A 70 29.07 -16.00 10.77
CA THR A 70 28.88 -14.64 10.25
C THR A 70 27.67 -13.94 10.90
N MET A 71 26.50 -14.60 10.96
CA MET A 71 25.30 -14.05 11.61
C MET A 71 25.45 -13.84 13.12
N MET A 72 26.11 -14.75 13.84
CA MET A 72 26.50 -14.56 15.24
C MET A 72 27.38 -13.31 15.41
N ALA A 73 28.47 -13.21 14.64
CA ALA A 73 29.38 -12.06 14.65
C ALA A 73 28.66 -10.73 14.32
N ARG A 74 27.76 -10.73 13.33
CA ARG A 74 26.88 -9.59 13.00
C ARG A 74 26.08 -9.10 14.20
N LYS A 75 25.45 -10.00 14.97
CA LYS A 75 24.76 -9.59 16.21
C LYS A 75 25.73 -9.15 17.31
N MET A 76 26.84 -9.87 17.50
CA MET A 76 27.84 -9.52 18.53
C MET A 76 28.42 -8.10 18.37
N LYS A 77 28.59 -7.61 17.13
CA LYS A 77 28.98 -6.21 16.83
C LYS A 77 27.99 -5.16 17.38
N ASP A 78 26.71 -5.51 17.52
CA ASP A 78 25.59 -4.66 17.91
C ASP A 78 24.98 -5.12 19.26
N THR A 79 25.81 -5.23 20.30
CA THR A 79 25.40 -5.73 21.63
C THR A 79 25.04 -4.60 22.59
N ASP A 80 23.95 -4.80 23.35
CA ASP A 80 23.44 -3.92 24.43
C ASP A 80 24.46 -3.67 25.58
N SER A 81 24.06 -2.85 26.56
CA SER A 81 24.77 -2.69 27.84
C SER A 81 23.80 -2.61 29.01
N GLU A 82 24.32 -2.79 30.22
CA GLU A 82 23.55 -2.68 31.47
C GLU A 82 22.82 -1.34 31.60
N GLU A 83 23.48 -0.21 31.31
CA GLU A 83 22.86 1.12 31.35
C GLU A 83 21.80 1.34 30.25
N GLU A 84 22.00 0.78 29.05
CA GLU A 84 21.00 0.80 27.97
C GLU A 84 19.74 -0.02 28.30
N ILE A 85 19.91 -1.16 28.97
CA ILE A 85 18.79 -1.97 29.49
C ILE A 85 18.12 -1.28 30.69
N ARG A 86 18.91 -0.68 31.59
CA ARG A 86 18.41 0.14 32.71
C ARG A 86 17.57 1.33 32.24
N GLU A 87 18.00 2.06 31.22
CA GLU A 87 17.24 3.11 30.54
C GLU A 87 15.84 2.62 30.10
N ALA A 88 15.76 1.43 29.48
CA ALA A 88 14.49 0.83 29.06
C ALA A 88 13.52 0.59 30.23
N PHE A 89 13.97 0.08 31.38
CA PHE A 89 13.11 -0.01 32.58
C PHE A 89 12.81 1.38 33.20
N ARG A 90 13.81 2.27 33.24
CA ARG A 90 13.79 3.54 33.98
C ARG A 90 12.72 4.53 33.52
N VAL A 91 12.30 4.50 32.25
CA VAL A 91 11.19 5.34 31.76
C VAL A 91 9.82 4.97 32.36
N PHE A 92 9.69 3.80 33.00
CA PHE A 92 8.50 3.36 33.72
C PHE A 92 8.60 3.51 35.26
N ASP A 93 9.67 4.12 35.79
CA ASP A 93 9.87 4.27 37.24
C ASP A 93 9.14 5.51 37.78
N LYS A 94 8.02 5.27 38.49
CA LYS A 94 7.18 6.32 39.06
C LYS A 94 7.88 7.13 40.15
N ASP A 95 8.84 6.55 40.86
CA ASP A 95 9.46 7.15 42.05
C ASP A 95 10.86 7.71 41.70
N GLY A 96 11.72 6.90 41.06
CA GLY A 96 13.12 7.19 40.76
C GLY A 96 14.12 6.47 41.68
N ASN A 97 13.79 5.25 42.09
CA ASN A 97 14.54 4.46 43.08
C ASN A 97 14.91 3.04 42.63
N GLY A 98 14.61 2.66 41.38
CA GLY A 98 14.91 1.32 40.85
C GLY A 98 13.78 0.29 40.99
N TYR A 99 12.53 0.72 41.20
CA TYR A 99 11.37 -0.17 41.40
C TYR A 99 10.21 0.16 40.45
N ILE A 100 9.53 -0.87 39.93
CA ILE A 100 8.43 -0.80 38.96
C ILE A 100 7.23 -1.64 39.42
N SER A 101 5.99 -1.23 39.12
CA SER A 101 4.79 -1.97 39.53
C SER A 101 4.66 -3.30 38.80
N ALA A 102 4.37 -4.37 39.54
CA ALA A 102 4.06 -5.69 38.98
C ALA A 102 2.73 -5.74 38.18
N ALA A 103 1.80 -4.80 38.38
CA ALA A 103 0.65 -4.62 37.49
C ALA A 103 1.06 -4.03 36.14
N GLU A 104 1.74 -2.88 36.14
CA GLU A 104 2.20 -2.24 34.91
C GLU A 104 3.23 -3.08 34.14
N LEU A 105 4.02 -3.90 34.84
CA LEU A 105 4.88 -4.92 34.23
C LEU A 105 4.07 -5.89 33.34
N ARG A 106 2.89 -6.36 33.77
CA ARG A 106 2.02 -7.21 32.93
C ARG A 106 1.49 -6.47 31.70
N HIS A 107 1.12 -5.21 31.83
CA HIS A 107 0.74 -4.30 30.74
C HIS A 107 1.90 -4.13 29.72
N VAL A 108 3.13 -3.95 30.19
CA VAL A 108 4.36 -3.91 29.37
C VAL A 108 4.67 -5.27 28.71
N MET A 109 4.51 -6.39 29.42
CA MET A 109 4.75 -7.74 28.88
C MET A 109 3.72 -8.21 27.83
N THR A 110 2.43 -7.91 28.01
CA THR A 110 1.35 -8.66 27.33
C THR A 110 0.34 -7.80 26.56
N ASN A 111 0.44 -6.47 26.61
CA ASN A 111 -0.47 -5.55 25.91
C ASN A 111 0.31 -4.56 25.03
N LEU A 112 1.29 -3.84 25.60
CA LEU A 112 2.26 -3.04 24.83
C LEU A 112 3.21 -3.92 23.99
N GLY A 113 3.89 -3.32 23.01
CA GLY A 113 4.87 -4.00 22.14
C GLY A 113 4.29 -5.17 21.32
N GLU A 114 5.15 -6.10 20.90
CA GLU A 114 4.74 -7.30 20.13
C GLU A 114 4.34 -8.49 21.02
N LYS A 115 4.73 -8.47 22.30
CA LYS A 115 4.14 -9.18 23.46
C LYS A 115 4.77 -10.56 23.74
N LEU A 116 4.69 -10.95 25.02
CA LEU A 116 5.03 -12.28 25.54
C LEU A 116 3.77 -13.15 25.66
N THR A 117 3.91 -14.42 25.30
CA THR A 117 2.85 -15.45 25.31
C THR A 117 2.48 -15.92 26.72
N ASP A 118 1.34 -16.62 26.84
CA ASP A 118 0.90 -17.26 28.09
C ASP A 118 1.96 -18.22 28.69
N GLU A 119 2.64 -19.01 27.86
CA GLU A 119 3.73 -19.90 28.29
C GLU A 119 4.93 -19.11 28.87
N GLU A 120 5.40 -18.07 28.17
CA GLU A 120 6.48 -17.20 28.66
C GLU A 120 6.12 -16.51 29.98
N VAL A 121 4.88 -16.01 30.09
CA VAL A 121 4.33 -15.43 31.32
C VAL A 121 4.28 -16.44 32.46
N ASP A 122 3.64 -17.59 32.28
CA ASP A 122 3.54 -18.66 33.28
C ASP A 122 4.92 -19.11 33.79
N GLU A 123 5.85 -19.41 32.89
CA GLU A 123 7.23 -19.80 33.23
C GLU A 123 7.95 -18.74 34.08
N MET A 124 7.95 -17.48 33.62
CA MET A 124 8.60 -16.38 34.35
C MET A 124 7.93 -16.10 35.70
N ILE A 125 6.58 -16.10 35.76
CA ILE A 125 5.82 -15.82 36.99
C ILE A 125 5.97 -16.95 38.02
N ARG A 126 6.08 -18.22 37.60
CA ARG A 126 6.40 -19.33 38.51
C ARG A 126 7.76 -19.17 39.19
N GLU A 127 8.82 -18.84 38.44
CA GLU A 127 10.16 -18.58 39.00
C GLU A 127 10.21 -17.31 39.87
N ALA A 128 9.60 -16.21 39.41
CA ALA A 128 9.53 -14.94 40.14
C ALA A 128 8.57 -14.95 41.34
N ASP A 129 7.64 -15.91 41.39
CA ASP A 129 6.79 -16.29 42.54
C ASP A 129 5.65 -15.30 42.82
N ILE A 130 5.30 -14.46 41.85
CA ILE A 130 4.46 -13.25 42.04
C ILE A 130 2.99 -13.58 42.37
N ASP A 131 2.45 -12.89 43.38
CA ASP A 131 1.04 -12.94 43.80
C ASP A 131 0.40 -11.53 43.95
N GLY A 132 1.05 -10.47 43.46
CA GLY A 132 0.64 -9.08 43.72
C GLY A 132 1.07 -8.06 42.65
N ASP A 133 0.69 -6.80 42.89
CA ASP A 133 0.75 -5.68 41.93
C ASP A 133 1.72 -4.54 42.32
N GLY A 134 2.37 -4.64 43.49
CA GLY A 134 3.22 -3.60 44.08
C GLY A 134 4.53 -3.29 43.33
N GLN A 135 5.24 -2.27 43.80
CA GLN A 135 6.62 -1.94 43.39
C GLN A 135 7.58 -3.13 43.61
N VAL A 136 8.42 -3.44 42.61
CA VAL A 136 9.47 -4.48 42.66
C VAL A 136 10.75 -4.01 41.95
N ASN A 137 11.90 -4.32 42.54
CA ASN A 137 13.25 -3.96 42.09
C ASN A 137 13.54 -4.45 40.65
N TYR A 138 13.98 -3.56 39.76
CA TYR A 138 14.35 -3.89 38.37
C TYR A 138 15.87 -3.89 38.09
N GLU A 139 16.72 -3.44 39.02
CA GLU A 139 18.18 -3.56 38.89
C GLU A 139 18.62 -5.04 38.86
N GLU A 140 17.91 -5.89 39.60
CA GLU A 140 18.05 -7.35 39.51
C GLU A 140 17.85 -7.87 38.08
N PHE A 141 16.78 -7.41 37.39
CA PHE A 141 16.49 -7.80 36.00
C PHE A 141 17.61 -7.40 35.04
N VAL A 142 18.11 -6.16 35.17
CA VAL A 142 19.28 -5.66 34.42
C VAL A 142 20.47 -6.61 34.55
N GLN A 143 20.87 -6.96 35.78
CA GLN A 143 22.00 -7.84 36.03
C GLN A 143 21.76 -9.28 35.52
N MET A 144 20.64 -9.89 35.91
CA MET A 144 20.38 -11.32 35.70
C MET A 144 20.11 -11.70 34.23
N MET A 145 19.57 -10.80 33.42
CA MET A 145 19.14 -11.09 32.04
C MET A 145 20.12 -10.64 30.94
N THR A 146 21.13 -9.84 31.28
CA THR A 146 22.21 -9.43 30.36
C THR A 146 23.03 -10.66 29.93
N ASP B 2 40.28 -44.91 58.25
CA ASP B 2 39.37 -43.94 57.58
C ASP B 2 38.66 -44.66 56.45
N GLN B 3 37.33 -44.58 56.41
CA GLN B 3 36.48 -45.55 55.72
C GLN B 3 35.08 -45.00 55.44
N LEU B 4 34.38 -45.61 54.47
CA LEU B 4 32.93 -45.61 54.41
C LEU B 4 32.34 -46.46 55.56
N THR B 5 31.07 -46.27 55.91
CA THR B 5 30.35 -47.16 56.84
C THR B 5 30.38 -48.63 56.40
N GLU B 6 30.47 -49.53 57.38
CA GLU B 6 30.81 -50.95 57.20
C GLU B 6 30.03 -51.67 56.09
N GLU B 7 28.71 -51.46 56.00
CA GLU B 7 27.86 -52.12 54.99
C GLU B 7 28.23 -51.76 53.55
N GLN B 8 28.77 -50.56 53.33
CA GLN B 8 29.25 -50.10 52.01
C GLN B 8 30.63 -50.66 51.65
N ILE B 9 31.49 -50.93 52.65
CA ILE B 9 32.79 -51.61 52.44
C ILE B 9 32.58 -52.99 51.80
N ALA B 10 31.57 -53.76 52.27
CA ALA B 10 31.21 -55.05 51.71
C ALA B 10 30.85 -54.99 50.21
N GLU B 11 29.98 -54.06 49.82
CA GLU B 11 29.60 -53.83 48.42
C GLU B 11 30.78 -53.34 47.56
N PHE B 12 31.67 -52.50 48.11
CA PHE B 12 32.89 -52.10 47.41
C PHE B 12 33.84 -53.28 47.17
N LYS B 13 34.03 -54.19 48.16
CA LYS B 13 34.82 -55.43 47.97
C LYS B 13 34.21 -56.35 46.91
N GLU B 14 32.88 -56.55 46.97
CA GLU B 14 32.10 -57.26 45.95
C GLU B 14 32.40 -56.71 44.53
N ALA B 15 32.26 -55.40 44.32
CA ALA B 15 32.57 -54.75 43.05
C ALA B 15 34.04 -54.93 42.62
N PHE B 16 35.00 -54.60 43.50
CA PHE B 16 36.44 -54.59 43.21
C PHE B 16 36.97 -55.97 42.75
N SER B 17 36.40 -57.07 43.26
CA SER B 17 36.76 -58.45 42.90
C SER B 17 36.73 -58.75 41.38
N LEU B 18 35.89 -58.04 40.61
CA LEU B 18 35.79 -58.19 39.16
C LEU B 18 36.97 -57.57 38.38
N PHE B 19 37.72 -56.64 38.99
CA PHE B 19 38.70 -55.81 38.31
C PHE B 19 40.17 -56.10 38.69
N ASP B 20 40.43 -56.63 39.88
CA ASP B 20 41.70 -57.31 40.19
C ASP B 20 41.91 -58.51 39.23
N LYS B 21 43.12 -58.61 38.65
CA LYS B 21 43.50 -59.65 37.67
C LYS B 21 44.63 -60.56 38.14
N ASP B 22 45.15 -60.33 39.35
CA ASP B 22 46.30 -61.04 39.93
C ASP B 22 45.99 -61.65 41.32
N GLY B 23 44.87 -61.27 41.95
CA GLY B 23 44.45 -61.75 43.27
C GLY B 23 45.14 -61.06 44.44
N ASP B 24 45.82 -59.94 44.18
CA ASP B 24 46.79 -59.29 45.07
C ASP B 24 46.36 -57.87 45.52
N GLY B 25 45.11 -57.45 45.27
CA GLY B 25 44.48 -56.29 45.93
C GLY B 25 44.65 -54.94 45.25
N THR B 26 45.00 -54.92 43.95
CA THR B 26 45.31 -53.71 43.17
C THR B 26 44.64 -53.74 41.80
N ILE B 27 44.52 -52.59 41.13
CA ILE B 27 43.94 -52.47 39.78
C ILE B 27 44.79 -51.58 38.87
N THR B 28 45.03 -52.05 37.64
CA THR B 28 45.64 -51.25 36.57
C THR B 28 44.79 -50.02 36.22
N THR B 29 45.45 -48.90 35.96
CA THR B 29 44.84 -47.55 35.98
C THR B 29 43.61 -47.38 35.08
N LYS B 30 43.50 -48.11 33.95
CA LYS B 30 42.37 -48.01 33.02
C LYS B 30 41.02 -48.48 33.58
N GLU B 31 40.99 -49.37 34.57
CA GLU B 31 39.74 -49.95 35.10
C GLU B 31 38.97 -49.01 36.07
N LEU B 32 39.63 -47.95 36.55
CA LEU B 32 39.18 -47.02 37.60
C LEU B 32 37.77 -46.42 37.40
N GLY B 33 37.44 -45.99 36.18
CA GLY B 33 36.11 -45.44 35.87
C GLY B 33 35.00 -46.49 35.92
N THR B 34 35.28 -47.68 35.39
CA THR B 34 34.33 -48.80 35.31
C THR B 34 33.94 -49.31 36.71
N VAL B 35 34.92 -49.61 37.57
CA VAL B 35 34.65 -50.04 38.96
C VAL B 35 33.78 -49.04 39.73
N MET B 36 34.08 -47.73 39.64
CA MET B 36 33.25 -46.68 40.26
C MET B 36 31.79 -46.70 39.75
N ARG B 37 31.56 -46.72 38.43
CA ARG B 37 30.20 -46.78 37.84
C ARG B 37 29.47 -48.10 38.16
N SER B 38 30.21 -49.18 38.44
CA SER B 38 29.64 -50.46 38.88
C SER B 38 28.94 -50.40 40.25
N LEU B 39 29.31 -49.43 41.11
CA LEU B 39 28.72 -49.25 42.45
C LEU B 39 27.23 -48.86 42.42
N GLY B 40 26.79 -48.18 41.35
CA GLY B 40 25.42 -47.66 41.18
C GLY B 40 25.39 -46.14 41.00
N GLN B 41 26.28 -45.43 41.69
CA GLN B 41 26.69 -44.05 41.41
C GLN B 41 27.01 -43.84 39.91
N ASN B 42 26.61 -42.70 39.36
CA ASN B 42 26.79 -42.38 37.93
C ASN B 42 27.59 -41.08 37.73
N PRO B 43 28.90 -41.06 38.08
CA PRO B 43 29.75 -39.92 37.78
C PRO B 43 29.83 -39.65 36.27
N THR B 44 29.89 -38.38 35.92
CA THR B 44 30.29 -37.87 34.59
C THR B 44 31.72 -38.29 34.21
N GLU B 45 32.05 -38.23 32.93
CA GLU B 45 33.43 -38.27 32.42
C GLU B 45 34.32 -37.22 33.12
N ALA B 46 33.80 -35.99 33.28
CA ALA B 46 34.47 -34.90 34.01
C ALA B 46 34.82 -35.27 35.46
N GLU B 47 33.86 -35.79 36.25
CA GLU B 47 34.10 -36.26 37.61
C GLU B 47 35.21 -37.32 37.70
N LEU B 48 35.25 -38.29 36.77
CA LEU B 48 36.31 -39.29 36.72
C LEU B 48 37.69 -38.66 36.42
N GLN B 49 37.76 -37.65 35.55
CA GLN B 49 39.00 -36.92 35.27
C GLN B 49 39.47 -36.06 36.46
N ASP B 50 38.55 -35.39 37.17
CA ASP B 50 38.83 -34.74 38.46
C ASP B 50 39.33 -35.75 39.51
N MET B 51 38.64 -36.89 39.69
CA MET B 51 38.97 -37.90 40.71
C MET B 51 40.41 -38.42 40.62
N ILE B 52 40.95 -38.56 39.40
CA ILE B 52 42.37 -38.92 39.16
C ILE B 52 43.35 -37.96 39.87
N ASN B 53 43.03 -36.66 39.97
CA ASN B 53 43.84 -35.66 40.67
C ASN B 53 43.81 -35.80 42.20
N GLU B 54 42.79 -36.45 42.78
CA GLU B 54 42.71 -36.78 44.22
C GLU B 54 43.35 -38.15 44.53
N VAL B 55 43.41 -39.04 43.54
CA VAL B 55 44.02 -40.38 43.61
C VAL B 55 45.55 -40.36 43.47
N ASP B 56 46.10 -39.56 42.55
CA ASP B 56 47.52 -39.58 42.11
C ASP B 56 47.90 -40.91 41.43
N ALA B 57 47.18 -41.25 40.35
CA ALA B 57 47.50 -42.40 39.50
C ALA B 57 48.78 -42.19 38.65
N ASP B 58 49.31 -43.29 38.10
CA ASP B 58 50.46 -43.32 37.18
C ASP B 58 50.18 -44.35 36.05
N GLY B 59 50.54 -44.01 34.81
CA GLY B 59 50.45 -44.93 33.66
C GLY B 59 51.45 -46.09 33.70
N ASN B 60 52.42 -46.02 34.62
CA ASN B 60 53.39 -47.06 34.94
C ASN B 60 53.09 -47.73 36.31
N GLY B 61 51.86 -47.59 36.82
CA GLY B 61 51.44 -48.09 38.13
C GLY B 61 49.97 -48.51 38.21
N THR B 62 49.44 -48.49 39.43
CA THR B 62 48.15 -49.08 39.83
C THR B 62 47.49 -48.28 40.96
N ILE B 63 46.28 -48.68 41.36
CA ILE B 63 45.57 -48.16 42.53
C ILE B 63 45.21 -49.33 43.44
N ASP B 64 45.76 -49.35 44.66
CA ASP B 64 45.43 -50.37 45.66
C ASP B 64 44.03 -50.17 46.29
N PHE B 65 43.41 -51.26 46.74
CA PHE B 65 42.11 -51.23 47.44
C PHE B 65 42.02 -50.19 48.58
N PRO B 66 42.99 -50.11 49.53
CA PRO B 66 42.97 -49.07 50.58
C PRO B 66 43.25 -47.65 50.05
N GLU B 67 44.03 -47.48 48.98
CA GLU B 67 44.23 -46.17 48.34
C GLU B 67 42.90 -45.65 47.78
N PHE B 68 42.19 -46.49 47.02
CA PHE B 68 40.85 -46.20 46.49
C PHE B 68 39.84 -45.90 47.62
N LEU B 69 39.78 -46.75 48.65
CA LEU B 69 38.85 -46.58 49.77
C LEU B 69 39.14 -45.32 50.62
N THR B 70 40.40 -45.01 50.89
CA THR B 70 40.77 -43.79 51.64
C THR B 70 40.58 -42.50 50.84
N MET B 71 40.64 -42.54 49.50
CA MET B 71 40.11 -41.47 48.64
C MET B 71 38.60 -41.28 48.85
N MET B 72 37.80 -42.34 48.73
CA MET B 72 36.33 -42.26 48.91
C MET B 72 35.93 -41.79 50.31
N ALA B 73 36.70 -42.14 51.35
CA ALA B 73 36.50 -41.70 52.72
C ALA B 73 36.68 -40.17 52.91
N ARG B 74 37.47 -39.50 52.06
CA ARG B 74 37.56 -38.03 51.99
C ARG B 74 36.34 -37.40 51.32
N LYS B 75 35.85 -38.00 50.22
CA LYS B 75 34.63 -37.61 49.48
C LYS B 75 34.27 -38.68 48.44
N MET B 76 32.99 -39.01 48.35
CA MET B 76 32.39 -39.88 47.32
C MET B 76 31.23 -39.15 46.62
N LYS B 77 30.77 -39.64 45.45
CA LYS B 77 29.54 -39.14 44.81
C LYS B 77 28.29 -39.56 45.60
N ASP B 78 27.38 -38.63 45.77
CA ASP B 78 26.06 -38.81 46.38
C ASP B 78 25.21 -39.89 45.66
N THR B 79 24.18 -40.41 46.32
CA THR B 79 23.34 -41.52 45.82
C THR B 79 22.35 -41.03 44.76
N ASP B 80 22.42 -41.59 43.55
CA ASP B 80 21.50 -41.29 42.44
C ASP B 80 20.21 -42.14 42.53
N SER B 81 19.05 -41.50 42.71
CA SER B 81 17.72 -42.14 42.81
C SER B 81 16.78 -41.76 41.66
N GLU B 82 15.82 -42.65 41.35
CA GLU B 82 14.94 -42.64 40.16
C GLU B 82 14.35 -41.27 39.83
N GLU B 83 13.80 -40.58 40.83
CA GLU B 83 13.02 -39.35 40.67
C GLU B 83 13.80 -38.18 40.04
N GLU B 84 15.12 -38.12 40.23
CA GLU B 84 16.02 -37.21 39.52
C GLU B 84 15.92 -37.39 37.99
N ILE B 85 15.97 -38.65 37.53
CA ILE B 85 15.92 -39.01 36.11
C ILE B 85 14.49 -38.81 35.55
N ARG B 86 13.46 -39.14 36.35
CA ARG B 86 12.05 -38.89 36.00
C ARG B 86 11.76 -37.39 35.84
N GLU B 87 12.27 -36.54 36.73
CA GLU B 87 12.21 -35.09 36.58
C GLU B 87 12.96 -34.60 35.33
N ALA B 88 14.16 -35.13 35.04
CA ALA B 88 14.88 -34.81 33.81
C ALA B 88 14.04 -35.09 32.54
N PHE B 89 13.34 -36.23 32.45
CA PHE B 89 12.39 -36.48 31.35
C PHE B 89 11.23 -35.45 31.28
N ARG B 90 10.74 -34.95 32.42
CA ARG B 90 9.69 -33.92 32.50
C ARG B 90 10.14 -32.51 32.10
N VAL B 91 11.44 -32.29 31.91
CA VAL B 91 11.97 -31.09 31.23
C VAL B 91 11.68 -31.16 29.72
N PHE B 92 11.94 -32.30 29.08
CA PHE B 92 11.71 -32.51 27.64
C PHE B 92 10.22 -32.58 27.28
N ASP B 93 9.39 -33.29 28.06
CA ASP B 93 7.95 -33.45 27.78
C ASP B 93 7.13 -32.33 28.43
N LYS B 94 7.48 -31.07 28.10
CA LYS B 94 6.97 -29.86 28.78
C LYS B 94 5.45 -29.67 28.71
N ASP B 95 4.83 -30.18 27.64
CA ASP B 95 3.39 -30.06 27.37
C ASP B 95 2.59 -31.29 27.92
N GLY B 96 3.28 -32.24 28.56
CA GLY B 96 2.71 -33.40 29.25
C GLY B 96 2.04 -34.44 28.34
N ASN B 97 2.67 -34.75 27.20
CA ASN B 97 2.15 -35.69 26.19
C ASN B 97 2.21 -37.16 26.64
N GLY B 98 3.18 -37.52 27.50
CA GLY B 98 3.37 -38.85 28.07
C GLY B 98 4.38 -39.74 27.33
N TYR B 99 5.18 -39.18 26.40
CA TYR B 99 6.09 -39.92 25.52
C TYR B 99 7.07 -38.98 24.80
N ILE B 100 8.14 -39.53 24.21
CA ILE B 100 9.20 -38.79 23.49
C ILE B 100 9.55 -39.57 22.21
N SER B 101 9.72 -38.91 21.06
CA SER B 101 10.17 -39.59 19.82
C SER B 101 11.58 -40.19 19.98
N ALA B 102 11.74 -41.46 19.58
CA ALA B 102 13.02 -42.15 19.56
C ALA B 102 14.06 -41.44 18.66
N ALA B 103 13.64 -40.83 17.54
CA ALA B 103 14.53 -40.07 16.66
C ALA B 103 15.10 -38.81 17.32
N GLU B 104 14.25 -38.01 17.98
CA GLU B 104 14.67 -36.85 18.78
C GLU B 104 15.61 -37.29 19.91
N LEU B 105 15.24 -38.34 20.65
CA LEU B 105 16.07 -38.92 21.71
C LEU B 105 17.45 -39.35 21.21
N ARG B 106 17.53 -40.07 20.07
CA ARG B 106 18.78 -40.43 19.39
C ARG B 106 19.64 -39.19 19.17
N HIS B 107 19.11 -38.18 18.48
CA HIS B 107 19.87 -36.96 18.14
C HIS B 107 20.39 -36.21 19.38
N VAL B 108 19.52 -35.92 20.35
CA VAL B 108 19.86 -35.23 21.61
C VAL B 108 20.89 -36.01 22.43
N MET B 109 20.69 -37.31 22.66
CA MET B 109 21.61 -38.13 23.43
C MET B 109 22.99 -38.31 22.77
N THR B 110 23.06 -38.20 21.44
CA THR B 110 24.32 -38.23 20.68
C THR B 110 25.06 -36.89 20.74
N ASN B 111 24.40 -35.81 20.33
CA ASN B 111 25.07 -34.60 19.82
C ASN B 111 25.04 -33.38 20.78
N LEU B 112 24.77 -33.60 22.08
CA LEU B 112 24.71 -32.56 23.11
C LEU B 112 25.16 -33.11 24.48
N GLY B 113 25.86 -32.31 25.29
CA GLY B 113 26.10 -32.57 26.71
C GLY B 113 27.17 -33.63 26.98
N GLU B 114 26.81 -34.76 27.57
CA GLU B 114 27.73 -35.85 27.93
C GLU B 114 28.01 -36.82 26.76
N LYS B 115 27.25 -36.68 25.66
CA LYS B 115 27.56 -37.14 24.30
C LYS B 115 27.85 -38.66 24.23
N LEU B 116 26.77 -39.45 24.19
CA LEU B 116 26.84 -40.88 23.94
C LEU B 116 27.23 -41.15 22.48
N THR B 117 28.27 -41.95 22.24
CA THR B 117 28.67 -42.37 20.89
C THR B 117 27.62 -43.29 20.26
N ASP B 118 27.65 -43.48 18.94
CA ASP B 118 26.64 -44.27 18.21
C ASP B 118 26.46 -45.71 18.73
N GLU B 119 27.55 -46.39 19.11
CA GLU B 119 27.54 -47.66 19.86
C GLU B 119 26.70 -47.61 21.15
N GLU B 120 26.90 -46.56 21.97
CA GLU B 120 26.17 -46.34 23.21
C GLU B 120 24.69 -46.01 22.95
N VAL B 121 24.40 -45.23 21.91
CA VAL B 121 23.03 -44.80 21.57
C VAL B 121 22.19 -45.93 20.98
N ASP B 122 22.75 -46.75 20.07
CA ASP B 122 22.07 -47.92 19.50
C ASP B 122 21.65 -48.93 20.60
N GLU B 123 22.54 -49.24 21.54
CA GLU B 123 22.21 -50.09 22.69
C GLU B 123 21.21 -49.43 23.66
N MET B 124 21.31 -48.13 23.91
CA MET B 124 20.34 -47.37 24.72
C MET B 124 18.92 -47.45 24.14
N ILE B 125 18.74 -47.22 22.83
CA ILE B 125 17.44 -47.30 22.17
C ILE B 125 16.89 -48.73 22.23
N ARG B 126 17.76 -49.75 22.12
CA ARG B 126 17.41 -51.18 22.25
C ARG B 126 16.92 -51.58 23.65
N GLU B 127 17.44 -50.97 24.72
CA GLU B 127 17.00 -51.25 26.11
C GLU B 127 15.69 -50.55 26.52
N ALA B 128 15.24 -49.52 25.78
CA ALA B 128 13.99 -48.80 26.04
C ALA B 128 12.71 -49.59 25.66
N ASP B 129 11.58 -49.25 26.29
CA ASP B 129 10.24 -49.62 25.81
C ASP B 129 9.65 -48.50 24.93
N ILE B 130 9.08 -48.88 23.79
CA ILE B 130 8.70 -47.96 22.70
C ILE B 130 7.43 -48.47 22.02
N ASP B 131 6.40 -47.62 21.89
CA ASP B 131 5.21 -47.87 21.08
C ASP B 131 5.52 -48.00 19.57
N GLY B 132 4.59 -48.59 18.82
CA GLY B 132 4.81 -49.18 17.48
C GLY B 132 5.15 -48.22 16.32
N ASP B 133 5.15 -46.90 16.54
CA ASP B 133 5.61 -45.88 15.59
C ASP B 133 6.79 -45.03 16.11
N GLY B 134 7.43 -45.42 17.23
CA GLY B 134 8.65 -44.78 17.76
C GLY B 134 8.47 -43.91 19.02
N GLN B 135 7.34 -44.01 19.72
CA GLN B 135 7.05 -43.22 20.93
C GLN B 135 7.60 -43.91 22.20
N VAL B 136 8.68 -43.38 22.77
CA VAL B 136 9.39 -43.95 23.94
C VAL B 136 8.60 -43.77 25.24
N ASN B 137 8.39 -44.86 25.97
CA ASN B 137 7.70 -44.91 27.27
C ASN B 137 8.69 -44.77 28.44
N TYR B 138 9.18 -43.55 28.67
CA TYR B 138 10.26 -43.25 29.62
C TYR B 138 10.05 -43.79 31.05
N GLU B 139 8.82 -43.74 31.58
CA GLU B 139 8.44 -44.35 32.86
C GLU B 139 8.79 -45.85 32.97
N GLU B 140 8.43 -46.65 31.96
CA GLU B 140 8.69 -48.09 31.92
C GLU B 140 10.20 -48.37 31.79
N PHE B 141 10.93 -47.58 30.99
CA PHE B 141 12.38 -47.67 30.88
C PHE B 141 13.08 -47.46 32.24
N VAL B 142 12.70 -46.42 33.00
CA VAL B 142 13.16 -46.22 34.39
C VAL B 142 12.83 -47.43 35.27
N GLN B 143 11.58 -47.92 35.25
CA GLN B 143 11.16 -49.09 36.02
C GLN B 143 12.02 -50.34 35.75
N MET B 144 12.38 -50.60 34.49
CA MET B 144 13.25 -51.71 34.08
C MET B 144 14.73 -51.57 34.51
N MET B 145 15.16 -50.39 34.96
CA MET B 145 16.48 -50.17 35.57
C MET B 145 16.46 -50.12 37.11
N THR B 146 15.28 -50.00 37.75
CA THR B 146 15.09 -49.73 39.19
C THR B 146 15.37 -50.94 40.07
N ASP C 2 58.94 -82.16 45.26
CA ASP C 2 59.89 -81.46 44.38
C ASP C 2 59.72 -81.91 42.93
N GLN C 3 59.85 -80.97 41.99
CA GLN C 3 59.67 -81.22 40.55
C GLN C 3 60.69 -82.24 39.96
N LEU C 4 60.18 -83.12 39.08
CA LEU C 4 60.93 -83.96 38.15
C LEU C 4 61.83 -85.03 38.80
N THR C 5 61.27 -85.80 39.75
CA THR C 5 61.70 -87.20 39.92
C THR C 5 61.35 -88.00 38.66
N GLU C 6 62.18 -88.97 38.29
CA GLU C 6 62.04 -89.80 37.06
C GLU C 6 60.61 -90.34 36.84
N GLU C 7 59.98 -90.86 37.89
CA GLU C 7 58.63 -91.46 37.84
C GLU C 7 57.54 -90.46 37.38
N GLN C 8 57.66 -89.16 37.70
CA GLN C 8 56.77 -88.11 37.18
C GLN C 8 56.80 -88.07 35.65
N ILE C 9 58.01 -88.10 35.08
CA ILE C 9 58.24 -88.03 33.63
C ILE C 9 57.69 -89.29 32.94
N ALA C 10 57.85 -90.48 33.57
CA ALA C 10 57.28 -91.72 33.08
C ALA C 10 55.74 -91.68 32.99
N GLU C 11 55.04 -91.30 34.07
CA GLU C 11 53.58 -91.18 34.11
C GLU C 11 53.06 -90.20 33.03
N PHE C 12 53.67 -89.02 32.91
CA PHE C 12 53.31 -88.02 31.89
C PHE C 12 53.59 -88.49 30.45
N LYS C 13 54.71 -89.21 30.22
CA LYS C 13 55.07 -89.76 28.91
C LYS C 13 54.15 -90.91 28.47
N GLU C 14 53.70 -91.76 29.39
CA GLU C 14 52.65 -92.75 29.11
C GLU C 14 51.37 -92.09 28.57
N ALA C 15 50.85 -91.06 29.26
CA ALA C 15 49.68 -90.32 28.80
C ALA C 15 49.84 -89.76 27.38
N PHE C 16 51.01 -89.20 27.04
CA PHE C 16 51.34 -88.75 25.68
C PHE C 16 51.45 -89.90 24.65
N SER C 17 52.00 -91.04 25.06
CA SER C 17 52.25 -92.21 24.19
C SER C 17 50.97 -92.90 23.69
N LEU C 18 49.82 -92.60 24.31
CA LEU C 18 48.50 -92.97 23.79
C LEU C 18 48.18 -92.32 22.43
N PHE C 19 48.73 -91.14 22.15
CA PHE C 19 48.34 -90.30 21.00
C PHE C 19 49.33 -90.35 19.83
N ASP C 20 50.65 -90.35 20.08
CA ASP C 20 51.66 -90.62 19.04
C ASP C 20 51.46 -92.04 18.45
N LYS C 21 51.34 -92.14 17.12
CA LYS C 21 51.13 -93.41 16.39
C LYS C 21 52.34 -93.86 15.55
N ASP C 22 53.51 -93.22 15.72
CA ASP C 22 54.80 -93.62 15.14
C ASP C 22 55.84 -93.98 16.21
N GLY C 23 55.75 -93.37 17.40
CA GLY C 23 56.78 -93.43 18.45
C GLY C 23 57.92 -92.43 18.26
N ASP C 24 57.74 -91.41 17.42
CA ASP C 24 58.73 -90.37 17.11
C ASP C 24 58.77 -89.24 18.17
N GLY C 25 57.83 -89.21 19.11
CA GLY C 25 57.73 -88.22 20.17
C GLY C 25 56.86 -87.00 19.84
N THR C 26 56.03 -87.07 18.79
CA THR C 26 55.17 -85.95 18.34
C THR C 26 53.69 -86.37 18.20
N ILE C 27 52.79 -85.38 18.35
CA ILE C 27 51.34 -85.51 18.18
C ILE C 27 50.79 -84.38 17.33
N THR C 28 49.57 -84.49 16.81
CA THR C 28 48.86 -83.33 16.27
C THR C 28 48.49 -82.34 17.39
N THR C 29 48.53 -81.04 17.09
CA THR C 29 48.12 -79.94 17.98
C THR C 29 46.69 -80.10 18.50
N LYS C 30 45.80 -80.72 17.72
CA LYS C 30 44.42 -81.04 18.14
C LYS C 30 44.34 -81.85 19.45
N GLU C 31 45.26 -82.78 19.69
CA GLU C 31 45.25 -83.64 20.89
C GLU C 31 46.02 -83.05 22.09
N LEU C 32 46.66 -81.88 21.95
CA LEU C 32 47.39 -81.20 23.04
C LEU C 32 46.51 -80.96 24.28
N GLY C 33 45.29 -80.46 24.07
CA GLY C 33 44.29 -80.31 25.13
C GLY C 33 43.88 -81.64 25.76
N THR C 34 43.77 -82.69 24.95
CA THR C 34 43.37 -84.04 25.37
C THR C 34 44.38 -84.67 26.32
N VAL C 35 45.66 -84.75 25.94
CA VAL C 35 46.73 -85.27 26.83
C VAL C 35 46.83 -84.47 28.14
N MET C 36 46.81 -83.13 28.04
CA MET C 36 46.85 -82.22 29.19
C MET C 36 45.71 -82.49 30.19
N ARG C 37 44.47 -82.57 29.70
CA ARG C 37 43.28 -82.85 30.54
C ARG C 37 43.16 -84.31 30.98
N SER C 38 43.74 -85.27 30.26
CA SER C 38 43.84 -86.67 30.66
C SER C 38 44.62 -86.85 31.97
N LEU C 39 45.67 -86.06 32.17
CA LEU C 39 46.43 -85.96 33.43
C LEU C 39 45.73 -85.13 34.51
N GLY C 40 44.59 -84.51 34.19
CA GLY C 40 43.81 -83.65 35.09
C GLY C 40 44.26 -82.18 35.16
N GLN C 41 45.19 -81.75 34.30
CA GLN C 41 45.49 -80.31 34.17
C GLN C 41 44.30 -79.55 33.59
N ASN C 42 44.12 -78.30 34.04
CA ASN C 42 42.87 -77.55 33.91
C ASN C 42 43.06 -76.17 33.23
N PRO C 43 43.40 -76.12 31.92
CA PRO C 43 43.42 -74.89 31.13
C PRO C 43 42.08 -74.63 30.43
N THR C 44 41.81 -73.37 30.08
CA THR C 44 40.72 -72.98 29.15
C THR C 44 41.08 -73.32 27.69
N GLU C 45 40.11 -73.31 26.77
CA GLU C 45 40.36 -73.40 25.33
C GLU C 45 41.22 -72.23 24.81
N ALA C 46 40.90 -71.00 25.21
CA ALA C 46 41.67 -69.80 24.90
C ALA C 46 43.11 -69.85 25.46
N GLU C 47 43.32 -70.48 26.63
CA GLU C 47 44.66 -70.70 27.17
C GLU C 47 45.49 -71.71 26.35
N LEU C 48 44.87 -72.79 25.84
CA LEU C 48 45.51 -73.66 24.85
C LEU C 48 45.81 -72.92 23.53
N GLN C 49 44.86 -72.11 23.05
CA GLN C 49 44.99 -71.29 21.85
C GLN C 49 46.19 -70.32 21.93
N ASP C 50 46.43 -69.68 23.07
CA ASP C 50 47.59 -68.81 23.33
C ASP C 50 48.92 -69.51 22.99
N MET C 51 49.14 -70.72 23.50
CA MET C 51 50.32 -71.54 23.17
C MET C 51 50.36 -71.95 21.69
N ILE C 52 49.22 -72.37 21.12
CA ILE C 52 49.15 -72.90 19.74
C ILE C 52 49.52 -71.85 18.68
N ASN C 53 49.37 -70.54 18.98
CA ASN C 53 49.83 -69.45 18.11
C ASN C 53 51.36 -69.39 17.92
N GLU C 54 52.16 -70.08 18.74
CA GLU C 54 53.61 -70.22 18.56
C GLU C 54 53.99 -71.28 17.50
N VAL C 55 53.06 -72.15 17.07
CA VAL C 55 53.38 -73.39 16.30
C VAL C 55 52.46 -73.73 15.13
N ASP C 56 51.19 -73.29 15.07
CA ASP C 56 50.20 -73.84 14.11
C ASP C 56 49.65 -72.81 13.11
N ALA C 57 49.67 -73.17 11.82
CA ALA C 57 49.20 -72.34 10.72
C ALA C 57 47.67 -72.26 10.58
N ASP C 58 46.90 -73.31 10.96
CA ASP C 58 45.43 -73.28 10.88
C ASP C 58 44.67 -74.23 11.83
N GLY C 59 45.35 -74.82 12.83
CA GLY C 59 44.75 -75.71 13.82
C GLY C 59 44.84 -77.19 13.45
N ASN C 60 45.81 -77.57 12.62
CA ASN C 60 46.00 -78.92 12.08
C ASN C 60 47.48 -79.36 12.08
N GLY C 61 48.35 -78.65 12.81
CA GLY C 61 49.79 -78.91 12.88
C GLY C 61 50.19 -80.06 13.81
N THR C 62 51.47 -80.10 14.17
CA THR C 62 52.11 -81.12 15.00
C THR C 62 53.07 -80.51 16.03
N ILE C 63 53.31 -81.21 17.13
CA ILE C 63 54.00 -80.70 18.33
C ILE C 63 54.68 -81.83 19.13
N ASP C 64 55.94 -81.63 19.53
CA ASP C 64 56.73 -82.58 20.32
C ASP C 64 56.32 -82.69 21.81
N PHE C 65 56.57 -83.85 22.42
CA PHE C 65 56.47 -84.09 23.86
C PHE C 65 57.13 -83.01 24.76
N PRO C 66 58.38 -82.57 24.54
CA PRO C 66 58.98 -81.51 25.35
C PRO C 66 58.29 -80.14 25.24
N GLU C 67 57.67 -79.80 24.12
CA GLU C 67 56.88 -78.55 23.96
C GLU C 67 55.63 -78.60 24.86
N PHE C 68 54.86 -79.69 24.76
CA PHE C 68 53.74 -80.01 25.66
C PHE C 68 54.17 -79.97 27.13
N LEU C 69 55.26 -80.66 27.48
CA LEU C 69 55.79 -80.72 28.84
C LEU C 69 56.25 -79.35 29.35
N THR C 70 56.79 -78.50 28.47
CA THR C 70 57.14 -77.09 28.80
C THR C 70 55.90 -76.27 29.18
N MET C 71 54.83 -76.33 28.39
CA MET C 71 53.54 -75.71 28.78
C MET C 71 53.02 -76.27 30.10
N MET C 72 53.02 -77.61 30.24
CA MET C 72 52.59 -78.29 31.46
C MET C 72 53.40 -77.84 32.69
N ALA C 73 54.72 -77.69 32.58
CA ALA C 73 55.60 -77.26 33.67
C ALA C 73 55.19 -75.91 34.27
N ARG C 74 54.81 -74.91 33.44
CA ARG C 74 54.25 -73.64 33.96
C ARG C 74 52.84 -73.82 34.51
N LYS C 75 51.94 -74.53 33.80
CA LYS C 75 50.56 -74.78 34.26
C LYS C 75 50.49 -75.55 35.58
N MET C 76 51.48 -76.40 35.89
CA MET C 76 51.60 -77.14 37.16
C MET C 76 51.97 -76.26 38.37
N LYS C 77 52.42 -75.02 38.16
CA LYS C 77 52.64 -74.04 39.25
C LYS C 77 51.48 -73.06 39.44
N ASP C 78 50.61 -72.92 38.43
CA ASP C 78 49.36 -72.15 38.53
C ASP C 78 48.35 -72.75 39.53
N THR C 79 47.43 -71.93 40.00
CA THR C 79 46.44 -72.28 41.04
C THR C 79 45.36 -73.26 40.55
N ASP C 80 44.85 -74.08 41.48
CA ASP C 80 43.91 -75.19 41.24
C ASP C 80 42.46 -74.74 40.91
N SER C 81 42.21 -73.42 40.95
CA SER C 81 40.89 -72.78 40.77
C SER C 81 39.89 -73.10 41.89
N GLU C 82 40.34 -73.55 43.08
CA GLU C 82 39.50 -73.95 44.22
C GLU C 82 38.58 -72.84 44.77
N GLU C 83 39.11 -71.62 44.91
CA GLU C 83 38.33 -70.40 45.19
C GLU C 83 37.54 -69.93 43.94
N GLU C 84 38.20 -69.97 42.78
CA GLU C 84 37.73 -69.43 41.50
C GLU C 84 36.43 -70.09 41.00
N ILE C 85 36.33 -71.42 41.12
CA ILE C 85 35.14 -72.19 40.74
C ILE C 85 33.93 -71.91 41.65
N ARG C 86 34.16 -71.62 42.94
CA ARG C 86 33.09 -71.19 43.85
C ARG C 86 32.61 -69.79 43.52
N GLU C 87 33.51 -68.84 43.27
CA GLU C 87 33.16 -67.51 42.75
C GLU C 87 32.35 -67.60 41.45
N ALA C 88 32.74 -68.48 40.53
CA ALA C 88 31.97 -68.75 39.32
C ALA C 88 30.54 -69.27 39.59
N PHE C 89 30.38 -70.35 40.37
CA PHE C 89 29.05 -70.90 40.67
C PHE C 89 28.15 -69.96 41.50
N ARG C 90 28.73 -69.11 42.36
CA ARG C 90 28.02 -68.10 43.17
C ARG C 90 27.08 -67.23 42.33
N VAL C 91 27.47 -66.92 41.10
CA VAL C 91 26.71 -66.11 40.13
C VAL C 91 25.40 -66.77 39.68
N PHE C 92 25.34 -68.10 39.62
CA PHE C 92 24.27 -68.87 38.96
C PHE C 92 23.31 -69.59 39.91
N ASP C 93 23.45 -69.37 41.22
CA ASP C 93 22.50 -69.72 42.28
C ASP C 93 21.10 -69.12 42.01
N LYS C 94 20.04 -69.91 42.23
CA LYS C 94 18.64 -69.53 41.97
C LYS C 94 18.04 -68.58 43.00
N ASP C 95 18.48 -68.67 44.26
CA ASP C 95 17.85 -67.94 45.38
C ASP C 95 18.78 -67.63 46.57
N GLY C 96 20.05 -68.04 46.53
CA GLY C 96 21.05 -67.73 47.56
C GLY C 96 21.22 -68.80 48.64
N ASN C 97 20.51 -69.93 48.53
CA ASN C 97 20.70 -71.09 49.43
C ASN C 97 21.78 -72.08 48.93
N GLY C 98 22.43 -71.82 47.79
CA GLY C 98 23.53 -72.64 47.24
C GLY C 98 23.17 -73.54 46.06
N TYR C 99 22.07 -73.26 45.34
CA TYR C 99 21.47 -74.18 44.36
C TYR C 99 21.31 -73.54 42.97
N ILE C 100 22.11 -74.02 42.01
CA ILE C 100 22.08 -73.62 40.59
C ILE C 100 20.79 -74.08 39.91
N SER C 101 20.11 -73.21 39.16
CA SER C 101 18.92 -73.61 38.36
C SER C 101 19.28 -74.28 37.02
N ALA C 102 18.51 -75.28 36.59
CA ALA C 102 18.72 -75.95 35.30
C ALA C 102 18.59 -75.02 34.07
N ALA C 103 17.68 -74.03 34.13
CA ALA C 103 17.51 -73.03 33.07
C ALA C 103 18.79 -72.19 32.86
N GLU C 104 19.30 -71.57 33.92
CA GLU C 104 20.59 -70.85 33.91
C GLU C 104 21.73 -71.78 33.44
N LEU C 105 21.76 -73.01 33.93
CA LEU C 105 22.76 -74.01 33.53
C LEU C 105 22.77 -74.28 32.01
N ARG C 106 21.64 -74.28 31.29
CA ARG C 106 21.65 -74.35 29.81
C ARG C 106 22.36 -73.16 29.16
N HIS C 107 22.12 -71.93 29.65
CA HIS C 107 22.85 -70.74 29.18
C HIS C 107 24.35 -70.78 29.50
N VAL C 108 24.71 -71.30 30.68
CA VAL C 108 26.11 -71.55 31.09
C VAL C 108 26.77 -72.64 30.24
N MET C 109 26.07 -73.72 29.90
CA MET C 109 26.59 -74.75 28.99
C MET C 109 26.74 -74.30 27.53
N THR C 110 25.79 -73.51 26.99
CA THR C 110 25.61 -73.40 25.52
C THR C 110 25.64 -71.98 24.96
N ASN C 111 25.75 -70.93 25.78
CA ASN C 111 25.74 -69.54 25.30
C ASN C 111 27.00 -68.78 25.74
N LEU C 112 27.17 -68.59 27.05
CA LEU C 112 28.31 -67.88 27.63
C LEU C 112 29.67 -68.56 27.31
N GLY C 113 30.73 -67.78 27.17
CA GLY C 113 32.13 -68.27 27.11
C GLY C 113 32.44 -69.30 26.01
N GLU C 114 33.25 -70.29 26.38
CA GLU C 114 33.80 -71.38 25.55
C GLU C 114 32.81 -72.54 25.28
N LYS C 115 31.61 -72.50 25.89
CA LYS C 115 30.43 -73.35 25.58
C LYS C 115 30.70 -74.85 25.76
N LEU C 116 29.84 -75.72 25.22
CA LEU C 116 29.91 -77.19 25.14
C LEU C 116 29.11 -77.66 23.91
N THR C 117 29.58 -78.70 23.23
CA THR C 117 28.87 -79.35 22.09
C THR C 117 27.83 -80.38 22.53
N ASP C 118 26.83 -80.60 21.67
CA ASP C 118 25.56 -81.28 21.94
C ASP C 118 25.69 -82.66 22.60
N GLU C 119 26.64 -83.49 22.13
CA GLU C 119 26.82 -84.88 22.57
C GLU C 119 27.60 -85.02 23.89
N GLU C 120 28.08 -83.90 24.44
CA GLU C 120 28.74 -83.79 25.76
C GLU C 120 27.95 -82.88 26.73
N VAL C 121 26.94 -82.16 26.24
CA VAL C 121 25.82 -81.63 27.06
C VAL C 121 24.92 -82.77 27.54
N ASP C 122 24.69 -83.77 26.67
CA ASP C 122 24.08 -85.08 27.02
C ASP C 122 24.71 -85.69 28.28
N GLU C 123 26.04 -85.74 28.35
CA GLU C 123 26.80 -86.20 29.53
C GLU C 123 26.38 -85.50 30.83
N MET C 124 26.35 -84.16 30.85
CA MET C 124 25.95 -83.41 32.06
C MET C 124 24.48 -83.63 32.46
N ILE C 125 23.57 -83.74 31.47
CA ILE C 125 22.15 -84.05 31.71
C ILE C 125 21.98 -85.44 32.36
N ARG C 126 22.71 -86.44 31.89
CA ARG C 126 22.74 -87.80 32.47
C ARG C 126 23.46 -87.87 33.83
N GLU C 127 24.51 -87.08 34.03
CA GLU C 127 25.18 -86.93 35.33
C GLU C 127 24.22 -86.37 36.40
N ALA C 128 23.38 -85.39 36.03
CA ALA C 128 22.46 -84.68 36.91
C ALA C 128 21.03 -85.28 37.01
N ASP C 129 20.69 -86.33 36.23
CA ASP C 129 19.41 -87.05 36.27
C ASP C 129 18.18 -86.14 35.96
N ILE C 130 18.31 -85.28 34.94
CA ILE C 130 17.33 -84.23 34.58
C ILE C 130 16.32 -84.72 33.52
N ASP C 131 15.03 -84.76 33.87
CA ASP C 131 13.92 -85.10 32.96
C ASP C 131 12.87 -83.97 32.81
N GLY C 132 13.14 -82.79 33.39
CA GLY C 132 12.28 -81.60 33.35
C GLY C 132 12.97 -80.37 33.96
N ASP C 133 12.21 -79.52 34.64
CA ASP C 133 12.75 -78.43 35.49
C ASP C 133 13.52 -79.04 36.69
N GLY C 134 14.53 -78.32 37.21
CA GLY C 134 15.49 -78.88 38.17
C GLY C 134 16.58 -77.91 38.65
N GLN C 135 17.48 -78.44 39.48
CA GLN C 135 18.50 -77.68 40.22
C GLN C 135 19.69 -78.57 40.67
N VAL C 136 20.79 -77.98 41.15
CA VAL C 136 21.95 -78.72 41.70
C VAL C 136 22.76 -77.88 42.71
N ASN C 137 23.20 -78.47 43.82
CA ASN C 137 24.05 -77.81 44.83
C ASN C 137 25.50 -77.67 44.34
N TYR C 138 26.05 -76.45 44.33
CA TYR C 138 27.39 -76.23 43.76
C TYR C 138 28.59 -76.67 44.63
N GLU C 139 28.50 -76.70 45.96
CA GLU C 139 29.60 -77.24 46.80
C GLU C 139 29.80 -78.73 46.53
N GLU C 140 28.69 -79.49 46.52
CA GLU C 140 28.67 -80.91 46.13
C GLU C 140 29.17 -81.15 44.69
N PHE C 141 28.70 -80.36 43.72
CA PHE C 141 29.12 -80.48 42.33
C PHE C 141 30.61 -80.15 42.10
N VAL C 142 31.14 -79.12 42.79
CA VAL C 142 32.60 -78.86 42.86
C VAL C 142 33.35 -80.05 43.45
N GLN C 143 32.90 -80.59 44.59
CA GLN C 143 33.49 -81.78 45.21
C GLN C 143 33.55 -82.97 44.23
N MET C 144 32.49 -83.18 43.43
CA MET C 144 32.44 -84.21 42.39
C MET C 144 33.38 -83.97 41.21
N MET C 145 33.51 -82.73 40.72
CA MET C 145 34.43 -82.37 39.62
C MET C 145 35.92 -82.36 40.01
N THR C 146 36.23 -82.22 41.30
CA THR C 146 37.61 -82.14 41.85
C THR C 146 38.42 -83.37 41.52
N ASP D 2 36.66 -117.25 52.32
CA ASP D 2 35.62 -118.27 52.56
C ASP D 2 36.26 -119.65 52.75
N GLN D 3 35.50 -120.64 53.21
CA GLN D 3 35.96 -122.04 53.21
C GLN D 3 36.16 -122.60 51.78
N LEU D 4 36.85 -123.74 51.66
CA LEU D 4 37.20 -124.40 50.40
C LEU D 4 36.68 -125.85 50.37
N THR D 5 36.51 -126.41 49.17
CA THR D 5 35.83 -127.68 48.91
C THR D 5 36.64 -128.58 47.96
N GLU D 6 36.41 -129.89 48.05
CA GLU D 6 37.25 -130.95 47.46
C GLU D 6 37.54 -130.77 45.95
N GLU D 7 36.52 -130.58 45.13
CA GLU D 7 36.64 -130.37 43.69
C GLU D 7 37.41 -129.09 43.31
N GLN D 8 37.17 -127.97 44.03
CA GLN D 8 37.97 -126.75 43.88
C GLN D 8 39.44 -126.98 44.28
N ILE D 9 39.70 -127.66 45.41
CA ILE D 9 41.07 -127.98 45.87
C ILE D 9 41.79 -128.90 44.87
N ALA D 10 41.08 -129.90 44.31
CA ALA D 10 41.57 -130.74 43.22
C ALA D 10 41.96 -129.90 41.99
N GLU D 11 41.08 -129.00 41.52
CA GLU D 11 41.37 -128.08 40.40
C GLU D 11 42.59 -127.18 40.69
N PHE D 12 42.72 -126.67 41.92
CA PHE D 12 43.91 -125.92 42.35
C PHE D 12 45.19 -126.76 42.23
N LYS D 13 45.14 -128.06 42.59
CA LYS D 13 46.29 -128.97 42.41
C LYS D 13 46.51 -129.41 40.96
N GLU D 14 45.47 -129.44 40.14
CA GLU D 14 45.54 -129.68 38.68
C GLU D 14 46.43 -128.63 37.98
N ALA D 15 46.40 -127.38 38.45
CA ALA D 15 47.43 -126.39 38.16
C ALA D 15 48.77 -126.67 38.90
N PHE D 16 48.77 -126.66 40.23
CA PHE D 16 49.98 -126.68 41.08
C PHE D 16 50.95 -127.85 40.79
N SER D 17 50.42 -129.06 40.57
CA SER D 17 51.24 -130.28 40.39
C SER D 17 51.94 -130.40 39.03
N LEU D 18 51.68 -129.48 38.08
CA LEU D 18 52.56 -129.30 36.92
C LEU D 18 53.92 -128.70 37.32
N PHE D 19 53.98 -127.95 38.42
CA PHE D 19 55.15 -127.20 38.90
C PHE D 19 55.84 -127.85 40.12
N ASP D 20 55.11 -128.61 40.94
CA ASP D 20 55.67 -129.38 42.08
C ASP D 20 56.34 -130.67 41.56
N LYS D 21 57.46 -130.51 40.86
CA LYS D 21 58.03 -131.51 39.93
C LYS D 21 58.48 -132.82 40.60
N ASP D 22 58.94 -132.74 41.85
CA ASP D 22 59.33 -133.91 42.67
C ASP D 22 58.23 -134.36 43.65
N GLY D 23 57.07 -133.67 43.66
CA GLY D 23 56.03 -133.85 44.67
C GLY D 23 56.51 -133.54 46.10
N ASP D 24 57.28 -132.48 46.29
CA ASP D 24 57.68 -131.94 47.59
C ASP D 24 56.48 -131.44 48.41
N GLY D 25 55.41 -130.99 47.75
CA GLY D 25 54.28 -130.31 48.39
C GLY D 25 54.58 -128.84 48.73
N THR D 26 55.64 -128.27 48.15
CA THR D 26 56.09 -126.88 48.36
C THR D 26 56.92 -126.39 47.17
N ILE D 27 56.74 -125.11 46.81
CA ILE D 27 57.39 -124.46 45.66
C ILE D 27 57.99 -123.11 46.10
N THR D 28 59.08 -122.67 45.45
CA THR D 28 59.65 -121.34 45.71
C THR D 28 58.71 -120.24 45.22
N THR D 29 58.47 -119.21 46.03
CA THR D 29 57.24 -118.40 45.98
C THR D 29 57.06 -117.61 44.67
N LYS D 30 58.15 -117.29 43.95
CA LYS D 30 58.14 -116.58 42.65
C LYS D 30 57.23 -117.24 41.60
N GLU D 31 57.18 -118.57 41.54
CA GLU D 31 56.41 -119.33 40.54
C GLU D 31 54.87 -119.27 40.78
N LEU D 32 54.42 -118.82 41.96
CA LEU D 32 53.00 -118.75 42.33
C LEU D 32 52.16 -117.93 41.33
N GLY D 33 52.71 -116.85 40.78
CA GLY D 33 52.06 -116.07 39.71
C GLY D 33 51.74 -116.91 38.45
N THR D 34 52.71 -117.73 38.02
CA THR D 34 52.56 -118.69 36.91
C THR D 34 51.45 -119.70 37.22
N VAL D 35 51.47 -120.32 38.40
CA VAL D 35 50.43 -121.24 38.89
C VAL D 35 49.04 -120.59 38.83
N MET D 36 48.86 -119.42 39.46
CA MET D 36 47.56 -118.74 39.55
C MET D 36 47.00 -118.30 38.18
N ARG D 37 47.87 -117.86 37.25
CA ARG D 37 47.47 -117.55 35.86
C ARG D 37 47.15 -118.78 35.03
N SER D 38 47.87 -119.88 35.23
CA SER D 38 47.55 -121.21 34.67
C SER D 38 46.17 -121.72 35.14
N LEU D 39 45.83 -121.45 36.41
CA LEU D 39 44.57 -121.81 37.05
C LEU D 39 43.35 -120.97 36.59
N GLY D 40 43.56 -119.96 35.74
CA GLY D 40 42.47 -119.20 35.09
C GLY D 40 42.12 -117.86 35.75
N GLN D 41 42.66 -117.56 36.93
CA GLN D 41 42.66 -116.21 37.49
C GLN D 41 43.58 -115.29 36.66
N ASN D 42 43.22 -114.03 36.51
CA ASN D 42 43.92 -113.05 35.66
C ASN D 42 44.34 -111.80 36.46
N PRO D 43 45.16 -111.92 37.55
CA PRO D 43 45.59 -110.80 38.38
C PRO D 43 46.81 -110.06 37.79
N THR D 44 46.98 -108.79 38.17
CA THR D 44 48.27 -108.07 38.01
C THR D 44 49.33 -108.55 39.01
N GLU D 45 50.60 -108.24 38.73
CA GLU D 45 51.73 -108.37 39.65
C GLU D 45 51.47 -107.71 41.02
N ALA D 46 50.89 -106.50 41.03
CA ALA D 46 50.51 -105.80 42.26
C ALA D 46 49.48 -106.58 43.10
N GLU D 47 48.49 -107.21 42.46
CA GLU D 47 47.52 -108.06 43.15
C GLU D 47 48.10 -109.39 43.64
N LEU D 48 49.04 -109.98 42.89
CA LEU D 48 49.83 -111.12 43.38
C LEU D 48 50.63 -110.75 44.63
N GLN D 49 51.28 -109.58 44.64
CA GLN D 49 51.95 -109.03 45.82
C GLN D 49 50.96 -108.79 46.99
N ASP D 50 49.79 -108.18 46.77
CA ASP D 50 48.76 -108.03 47.81
C ASP D 50 48.21 -109.37 48.36
N MET D 51 47.97 -110.37 47.51
CA MET D 51 47.57 -111.71 47.97
C MET D 51 48.67 -112.43 48.76
N ILE D 52 49.95 -112.11 48.50
CA ILE D 52 51.09 -112.48 49.35
C ILE D 52 51.08 -111.69 50.68
N ASN D 53 50.83 -110.38 50.64
CA ASN D 53 50.71 -109.51 51.81
C ASN D 53 49.62 -109.98 52.80
N GLU D 54 48.49 -110.49 52.31
CA GLU D 54 47.36 -111.01 53.11
C GLU D 54 47.69 -112.27 53.94
N VAL D 55 48.87 -112.88 53.73
CA VAL D 55 49.43 -113.98 54.56
C VAL D 55 50.89 -113.74 54.97
N ASP D 56 51.38 -112.49 54.88
CA ASP D 56 52.68 -112.05 55.42
C ASP D 56 53.91 -112.65 54.70
N ALA D 57 53.72 -113.28 53.54
CA ALA D 57 54.67 -114.24 52.98
C ALA D 57 55.88 -113.63 52.25
N ASP D 58 56.99 -114.39 52.20
CA ASP D 58 58.22 -114.03 51.49
C ASP D 58 58.19 -114.53 50.03
N GLY D 59 58.18 -113.58 49.08
CA GLY D 59 58.24 -113.83 47.64
C GLY D 59 59.52 -114.55 47.18
N ASN D 60 60.59 -114.53 47.99
CA ASN D 60 61.88 -115.17 47.73
C ASN D 60 62.04 -116.52 48.46
N GLY D 61 61.08 -116.90 49.30
CA GLY D 61 61.08 -118.12 50.10
C GLY D 61 60.45 -119.32 49.40
N THR D 62 59.71 -120.12 50.16
CA THR D 62 58.90 -121.25 49.69
C THR D 62 57.52 -121.22 50.33
N ILE D 63 56.52 -121.80 49.65
CA ILE D 63 55.13 -121.87 50.13
C ILE D 63 54.57 -123.28 50.01
N ASP D 64 54.43 -123.93 51.17
CA ASP D 64 53.85 -125.27 51.29
C ASP D 64 52.33 -125.27 51.05
N PHE D 65 51.81 -126.36 50.47
CA PHE D 65 50.43 -126.45 49.97
C PHE D 65 49.31 -126.05 50.97
N PRO D 66 49.32 -126.44 52.26
CA PRO D 66 48.25 -126.00 53.20
C PRO D 66 48.32 -124.50 53.54
N GLU D 67 49.50 -123.88 53.51
CA GLU D 67 49.65 -122.43 53.68
C GLU D 67 49.14 -121.70 52.42
N PHE D 68 49.44 -122.22 51.22
CA PHE D 68 48.81 -121.80 49.96
C PHE D 68 47.27 -121.90 49.99
N LEU D 69 46.70 -123.01 50.45
CA LEU D 69 45.24 -123.13 50.63
C LEU D 69 44.71 -122.12 51.66
N THR D 70 45.46 -121.82 52.72
CA THR D 70 45.11 -120.78 53.70
C THR D 70 45.09 -119.37 53.06
N MET D 71 46.03 -119.06 52.16
CA MET D 71 45.96 -117.87 51.28
C MET D 71 44.71 -117.89 50.39
N MET D 72 44.41 -119.01 49.72
CA MET D 72 43.22 -119.14 48.87
C MET D 72 41.90 -118.95 49.65
N ALA D 73 41.86 -119.33 50.93
CA ALA D 73 40.73 -119.05 51.83
C ALA D 73 40.59 -117.56 52.25
N ARG D 74 41.64 -116.75 52.07
CA ARG D 74 41.67 -115.28 52.29
C ARG D 74 41.61 -114.46 50.99
N LYS D 75 41.72 -115.10 49.82
CA LYS D 75 41.78 -114.48 48.47
C LYS D 75 40.82 -113.31 48.29
N MET D 76 41.36 -112.13 47.99
CA MET D 76 40.60 -110.87 47.98
C MET D 76 40.27 -110.33 46.57
N LYS D 77 41.13 -110.55 45.56
CA LYS D 77 40.91 -110.06 44.19
C LYS D 77 40.19 -111.11 43.33
N ASP D 78 38.91 -110.89 43.08
CA ASP D 78 38.17 -111.54 41.99
C ASP D 78 38.79 -111.22 40.61
N THR D 79 38.97 -112.22 39.74
CA THR D 79 39.54 -112.05 38.38
C THR D 79 39.01 -113.04 37.33
N ASP D 80 37.98 -113.83 37.67
CA ASP D 80 37.21 -114.68 36.74
C ASP D 80 35.75 -114.18 36.71
N SER D 81 35.41 -113.34 35.74
CA SER D 81 34.03 -112.93 35.44
C SER D 81 33.86 -112.61 33.96
N GLU D 82 32.90 -113.28 33.33
CA GLU D 82 32.55 -113.15 31.92
C GLU D 82 32.07 -111.74 31.52
N GLU D 83 31.55 -110.98 32.49
CA GLU D 83 31.05 -109.60 32.34
C GLU D 83 32.15 -108.53 32.52
N GLU D 84 33.00 -108.65 33.55
CA GLU D 84 34.08 -107.67 33.84
C GLU D 84 34.99 -107.44 32.63
N ILE D 85 35.42 -108.52 31.96
CA ILE D 85 36.24 -108.43 30.72
C ILE D 85 35.46 -107.80 29.54
N ARG D 86 34.14 -107.99 29.47
CA ARG D 86 33.30 -107.35 28.43
C ARG D 86 33.15 -105.86 28.66
N GLU D 87 32.94 -105.41 29.91
CA GLU D 87 32.97 -104.00 30.29
C GLU D 87 34.26 -103.31 29.82
N ALA D 88 35.43 -103.93 30.03
CA ALA D 88 36.70 -103.44 29.50
C ALA D 88 36.70 -103.28 27.96
N PHE D 89 36.19 -104.25 27.19
CA PHE D 89 36.11 -104.13 25.74
C PHE D 89 35.11 -103.07 25.22
N ARG D 90 34.02 -102.77 25.94
CA ARG D 90 32.96 -101.84 25.50
C ARG D 90 33.49 -100.45 25.11
N VAL D 91 34.51 -99.92 25.79
CA VAL D 91 35.08 -98.59 25.48
C VAL D 91 35.87 -98.55 24.16
N PHE D 92 36.25 -99.71 23.61
CA PHE D 92 36.96 -99.85 22.34
C PHE D 92 36.05 -100.23 21.15
N ASP D 93 34.74 -100.41 21.35
CA ASP D 93 33.76 -100.72 20.29
C ASP D 93 33.71 -99.66 19.18
N LYS D 94 33.73 -100.11 17.92
CA LYS D 94 33.69 -99.28 16.70
C LYS D 94 32.39 -98.49 16.53
N ASP D 95 31.22 -99.08 16.83
CA ASP D 95 29.92 -98.41 16.65
C ASP D 95 28.78 -98.86 17.60
N GLY D 96 29.05 -99.81 18.50
CA GLY D 96 28.06 -100.40 19.42
C GLY D 96 27.67 -101.85 19.08
N ASN D 97 28.22 -102.44 18.00
CA ASN D 97 27.97 -103.83 17.60
C ASN D 97 29.14 -104.79 17.91
N GLY D 98 30.11 -104.37 18.73
CA GLY D 98 31.13 -105.23 19.35
C GLY D 98 32.49 -105.30 18.64
N TYR D 99 32.68 -104.61 17.51
CA TYR D 99 33.91 -104.68 16.72
C TYR D 99 35.06 -103.88 17.35
N ILE D 100 36.26 -104.48 17.39
CA ILE D 100 37.50 -103.94 17.97
C ILE D 100 38.58 -103.87 16.87
N SER D 101 39.08 -102.68 16.57
CA SER D 101 40.22 -102.49 15.64
C SER D 101 41.50 -103.14 16.18
N ALA D 102 42.07 -104.12 15.45
CA ALA D 102 43.22 -104.88 15.91
C ALA D 102 44.51 -104.04 16.00
N ALA D 103 44.77 -103.21 14.99
CA ALA D 103 45.92 -102.30 14.95
C ALA D 103 45.90 -101.26 16.10
N GLU D 104 44.74 -100.67 16.38
CA GLU D 104 44.56 -99.75 17.53
C GLU D 104 44.79 -100.48 18.87
N LEU D 105 44.26 -101.70 19.01
CA LEU D 105 44.50 -102.52 20.22
C LEU D 105 45.98 -102.85 20.42
N ARG D 106 46.72 -103.22 19.35
CA ARG D 106 48.19 -103.38 19.36
C ARG D 106 48.90 -102.10 19.85
N HIS D 107 48.54 -100.94 19.30
CA HIS D 107 49.09 -99.65 19.73
C HIS D 107 48.85 -99.39 21.23
N VAL D 108 47.61 -99.48 21.69
CA VAL D 108 47.25 -99.16 23.08
C VAL D 108 47.88 -100.15 24.07
N MET D 109 47.85 -101.46 23.78
CA MET D 109 48.47 -102.48 24.64
C MET D 109 50.00 -102.38 24.75
N THR D 110 50.68 -101.73 23.78
CA THR D 110 52.14 -101.49 23.83
C THR D 110 52.53 -100.12 24.39
N ASN D 111 51.60 -99.15 24.52
CA ASN D 111 51.91 -97.77 24.93
C ASN D 111 51.19 -97.26 26.20
N LEU D 112 50.30 -98.04 26.82
CA LEU D 112 49.50 -97.64 28.00
C LEU D 112 49.37 -98.81 28.99
N GLY D 113 49.35 -98.52 30.31
CA GLY D 113 49.14 -99.53 31.35
C GLY D 113 50.30 -100.52 31.51
N GLU D 114 49.99 -101.79 31.78
CA GLU D 114 50.98 -102.85 32.00
C GLU D 114 51.44 -103.41 30.64
N LYS D 115 52.17 -102.56 29.91
CA LYS D 115 52.55 -102.67 28.49
C LYS D 115 53.16 -104.02 28.10
N LEU D 116 52.84 -104.49 26.90
CA LEU D 116 53.48 -105.66 26.26
C LEU D 116 54.90 -105.31 25.77
N THR D 117 55.90 -106.13 26.13
CA THR D 117 57.27 -106.01 25.61
C THR D 117 57.45 -106.61 24.20
N ASP D 118 58.55 -106.30 23.51
CA ASP D 118 58.80 -106.76 22.13
C ASP D 118 58.88 -108.29 21.99
N GLU D 119 59.51 -108.98 22.94
CA GLU D 119 59.52 -110.46 23.01
C GLU D 119 58.12 -111.05 23.32
N GLU D 120 57.30 -110.36 24.13
CA GLU D 120 55.89 -110.74 24.33
C GLU D 120 55.05 -110.51 23.06
N VAL D 121 55.38 -109.52 22.23
CA VAL D 121 54.77 -109.33 20.91
C VAL D 121 55.19 -110.44 19.94
N ASP D 122 56.46 -110.88 19.93
CA ASP D 122 56.92 -112.06 19.20
C ASP D 122 56.11 -113.32 19.57
N GLU D 123 55.99 -113.60 20.87
CA GLU D 123 55.17 -114.68 21.44
C GLU D 123 53.68 -114.55 21.05
N MET D 124 53.08 -113.38 21.25
CA MET D 124 51.69 -113.07 20.92
C MET D 124 51.37 -113.29 19.43
N ILE D 125 52.22 -112.82 18.52
CA ILE D 125 52.09 -113.10 17.07
C ILE D 125 52.05 -114.62 16.82
N ARG D 126 53.02 -115.36 17.35
CA ARG D 126 53.14 -116.82 17.16
C ARG D 126 52.01 -117.64 17.81
N GLU D 127 51.43 -117.18 18.91
CA GLU D 127 50.54 -117.98 19.77
C GLU D 127 49.12 -117.42 19.99
N ALA D 128 48.79 -116.26 19.39
CA ALA D 128 47.43 -115.70 19.39
C ALA D 128 46.93 -115.20 18.01
N ASP D 129 47.74 -115.30 16.95
CA ASP D 129 47.38 -114.99 15.55
C ASP D 129 46.86 -113.54 15.37
N ILE D 130 47.52 -112.57 16.02
CA ILE D 130 47.02 -111.20 16.12
C ILE D 130 47.18 -110.45 14.81
N ASP D 131 46.02 -110.16 14.20
CA ASP D 131 45.83 -109.39 12.99
C ASP D 131 46.44 -107.98 13.06
N GLY D 132 47.12 -107.53 11.99
CA GLY D 132 47.68 -106.19 11.85
C GLY D 132 46.94 -105.29 10.86
N ASP D 133 45.91 -105.80 10.18
CA ASP D 133 45.14 -105.11 9.14
C ASP D 133 43.64 -104.98 9.51
N GLY D 134 43.08 -105.98 10.18
CA GLY D 134 41.64 -106.15 10.39
C GLY D 134 41.09 -105.72 11.76
N GLN D 135 40.05 -106.44 12.20
CA GLN D 135 39.21 -106.14 13.36
C GLN D 135 38.54 -107.44 13.86
N VAL D 136 38.16 -107.49 15.14
CA VAL D 136 37.59 -108.70 15.79
C VAL D 136 36.40 -108.31 16.69
N ASN D 137 35.34 -109.13 16.70
CA ASN D 137 34.18 -108.88 17.57
C ASN D 137 34.40 -109.46 18.98
N TYR D 138 34.30 -108.64 20.04
CA TYR D 138 34.81 -109.01 21.37
C TYR D 138 34.14 -110.24 22.00
N GLU D 139 32.86 -110.50 21.69
CA GLU D 139 32.11 -111.66 22.20
C GLU D 139 32.82 -113.01 21.98
N GLU D 140 33.30 -113.29 20.75
CA GLU D 140 34.14 -114.45 20.46
C GLU D 140 35.55 -114.32 21.04
N PHE D 141 36.15 -113.13 20.95
CA PHE D 141 37.55 -112.89 21.30
C PHE D 141 37.88 -113.23 22.76
N VAL D 142 37.01 -112.86 23.71
CA VAL D 142 37.08 -113.31 25.11
C VAL D 142 37.17 -114.84 25.22
N GLN D 143 36.25 -115.56 24.56
CA GLN D 143 36.18 -117.02 24.62
C GLN D 143 37.30 -117.73 23.82
N MET D 144 38.00 -117.03 22.92
CA MET D 144 39.27 -117.49 22.34
C MET D 144 40.44 -117.49 23.35
N MET D 145 40.38 -116.61 24.36
CA MET D 145 41.42 -116.41 25.39
C MET D 145 41.15 -117.17 26.72
N THR D 146 40.16 -118.08 26.71
CA THR D 146 39.88 -119.02 27.82
C THR D 146 40.96 -120.09 27.94
N ASP E 2 75.59 -150.31 47.32
CA ASP E 2 74.79 -151.51 46.99
C ASP E 2 73.35 -151.28 47.42
N GLN E 3 72.36 -151.67 46.60
CA GLN E 3 70.96 -151.25 46.74
C GLN E 3 69.92 -152.33 46.37
N LEU E 4 70.35 -153.57 46.13
CA LEU E 4 69.52 -154.69 45.65
C LEU E 4 69.76 -155.95 46.49
N THR E 5 68.71 -156.71 46.81
CA THR E 5 68.84 -158.00 47.50
C THR E 5 69.44 -159.08 46.59
N GLU E 6 69.85 -160.21 47.15
CA GLU E 6 70.43 -161.34 46.40
C GLU E 6 69.43 -161.91 45.37
N GLU E 7 68.15 -161.98 45.74
CA GLU E 7 67.03 -162.39 44.88
C GLU E 7 66.82 -161.44 43.70
N GLN E 8 66.90 -160.12 43.94
CA GLN E 8 66.81 -159.07 42.93
C GLN E 8 68.01 -159.11 41.96
N ILE E 9 69.23 -159.22 42.50
CA ILE E 9 70.46 -159.40 41.71
C ILE E 9 70.36 -160.63 40.81
N ALA E 10 69.95 -161.79 41.35
CA ALA E 10 69.75 -163.01 40.56
C ALA E 10 68.75 -162.82 39.40
N GLU E 11 67.57 -162.24 39.67
CA GLU E 11 66.56 -161.91 38.65
C GLU E 11 67.13 -161.03 37.53
N PHE E 12 67.82 -159.94 37.88
CA PHE E 12 68.44 -159.04 36.90
C PHE E 12 69.62 -159.69 36.14
N LYS E 13 70.43 -160.53 36.80
CA LYS E 13 71.54 -161.28 36.18
C LYS E 13 71.04 -162.29 35.14
N GLU E 14 69.98 -163.04 35.47
CA GLU E 14 69.32 -163.98 34.56
C GLU E 14 68.87 -163.27 33.27
N ALA E 15 68.09 -162.18 33.38
CA ALA E 15 67.67 -161.38 32.24
C ALA E 15 68.85 -160.78 31.44
N PHE E 16 69.86 -160.22 32.12
CA PHE E 16 71.07 -159.67 31.50
C PHE E 16 71.83 -160.70 30.66
N SER E 17 71.80 -161.97 31.07
CA SER E 17 72.49 -163.09 30.41
C SER E 17 71.82 -163.54 29.09
N LEU E 18 70.73 -162.90 28.66
CA LEU E 18 70.18 -163.02 27.30
C LEU E 18 70.82 -162.01 26.30
N PHE E 19 71.54 -161.00 26.81
CA PHE E 19 72.06 -159.85 26.05
C PHE E 19 73.59 -159.67 26.16
N ASP E 20 74.19 -159.82 27.35
CA ASP E 20 75.53 -160.44 27.41
C ASP E 20 75.39 -161.86 26.82
N LYS E 21 76.23 -162.20 25.84
CA LYS E 21 76.20 -163.48 25.12
C LYS E 21 77.43 -164.38 25.36
N ASP E 22 78.39 -163.92 26.17
CA ASP E 22 79.68 -164.60 26.40
C ASP E 22 79.87 -164.96 27.88
N GLY E 23 79.08 -164.37 28.78
CA GLY E 23 79.05 -164.69 30.20
C GLY E 23 80.20 -164.09 31.00
N ASP E 24 81.01 -163.23 30.38
CA ASP E 24 82.15 -162.57 31.05
C ASP E 24 81.71 -161.38 31.93
N GLY E 25 80.44 -160.93 31.83
CA GLY E 25 79.84 -159.93 32.71
C GLY E 25 79.76 -158.52 32.11
N THR E 26 79.42 -158.39 30.83
CA THR E 26 79.44 -157.11 30.09
C THR E 26 78.48 -157.13 28.88
N ILE E 27 77.77 -156.04 28.64
CA ILE E 27 76.77 -155.90 27.56
C ILE E 27 77.17 -154.80 26.56
N THR E 28 76.78 -154.95 25.28
CA THR E 28 76.81 -153.85 24.31
C THR E 28 75.81 -152.75 24.68
N THR E 29 76.15 -151.48 24.45
CA THR E 29 75.19 -150.37 24.62
C THR E 29 73.96 -150.48 23.71
N LYS E 30 74.05 -151.21 22.58
CA LYS E 30 72.91 -151.37 21.65
C LYS E 30 71.70 -152.11 22.24
N GLU E 31 71.93 -153.07 23.15
CA GLU E 31 70.85 -153.83 23.82
C GLU E 31 70.56 -153.35 25.25
N LEU E 32 71.26 -152.31 25.73
CA LEU E 32 71.07 -151.75 27.06
C LEU E 32 69.63 -151.24 27.29
N GLY E 33 69.07 -150.55 26.30
CA GLY E 33 67.65 -150.18 26.29
C GLY E 33 66.72 -151.40 26.32
N THR E 34 67.02 -152.43 25.52
CA THR E 34 66.27 -153.70 25.42
C THR E 34 66.14 -154.40 26.77
N VAL E 35 67.26 -154.62 27.48
CA VAL E 35 67.25 -155.29 28.79
C VAL E 35 66.53 -154.45 29.86
N MET E 36 66.75 -153.13 29.93
CA MET E 36 66.04 -152.27 30.88
C MET E 36 64.53 -152.24 30.64
N ARG E 37 64.08 -152.09 29.38
CA ARG E 37 62.65 -152.13 29.00
C ARG E 37 62.02 -153.49 29.33
N SER E 38 62.76 -154.59 29.13
CA SER E 38 62.37 -155.95 29.54
C SER E 38 62.18 -156.09 31.06
N LEU E 39 63.11 -155.54 31.87
CA LEU E 39 63.09 -155.62 33.34
C LEU E 39 62.20 -154.54 33.99
N GLY E 40 60.97 -154.42 33.49
CA GLY E 40 59.90 -153.59 34.08
C GLY E 40 60.03 -152.09 33.84
N GLN E 41 61.25 -151.59 33.60
CA GLN E 41 61.53 -150.16 33.45
C GLN E 41 60.87 -149.58 32.20
N ASN E 42 60.58 -148.28 32.25
CA ASN E 42 60.03 -147.54 31.11
C ASN E 42 60.89 -146.29 30.82
N PRO E 43 62.18 -146.45 30.45
CA PRO E 43 63.09 -145.32 30.24
C PRO E 43 62.84 -144.62 28.90
N THR E 44 62.97 -143.30 28.88
CA THR E 44 63.00 -142.50 27.64
C THR E 44 64.34 -142.62 26.90
N GLU E 45 64.34 -142.43 25.57
CA GLU E 45 65.53 -142.39 24.71
C GLU E 45 66.63 -141.45 25.25
N ALA E 46 66.25 -140.25 25.70
CA ALA E 46 67.19 -139.28 26.29
C ALA E 46 67.75 -139.74 27.65
N GLU E 47 66.99 -140.51 28.42
CA GLU E 47 67.42 -141.07 29.71
C GLU E 47 68.41 -142.22 29.55
N LEU E 48 68.24 -143.05 28.52
CA LEU E 48 69.27 -144.02 28.09
C LEU E 48 70.58 -143.32 27.68
N GLN E 49 70.48 -142.26 26.86
CA GLN E 49 71.62 -141.42 26.46
C GLN E 49 72.38 -140.84 27.67
N ASP E 50 71.65 -140.21 28.62
CA ASP E 50 72.17 -139.73 29.91
C ASP E 50 72.88 -140.85 30.69
N MET E 51 72.22 -141.98 30.97
CA MET E 51 72.79 -143.06 31.77
C MET E 51 74.09 -143.64 31.18
N ILE E 52 74.24 -143.69 29.86
CA ILE E 52 75.50 -144.09 29.20
C ILE E 52 76.59 -143.03 29.41
N ASN E 53 76.30 -141.76 29.08
CA ASN E 53 77.28 -140.66 29.18
C ASN E 53 77.63 -140.26 30.64
N GLU E 54 76.84 -140.71 31.61
CA GLU E 54 77.18 -140.69 33.04
C GLU E 54 78.36 -141.62 33.39
N VAL E 55 78.46 -142.77 32.72
CA VAL E 55 79.53 -143.77 32.89
C VAL E 55 80.80 -143.37 32.13
N ASP E 56 80.68 -143.04 30.84
CA ASP E 56 81.77 -142.58 29.96
C ASP E 56 81.20 -141.84 28.73
N ALA E 57 81.75 -140.66 28.42
CA ALA E 57 81.33 -139.80 27.31
C ALA E 57 82.13 -139.98 26.00
N ASP E 58 83.15 -140.85 25.99
CA ASP E 58 83.87 -141.30 24.79
C ASP E 58 83.72 -142.83 24.64
N GLY E 59 84.18 -143.57 25.65
CA GLY E 59 83.87 -144.98 25.88
C GLY E 59 84.20 -145.94 24.73
N ASN E 60 83.40 -147.01 24.64
CA ASN E 60 83.68 -148.19 23.81
C ASN E 60 82.41 -148.94 23.34
N GLY E 61 81.22 -148.38 23.60
CA GLY E 61 79.93 -149.06 23.35
C GLY E 61 79.72 -150.38 24.12
N THR E 62 80.28 -150.49 25.33
CA THR E 62 80.27 -151.69 26.19
C THR E 62 80.20 -151.28 27.66
N ILE E 63 79.42 -152.00 28.49
CA ILE E 63 79.11 -151.65 29.89
C ILE E 63 79.17 -152.90 30.79
N ASP E 64 79.95 -152.85 31.87
CA ASP E 64 80.03 -153.90 32.90
C ASP E 64 78.69 -154.18 33.61
N PHE E 65 78.48 -155.43 34.05
CA PHE E 65 77.29 -155.81 34.82
C PHE E 65 77.05 -154.97 36.11
N PRO E 66 78.06 -154.64 36.96
CA PRO E 66 77.84 -153.78 38.13
C PRO E 66 77.44 -152.34 37.76
N GLU E 67 78.01 -151.79 36.69
CA GLU E 67 77.62 -150.49 36.13
C GLU E 67 76.17 -150.52 35.60
N PHE E 68 75.76 -151.57 34.90
CA PHE E 68 74.35 -151.83 34.54
C PHE E 68 73.41 -151.89 35.78
N LEU E 69 73.80 -152.63 36.83
CA LEU E 69 73.05 -152.64 38.09
C LEU E 69 72.98 -151.25 38.73
N THR E 70 74.00 -150.41 38.56
CA THR E 70 74.01 -149.02 39.01
C THR E 70 73.02 -148.14 38.22
N MET E 71 72.84 -148.36 36.91
CA MET E 71 71.75 -147.75 36.14
C MET E 71 70.36 -148.18 36.64
N MET E 72 70.18 -149.48 36.93
CA MET E 72 68.95 -149.98 37.57
C MET E 72 68.71 -149.34 38.95
N ALA E 73 69.76 -149.16 39.76
CA ALA E 73 69.71 -148.45 41.04
C ALA E 73 69.28 -146.97 40.88
N ARG E 74 69.80 -146.26 39.86
CA ARG E 74 69.38 -144.88 39.53
C ARG E 74 67.88 -144.78 39.21
N LYS E 75 67.27 -145.82 38.61
CA LYS E 75 65.82 -145.90 38.36
C LYS E 75 64.98 -146.34 39.56
N MET E 76 65.41 -147.31 40.36
CA MET E 76 64.53 -148.02 41.31
C MET E 76 64.01 -147.18 42.48
N LYS E 77 64.57 -145.99 42.72
CA LYS E 77 64.04 -144.97 43.63
C LYS E 77 62.64 -144.45 43.25
N ASP E 78 62.31 -144.44 41.96
CA ASP E 78 61.09 -143.86 41.41
C ASP E 78 59.85 -144.69 41.76
N THR E 79 58.89 -144.10 42.49
CA THR E 79 57.63 -144.76 42.87
C THR E 79 56.65 -144.75 41.69
N ASP E 80 56.87 -145.66 40.74
CA ASP E 80 56.13 -145.77 39.48
C ASP E 80 54.95 -146.77 39.62
N SER E 81 53.73 -146.36 39.26
CA SER E 81 52.50 -147.18 39.34
C SER E 81 51.38 -146.65 38.44
N GLU E 82 50.46 -147.54 38.03
CA GLU E 82 49.53 -147.34 36.91
C GLU E 82 48.46 -146.25 37.10
N GLU E 83 48.11 -145.87 38.33
CA GLU E 83 47.09 -144.83 38.57
C GLU E 83 47.48 -143.46 37.97
N GLU E 84 48.76 -143.09 38.04
CA GLU E 84 49.29 -141.86 37.40
C GLU E 84 49.21 -141.92 35.87
N ILE E 85 49.21 -143.13 35.30
CA ILE E 85 49.06 -143.39 33.86
C ILE E 85 47.59 -143.30 33.43
N ARG E 86 46.65 -143.83 34.22
CA ARG E 86 45.20 -143.57 34.06
C ARG E 86 44.93 -142.05 34.09
N GLU E 87 45.55 -141.34 35.03
CA GLU E 87 45.56 -139.87 35.09
C GLU E 87 46.24 -139.22 33.87
N ALA E 88 47.33 -139.79 33.34
CA ALA E 88 47.96 -139.30 32.11
C ALA E 88 47.01 -139.30 30.89
N PHE E 89 46.21 -140.36 30.71
CA PHE E 89 45.21 -140.39 29.65
C PHE E 89 44.03 -139.44 29.86
N ARG E 90 43.65 -139.10 31.12
CA ARG E 90 42.58 -138.11 31.43
C ARG E 90 42.82 -136.75 30.75
N VAL E 91 44.10 -136.35 30.61
CA VAL E 91 44.53 -135.10 29.94
C VAL E 91 44.13 -135.05 28.45
N PHE E 92 43.80 -136.20 27.84
CA PHE E 92 43.41 -136.33 26.43
C PHE E 92 41.97 -136.87 26.25
N ASP E 93 41.12 -136.82 27.29
CA ASP E 93 39.71 -137.18 27.23
C ASP E 93 38.81 -135.95 27.00
N LYS E 94 37.92 -136.07 26.01
CA LYS E 94 36.95 -135.05 25.59
C LYS E 94 35.73 -134.92 26.51
N ASP E 95 35.28 -136.01 27.12
CA ASP E 95 34.03 -136.12 27.89
C ASP E 95 34.24 -136.43 29.38
N GLY E 96 35.42 -136.95 29.75
CA GLY E 96 35.66 -137.67 31.00
C GLY E 96 35.19 -139.14 30.98
N ASN E 97 34.86 -139.70 29.81
CA ASN E 97 34.26 -141.03 29.66
C ASN E 97 35.22 -142.21 29.90
N GLY E 98 36.52 -141.97 30.06
CA GLY E 98 37.57 -142.99 30.10
C GLY E 98 38.16 -143.31 28.72
N TYR E 99 38.08 -142.39 27.75
CA TYR E 99 38.36 -142.65 26.32
C TYR E 99 39.22 -141.55 25.66
N ILE E 100 40.29 -141.96 24.98
CA ILE E 100 41.11 -141.12 24.08
C ILE E 100 40.74 -141.41 22.61
N SER E 101 40.62 -140.38 21.75
CA SER E 101 40.40 -140.59 20.31
C SER E 101 41.66 -141.17 19.62
N ALA E 102 41.46 -141.95 18.55
CA ALA E 102 42.55 -142.53 17.76
C ALA E 102 43.41 -141.46 17.07
N ALA E 103 42.80 -140.38 16.58
CA ALA E 103 43.49 -139.21 16.04
C ALA E 103 44.38 -138.51 17.10
N GLU E 104 43.85 -138.21 18.28
CA GLU E 104 44.61 -137.61 19.39
C GLU E 104 45.72 -138.55 19.88
N LEU E 105 45.47 -139.85 20.00
CA LEU E 105 46.46 -140.87 20.31
C LEU E 105 47.60 -140.92 19.26
N ARG E 106 47.28 -140.85 17.97
CA ARG E 106 48.24 -140.79 16.86
C ARG E 106 49.13 -139.53 16.91
N HIS E 107 48.53 -138.37 17.18
CA HIS E 107 49.23 -137.12 17.49
C HIS E 107 50.16 -137.25 18.71
N VAL E 108 49.63 -137.72 19.84
CA VAL E 108 50.38 -138.02 21.08
C VAL E 108 51.59 -138.92 20.81
N MET E 109 51.45 -140.01 20.06
CA MET E 109 52.54 -140.96 19.78
C MET E 109 53.60 -140.47 18.78
N THR E 110 53.29 -139.51 17.90
CA THR E 110 54.16 -139.18 16.74
C THR E 110 54.42 -137.69 16.49
N ASN E 111 53.94 -136.78 17.34
CA ASN E 111 54.17 -135.33 17.23
C ASN E 111 54.81 -134.78 18.51
N LEU E 112 54.13 -134.95 19.65
CA LEU E 112 54.66 -134.66 20.99
C LEU E 112 55.80 -135.61 21.39
N GLY E 113 56.57 -135.25 22.40
CA GLY E 113 57.52 -136.12 23.10
C GLY E 113 58.64 -136.74 22.24
N GLU E 114 59.19 -137.86 22.70
CA GLU E 114 60.31 -138.57 22.06
C GLU E 114 59.94 -139.22 20.71
N LYS E 115 58.69 -139.70 20.58
CA LYS E 115 58.01 -140.22 19.37
C LYS E 115 58.28 -141.70 19.11
N LEU E 116 57.23 -142.51 18.96
CA LEU E 116 57.31 -143.89 18.45
C LEU E 116 57.61 -143.92 16.94
N THR E 117 58.35 -144.93 16.47
CA THR E 117 58.59 -145.17 15.04
C THR E 117 57.42 -145.86 14.34
N ASP E 118 57.44 -145.90 13.01
CA ASP E 118 56.42 -146.55 12.17
C ASP E 118 56.13 -148.01 12.59
N GLU E 119 57.16 -148.83 12.81
CA GLU E 119 56.98 -150.21 13.25
C GLU E 119 56.52 -150.37 14.70
N GLU E 120 56.91 -149.47 15.62
CA GLU E 120 56.40 -149.49 17.00
C GLU E 120 54.89 -149.20 17.05
N VAL E 121 54.39 -148.34 16.16
CA VAL E 121 52.95 -148.09 15.98
C VAL E 121 52.25 -149.30 15.38
N ASP E 122 52.73 -149.84 14.25
CA ASP E 122 52.22 -151.07 13.61
C ASP E 122 52.13 -152.25 14.60
N GLU E 123 53.22 -152.55 15.31
CA GLU E 123 53.30 -153.61 16.31
C GLU E 123 52.28 -153.45 17.44
N MET E 124 52.15 -152.23 17.98
CA MET E 124 51.16 -151.89 19.01
C MET E 124 49.71 -151.99 18.53
N ILE E 125 49.37 -151.45 17.35
CA ILE E 125 48.03 -151.56 16.73
C ILE E 125 47.60 -153.02 16.60
N ARG E 126 48.48 -153.89 16.09
CA ARG E 126 48.24 -155.33 15.95
C ARG E 126 47.98 -156.02 17.30
N GLU E 127 48.79 -155.73 18.33
CA GLU E 127 48.61 -156.29 19.68
C GLU E 127 47.33 -155.78 20.39
N ALA E 128 46.97 -154.52 20.15
CA ALA E 128 45.86 -153.83 20.80
C ALA E 128 44.47 -154.22 20.27
N ASP E 129 44.35 -154.82 19.07
CA ASP E 129 43.08 -155.15 18.40
C ASP E 129 42.28 -153.87 18.03
N ILE E 130 42.99 -152.89 17.43
CA ILE E 130 42.43 -151.62 16.94
C ILE E 130 41.78 -151.80 15.56
N ASP E 131 40.60 -151.17 15.36
CA ASP E 131 39.82 -151.25 14.12
C ASP E 131 39.07 -149.93 13.84
N GLY E 132 39.54 -149.16 12.84
CA GLY E 132 39.01 -147.83 12.49
C GLY E 132 39.59 -146.66 13.30
N ASP E 133 39.48 -145.44 12.77
CA ASP E 133 40.03 -144.21 13.37
C ASP E 133 39.03 -143.60 14.38
N GLY E 134 38.77 -144.33 15.46
CA GLY E 134 37.70 -144.07 16.43
C GLY E 134 38.19 -143.55 17.79
N GLN E 135 37.92 -144.29 18.87
CA GLN E 135 38.36 -143.99 20.24
C GLN E 135 38.61 -145.27 21.04
N VAL E 136 39.48 -145.20 22.06
CA VAL E 136 40.02 -146.35 22.80
C VAL E 136 39.94 -146.08 24.31
N ASN E 137 39.40 -147.03 25.07
CA ASN E 137 39.21 -146.88 26.51
C ASN E 137 40.54 -147.01 27.28
N TYR E 138 40.93 -145.98 28.03
CA TYR E 138 42.21 -145.96 28.75
C TYR E 138 42.23 -146.81 30.03
N GLU E 139 41.09 -147.06 30.69
CA GLU E 139 41.05 -147.98 31.84
C GLU E 139 41.39 -149.41 31.41
N GLU E 140 40.72 -149.90 30.36
CA GLU E 140 41.02 -151.20 29.73
C GLU E 140 42.46 -151.27 29.18
N PHE E 141 42.90 -150.23 28.45
CA PHE E 141 44.26 -150.17 27.89
C PHE E 141 45.36 -150.21 28.97
N VAL E 142 45.22 -149.46 30.07
CA VAL E 142 46.17 -149.53 31.19
C VAL E 142 46.14 -150.90 31.88
N GLN E 143 44.97 -151.55 31.98
CA GLN E 143 44.86 -152.95 32.42
C GLN E 143 45.69 -153.90 31.54
N MET E 144 45.67 -153.73 30.21
CA MET E 144 46.52 -154.47 29.26
C MET E 144 48.02 -154.12 29.37
N MET E 145 48.35 -152.86 29.66
CA MET E 145 49.73 -152.35 29.74
C MET E 145 50.49 -152.72 31.03
N THR E 146 49.77 -153.13 32.07
CA THR E 146 50.26 -153.39 33.44
C THR E 146 51.38 -154.43 33.53
N ASP F 2 58.03 -193.85 24.49
CA ASP F 2 57.04 -193.21 25.38
C ASP F 2 57.29 -191.72 25.46
N GLN F 3 56.49 -190.92 24.74
CA GLN F 3 56.53 -189.45 24.84
C GLN F 3 56.19 -188.95 26.27
N LEU F 4 55.18 -189.58 26.89
CA LEU F 4 54.57 -189.18 28.16
C LEU F 4 55.47 -189.33 29.40
N THR F 5 55.14 -188.51 30.40
CA THR F 5 55.51 -188.55 31.83
C THR F 5 54.32 -188.03 32.65
N GLU F 6 54.23 -188.38 33.93
CA GLU F 6 53.03 -188.16 34.78
C GLU F 6 52.52 -186.71 34.78
N GLU F 7 53.40 -185.73 34.88
CA GLU F 7 53.04 -184.30 34.92
C GLU F 7 52.50 -183.77 33.57
N GLN F 8 52.76 -184.45 32.45
CA GLN F 8 52.03 -184.21 31.20
C GLN F 8 50.58 -184.70 31.32
N ILE F 9 50.41 -185.95 31.76
CA ILE F 9 49.11 -186.62 31.94
C ILE F 9 48.20 -185.83 32.90
N ALA F 10 48.78 -185.25 33.96
CA ALA F 10 48.09 -184.38 34.90
C ALA F 10 47.37 -183.19 34.23
N GLU F 11 48.05 -182.43 33.35
CA GLU F 11 47.43 -181.31 32.62
C GLU F 11 46.40 -181.77 31.57
N PHE F 12 46.68 -182.87 30.86
CA PHE F 12 45.69 -183.47 29.96
C PHE F 12 44.42 -183.93 30.70
N LYS F 13 44.55 -184.50 31.91
CA LYS F 13 43.40 -184.84 32.77
C LYS F 13 42.70 -183.60 33.31
N GLU F 14 43.43 -182.55 33.71
CA GLU F 14 42.86 -181.26 34.11
C GLU F 14 41.92 -180.71 33.02
N ALA F 15 42.39 -180.61 31.77
CA ALA F 15 41.56 -180.24 30.63
C ALA F 15 40.36 -181.19 30.40
N PHE F 16 40.58 -182.52 30.40
CA PHE F 16 39.53 -183.52 30.18
C PHE F 16 38.45 -183.52 31.27
N SER F 17 38.79 -183.15 32.51
CA SER F 17 37.84 -183.06 33.64
C SER F 17 36.69 -182.08 33.40
N LEU F 18 36.88 -181.08 32.53
CA LEU F 18 35.84 -180.14 32.11
C LEU F 18 34.72 -180.82 31.30
N PHE F 19 35.02 -181.97 30.68
CA PHE F 19 34.12 -182.72 29.79
C PHE F 19 33.54 -183.97 30.45
N ASP F 20 34.26 -184.61 31.39
CA ASP F 20 33.78 -185.82 32.09
C ASP F 20 32.89 -185.47 33.31
N LYS F 21 31.85 -184.67 33.05
CA LYS F 21 30.89 -184.17 34.06
C LYS F 21 30.10 -185.29 34.75
N ASP F 22 30.01 -186.46 34.11
CA ASP F 22 29.34 -187.65 34.64
C ASP F 22 30.28 -188.65 35.36
N GLY F 23 31.60 -188.55 35.18
CA GLY F 23 32.57 -189.54 35.65
C GLY F 23 32.66 -190.81 34.78
N ASP F 24 31.97 -190.81 33.63
CA ASP F 24 31.88 -191.90 32.66
C ASP F 24 33.20 -192.22 31.94
N GLY F 25 34.08 -191.23 31.71
CA GLY F 25 35.45 -191.43 31.22
C GLY F 25 35.61 -191.71 29.71
N THR F 26 34.53 -191.63 28.92
CA THR F 26 34.52 -191.88 27.46
C THR F 26 33.62 -190.86 26.76
N ILE F 27 34.18 -190.04 25.87
CA ILE F 27 33.54 -188.83 25.31
C ILE F 27 32.99 -189.06 23.90
N THR F 28 31.77 -188.59 23.61
CA THR F 28 31.15 -188.63 22.27
C THR F 28 31.96 -187.89 21.21
N THR F 29 31.95 -188.37 19.96
CA THR F 29 32.76 -187.90 18.82
C THR F 29 33.01 -186.39 18.73
N LYS F 30 31.98 -185.54 18.82
CA LYS F 30 32.11 -184.06 18.71
C LYS F 30 33.04 -183.41 19.74
N GLU F 31 33.20 -184.04 20.91
CA GLU F 31 34.08 -183.54 21.97
C GLU F 31 35.57 -183.67 21.61
N LEU F 32 35.98 -184.67 20.82
CA LEU F 32 37.40 -184.95 20.53
C LEU F 32 38.17 -183.71 20.02
N GLY F 33 37.70 -183.13 18.91
CA GLY F 33 38.27 -181.89 18.36
C GLY F 33 38.14 -180.69 19.30
N THR F 34 37.03 -180.62 20.05
CA THR F 34 36.77 -179.58 21.05
C THR F 34 37.82 -179.59 22.16
N VAL F 35 38.11 -180.74 22.76
CA VAL F 35 39.21 -180.95 23.73
C VAL F 35 40.57 -180.56 23.12
N MET F 36 40.91 -181.12 21.95
CA MET F 36 42.20 -180.83 21.28
C MET F 36 42.44 -179.34 21.03
N ARG F 37 41.45 -178.62 20.46
CA ARG F 37 41.55 -177.16 20.25
C ARG F 37 41.50 -176.36 21.56
N SER F 38 40.82 -176.87 22.60
CA SER F 38 40.87 -176.26 23.96
C SER F 38 42.28 -176.33 24.57
N LEU F 39 42.98 -177.45 24.40
CA LEU F 39 44.42 -177.60 24.72
C LEU F 39 45.33 -176.76 23.81
N GLY F 40 44.90 -176.49 22.57
CA GLY F 40 45.57 -175.64 21.58
C GLY F 40 46.01 -176.33 20.29
N GLN F 41 45.95 -177.67 20.20
CA GLN F 41 46.30 -178.40 18.99
C GLN F 41 45.16 -178.36 17.96
N ASN F 42 45.49 -178.09 16.70
CA ASN F 42 44.55 -177.78 15.62
C ASN F 42 44.58 -178.79 14.45
N PRO F 43 43.98 -180.00 14.62
CA PRO F 43 43.64 -180.86 13.50
C PRO F 43 42.50 -180.24 12.68
N THR F 44 42.48 -180.44 11.36
CA THR F 44 41.37 -180.01 10.49
C THR F 44 40.09 -180.82 10.75
N GLU F 45 38.94 -180.36 10.25
CA GLU F 45 37.68 -181.13 10.32
C GLU F 45 37.79 -182.49 9.61
N ALA F 46 38.52 -182.56 8.48
CA ALA F 46 38.82 -183.81 7.78
C ALA F 46 39.75 -184.75 8.57
N GLU F 47 40.80 -184.21 9.18
CA GLU F 47 41.72 -184.96 10.06
C GLU F 47 40.99 -185.57 11.26
N LEU F 48 40.07 -184.82 11.87
CA LEU F 48 39.12 -185.30 12.88
C LEU F 48 38.16 -186.37 12.32
N GLN F 49 37.63 -186.18 11.11
CA GLN F 49 36.71 -187.14 10.47
C GLN F 49 37.35 -188.53 10.25
N ASP F 50 38.62 -188.60 9.85
CA ASP F 50 39.41 -189.84 9.82
C ASP F 50 39.52 -190.49 11.22
N MET F 51 39.90 -189.73 12.24
CA MET F 51 40.00 -190.25 13.63
C MET F 51 38.63 -190.69 14.19
N ILE F 52 37.53 -190.09 13.74
CA ILE F 52 36.17 -190.55 14.03
C ILE F 52 35.84 -191.86 13.29
N ASN F 53 36.26 -192.02 12.04
CA ASN F 53 36.09 -193.27 11.26
C ASN F 53 36.74 -194.48 11.95
N GLU F 54 37.85 -194.29 12.67
CA GLU F 54 38.53 -195.32 13.45
C GLU F 54 37.70 -195.88 14.64
N VAL F 55 36.68 -195.16 15.12
CA VAL F 55 35.95 -195.47 16.37
C VAL F 55 34.42 -195.54 16.25
N ASP F 56 33.79 -194.72 15.41
CA ASP F 56 32.33 -194.57 15.31
C ASP F 56 31.79 -195.04 13.94
N ALA F 57 31.39 -196.30 13.88
CA ALA F 57 30.77 -196.89 12.69
C ALA F 57 29.25 -196.64 12.57
N ASP F 58 28.58 -196.12 13.61
CA ASP F 58 27.11 -196.15 13.73
C ASP F 58 26.44 -194.77 13.87
N GLY F 59 27.22 -193.71 14.14
CA GLY F 59 26.73 -192.34 14.36
C GLY F 59 26.46 -192.01 15.83
N ASN F 60 27.18 -192.67 16.76
CA ASN F 60 26.96 -192.57 18.21
C ASN F 60 28.15 -193.02 19.10
N GLY F 61 29.31 -193.35 18.51
CA GLY F 61 30.51 -193.81 19.24
C GLY F 61 31.12 -192.81 20.24
N THR F 62 31.99 -193.33 21.11
CA THR F 62 32.72 -192.57 22.13
C THR F 62 34.20 -192.93 22.14
N ILE F 63 35.03 -192.08 22.76
CA ILE F 63 36.49 -192.19 22.84
C ILE F 63 36.89 -192.17 24.32
N ASP F 64 37.37 -193.30 24.81
CA ASP F 64 37.94 -193.47 26.16
C ASP F 64 39.14 -192.53 26.38
N PHE F 65 39.30 -191.98 27.59
CA PHE F 65 40.47 -191.17 27.97
C PHE F 65 41.84 -191.69 27.47
N PRO F 66 42.21 -192.99 27.61
CA PRO F 66 43.45 -193.51 27.03
C PRO F 66 43.52 -193.46 25.50
N GLU F 67 42.43 -193.73 24.76
CA GLU F 67 42.43 -193.53 23.30
C GLU F 67 42.47 -192.04 22.92
N PHE F 68 41.83 -191.14 23.68
CA PHE F 68 41.99 -189.69 23.52
C PHE F 68 43.46 -189.25 23.62
N LEU F 69 44.18 -189.69 24.66
CA LEU F 69 45.63 -189.46 24.79
C LEU F 69 46.41 -190.09 23.62
N THR F 70 45.99 -191.27 23.15
CA THR F 70 46.59 -191.97 22.00
C THR F 70 46.37 -191.20 20.69
N MET F 71 45.18 -190.66 20.44
CA MET F 71 44.86 -189.76 19.32
C MET F 71 45.67 -188.45 19.37
N MET F 72 45.83 -187.86 20.55
CA MET F 72 46.72 -186.72 20.76
C MET F 72 48.17 -187.05 20.38
N ALA F 73 48.70 -188.19 20.84
CA ALA F 73 50.02 -188.70 20.43
C ALA F 73 50.14 -188.98 18.91
N ARG F 74 49.11 -189.60 18.31
CA ARG F 74 49.00 -189.85 16.86
C ARG F 74 49.03 -188.56 16.04
N LYS F 75 48.72 -187.41 16.64
CA LYS F 75 48.80 -186.05 16.05
C LYS F 75 49.70 -185.08 16.84
N MET F 76 50.80 -185.56 17.42
CA MET F 76 51.74 -184.77 18.23
C MET F 76 52.47 -183.64 17.46
N LYS F 77 53.34 -183.98 16.50
CA LYS F 77 54.31 -183.03 15.88
C LYS F 77 53.79 -182.28 14.65
N ASP F 78 52.67 -182.72 14.07
CA ASP F 78 52.03 -181.97 12.98
C ASP F 78 51.05 -180.96 13.60
N THR F 79 51.59 -179.80 13.98
CA THR F 79 50.91 -178.79 14.78
C THR F 79 51.24 -177.38 14.31
N ASP F 80 50.31 -176.45 14.49
CA ASP F 80 50.53 -175.02 14.26
C ASP F 80 51.33 -174.37 15.41
N SER F 81 51.50 -175.05 16.55
CA SER F 81 52.25 -174.51 17.69
C SER F 81 53.78 -174.53 17.52
N GLU F 82 54.34 -175.25 16.54
CA GLU F 82 55.77 -175.10 16.18
C GLU F 82 56.08 -173.69 15.66
N GLU F 83 55.13 -173.09 14.92
CA GLU F 83 55.31 -171.77 14.27
C GLU F 83 55.50 -170.63 15.27
N GLU F 84 54.93 -170.74 16.49
CA GLU F 84 55.19 -169.81 17.60
C GLU F 84 56.60 -169.96 18.19
N ILE F 85 57.13 -171.18 18.28
CA ILE F 85 58.50 -171.44 18.75
C ILE F 85 59.51 -170.90 17.72
N ARG F 86 59.25 -171.11 16.43
CA ARG F 86 59.98 -170.44 15.33
C ARG F 86 59.96 -168.92 15.50
N GLU F 87 58.80 -168.34 15.79
CA GLU F 87 58.66 -166.90 16.05
C GLU F 87 59.53 -166.41 17.22
N ALA F 88 59.54 -167.12 18.36
CA ALA F 88 60.40 -166.79 19.50
C ALA F 88 61.89 -166.69 19.11
N PHE F 89 62.41 -167.65 18.32
CA PHE F 89 63.76 -167.56 17.76
C PHE F 89 63.94 -166.40 16.77
N ARG F 90 62.95 -166.10 15.92
CA ARG F 90 62.99 -164.93 15.01
C ARG F 90 62.98 -163.58 15.75
N VAL F 91 62.40 -163.52 16.95
CA VAL F 91 62.52 -162.36 17.86
C VAL F 91 63.92 -162.29 18.48
N PHE F 92 64.41 -163.38 19.07
CA PHE F 92 65.70 -163.46 19.77
C PHE F 92 66.93 -163.19 18.89
N ASP F 93 66.94 -163.65 17.63
CA ASP F 93 68.07 -163.49 16.72
C ASP F 93 68.53 -162.03 16.60
N LYS F 94 69.82 -161.81 16.89
CA LYS F 94 70.46 -160.48 16.96
C LYS F 94 70.94 -159.97 15.61
N ASP F 95 71.17 -160.87 14.64
CA ASP F 95 71.57 -160.54 13.27
C ASP F 95 70.36 -160.53 12.31
N GLY F 96 69.40 -161.43 12.53
CA GLY F 96 68.26 -161.68 11.65
C GLY F 96 68.65 -162.49 10.41
N ASN F 97 69.19 -163.69 10.62
CA ASN F 97 69.62 -164.64 9.57
C ASN F 97 69.48 -166.13 9.97
N GLY F 98 68.99 -166.46 11.17
CA GLY F 98 68.62 -167.82 11.59
C GLY F 98 69.77 -168.72 12.08
N TYR F 99 70.96 -168.17 12.34
CA TYR F 99 72.12 -168.91 12.85
C TYR F 99 72.68 -168.23 14.10
N ILE F 100 72.92 -169.00 15.16
CA ILE F 100 73.38 -168.52 16.47
C ILE F 100 74.71 -169.20 16.83
N SER F 101 75.58 -168.49 17.56
CA SER F 101 76.87 -169.02 18.02
C SER F 101 76.73 -170.18 19.01
N ALA F 102 77.57 -171.21 18.88
CA ALA F 102 77.68 -172.28 19.86
C ALA F 102 78.20 -171.79 21.23
N ALA F 103 79.00 -170.71 21.26
CA ALA F 103 79.40 -170.03 22.49
C ALA F 103 78.19 -169.36 23.19
N GLU F 104 77.40 -168.57 22.45
CA GLU F 104 76.17 -167.95 22.93
C GLU F 104 75.17 -169.00 23.46
N LEU F 105 74.93 -170.07 22.69
CA LEU F 105 74.10 -171.20 23.11
C LEU F 105 74.51 -171.77 24.47
N ARG F 106 75.79 -172.15 24.65
CA ARG F 106 76.27 -172.72 25.92
C ARG F 106 76.20 -171.71 27.06
N HIS F 107 76.55 -170.45 26.83
CA HIS F 107 76.42 -169.36 27.82
C HIS F 107 74.98 -169.16 28.29
N VAL F 108 74.02 -168.96 27.38
CA VAL F 108 72.59 -168.79 27.72
C VAL F 108 72.11 -169.98 28.55
N MET F 109 72.33 -171.21 28.07
CA MET F 109 71.94 -172.42 28.79
C MET F 109 72.62 -172.59 30.16
N THR F 110 73.85 -172.09 30.34
CA THR F 110 74.57 -172.07 31.62
C THR F 110 73.93 -171.14 32.68
N ASN F 111 73.15 -170.15 32.25
CA ASN F 111 72.65 -169.07 33.12
C ASN F 111 71.11 -168.92 33.18
N LEU F 112 70.34 -169.41 32.21
CA LEU F 112 68.95 -168.99 31.98
C LEU F 112 67.91 -170.13 31.95
N GLY F 113 66.75 -169.85 32.53
CA GLY F 113 65.54 -170.66 32.53
C GLY F 113 65.62 -171.85 33.50
N GLU F 114 65.52 -173.07 32.96
CA GLU F 114 65.77 -174.31 33.69
C GLU F 114 67.24 -174.48 34.12
N LYS F 115 68.18 -173.86 33.38
CA LYS F 115 69.64 -173.79 33.69
C LYS F 115 70.31 -175.17 33.52
N LEU F 116 70.90 -175.41 32.35
CA LEU F 116 71.47 -176.70 31.97
C LEU F 116 72.91 -176.87 32.49
N THR F 117 73.19 -178.07 33.01
CA THR F 117 74.52 -178.52 33.43
C THR F 117 75.42 -178.92 32.26
N ASP F 118 76.72 -179.08 32.54
CA ASP F 118 77.77 -179.43 31.57
C ASP F 118 77.38 -180.58 30.62
N GLU F 119 76.93 -181.72 31.16
CA GLU F 119 76.50 -182.90 30.39
C GLU F 119 75.24 -182.65 29.54
N GLU F 120 74.29 -181.85 30.05
CA GLU F 120 73.08 -181.47 29.31
C GLU F 120 73.39 -180.53 28.12
N VAL F 121 74.34 -179.60 28.30
CA VAL F 121 74.81 -178.69 27.24
C VAL F 121 75.66 -179.44 26.21
N ASP F 122 76.57 -180.31 26.66
CA ASP F 122 77.31 -181.26 25.82
C ASP F 122 76.38 -182.12 24.94
N GLU F 123 75.33 -182.70 25.53
CA GLU F 123 74.30 -183.44 24.80
C GLU F 123 73.48 -182.56 23.84
N MET F 124 73.13 -181.33 24.23
CA MET F 124 72.42 -180.37 23.36
C MET F 124 73.25 -180.00 22.11
N ILE F 125 74.55 -179.80 22.26
CA ILE F 125 75.47 -179.52 21.14
C ILE F 125 75.60 -180.76 20.24
N ARG F 126 75.76 -181.95 20.86
CA ARG F 126 75.78 -183.25 20.16
C ARG F 126 74.50 -183.53 19.37
N GLU F 127 73.35 -183.11 19.87
CA GLU F 127 72.05 -183.31 19.23
C GLU F 127 71.86 -182.53 17.93
N ALA F 128 72.51 -181.36 17.80
CA ALA F 128 72.43 -180.53 16.59
C ALA F 128 73.21 -181.16 15.41
N ASP F 129 74.55 -181.14 15.45
CA ASP F 129 75.37 -181.75 14.41
C ASP F 129 76.80 -182.11 14.88
N ILE F 130 77.21 -183.36 14.62
CA ILE F 130 78.59 -183.84 14.79
C ILE F 130 79.59 -183.11 13.89
N ASP F 131 79.12 -182.51 12.79
CA ASP F 131 79.89 -181.70 11.84
C ASP F 131 79.89 -180.19 12.17
N GLY F 132 79.34 -179.77 13.31
CA GLY F 132 79.17 -178.35 13.68
C GLY F 132 80.49 -177.59 13.95
N ASP F 133 80.67 -176.45 13.26
CA ASP F 133 81.86 -175.58 13.36
C ASP F 133 81.56 -174.24 14.05
N GLY F 134 81.16 -174.29 15.32
CA GLY F 134 80.97 -173.12 16.19
C GLY F 134 79.67 -172.32 15.99
N GLN F 135 78.77 -172.76 15.09
CA GLN F 135 77.51 -172.09 14.73
C GLN F 135 76.36 -173.12 14.63
N VAL F 136 75.12 -172.72 14.90
CA VAL F 136 73.93 -173.59 14.96
C VAL F 136 72.71 -172.95 14.29
N ASN F 137 72.03 -173.68 13.39
CA ASN F 137 70.76 -173.29 12.77
C ASN F 137 69.60 -173.32 13.78
N TYR F 138 68.79 -172.25 13.82
CA TYR F 138 67.70 -172.09 14.79
C TYR F 138 66.65 -173.23 14.77
N GLU F 139 66.30 -173.76 13.59
CA GLU F 139 65.20 -174.74 13.45
C GLU F 139 65.50 -176.06 14.17
N GLU F 140 66.78 -176.42 14.32
CA GLU F 140 67.18 -177.66 15.01
C GLU F 140 66.78 -177.64 16.50
N PHE F 141 66.68 -176.46 17.12
CA PHE F 141 66.11 -176.29 18.47
C PHE F 141 64.62 -176.68 18.54
N VAL F 142 63.85 -176.44 17.47
CA VAL F 142 62.46 -176.92 17.35
C VAL F 142 62.44 -178.45 17.16
N GLN F 143 63.39 -178.99 16.39
CA GLN F 143 63.49 -180.43 16.12
C GLN F 143 63.84 -181.27 17.36
N MET F 144 64.61 -180.75 18.31
CA MET F 144 64.91 -181.43 19.60
C MET F 144 63.81 -181.26 20.66
N MET F 145 62.74 -180.50 20.38
CA MET F 145 61.64 -180.24 21.33
C MET F 145 60.77 -181.47 21.66
N THR F 146 60.71 -182.48 20.78
CA THR F 146 59.72 -183.56 20.81
C THR F 146 60.19 -184.81 20.09
N GLU G 4 -26.09 63.67 10.90
CA GLU G 4 -24.86 63.93 10.17
C GLU G 4 -24.78 65.41 9.73
N THR G 5 -23.58 65.94 9.51
CA THR G 5 -23.41 67.21 8.75
C THR G 5 -23.71 66.89 7.29
N THR G 6 -24.98 67.07 6.93
CA THR G 6 -25.50 67.02 5.57
C THR G 6 -25.21 68.35 4.88
N ALA G 7 -25.11 68.36 3.55
CA ALA G 7 -24.89 69.60 2.83
C ALA G 7 -26.20 70.36 2.64
N LEU G 8 -26.09 71.69 2.61
CA LEU G 8 -27.18 72.56 2.21
C LEU G 8 -27.20 72.60 0.69
N VAL G 9 -28.39 72.67 0.11
CA VAL G 9 -28.56 72.95 -1.31
C VAL G 9 -29.28 74.26 -1.40
N CYS G 10 -28.66 75.21 -2.07
CA CYS G 10 -29.01 76.62 -1.97
C CYS G 10 -29.01 77.22 -3.36
N ASP G 11 -30.17 77.24 -3.99
CA ASP G 11 -30.29 77.53 -5.41
C ASP G 11 -30.35 79.02 -5.66
N ASN G 12 -29.19 79.69 -5.81
CA ASN G 12 -29.18 81.14 -6.01
C ASN G 12 -30.10 81.57 -7.15
N GLY G 13 -30.23 80.75 -8.21
CA GLY G 13 -31.17 81.04 -9.28
C GLY G 13 -31.00 82.47 -9.78
N SER G 14 -32.10 83.17 -9.98
CA SER G 14 -32.17 84.62 -9.85
C SER G 14 -33.61 84.93 -9.43
N GLY G 15 -33.86 85.97 -8.64
CA GLY G 15 -35.25 86.35 -8.29
C GLY G 15 -35.86 85.49 -7.20
N LEU G 16 -35.70 84.17 -7.19
CA LEU G 16 -36.07 83.29 -6.06
C LEU G 16 -34.83 82.54 -5.54
N VAL G 17 -34.74 82.36 -4.23
CA VAL G 17 -33.88 81.38 -3.57
C VAL G 17 -34.74 80.25 -3.07
N LYS G 18 -34.29 79.02 -3.32
CA LYS G 18 -34.86 77.77 -2.83
C LYS G 18 -33.77 77.13 -2.01
N ALA G 19 -34.00 76.87 -0.74
CA ALA G 19 -32.97 76.31 0.12
C ALA G 19 -33.52 75.31 1.12
N GLY G 20 -32.67 74.37 1.51
CA GLY G 20 -33.02 73.23 2.35
C GLY G 20 -31.88 72.23 2.40
N PHE G 21 -32.12 71.11 3.06
CA PHE G 21 -31.08 70.14 3.35
C PHE G 21 -31.11 69.00 2.34
N ALA G 22 -29.94 68.50 1.91
CA ALA G 22 -29.89 67.39 0.97
C ALA G 22 -30.61 66.16 1.53
N GLY G 23 -31.41 65.51 0.68
CA GLY G 23 -32.26 64.37 1.01
C GLY G 23 -33.72 64.79 1.20
N ASP G 24 -34.02 66.07 1.47
CA ASP G 24 -35.42 66.51 1.48
C ASP G 24 -35.92 66.45 0.04
N ASP G 25 -37.22 66.26 -0.18
CA ASP G 25 -37.79 66.18 -1.53
C ASP G 25 -38.34 67.53 -2.03
N ALA G 26 -38.28 68.56 -1.19
CA ALA G 26 -38.65 69.93 -1.51
C ALA G 26 -37.88 70.88 -0.55
N PRO G 27 -37.57 72.12 -0.95
CA PRO G 27 -36.85 73.06 -0.08
C PRO G 27 -37.67 73.52 1.12
N ARG G 28 -36.99 73.78 2.24
CA ARG G 28 -37.59 74.34 3.47
C ARG G 28 -37.98 75.81 3.28
N ALA G 29 -37.20 76.53 2.50
CA ALA G 29 -37.19 77.97 2.34
C ALA G 29 -37.36 78.35 0.88
N VAL G 30 -38.39 79.13 0.56
CA VAL G 30 -38.66 79.63 -0.78
C VAL G 30 -39.03 81.09 -0.67
N PHE G 31 -38.12 81.97 -1.04
CA PHE G 31 -38.34 83.39 -0.84
C PHE G 31 -37.67 84.20 -1.94
N PRO G 32 -38.16 85.39 -2.28
CA PRO G 32 -37.59 86.17 -3.36
C PRO G 32 -36.23 86.78 -2.99
N SER G 33 -35.26 86.71 -3.89
CA SER G 33 -33.86 87.09 -3.66
C SER G 33 -33.68 88.60 -3.79
N ILE G 34 -34.41 89.36 -2.99
CA ILE G 34 -34.74 90.73 -3.31
C ILE G 34 -34.39 91.62 -2.14
N VAL G 35 -33.78 92.76 -2.42
CA VAL G 35 -33.21 93.62 -1.40
C VAL G 35 -34.01 94.89 -1.37
N GLY G 36 -34.47 95.27 -0.19
CA GLY G 36 -35.30 96.44 0.03
C GLY G 36 -34.53 97.50 0.79
N ARG G 37 -34.54 98.73 0.28
CA ARG G 37 -34.13 99.95 0.99
C ARG G 37 -35.29 100.95 1.02
N PRO G 38 -35.56 101.67 2.10
CA PRO G 38 -36.67 102.61 2.16
C PRO G 38 -36.38 103.84 1.30
N ARG G 39 -37.35 104.33 0.51
CA ARG G 39 -37.02 105.36 -0.50
C ARG G 39 -37.28 106.78 0.00
N HIS G 40 -38.24 106.96 0.90
CA HIS G 40 -38.42 108.22 1.63
C HIS G 40 -37.40 108.36 2.77
N GLN G 41 -37.33 109.54 3.37
CA GLN G 41 -36.70 109.74 4.68
C GLN G 41 -37.62 109.19 5.78
N GLY G 42 -37.10 108.33 6.65
CA GLY G 42 -37.87 107.74 7.73
C GLY G 42 -38.14 108.80 8.81
N VAL G 43 -39.39 108.91 9.27
CA VAL G 43 -39.91 110.17 9.80
C VAL G 43 -39.93 110.19 11.33
N MET G 44 -40.40 109.11 11.96
CA MET G 44 -40.38 108.95 13.41
C MET G 44 -38.96 108.83 13.99
N VAL G 45 -38.82 109.12 15.29
CA VAL G 45 -37.59 108.96 16.09
C VAL G 45 -37.86 108.00 17.25
N GLY G 46 -36.87 107.15 17.56
CA GLY G 46 -36.94 106.15 18.64
C GLY G 46 -37.71 104.86 18.28
N MET G 47 -38.00 104.64 17.00
CA MET G 47 -38.83 103.54 16.50
C MET G 47 -38.18 102.15 16.59
N GLY G 48 -36.85 102.06 16.72
CA GLY G 48 -36.13 100.79 16.54
C GLY G 48 -35.99 100.41 15.06
N GLN G 49 -35.77 101.42 14.21
CA GLN G 49 -35.61 101.34 12.75
C GLN G 49 -34.52 100.33 12.33
N LYS G 50 -34.68 99.75 11.14
CA LYS G 50 -33.69 98.86 10.51
C LYS G 50 -33.38 99.34 9.09
N ASP G 51 -32.10 99.35 8.76
CA ASP G 51 -31.54 99.94 7.55
C ASP G 51 -32.13 99.41 6.23
N SER G 52 -32.17 98.08 6.07
CA SER G 52 -32.55 97.42 4.82
C SER G 52 -33.09 96.00 5.06
N TYR G 53 -33.94 95.55 4.15
CA TYR G 53 -34.82 94.40 4.31
C TYR G 53 -34.57 93.37 3.22
N VAL G 54 -34.64 92.08 3.49
CA VAL G 54 -34.40 91.04 2.48
C VAL G 54 -35.58 90.08 2.38
N GLY G 55 -36.01 89.73 1.18
CA GLY G 55 -36.95 88.62 1.00
C GLY G 55 -38.35 88.94 1.46
N ASP G 56 -38.96 88.10 2.29
CA ASP G 56 -40.36 88.23 2.69
C ASP G 56 -40.71 89.56 3.38
N GLU G 57 -39.72 90.21 4.00
CA GLU G 57 -39.88 91.56 4.53
C GLU G 57 -40.07 92.54 3.37
N ALA G 58 -39.18 92.49 2.38
CA ALA G 58 -39.19 93.33 1.21
C ALA G 58 -40.40 93.08 0.29
N GLN G 59 -40.99 91.88 0.27
CA GLN G 59 -42.32 91.69 -0.33
C GLN G 59 -43.43 92.40 0.45
N SER G 60 -43.41 92.31 1.78
CA SER G 60 -44.49 92.80 2.64
C SER G 60 -44.57 94.32 2.66
N LYS G 61 -43.43 94.98 2.82
CA LYS G 61 -43.33 96.43 3.05
C LYS G 61 -43.19 97.24 1.76
N ARG G 62 -43.45 96.67 0.59
CA ARG G 62 -42.93 97.20 -0.68
C ARG G 62 -43.34 98.65 -1.02
N GLY G 63 -44.49 99.11 -0.55
CA GLY G 63 -44.93 100.50 -0.76
C GLY G 63 -44.02 101.57 -0.17
N ILE G 64 -43.15 101.22 0.79
CA ILE G 64 -42.17 102.11 1.43
C ILE G 64 -40.79 102.00 0.74
N LEU G 65 -40.59 100.97 -0.09
CA LEU G 65 -39.26 100.48 -0.46
C LEU G 65 -38.87 100.77 -1.91
N THR G 66 -37.57 100.64 -2.11
CA THR G 66 -36.83 100.46 -3.35
C THR G 66 -36.52 98.99 -3.40
N LEU G 67 -36.85 98.27 -4.47
CA LEU G 67 -36.45 96.87 -4.64
C LEU G 67 -35.30 96.74 -5.63
N LYS G 68 -34.18 96.16 -5.17
CA LYS G 68 -33.02 95.81 -5.98
C LYS G 68 -32.96 94.29 -6.07
N TYR G 69 -32.79 93.74 -7.26
CA TYR G 69 -32.31 92.37 -7.41
C TYR G 69 -30.78 92.43 -7.44
N PRO G 70 -30.02 91.73 -6.57
CA PRO G 70 -28.57 91.68 -6.71
C PRO G 70 -28.15 90.70 -7.83
N ILE G 71 -29.05 89.80 -8.23
CA ILE G 71 -28.80 88.77 -9.24
C ILE G 71 -29.63 89.12 -10.48
N GLU G 72 -28.97 89.20 -11.62
CA GLU G 72 -29.61 89.48 -12.90
C GLU G 72 -28.96 88.66 -14.02
N HIC G 73 -29.79 87.99 -14.82
CA HIC G 73 -29.33 87.12 -15.90
C HIC G 73 -28.20 86.16 -15.48
O HIC G 73 -27.20 86.00 -16.15
N GLY G 74 -28.39 85.51 -14.33
CA GLY G 74 -27.44 84.58 -13.69
C GLY G 74 -26.06 85.15 -13.33
N ILE G 75 -25.88 86.47 -13.35
CA ILE G 75 -24.67 87.14 -12.90
C ILE G 75 -24.98 87.83 -11.57
N ILE G 76 -24.17 87.62 -10.55
CA ILE G 76 -24.27 88.37 -9.31
C ILE G 76 -23.61 89.73 -9.52
N THR G 77 -24.37 90.80 -9.39
CA THR G 77 -23.91 92.15 -9.77
C THR G 77 -23.64 93.10 -8.61
N ASN G 78 -24.04 92.77 -7.40
CA ASN G 78 -23.72 93.55 -6.21
C ASN G 78 -23.36 92.62 -5.05
N TRP G 79 -22.07 92.54 -4.71
CA TRP G 79 -21.59 91.50 -3.82
C TRP G 79 -21.96 91.79 -2.37
N ASP G 80 -22.08 93.05 -1.97
CA ASP G 80 -22.46 93.37 -0.60
C ASP G 80 -23.94 93.09 -0.37
N ASP G 81 -24.78 93.30 -1.39
CA ASP G 81 -26.17 92.89 -1.36
C ASP G 81 -26.32 91.36 -1.43
N MET G 82 -25.60 90.70 -2.33
CA MET G 82 -25.65 89.24 -2.41
C MET G 82 -25.23 88.64 -1.07
N GLU G 83 -24.19 89.20 -0.44
CA GLU G 83 -23.73 88.76 0.85
C GLU G 83 -24.79 88.96 1.92
N LYS G 84 -25.62 90.01 1.84
CA LYS G 84 -26.80 90.11 2.72
C LYS G 84 -27.81 89.02 2.47
N ILE G 85 -28.04 88.58 1.22
CA ILE G 85 -28.99 87.50 0.97
C ILE G 85 -28.47 86.18 1.53
N TRP G 86 -27.21 85.83 1.31
CA TRP G 86 -26.66 84.63 1.92
C TRP G 86 -26.72 84.74 3.44
N HIS G 87 -26.36 85.89 4.00
CA HIS G 87 -26.45 86.14 5.44
C HIS G 87 -27.86 85.90 5.95
N HIS G 88 -28.88 86.43 5.28
CA HIS G 88 -30.26 86.13 5.63
C HIS G 88 -30.59 84.63 5.47
N THR G 89 -30.09 83.99 4.43
CA THR G 89 -30.42 82.59 4.12
C THR G 89 -29.93 81.65 5.20
N PHE G 90 -28.64 81.69 5.54
CA PHE G 90 -28.10 80.85 6.59
C PHE G 90 -28.67 81.23 7.94
N TYR G 91 -28.51 82.49 8.33
CA TYR G 91 -28.74 82.86 9.73
C TYR G 91 -30.21 83.07 10.06
N ASN G 92 -31.00 83.67 9.16
CA ASN G 92 -32.41 83.94 9.46
C ASN G 92 -33.37 82.89 8.90
N GLU G 93 -33.18 82.40 7.68
CA GLU G 93 -34.22 81.58 7.03
C GLU G 93 -34.07 80.07 7.27
N LEU G 94 -32.89 79.49 7.09
CA LEU G 94 -32.64 78.11 7.52
C LEU G 94 -32.28 78.04 9.00
N ARG G 95 -31.70 79.12 9.54
CA ARG G 95 -31.27 79.23 10.92
C ARG G 95 -30.26 78.14 11.27
N VAL G 96 -29.22 78.01 10.44
CA VAL G 96 -28.13 77.04 10.59
C VAL G 96 -26.79 77.67 10.24
N ALA G 97 -25.75 77.37 11.02
CA ALA G 97 -24.47 78.05 10.93
C ALA G 97 -23.63 77.48 9.78
N PRO G 98 -23.17 78.30 8.83
CA PRO G 98 -22.56 77.79 7.60
C PRO G 98 -21.14 77.24 7.78
N GLU G 99 -20.46 77.60 8.87
CA GLU G 99 -19.16 77.00 9.21
C GLU G 99 -19.26 75.50 9.58
N GLU G 100 -20.44 75.04 9.95
CA GLU G 100 -20.74 73.66 10.35
C GLU G 100 -20.94 72.67 9.20
N HIS G 101 -21.38 73.09 8.01
CA HIS G 101 -21.84 72.17 6.95
C HIS G 101 -21.42 72.59 5.54
N PRO G 102 -21.28 71.65 4.60
CA PRO G 102 -21.02 72.00 3.23
C PRO G 102 -22.24 72.69 2.62
N THR G 103 -22.01 73.37 1.51
CA THR G 103 -23.07 73.99 0.74
C THR G 103 -22.84 73.75 -0.74
N LEU G 104 -23.92 73.55 -1.45
CA LEU G 104 -23.94 73.40 -2.89
C LEU G 104 -24.74 74.57 -3.39
N LEU G 105 -24.22 75.16 -4.46
CA LEU G 105 -24.69 76.38 -5.07
C LEU G 105 -24.92 76.04 -6.55
N THR G 106 -25.74 76.81 -7.22
CA THR G 106 -26.17 76.51 -8.57
C THR G 106 -25.83 77.67 -9.49
N GLU G 107 -25.57 77.37 -10.75
CA GLU G 107 -25.18 78.36 -11.74
C GLU G 107 -25.74 78.01 -13.12
N ALA G 108 -26.12 79.03 -13.89
CA ALA G 108 -26.45 78.89 -15.29
C ALA G 108 -25.17 78.61 -16.08
N PRO G 109 -25.21 77.80 -17.15
CA PRO G 109 -24.02 77.40 -17.87
C PRO G 109 -23.29 78.59 -18.50
N LEU G 110 -22.02 78.39 -18.81
CA LEU G 110 -21.30 79.30 -19.70
C LEU G 110 -21.08 80.70 -19.08
N ASN G 111 -21.15 80.83 -17.75
CA ASN G 111 -21.22 82.13 -17.07
C ASN G 111 -19.84 82.82 -17.02
N PRO G 112 -19.77 84.11 -16.63
CA PRO G 112 -18.50 84.78 -16.40
C PRO G 112 -17.70 84.11 -15.29
N LYS G 113 -16.39 83.96 -15.48
CA LYS G 113 -15.47 83.27 -14.58
C LYS G 113 -15.35 83.89 -13.18
N ALA G 114 -15.36 85.21 -13.08
CA ALA G 114 -15.23 85.91 -11.80
C ALA G 114 -16.46 85.74 -10.91
N ASN G 115 -17.61 85.43 -11.48
CA ASN G 115 -18.81 85.08 -10.74
C ASN G 115 -18.56 83.86 -9.85
N ARG G 116 -17.87 82.84 -10.37
CA ARG G 116 -17.51 81.68 -9.54
C ARG G 116 -16.48 82.05 -8.47
N GLU G 117 -15.48 82.85 -8.83
CA GLU G 117 -14.38 83.16 -7.91
C GLU G 117 -14.78 84.04 -6.71
N LYS G 118 -15.56 85.10 -6.90
CA LYS G 118 -16.09 85.87 -5.78
C LYS G 118 -17.09 85.06 -4.98
N MET G 119 -17.95 84.26 -5.62
CA MET G 119 -18.77 83.31 -4.88
C MET G 119 -17.88 82.46 -3.98
N THR G 120 -16.77 81.95 -4.50
CA THR G 120 -15.88 81.13 -3.71
C THR G 120 -15.18 81.83 -2.55
N GLN G 121 -14.52 82.96 -2.78
CA GLN G 121 -13.78 83.64 -1.73
C GLN G 121 -14.72 84.07 -0.59
N ILE G 122 -15.90 84.57 -0.93
CA ILE G 122 -16.90 84.97 0.04
C ILE G 122 -17.33 83.76 0.86
N MET G 123 -17.51 82.58 0.27
CA MET G 123 -17.83 81.37 1.01
C MET G 123 -16.70 80.96 1.95
N PHE G 124 -15.45 80.94 1.50
CA PHE G 124 -14.35 80.48 2.37
C PHE G 124 -13.87 81.48 3.43
N GLU G 125 -13.72 82.77 3.14
CA GLU G 125 -13.36 83.74 4.19
C GLU G 125 -14.56 84.15 5.07
N THR G 126 -15.59 84.74 4.50
CA THR G 126 -16.59 85.49 5.30
C THR G 126 -17.56 84.57 6.01
N PHE G 127 -18.20 83.65 5.30
CA PHE G 127 -19.05 82.63 5.91
C PHE G 127 -18.25 81.48 6.51
N ASN G 128 -16.97 81.36 6.18
CA ASN G 128 -16.11 80.28 6.65
C ASN G 128 -16.62 78.88 6.29
N VAL G 129 -17.27 78.70 5.14
CA VAL G 129 -17.92 77.42 4.82
C VAL G 129 -16.84 76.33 4.76
N PRO G 130 -17.06 75.15 5.38
CA PRO G 130 -16.04 74.12 5.42
C PRO G 130 -15.83 73.50 4.04
N ALA G 131 -16.89 73.41 3.23
CA ALA G 131 -16.80 72.91 1.88
C ALA G 131 -17.91 73.45 0.97
N MET G 132 -17.61 73.51 -0.31
CA MET G 132 -18.34 74.32 -1.29
C MET G 132 -18.35 73.63 -2.65
N TYR G 133 -19.36 73.87 -3.47
CA TYR G 133 -19.35 73.39 -4.85
C TYR G 133 -20.25 74.26 -5.71
N VAL G 134 -20.03 74.32 -7.01
CA VAL G 134 -20.99 74.92 -7.97
C VAL G 134 -21.34 73.92 -9.06
N ALA G 135 -22.62 73.79 -9.41
CA ALA G 135 -23.10 72.78 -10.36
C ALA G 135 -24.07 73.39 -11.35
N ILE G 136 -24.05 72.98 -12.60
CA ILE G 136 -24.91 73.59 -13.62
C ILE G 136 -26.37 73.30 -13.38
N GLN G 137 -27.21 74.33 -13.32
CA GLN G 137 -28.63 74.22 -13.00
C GLN G 137 -29.32 73.14 -13.84
N ALA G 138 -29.12 73.15 -15.15
CA ALA G 138 -29.80 72.18 -16.00
C ALA G 138 -29.40 70.72 -15.74
N VAL G 139 -28.16 70.45 -15.30
CA VAL G 139 -27.67 69.08 -15.10
C VAL G 139 -28.38 68.47 -13.90
N LEU G 140 -28.68 69.28 -12.88
CA LEU G 140 -29.39 68.78 -11.72
C LEU G 140 -30.79 68.31 -12.12
N SER G 141 -31.40 68.93 -13.13
CA SER G 141 -32.79 68.62 -13.50
C SER G 141 -32.98 67.17 -13.93
N LEU G 142 -31.98 66.55 -14.55
CA LEU G 142 -32.17 65.17 -15.01
C LEU G 142 -32.25 64.16 -13.87
N TYR G 143 -31.43 64.35 -12.83
CA TYR G 143 -31.47 63.48 -11.65
C TYR G 143 -32.89 63.49 -11.11
N ALA G 144 -33.51 64.68 -11.07
CA ALA G 144 -34.87 64.86 -10.60
C ALA G 144 -35.90 64.21 -11.55
N SER G 145 -35.79 64.43 -12.87
CA SER G 145 -36.77 63.86 -13.81
C SER G 145 -36.52 62.37 -14.12
N GLY G 146 -35.58 61.75 -13.42
CA GLY G 146 -35.34 60.32 -13.49
C GLY G 146 -34.74 59.82 -14.79
N ARG G 147 -33.84 60.56 -15.43
CA ARG G 147 -33.23 60.14 -16.71
C ARG G 147 -31.75 60.39 -16.75
N THR G 148 -31.07 59.73 -17.68
CA THR G 148 -29.62 59.89 -17.91
C THR G 148 -29.29 60.41 -19.31
N THR G 149 -30.28 60.45 -20.21
CA THR G 149 -30.23 61.04 -21.55
C THR G 149 -31.42 61.98 -21.65
N GLY G 150 -31.18 63.25 -21.98
CA GLY G 150 -32.19 64.28 -22.11
C GLY G 150 -31.66 65.54 -22.74
N ILE G 151 -32.55 66.41 -23.17
CA ILE G 151 -32.21 67.81 -23.28
C ILE G 151 -33.18 68.55 -22.37
N VAL G 152 -32.63 69.49 -21.62
CA VAL G 152 -33.29 70.05 -20.45
C VAL G 152 -33.55 71.48 -20.79
N LEU G 153 -34.82 71.87 -20.81
CA LEU G 153 -35.20 73.25 -21.04
C LEU G 153 -35.33 73.91 -19.68
N ASP G 154 -34.32 74.64 -19.24
CA ASP G 154 -34.27 75.18 -17.89
C ASP G 154 -34.33 76.69 -17.95
N SER G 155 -35.34 77.26 -17.31
CA SER G 155 -35.71 78.64 -17.52
C SER G 155 -36.25 79.24 -16.25
N GLY G 156 -35.50 80.15 -15.67
CA GLY G 156 -35.89 80.76 -14.40
C GLY G 156 -36.41 82.17 -14.54
N ASP G 157 -36.36 82.94 -13.45
CA ASP G 157 -36.55 84.38 -13.55
C ASP G 157 -35.41 85.06 -14.28
N GLY G 158 -34.17 84.81 -13.88
CA GLY G 158 -32.97 85.37 -14.48
C GLY G 158 -32.73 85.10 -15.96
N VAL G 159 -32.66 83.83 -16.36
CA VAL G 159 -32.06 83.37 -17.64
C VAL G 159 -32.72 82.10 -18.16
N THR G 160 -32.63 81.82 -19.47
CA THR G 160 -33.08 80.55 -20.05
C THR G 160 -31.91 79.83 -20.68
N HIS G 161 -31.81 78.52 -20.53
CA HIS G 161 -30.84 77.71 -21.25
C HIS G 161 -31.31 76.30 -21.52
N ASN G 162 -30.77 75.73 -22.58
CA ASN G 162 -30.90 74.33 -22.92
C ASN G 162 -29.54 73.69 -22.70
N VAL G 163 -29.50 72.54 -22.04
CA VAL G 163 -28.30 71.70 -21.95
C VAL G 163 -28.58 70.31 -22.48
N PRO G 164 -27.86 69.80 -23.49
CA PRO G 164 -27.95 68.43 -23.92
C PRO G 164 -27.12 67.54 -23.00
N ILE G 165 -27.66 66.41 -22.57
CA ILE G 165 -26.90 65.38 -21.88
C ILE G 165 -27.22 64.05 -22.55
N TYR G 166 -26.21 63.30 -22.97
CA TYR G 166 -26.41 61.92 -23.40
C TYR G 166 -25.63 60.97 -22.49
N GLU G 167 -26.35 60.09 -21.80
CA GLU G 167 -25.81 59.15 -20.81
C GLU G 167 -24.74 59.77 -19.91
N GLY G 168 -25.00 60.99 -19.46
CA GLY G 168 -24.15 61.72 -18.53
C GLY G 168 -22.88 62.36 -19.07
N TYR G 169 -22.63 62.35 -20.38
CA TYR G 169 -21.65 63.28 -20.94
C TYR G 169 -22.42 64.49 -21.45
N ALA G 170 -22.19 65.65 -20.84
CA ALA G 170 -22.74 66.90 -21.36
C ALA G 170 -21.88 67.37 -22.53
N LEU G 171 -22.48 68.12 -23.44
CA LEU G 171 -21.94 68.29 -24.79
C LEU G 171 -21.64 69.76 -25.02
N PRO G 172 -20.53 70.31 -24.48
CA PRO G 172 -20.41 71.73 -24.19
C PRO G 172 -20.62 72.65 -25.38
N HIS G 173 -20.18 72.29 -26.59
CA HIS G 173 -20.45 73.14 -27.75
C HIS G 173 -21.93 73.37 -28.08
N ALA G 174 -22.84 72.52 -27.61
CA ALA G 174 -24.25 72.55 -27.96
C ALA G 174 -25.13 73.14 -26.87
N ILE G 175 -24.55 73.56 -25.73
CA ILE G 175 -25.27 74.25 -24.67
C ILE G 175 -25.69 75.64 -25.14
N MET G 176 -26.99 75.89 -25.17
CA MET G 176 -27.54 77.18 -25.59
C MET G 176 -27.95 77.95 -24.35
N ARG G 177 -27.66 79.25 -24.31
CA ARG G 177 -28.07 80.18 -23.27
C ARG G 177 -28.74 81.38 -23.91
N LEU G 178 -29.81 81.89 -23.32
CA LEU G 178 -30.63 82.97 -23.84
C LEU G 178 -31.12 83.90 -22.71
N ASP G 179 -31.24 85.21 -22.97
CA ASP G 179 -31.59 86.20 -21.93
C ASP G 179 -33.08 86.57 -21.86
N LEU G 180 -33.96 85.94 -22.65
CA LEU G 180 -35.37 85.80 -22.26
C LEU G 180 -35.46 84.97 -20.98
N ALA G 181 -36.30 85.38 -20.06
CA ALA G 181 -36.50 84.69 -18.80
C ALA G 181 -37.72 85.26 -18.09
N GLY G 182 -38.11 84.69 -16.96
CA GLY G 182 -39.28 85.12 -16.23
C GLY G 182 -39.33 86.62 -15.93
N ARG G 183 -38.18 87.31 -15.78
CA ARG G 183 -38.18 88.76 -15.59
C ARG G 183 -38.52 89.57 -16.83
N ASP G 184 -38.07 89.19 -18.01
CA ASP G 184 -38.36 89.99 -19.21
C ASP G 184 -39.71 89.65 -19.83
N LEU G 185 -40.27 88.48 -19.55
CA LEU G 185 -41.70 88.29 -19.73
C LEU G 185 -42.52 89.21 -18.79
N THR G 186 -42.05 89.43 -17.56
CA THR G 186 -42.77 90.28 -16.62
C THR G 186 -42.70 91.74 -17.05
N ASP G 187 -41.52 92.24 -17.37
CA ASP G 187 -41.39 93.61 -17.87
C ASP G 187 -42.15 93.85 -19.20
N TYR G 188 -42.28 92.83 -20.05
CA TYR G 188 -43.19 92.87 -21.19
C TYR G 188 -44.64 92.91 -20.74
N LEU G 189 -45.03 92.16 -19.73
CA LEU G 189 -46.41 92.17 -19.26
C LEU G 189 -46.85 93.59 -18.83
N MET G 190 -45.94 94.45 -18.38
CA MET G 190 -46.27 95.86 -18.13
C MET G 190 -46.63 96.65 -19.41
N LYS G 191 -45.81 96.51 -20.46
CA LYS G 191 -45.99 97.23 -21.75
C LYS G 191 -47.12 96.70 -22.62
N ILE G 192 -47.65 95.52 -22.33
CA ILE G 192 -48.97 95.12 -22.84
C ILE G 192 -50.13 95.50 -21.91
N LEU G 193 -49.97 95.49 -20.58
CA LEU G 193 -51.08 95.92 -19.69
C LEU G 193 -51.47 97.36 -19.95
N THR G 194 -50.50 98.18 -20.36
CA THR G 194 -50.70 99.56 -20.81
C THR G 194 -51.77 99.70 -21.92
N GLU G 195 -52.02 98.66 -22.74
CA GLU G 195 -53.06 98.70 -23.79
C GLU G 195 -54.46 98.95 -23.26
N ARG G 196 -54.82 98.36 -22.11
CA ARG G 196 -56.13 98.55 -21.48
C ARG G 196 -56.11 99.72 -20.50
N GLY G 197 -55.08 100.56 -20.55
CA GLY G 197 -54.99 101.77 -19.73
C GLY G 197 -54.35 101.58 -18.37
N TYR G 198 -54.34 100.35 -17.81
CA TYR G 198 -53.70 100.09 -16.52
C TYR G 198 -52.23 100.48 -16.56
N SER G 199 -51.66 100.89 -15.43
CA SER G 199 -50.29 101.37 -15.40
C SER G 199 -49.54 100.84 -14.17
N PHE G 200 -48.28 100.47 -14.40
CA PHE G 200 -47.36 99.97 -13.40
C PHE G 200 -45.98 100.44 -13.84
N VAL G 201 -45.37 101.34 -13.08
CA VAL G 201 -44.11 101.98 -13.46
C VAL G 201 -43.04 101.90 -12.39
N THR G 202 -43.37 101.41 -11.19
CA THR G 202 -42.48 101.50 -10.03
C THR G 202 -42.05 100.12 -9.53
N THR G 203 -40.87 100.06 -8.91
CA THR G 203 -40.31 98.80 -8.42
C THR G 203 -41.26 98.14 -7.42
N ALA G 204 -41.89 98.95 -6.56
CA ALA G 204 -42.85 98.53 -5.55
C ALA G 204 -44.15 97.91 -6.08
N GLU G 205 -44.48 98.03 -7.37
CA GLU G 205 -45.72 97.44 -7.94
C GLU G 205 -45.42 96.42 -9.03
N ARG G 206 -44.17 96.35 -9.50
CA ARG G 206 -43.68 95.33 -10.44
C ARG G 206 -43.94 93.90 -9.95
N GLU G 207 -43.82 93.66 -8.65
CA GLU G 207 -44.15 92.36 -8.03
C GLU G 207 -45.65 92.02 -8.09
N ILE G 208 -46.54 92.98 -8.35
CA ILE G 208 -47.97 92.69 -8.57
C ILE G 208 -48.13 92.16 -9.98
N VAL G 209 -47.48 92.79 -10.96
CA VAL G 209 -47.52 92.31 -12.35
C VAL G 209 -47.00 90.88 -12.40
N ARG G 210 -45.94 90.60 -11.65
CA ARG G 210 -45.39 89.25 -11.51
C ARG G 210 -46.38 88.24 -10.93
N ASP G 211 -47.38 88.65 -10.15
CA ASP G 211 -48.36 87.74 -9.57
C ASP G 211 -49.63 87.63 -10.43
N ILE G 212 -49.98 88.69 -11.16
CA ILE G 212 -50.99 88.65 -12.23
C ILE G 212 -50.55 87.62 -13.27
N LYS G 213 -49.27 87.67 -13.64
CA LYS G 213 -48.66 86.76 -14.60
C LYS G 213 -48.88 85.30 -14.20
N GLU G 214 -48.68 84.98 -12.93
CA GLU G 214 -48.67 83.59 -12.45
C GLU G 214 -50.04 82.92 -12.50
N LYS G 215 -51.09 83.60 -12.03
CA LYS G 215 -52.44 83.02 -11.95
C LYS G 215 -53.18 82.98 -13.28
N LEU G 216 -53.22 84.09 -14.02
CA LEU G 216 -54.06 84.20 -15.21
C LEU G 216 -53.50 83.54 -16.47
N CYS G 217 -52.19 83.54 -16.69
CA CYS G 217 -51.64 83.33 -18.04
C CYS G 217 -51.72 81.88 -18.53
N TYR G 218 -51.77 81.70 -19.85
CA TYR G 218 -51.73 80.38 -20.50
C TYR G 218 -51.24 80.50 -21.96
N VAL G 219 -50.87 79.37 -22.58
CA VAL G 219 -50.28 79.30 -23.93
C VAL G 219 -51.26 78.76 -24.98
N ALA G 220 -51.39 79.49 -26.09
CA ALA G 220 -52.12 79.02 -27.26
C ALA G 220 -51.34 77.95 -28.02
N LEU G 221 -51.99 76.89 -28.49
CA LEU G 221 -51.34 75.86 -29.32
C LEU G 221 -50.95 76.43 -30.70
N ASP G 222 -51.74 77.36 -31.19
CA ASP G 222 -51.47 78.16 -32.37
C ASP G 222 -51.96 79.58 -32.13
N PHE G 223 -51.10 80.55 -32.39
CA PHE G 223 -51.27 81.90 -31.89
C PHE G 223 -52.37 82.67 -32.63
N GLU G 224 -52.33 82.75 -33.95
CA GLU G 224 -53.23 83.66 -34.67
C GLU G 224 -54.71 83.23 -34.60
N ASN G 225 -55.05 81.96 -34.40
CA ASN G 225 -56.46 81.60 -34.30
C ASN G 225 -56.99 81.92 -32.89
N GLU G 226 -56.19 81.75 -31.82
CA GLU G 226 -56.62 82.21 -30.51
C GLU G 226 -56.62 83.74 -30.42
N MET G 227 -55.68 84.42 -31.09
CA MET G 227 -55.65 85.88 -31.21
C MET G 227 -56.93 86.42 -31.88
N ALA G 228 -57.39 85.78 -32.94
CA ALA G 228 -58.68 86.09 -33.55
C ALA G 228 -59.84 85.73 -32.61
N THR G 229 -59.76 84.59 -31.91
CA THR G 229 -60.82 84.12 -31.01
C THR G 229 -61.09 85.15 -29.91
N ALA G 230 -60.07 85.53 -29.14
CA ALA G 230 -60.24 86.47 -28.04
C ALA G 230 -60.36 87.94 -28.46
N ALA G 231 -60.10 88.27 -29.73
CA ALA G 231 -60.49 89.56 -30.31
C ALA G 231 -61.97 89.58 -30.72
N SER G 232 -62.59 88.42 -30.96
CA SER G 232 -63.98 88.29 -31.39
C SER G 232 -64.93 88.04 -30.22
N SER G 233 -64.55 87.16 -29.28
CA SER G 233 -65.39 86.75 -28.16
C SER G 233 -64.79 87.20 -26.82
N SER G 234 -65.58 87.84 -25.98
CA SER G 234 -65.20 88.17 -24.60
C SER G 234 -65.25 86.97 -23.63
N SER G 235 -65.65 85.78 -24.09
CA SER G 235 -65.80 84.59 -23.23
C SER G 235 -64.51 84.17 -22.53
N LEU G 236 -63.35 84.59 -23.04
CA LEU G 236 -62.05 84.27 -22.47
C LEU G 236 -61.66 85.21 -21.31
N GLU G 237 -62.20 86.42 -21.21
CA GLU G 237 -61.68 87.41 -20.25
C GLU G 237 -61.97 87.08 -18.78
N LYS G 238 -61.01 87.45 -17.93
CA LYS G 238 -61.01 87.21 -16.48
C LYS G 238 -60.55 88.46 -15.75
N SER G 239 -60.93 88.54 -14.48
CA SER G 239 -60.74 89.70 -13.65
C SER G 239 -59.91 89.36 -12.42
N TYR G 240 -59.18 90.35 -11.93
CA TYR G 240 -58.26 90.18 -10.82
C TYR G 240 -58.33 91.41 -9.91
N GLU G 241 -58.36 91.19 -8.60
CA GLU G 241 -58.34 92.25 -7.61
C GLU G 241 -56.90 92.63 -7.26
N LEU G 242 -56.50 93.87 -7.53
CA LEU G 242 -55.27 94.41 -6.97
C LEU G 242 -55.35 94.46 -5.44
N PRO G 243 -54.20 94.58 -4.74
CA PRO G 243 -54.16 94.82 -3.30
C PRO G 243 -54.97 96.03 -2.84
N ASP G 244 -55.03 97.08 -3.65
CA ASP G 244 -55.72 98.34 -3.33
C ASP G 244 -57.27 98.17 -3.42
N GLY G 245 -57.77 97.04 -3.92
CA GLY G 245 -59.19 96.71 -4.02
C GLY G 245 -59.79 97.02 -5.39
N GLN G 246 -59.00 97.68 -6.25
CA GLN G 246 -59.30 97.94 -7.65
C GLN G 246 -59.37 96.61 -8.43
N VAL G 247 -60.31 96.49 -9.36
CA VAL G 247 -60.38 95.35 -10.28
C VAL G 247 -59.76 95.74 -11.61
N ILE G 248 -58.86 94.91 -12.12
CA ILE G 248 -58.46 94.90 -13.53
C ILE G 248 -59.09 93.70 -14.24
N THR G 249 -59.24 93.79 -15.56
CA THR G 249 -59.82 92.76 -16.41
C THR G 249 -58.98 92.59 -17.66
N ILE G 250 -58.74 91.34 -18.07
CA ILE G 250 -57.76 91.00 -19.11
C ILE G 250 -58.33 89.97 -20.09
N GLY G 251 -58.17 90.19 -21.38
CA GLY G 251 -58.62 89.28 -22.44
C GLY G 251 -57.46 88.58 -23.15
N ASN G 252 -57.25 88.78 -24.47
CA ASN G 252 -56.17 88.07 -25.17
C ASN G 252 -54.78 88.29 -24.55
N GLU G 253 -54.64 89.36 -23.80
CA GLU G 253 -53.37 89.85 -23.28
C GLU G 253 -52.73 88.82 -22.35
N ARG G 254 -53.55 88.05 -21.61
CA ARG G 254 -53.04 86.95 -20.78
C ARG G 254 -52.46 85.75 -21.52
N PHE G 255 -52.58 85.63 -22.85
CA PHE G 255 -51.75 84.69 -23.63
C PHE G 255 -50.69 85.34 -24.49
N ARG G 256 -50.65 86.67 -24.67
CA ARG G 256 -49.49 87.28 -25.33
C ARG G 256 -48.20 87.26 -24.53
N CYS G 257 -48.16 87.29 -23.20
CA CYS G 257 -46.86 87.35 -22.53
C CYS G 257 -46.02 86.06 -22.66
N PRO G 258 -46.55 84.82 -22.56
CA PRO G 258 -45.71 83.65 -22.82
C PRO G 258 -45.35 83.50 -24.30
N GLU G 259 -46.10 84.08 -25.24
CA GLU G 259 -45.78 83.87 -26.66
C GLU G 259 -44.45 84.50 -27.05
N THR G 260 -43.94 85.48 -26.31
CA THR G 260 -42.62 86.04 -26.62
C THR G 260 -41.47 85.03 -26.40
N LEU G 261 -41.68 83.95 -25.63
CA LEU G 261 -40.75 82.82 -25.56
C LEU G 261 -40.58 82.10 -26.90
N PHE G 262 -41.63 82.05 -27.71
CA PHE G 262 -41.62 81.37 -28.98
C PHE G 262 -41.37 82.31 -30.15
N GLN G 263 -41.45 83.64 -29.95
CA GLN G 263 -41.30 84.64 -31.03
C GLN G 263 -40.58 85.91 -30.52
N PRO G 264 -39.28 85.85 -30.16
CA PRO G 264 -38.56 86.96 -29.52
C PRO G 264 -38.44 88.25 -30.32
N SER G 265 -38.84 88.27 -31.59
CA SER G 265 -39.02 89.50 -32.35
C SER G 265 -40.05 90.43 -31.69
N PHE G 266 -41.03 89.90 -30.94
CA PHE G 266 -41.99 90.73 -30.22
C PHE G 266 -41.34 91.66 -29.19
N ILE G 267 -40.17 91.30 -28.65
CA ILE G 267 -39.37 92.19 -27.79
C ILE G 267 -38.10 92.70 -28.49
N GLY G 268 -37.99 92.51 -29.81
CA GLY G 268 -36.92 93.02 -30.66
C GLY G 268 -35.61 92.23 -30.65
N MET G 269 -35.59 90.99 -30.17
CA MET G 269 -34.37 90.16 -30.22
C MET G 269 -34.22 89.48 -31.60
N GLU G 270 -32.98 89.26 -32.05
CA GLU G 270 -32.68 88.37 -33.19
C GLU G 270 -32.85 86.88 -32.87
N SER G 271 -32.35 86.44 -31.72
CA SER G 271 -32.22 85.03 -31.37
C SER G 271 -33.57 84.31 -31.22
N ALA G 272 -33.52 82.98 -31.33
CA ALA G 272 -34.65 82.18 -31.78
C ALA G 272 -35.74 81.82 -30.75
N GLY G 273 -35.49 81.99 -29.45
CA GLY G 273 -36.39 81.51 -28.38
C GLY G 273 -36.60 79.99 -28.31
N ILE G 274 -37.50 79.56 -27.44
CA ILE G 274 -37.41 78.23 -26.82
C ILE G 274 -37.65 77.01 -27.71
N HIS G 275 -38.63 76.93 -28.61
CA HIS G 275 -38.69 75.71 -29.43
C HIS G 275 -37.52 75.70 -30.41
N GLU G 276 -37.29 76.81 -31.10
CA GLU G 276 -36.28 76.87 -32.17
C GLU G 276 -34.86 76.68 -31.63
N THR G 277 -34.50 77.23 -30.45
CA THR G 277 -33.19 76.91 -29.85
C THR G 277 -33.13 75.50 -29.33
N THR G 278 -34.22 74.90 -28.85
CA THR G 278 -34.18 73.50 -28.43
C THR G 278 -33.81 72.65 -29.64
N TYR G 279 -34.46 72.85 -30.77
CA TYR G 279 -34.13 72.09 -31.97
C TYR G 279 -32.69 72.35 -32.42
N ASN G 280 -32.24 73.61 -32.52
CA ASN G 280 -30.86 73.89 -32.92
C ASN G 280 -29.82 73.33 -31.95
N SER G 281 -30.12 73.26 -30.66
CA SER G 281 -29.24 72.58 -29.73
C SER G 281 -29.15 71.09 -30.01
N ILE G 282 -30.27 70.43 -30.33
CA ILE G 282 -30.23 69.00 -30.68
C ILE G 282 -29.39 68.78 -31.94
N MET G 283 -29.54 69.61 -32.96
CA MET G 283 -28.79 69.44 -34.20
C MET G 283 -27.28 69.55 -34.00
N LYS G 284 -26.78 70.35 -33.04
CA LYS G 284 -25.34 70.42 -32.75
C LYS G 284 -24.70 69.16 -32.15
N CYS G 285 -25.46 68.26 -31.54
CA CYS G 285 -24.95 66.92 -31.21
C CYS G 285 -24.79 66.07 -32.50
N ASP G 286 -23.86 65.11 -32.56
CA ASP G 286 -23.75 64.21 -33.73
C ASP G 286 -24.86 63.14 -33.82
N ILE G 287 -25.07 62.62 -35.03
CA ILE G 287 -26.38 62.11 -35.47
C ILE G 287 -26.84 60.89 -34.67
N ASP G 288 -25.93 60.06 -34.17
CA ASP G 288 -26.34 58.74 -33.70
C ASP G 288 -27.13 58.72 -32.39
N ILE G 289 -27.07 59.82 -31.64
CA ILE G 289 -27.83 60.08 -30.42
C ILE G 289 -29.05 60.99 -30.57
N ARG G 290 -29.26 61.67 -31.69
CA ARG G 290 -30.33 62.67 -31.80
C ARG G 290 -31.71 62.10 -31.54
N LYS G 291 -32.00 60.84 -31.87
CA LYS G 291 -33.35 60.31 -31.63
C LYS G 291 -33.74 60.24 -30.14
N ASP G 292 -32.80 59.91 -29.26
CA ASP G 292 -33.11 59.88 -27.82
C ASP G 292 -33.29 61.30 -27.28
N LEU G 293 -32.58 62.30 -27.83
CA LEU G 293 -32.86 63.67 -27.46
C LEU G 293 -34.28 64.06 -27.87
N TYR G 294 -34.74 63.71 -29.08
CA TYR G 294 -36.12 63.95 -29.47
C TYR G 294 -37.14 63.21 -28.60
N ALA G 295 -36.79 62.06 -28.04
CA ALA G 295 -37.60 61.35 -27.05
C ALA G 295 -37.61 61.99 -25.65
N ASN G 296 -36.50 62.57 -25.24
CA ASN G 296 -36.31 63.05 -23.88
C ASN G 296 -36.14 64.56 -23.72
N ASN G 297 -37.16 65.34 -24.04
CA ASN G 297 -37.21 66.75 -23.58
C ASN G 297 -37.78 66.83 -22.17
N VAL G 298 -37.06 67.47 -21.26
CA VAL G 298 -37.52 67.70 -19.88
C VAL G 298 -37.72 69.19 -19.66
N MET G 299 -38.92 69.61 -19.27
CA MET G 299 -39.19 70.98 -18.83
C MET G 299 -38.61 71.21 -17.43
N SER G 300 -38.06 72.38 -17.12
CA SER G 300 -37.50 72.64 -15.79
C SER G 300 -37.55 74.13 -15.41
N GLY G 301 -37.76 74.43 -14.13
CA GLY G 301 -37.80 75.81 -13.65
C GLY G 301 -39.14 76.50 -13.89
N GLY G 302 -39.38 77.60 -13.17
CA GLY G 302 -40.70 78.22 -13.03
C GLY G 302 -41.24 78.84 -14.31
N THR G 303 -40.39 79.39 -15.18
CA THR G 303 -40.82 79.94 -16.47
C THR G 303 -41.41 78.88 -17.42
N THR G 304 -41.30 77.58 -17.10
CA THR G 304 -42.03 76.52 -17.80
C THR G 304 -43.39 76.13 -17.20
N MET G 305 -43.93 76.88 -16.24
CA MET G 305 -45.19 76.48 -15.58
C MET G 305 -46.49 76.80 -16.32
N TYR G 306 -46.48 77.61 -17.38
CA TYR G 306 -47.70 78.02 -18.08
C TYR G 306 -48.60 76.85 -18.54
N PRO G 307 -49.92 76.89 -18.30
CA PRO G 307 -50.83 75.91 -18.83
C PRO G 307 -50.72 75.84 -20.35
N GLY G 308 -50.65 74.63 -20.90
CA GLY G 308 -50.61 74.39 -22.35
C GLY G 308 -49.23 74.52 -22.99
N ILE G 309 -48.17 74.93 -22.28
CA ILE G 309 -46.82 75.00 -22.89
C ILE G 309 -46.25 73.63 -23.23
N ALA G 310 -46.59 72.57 -22.49
CA ALA G 310 -46.16 71.22 -22.82
C ALA G 310 -46.68 70.84 -24.21
N ASP G 311 -47.97 71.00 -24.46
CA ASP G 311 -48.57 70.75 -25.76
C ASP G 311 -48.05 71.69 -26.85
N ARG G 312 -47.70 72.95 -26.53
CA ARG G 312 -47.11 73.85 -27.52
C ARG G 312 -45.72 73.40 -27.94
N MET G 313 -44.88 72.95 -27.01
CA MET G 313 -43.59 72.38 -27.39
C MET G 313 -43.78 71.11 -28.21
N GLN G 314 -44.65 70.20 -27.79
CA GLN G 314 -44.82 68.95 -28.52
C GLN G 314 -45.35 69.20 -29.93
N LYS G 315 -46.35 70.07 -30.09
CA LYS G 315 -46.81 70.47 -31.41
C LYS G 315 -45.71 71.16 -32.21
N GLU G 316 -45.10 72.23 -31.71
CA GLU G 316 -44.25 73.05 -32.58
C GLU G 316 -42.84 72.46 -32.75
N ILE G 317 -42.38 71.51 -31.93
CA ILE G 317 -41.22 70.69 -32.31
C ILE G 317 -41.62 69.70 -33.38
N THR G 318 -42.83 69.12 -33.33
CA THR G 318 -43.26 68.19 -34.40
C THR G 318 -43.25 68.86 -35.77
N ALA G 319 -43.44 70.18 -35.86
CA ALA G 319 -43.27 70.91 -37.11
C ALA G 319 -41.80 71.03 -37.60
N LEU G 320 -40.81 70.94 -36.73
CA LEU G 320 -39.39 71.11 -37.06
C LEU G 320 -38.66 69.77 -37.17
N ALA G 321 -39.08 68.76 -36.41
CA ALA G 321 -38.58 67.41 -36.55
C ALA G 321 -39.15 66.67 -37.77
N PRO G 322 -38.40 65.71 -38.37
CA PRO G 322 -38.90 64.78 -39.38
C PRO G 322 -40.06 63.89 -38.93
N SER G 323 -41.01 63.63 -39.82
CA SER G 323 -42.25 62.87 -39.53
C SER G 323 -42.05 61.39 -39.16
N THR G 324 -40.83 60.87 -39.28
CA THR G 324 -40.45 59.49 -38.92
C THR G 324 -40.30 59.32 -37.39
N MET G 325 -40.09 60.42 -36.67
CA MET G 325 -39.94 60.49 -35.23
C MET G 325 -41.17 60.17 -34.40
N LYS G 326 -40.86 60.07 -33.10
CA LYS G 326 -41.76 60.17 -31.96
C LYS G 326 -41.15 61.34 -31.16
N ILE G 327 -41.91 62.42 -30.92
CA ILE G 327 -41.44 63.59 -30.18
C ILE G 327 -42.22 63.67 -28.91
N LYS G 328 -41.48 63.72 -27.80
CA LYS G 328 -42.05 63.67 -26.47
C LYS G 328 -41.56 64.79 -25.57
N ILE G 329 -42.53 65.41 -24.91
CA ILE G 329 -42.30 66.38 -23.85
C ILE G 329 -42.64 65.74 -22.52
N ILE G 330 -41.69 65.81 -21.61
CA ILE G 330 -41.87 65.35 -20.25
C ILE G 330 -42.08 66.64 -19.47
N ALA G 331 -43.29 66.81 -18.93
CA ALA G 331 -43.66 68.02 -18.21
C ALA G 331 -44.28 67.65 -16.86
N PRO G 332 -43.46 67.39 -15.84
CA PRO G 332 -43.95 67.00 -14.52
C PRO G 332 -44.51 68.22 -13.77
N PRO G 333 -45.51 68.04 -12.90
CA PRO G 333 -46.15 69.14 -12.19
C PRO G 333 -45.27 69.78 -11.12
N GLU G 334 -44.36 69.00 -10.56
CA GLU G 334 -43.39 69.44 -9.56
C GLU G 334 -42.34 70.41 -10.11
N ARG G 335 -42.28 70.59 -11.43
CA ARG G 335 -41.10 71.12 -12.13
C ARG G 335 -40.58 72.46 -11.65
N LYS G 336 -41.42 73.31 -11.07
CA LYS G 336 -40.98 74.63 -10.56
C LYS G 336 -39.78 74.52 -9.60
N TYR G 337 -39.65 73.38 -8.93
CA TYR G 337 -38.57 73.05 -7.97
C TYR G 337 -37.53 72.06 -8.46
N SER G 338 -37.64 71.56 -9.67
CA SER G 338 -36.82 70.43 -10.14
C SER G 338 -35.32 70.70 -10.11
N VAL G 339 -34.83 71.93 -10.28
CA VAL G 339 -33.40 72.22 -10.09
C VAL G 339 -32.95 72.03 -8.66
N TRP G 340 -33.77 72.40 -7.68
CA TRP G 340 -33.44 72.17 -6.28
C TRP G 340 -33.59 70.72 -5.92
N ILE G 341 -34.60 70.04 -6.41
CA ILE G 341 -34.76 68.61 -6.15
C ILE G 341 -33.55 67.87 -6.69
N GLY G 342 -33.11 68.25 -7.89
CA GLY G 342 -31.95 67.64 -8.49
C GLY G 342 -30.71 67.80 -7.63
N GLY G 343 -30.47 68.98 -7.07
CA GLY G 343 -29.33 69.15 -6.17
C GLY G 343 -29.48 68.36 -4.87
N SER G 344 -30.71 68.15 -4.39
CA SER G 344 -30.99 67.35 -3.21
C SER G 344 -30.66 65.88 -3.45
N ILE G 345 -30.79 65.40 -4.69
CA ILE G 345 -30.31 64.07 -5.04
C ILE G 345 -28.79 64.13 -5.12
N LEU G 346 -28.22 65.05 -5.91
CA LEU G 346 -26.79 65.07 -6.17
C LEU G 346 -25.95 65.11 -4.90
N ALA G 347 -26.22 66.05 -4.00
CA ALA G 347 -25.42 66.22 -2.80
C ALA G 347 -25.55 65.05 -1.81
N SER G 348 -26.50 64.15 -2.07
CA SER G 348 -26.66 62.94 -1.30
C SER G 348 -25.92 61.73 -1.92
N LEU G 349 -25.42 61.78 -3.17
CA LEU G 349 -24.73 60.61 -3.77
C LEU G 349 -23.38 60.40 -3.08
N SER G 350 -23.11 59.18 -2.63
CA SER G 350 -21.83 58.88 -1.99
C SER G 350 -20.64 59.13 -2.93
N THR G 351 -20.78 58.78 -4.21
CA THR G 351 -19.70 58.99 -5.18
C THR G 351 -19.37 60.48 -5.29
N PHE G 352 -20.34 61.35 -5.05
CA PHE G 352 -20.12 62.77 -5.06
C PHE G 352 -19.25 63.27 -3.92
N GLN G 353 -19.19 62.60 -2.77
CA GLN G 353 -18.46 63.15 -1.61
C GLN G 353 -16.97 63.41 -1.83
N GLN G 354 -16.32 62.74 -2.76
CA GLN G 354 -14.92 63.04 -3.05
C GLN G 354 -14.76 64.43 -3.71
N MET G 355 -15.83 64.94 -4.32
CA MET G 355 -15.77 66.04 -5.28
C MET G 355 -15.56 67.41 -4.64
N TRP G 356 -16.00 67.62 -3.40
CA TRP G 356 -16.03 68.94 -2.75
C TRP G 356 -14.71 69.68 -2.84
N ILE G 357 -14.75 70.99 -3.04
CA ILE G 357 -13.66 71.85 -2.65
C ILE G 357 -13.76 72.03 -1.14
N THR G 358 -12.82 71.51 -0.36
CA THR G 358 -12.74 71.84 1.06
C THR G 358 -11.99 73.16 1.27
N LYS G 359 -12.24 73.84 2.40
CA LYS G 359 -11.47 75.03 2.76
C LYS G 359 -9.99 74.74 2.85
N GLN G 360 -9.61 73.55 3.31
CA GLN G 360 -8.20 73.19 3.43
C GLN G 360 -7.53 73.17 2.04
N GLU G 361 -8.24 72.75 0.99
CA GLU G 361 -7.72 72.81 -0.36
C GLU G 361 -7.67 74.24 -0.87
N TYR G 362 -8.72 75.01 -0.63
CA TYR G 362 -8.75 76.42 -1.02
C TYR G 362 -7.64 77.24 -0.32
N ASP G 363 -7.39 77.00 0.96
CA ASP G 363 -6.32 77.66 1.72
C ASP G 363 -4.93 77.36 1.14
N GLU G 364 -4.78 76.24 0.44
CA GLU G 364 -3.55 75.93 -0.28
C GLU G 364 -3.51 76.60 -1.66
N ALA G 365 -4.61 76.50 -2.42
CA ALA G 365 -4.60 76.85 -3.84
C ALA G 365 -5.04 78.29 -4.16
N GLY G 366 -5.76 78.96 -3.26
CA GLY G 366 -6.38 80.26 -3.53
C GLY G 366 -7.70 80.16 -4.31
N PRO G 367 -8.36 81.29 -4.59
CA PRO G 367 -9.67 81.34 -5.27
C PRO G 367 -9.65 80.83 -6.72
N SER G 368 -8.48 80.71 -7.35
CA SER G 368 -8.32 80.10 -8.68
C SER G 368 -8.68 78.61 -8.73
N ILE G 369 -8.92 77.96 -7.59
CA ILE G 369 -9.28 76.52 -7.49
C ILE G 369 -10.55 76.11 -8.24
N VAL G 370 -11.53 77.00 -8.47
CA VAL G 370 -12.90 76.55 -8.79
C VAL G 370 -12.94 75.72 -10.06
N HIS G 371 -12.42 76.29 -11.14
CA HIS G 371 -12.35 75.68 -12.47
C HIS G 371 -11.46 74.43 -12.50
N ARG G 372 -10.54 74.35 -11.54
CA ARG G 372 -9.41 73.41 -11.48
C ARG G 372 -9.84 72.05 -10.93
N LYS G 373 -10.60 72.03 -9.82
CA LYS G 373 -11.18 70.79 -9.25
C LYS G 373 -12.68 70.62 -9.50
N CYS G 374 -13.45 71.70 -9.41
CA CYS G 374 -14.91 71.63 -9.47
C CYS G 374 -15.42 71.54 -10.92
N PHE G 375 -16.74 71.46 -11.06
CA PHE G 375 -17.51 70.99 -12.20
C PHE G 375 -17.26 71.85 -13.46
N GLU H 4 -7.01 93.31 -76.00
CA GLU H 4 -7.50 91.95 -75.72
C GLU H 4 -8.48 91.95 -74.54
N THR H 5 -9.46 91.04 -74.51
CA THR H 5 -10.44 90.94 -73.42
C THR H 5 -9.85 90.31 -72.15
N THR H 6 -9.70 91.08 -71.08
CA THR H 6 -9.37 90.59 -69.74
C THR H 6 -10.57 89.92 -69.07
N ALA H 7 -10.38 88.89 -68.27
CA ALA H 7 -11.46 88.37 -67.44
C ALA H 7 -11.61 89.18 -66.14
N LEU H 8 -12.80 89.16 -65.54
CA LEU H 8 -12.97 89.37 -64.11
C LEU H 8 -12.69 88.07 -63.33
N VAL H 9 -12.14 88.17 -62.14
CA VAL H 9 -11.98 87.04 -61.20
C VAL H 9 -12.66 87.35 -59.89
N CYS H 10 -13.53 86.48 -59.40
CA CYS H 10 -14.45 86.77 -58.31
C CYS H 10 -14.53 85.60 -57.29
N ASP H 11 -13.82 85.72 -56.15
CA ASP H 11 -13.62 84.62 -55.22
C ASP H 11 -14.83 84.45 -54.32
N ASN H 12 -15.75 83.57 -54.69
CA ASN H 12 -16.91 83.23 -53.85
C ASN H 12 -16.50 82.84 -52.42
N GLY H 13 -15.32 82.23 -52.26
CA GLY H 13 -14.64 82.14 -50.96
C GLY H 13 -15.55 81.64 -49.86
N SER H 14 -15.46 82.28 -48.70
CA SER H 14 -16.52 82.45 -47.71
C SER H 14 -16.25 83.75 -46.94
N GLY H 15 -17.26 84.40 -46.39
CA GLY H 15 -17.08 85.53 -45.46
C GLY H 15 -16.69 86.84 -46.14
N LEU H 16 -15.75 86.83 -47.08
CA LEU H 16 -15.48 87.92 -48.03
C LEU H 16 -15.62 87.41 -49.46
N VAL H 17 -16.07 88.29 -50.36
CA VAL H 17 -15.83 88.15 -51.80
C VAL H 17 -14.69 89.07 -52.21
N LYS H 18 -13.73 88.54 -52.96
CA LYS H 18 -12.52 89.26 -53.38
C LYS H 18 -12.54 89.28 -54.91
N ALA H 19 -12.55 90.46 -55.55
CA ALA H 19 -12.77 90.53 -56.99
C ALA H 19 -12.01 91.65 -57.73
N GLY H 20 -11.79 91.48 -59.04
CA GLY H 20 -10.99 92.39 -59.85
C GLY H 20 -10.67 91.85 -61.25
N PHE H 21 -9.83 92.57 -61.99
CA PHE H 21 -9.50 92.36 -63.41
C PHE H 21 -8.23 91.53 -63.61
N ALA H 22 -8.22 90.69 -64.65
CA ALA H 22 -7.15 89.72 -64.87
C ALA H 22 -5.79 90.38 -65.06
N GLY H 23 -4.78 89.83 -64.38
CA GLY H 23 -3.37 90.18 -64.47
C GLY H 23 -2.95 91.26 -63.46
N ASP H 24 -3.91 92.03 -62.92
CA ASP H 24 -3.66 93.02 -61.87
C ASP H 24 -3.31 92.38 -60.51
N ASP H 25 -2.65 93.16 -59.66
CA ASP H 25 -1.80 92.66 -58.58
C ASP H 25 -2.52 92.57 -57.23
N ALA H 26 -3.73 93.10 -57.13
CA ALA H 26 -4.62 93.00 -55.97
C ALA H 26 -6.08 93.12 -56.45
N PRO H 27 -7.06 92.55 -55.72
CA PRO H 27 -8.45 92.74 -56.09
C PRO H 27 -8.86 94.20 -55.90
N ARG H 28 -9.67 94.70 -56.83
CA ARG H 28 -10.23 96.05 -56.80
C ARG H 28 -11.35 96.17 -55.76
N ALA H 29 -12.02 95.07 -55.47
CA ALA H 29 -13.18 94.99 -54.58
C ALA H 29 -12.96 93.90 -53.53
N VAL H 30 -12.94 94.31 -52.27
CA VAL H 30 -12.76 93.42 -51.11
C VAL H 30 -13.77 93.79 -50.06
N PHE H 31 -14.80 92.96 -49.92
CA PHE H 31 -15.94 93.29 -49.07
C PHE H 31 -16.56 92.04 -48.47
N PRO H 32 -17.24 92.15 -47.32
CA PRO H 32 -17.83 90.98 -46.70
C PRO H 32 -18.97 90.49 -47.57
N SER H 33 -19.07 89.17 -47.71
CA SER H 33 -20.03 88.51 -48.59
C SER H 33 -21.42 88.43 -47.93
N ILE H 34 -21.97 89.60 -47.58
CA ILE H 34 -23.02 89.73 -46.55
C ILE H 34 -24.21 90.58 -47.00
N VAL H 35 -25.41 90.11 -46.69
CA VAL H 35 -26.68 90.74 -47.06
C VAL H 35 -27.47 91.11 -45.80
N GLY H 36 -27.90 92.37 -45.68
CA GLY H 36 -28.61 92.89 -44.50
C GLY H 36 -30.08 93.24 -44.75
N ARG H 37 -30.97 92.80 -43.84
CA ARG H 37 -32.40 93.19 -43.74
C ARG H 37 -32.78 93.76 -42.36
N PRO H 38 -33.69 94.74 -42.27
CA PRO H 38 -34.13 95.32 -41.00
C PRO H 38 -35.09 94.39 -40.23
N ARG H 39 -34.96 94.31 -38.90
CA ARG H 39 -35.77 93.44 -38.02
C ARG H 39 -36.96 94.17 -37.37
N HIS H 40 -36.88 95.48 -37.16
CA HIS H 40 -37.91 96.29 -36.52
C HIS H 40 -39.05 96.76 -37.44
N GLN H 41 -40.07 97.34 -36.83
CA GLN H 41 -41.05 98.22 -37.48
C GLN H 41 -40.44 99.62 -37.75
N GLY H 42 -40.46 100.09 -39.00
CA GLY H 42 -39.81 101.34 -39.43
C GLY H 42 -40.58 102.61 -39.02
N VAL H 43 -39.88 103.59 -38.42
CA VAL H 43 -40.51 104.75 -37.75
C VAL H 43 -40.35 106.08 -38.48
N MET H 44 -39.17 106.44 -39.00
CA MET H 44 -39.11 107.57 -39.96
C MET H 44 -39.90 107.18 -41.22
N VAL H 45 -40.42 108.17 -41.96
CA VAL H 45 -41.32 107.97 -43.11
C VAL H 45 -40.76 108.63 -44.36
N GLY H 46 -40.95 107.99 -45.52
CA GLY H 46 -40.60 108.55 -46.84
C GLY H 46 -39.12 108.50 -47.19
N MET H 47 -38.33 107.71 -46.45
CA MET H 47 -36.88 107.81 -46.38
C MET H 47 -36.14 107.43 -47.68
N GLY H 48 -36.80 106.70 -48.60
CA GLY H 48 -36.10 105.89 -49.59
C GLY H 48 -35.54 104.61 -48.95
N GLN H 49 -36.32 104.00 -48.04
CA GLN H 49 -36.06 102.68 -47.47
C GLN H 49 -35.83 101.65 -48.58
N LYS H 50 -34.98 100.64 -48.31
CA LYS H 50 -34.51 99.68 -49.31
C LYS H 50 -34.63 98.26 -48.79
N ASP H 51 -35.04 97.36 -49.69
CA ASP H 51 -35.31 95.94 -49.45
C ASP H 51 -34.20 95.26 -48.66
N SER H 52 -32.96 95.44 -49.10
CA SER H 52 -31.78 94.84 -48.51
C SER H 52 -30.54 95.67 -48.85
N TYR H 53 -29.49 95.55 -48.03
CA TYR H 53 -28.22 96.23 -48.25
C TYR H 53 -27.12 95.18 -48.42
N VAL H 54 -26.16 95.47 -49.30
CA VAL H 54 -25.14 94.50 -49.72
C VAL H 54 -23.74 95.03 -49.38
N GLY H 55 -22.90 94.19 -48.76
CA GLY H 55 -21.50 94.53 -48.59
C GLY H 55 -21.28 95.65 -47.59
N ASP H 56 -20.51 96.69 -47.96
CA ASP H 56 -20.06 97.74 -47.03
C ASP H 56 -21.22 98.52 -46.35
N GLU H 57 -22.38 98.60 -47.01
CA GLU H 57 -23.59 99.22 -46.44
C GLU H 57 -24.16 98.39 -45.30
N ALA H 58 -24.32 97.08 -45.50
CA ALA H 58 -24.81 96.19 -44.47
C ALA H 58 -23.87 96.16 -43.25
N GLN H 59 -22.55 96.35 -43.43
CA GLN H 59 -21.66 96.57 -42.29
C GLN H 59 -21.86 97.94 -41.61
N SER H 60 -22.05 99.01 -42.38
CA SER H 60 -22.14 100.38 -41.87
C SER H 60 -23.42 100.60 -41.05
N LYS H 61 -24.55 100.07 -41.53
CA LYS H 61 -25.86 100.16 -40.85
C LYS H 61 -26.11 99.02 -39.87
N ARG H 62 -25.08 98.28 -39.46
CA ARG H 62 -25.28 96.94 -38.87
C ARG H 62 -26.11 96.90 -37.60
N GLY H 63 -26.12 97.93 -36.75
CA GLY H 63 -26.91 97.86 -35.51
C GLY H 63 -28.44 97.80 -35.74
N ILE H 64 -28.91 98.28 -36.90
CA ILE H 64 -30.34 98.37 -37.25
C ILE H 64 -30.80 97.14 -38.07
N LEU H 65 -29.84 96.36 -38.60
CA LEU H 65 -30.06 95.24 -39.51
C LEU H 65 -29.73 93.89 -38.85
N THR H 66 -30.28 92.82 -39.42
CA THR H 66 -29.82 91.45 -39.23
C THR H 66 -29.04 91.04 -40.46
N LEU H 67 -27.83 90.55 -40.25
CA LEU H 67 -26.87 90.27 -41.30
C LEU H 67 -26.92 88.78 -41.59
N LYS H 68 -27.16 88.43 -42.83
CA LYS H 68 -27.10 87.06 -43.33
C LYS H 68 -25.89 86.87 -44.21
N TYR H 69 -25.17 85.78 -43.95
CA TYR H 69 -24.28 85.19 -44.93
C TYR H 69 -25.06 84.15 -45.75
N PRO H 70 -25.08 84.24 -47.09
CA PRO H 70 -25.66 83.21 -47.97
C PRO H 70 -24.77 81.97 -48.10
N ILE H 71 -23.52 82.04 -47.62
CA ILE H 71 -22.50 80.97 -47.63
C ILE H 71 -22.24 80.42 -46.22
N GLU H 72 -22.27 79.11 -46.07
CA GLU H 72 -21.81 78.39 -44.88
C GLU H 72 -21.03 77.15 -45.30
N HIC H 73 -19.88 76.87 -44.68
CA HIC H 73 -19.00 75.74 -45.05
C HIC H 73 -18.59 75.72 -46.54
O HIC H 73 -18.44 74.66 -47.15
N GLY H 74 -18.40 76.90 -47.16
CA GLY H 74 -18.23 77.07 -48.61
C GLY H 74 -19.40 76.62 -49.51
N ILE H 75 -20.59 76.34 -48.97
CA ILE H 75 -21.82 75.97 -49.69
C ILE H 75 -22.73 77.20 -49.69
N ILE H 76 -23.27 77.62 -50.84
CA ILE H 76 -24.32 78.65 -50.85
C ILE H 76 -25.64 78.00 -50.45
N THR H 77 -26.27 78.46 -49.36
CA THR H 77 -27.57 77.97 -48.86
C THR H 77 -28.72 78.93 -49.07
N ASN H 78 -28.47 80.20 -49.47
CA ASN H 78 -29.54 81.15 -49.74
C ASN H 78 -29.21 81.96 -51.01
N TRP H 79 -29.88 81.61 -52.10
CA TRP H 79 -29.41 81.91 -53.45
C TRP H 79 -29.69 83.35 -53.86
N ASP H 80 -30.80 83.91 -53.38
CA ASP H 80 -31.27 85.24 -53.80
C ASP H 80 -30.42 86.35 -53.19
N ASP H 81 -29.90 86.12 -51.98
CA ASP H 81 -28.92 87.01 -51.39
C ASP H 81 -27.58 86.95 -52.12
N MET H 82 -27.05 85.75 -52.41
CA MET H 82 -25.84 85.67 -53.20
C MET H 82 -26.01 86.38 -54.54
N GLU H 83 -27.19 86.24 -55.16
CA GLU H 83 -27.46 86.92 -56.42
C GLU H 83 -27.35 88.42 -56.24
N LYS H 84 -27.79 88.97 -55.10
CA LYS H 84 -27.61 90.38 -54.76
C LYS H 84 -26.15 90.76 -54.57
N ILE H 85 -25.30 89.85 -54.08
CA ILE H 85 -23.87 90.14 -53.95
C ILE H 85 -23.23 90.28 -55.33
N TRP H 86 -23.44 89.33 -56.24
CA TRP H 86 -22.90 89.39 -57.60
C TRP H 86 -23.44 90.60 -58.37
N HIS H 87 -24.74 90.85 -58.26
CA HIS H 87 -25.44 91.99 -58.83
C HIS H 87 -24.81 93.31 -58.41
N HIS H 88 -24.54 93.47 -57.11
CA HIS H 88 -23.79 94.62 -56.62
C HIS H 88 -22.36 94.64 -57.17
N THR H 89 -21.72 93.48 -57.29
CA THR H 89 -20.31 93.36 -57.67
C THR H 89 -20.07 93.90 -59.07
N PHE H 90 -20.82 93.43 -60.08
CA PHE H 90 -20.69 93.96 -61.45
C PHE H 90 -21.19 95.39 -61.54
N TYR H 91 -22.43 95.66 -61.12
CA TYR H 91 -23.09 96.88 -61.55
C TYR H 91 -22.60 98.09 -60.76
N ASN H 92 -22.42 97.94 -59.45
CA ASN H 92 -21.93 99.03 -58.61
C ASN H 92 -20.43 98.96 -58.33
N GLU H 93 -19.88 97.79 -58.01
CA GLU H 93 -18.59 97.78 -57.28
C GLU H 93 -17.34 97.75 -58.18
N LEU H 94 -17.30 96.84 -59.15
CA LEU H 94 -16.33 96.84 -60.26
C LEU H 94 -16.78 97.76 -61.40
N ARG H 95 -18.09 98.04 -61.49
CA ARG H 95 -18.72 99.06 -62.33
C ARG H 95 -18.48 98.84 -63.83
N VAL H 96 -18.69 97.61 -64.30
CA VAL H 96 -18.51 97.15 -65.69
C VAL H 96 -19.63 96.17 -66.06
N ALA H 97 -20.13 96.24 -67.29
CA ALA H 97 -21.26 95.43 -67.74
C ALA H 97 -20.79 93.98 -68.04
N PRO H 98 -21.41 92.97 -67.42
CA PRO H 98 -20.87 91.62 -67.40
C PRO H 98 -20.88 90.87 -68.74
N GLU H 99 -21.63 91.28 -69.76
CA GLU H 99 -21.47 90.71 -71.11
C GLU H 99 -20.13 91.03 -71.79
N GLU H 100 -19.36 92.03 -71.35
CA GLU H 100 -18.27 92.53 -72.22
C GLU H 100 -17.08 91.56 -72.33
N HIS H 101 -16.71 90.88 -71.26
CA HIS H 101 -15.53 90.01 -71.19
C HIS H 101 -15.68 88.94 -70.09
N PRO H 102 -14.87 87.87 -70.08
CA PRO H 102 -15.15 86.68 -69.27
C PRO H 102 -15.14 86.92 -67.76
N THR H 103 -15.66 85.98 -66.97
CA THR H 103 -15.63 86.04 -65.50
C THR H 103 -15.27 84.68 -64.92
N LEU H 104 -14.49 84.66 -63.84
CA LEU H 104 -13.90 83.44 -63.29
C LEU H 104 -14.34 83.29 -61.84
N LEU H 105 -14.69 82.06 -61.46
CA LEU H 105 -15.32 81.71 -60.20
C LEU H 105 -14.50 80.62 -59.53
N THR H 106 -14.63 80.55 -58.22
CA THR H 106 -13.79 79.74 -57.34
C THR H 106 -14.65 78.83 -56.48
N GLU H 107 -14.14 77.65 -56.15
CA GLU H 107 -14.92 76.56 -55.59
C GLU H 107 -14.09 75.74 -54.59
N ALA H 108 -14.70 75.28 -53.49
CA ALA H 108 -14.06 74.32 -52.60
C ALA H 108 -14.08 72.91 -53.20
N PRO H 109 -13.01 72.11 -53.06
CA PRO H 109 -12.98 70.73 -53.53
C PRO H 109 -13.94 69.82 -52.78
N LEU H 110 -14.29 68.71 -53.43
CA LEU H 110 -15.13 67.61 -52.90
C LEU H 110 -16.60 67.98 -52.63
N ASN H 111 -17.09 69.14 -53.05
CA ASN H 111 -18.37 69.71 -52.58
C ASN H 111 -19.65 69.28 -53.35
N PRO H 112 -20.87 69.53 -52.80
CA PRO H 112 -22.15 69.05 -53.32
C PRO H 112 -22.51 69.47 -54.75
N LYS H 113 -23.24 68.62 -55.48
CA LYS H 113 -23.54 68.78 -56.92
C LYS H 113 -24.34 70.03 -57.31
N ALA H 114 -25.35 70.42 -56.54
CA ALA H 114 -26.27 71.49 -56.98
C ALA H 114 -25.59 72.86 -57.00
N ASN H 115 -24.51 73.04 -56.24
CA ASN H 115 -23.74 74.27 -56.23
C ASN H 115 -23.15 74.57 -57.61
N ARG H 116 -22.66 73.56 -58.33
CA ARG H 116 -22.06 73.76 -59.66
C ARG H 116 -23.05 74.23 -60.71
N GLU H 117 -24.26 73.68 -60.72
CA GLU H 117 -25.33 74.14 -61.61
C GLU H 117 -25.81 75.56 -61.29
N LYS H 118 -26.01 75.92 -60.02
CA LYS H 118 -26.38 77.30 -59.66
C LYS H 118 -25.27 78.29 -59.96
N MET H 119 -24.00 77.97 -59.66
CA MET H 119 -22.88 78.86 -60.00
C MET H 119 -22.86 79.17 -61.50
N THR H 120 -23.02 78.15 -62.33
CA THR H 120 -22.96 78.28 -63.79
C THR H 120 -24.15 79.02 -64.40
N GLN H 121 -25.36 78.56 -64.09
CA GLN H 121 -26.59 79.01 -64.75
C GLN H 121 -26.84 80.49 -64.49
N ILE H 122 -26.59 80.93 -63.25
CA ILE H 122 -26.77 82.32 -62.86
C ILE H 122 -25.80 83.22 -63.63
N MET H 123 -24.54 82.82 -63.84
CA MET H 123 -23.62 83.60 -64.65
C MET H 123 -23.92 83.69 -66.14
N PHE H 124 -24.27 82.59 -66.83
CA PHE H 124 -24.53 82.72 -68.26
C PHE H 124 -25.90 83.34 -68.53
N GLU H 125 -26.95 82.91 -67.82
CA GLU H 125 -28.30 83.44 -68.05
C GLU H 125 -28.55 84.82 -67.42
N THR H 126 -28.44 84.94 -66.09
CA THR H 126 -28.95 86.13 -65.40
C THR H 126 -27.96 87.28 -65.46
N PHE H 127 -26.69 87.05 -65.11
CA PHE H 127 -25.64 88.06 -65.25
C PHE H 127 -25.07 88.15 -66.66
N ASN H 128 -25.42 87.24 -67.58
CA ASN H 128 -25.07 87.41 -68.98
C ASN H 128 -23.56 87.48 -69.29
N VAL H 129 -22.73 86.76 -68.54
CA VAL H 129 -21.29 86.64 -68.80
C VAL H 129 -21.03 85.95 -70.16
N PRO H 130 -20.07 86.39 -70.99
CA PRO H 130 -19.79 85.76 -72.28
C PRO H 130 -19.13 84.39 -72.16
N ALA H 131 -18.26 84.22 -71.16
CA ALA H 131 -17.55 82.96 -70.89
C ALA H 131 -17.14 82.87 -69.41
N MET H 132 -17.00 81.67 -68.88
CA MET H 132 -16.89 81.38 -67.45
C MET H 132 -15.93 80.20 -67.20
N TYR H 133 -15.34 80.08 -66.01
CA TYR H 133 -14.81 78.78 -65.57
C TYR H 133 -14.94 78.62 -64.05
N VAL H 134 -14.97 77.39 -63.53
CA VAL H 134 -15.00 77.11 -62.08
C VAL H 134 -13.81 76.27 -61.71
N ALA H 135 -13.12 76.67 -60.66
CA ALA H 135 -11.77 76.19 -60.35
C ALA H 135 -11.64 75.78 -58.87
N ILE H 136 -10.88 74.72 -58.61
CA ILE H 136 -10.52 74.36 -57.24
C ILE H 136 -9.59 75.41 -56.66
N GLN H 137 -9.97 75.99 -55.53
CA GLN H 137 -9.27 77.10 -54.85
C GLN H 137 -7.77 76.86 -54.60
N ALA H 138 -7.39 75.70 -54.05
CA ALA H 138 -6.00 75.42 -53.70
C ALA H 138 -5.05 75.41 -54.91
N VAL H 139 -5.55 75.06 -56.10
CA VAL H 139 -4.74 75.04 -57.34
C VAL H 139 -4.40 76.46 -57.75
N LEU H 140 -5.36 77.37 -57.63
CA LEU H 140 -5.13 78.77 -57.93
C LEU H 140 -4.12 79.34 -56.95
N SER H 141 -4.12 78.92 -55.68
CA SER H 141 -3.14 79.43 -54.72
C SER H 141 -1.70 79.12 -55.11
N LEU H 142 -1.43 78.00 -55.79
CA LEU H 142 -0.09 77.74 -56.29
C LEU H 142 0.22 78.50 -57.58
N TYR H 143 -0.68 78.46 -58.56
CA TYR H 143 -0.52 79.25 -59.79
C TYR H 143 -0.29 80.73 -59.46
N ALA H 144 -0.92 81.24 -58.39
CA ALA H 144 -0.69 82.59 -57.92
C ALA H 144 0.74 82.81 -57.41
N SER H 145 1.20 81.91 -56.53
CA SER H 145 2.28 82.21 -55.62
C SER H 145 3.69 82.00 -56.18
N GLY H 146 3.83 81.65 -57.45
CA GLY H 146 5.12 81.40 -58.09
C GLY H 146 5.75 80.06 -57.71
N ARG H 147 4.92 79.01 -57.56
CA ARG H 147 5.33 77.60 -57.50
C ARG H 147 4.50 76.68 -58.39
N THR H 148 5.15 75.57 -58.75
CA THR H 148 4.58 74.46 -59.55
C THR H 148 4.51 73.16 -58.73
N THR H 149 5.19 73.12 -57.58
CA THR H 149 5.10 72.05 -56.60
C THR H 149 4.89 72.64 -55.22
N GLY H 150 3.88 72.18 -54.51
CA GLY H 150 3.58 72.61 -53.16
C GLY H 150 2.61 71.66 -52.51
N ILE H 151 2.47 71.76 -51.20
CA ILE H 151 1.31 71.22 -50.52
C ILE H 151 0.57 72.39 -49.96
N VAL H 152 -0.75 72.37 -50.14
CA VAL H 152 -1.57 73.51 -49.79
C VAL H 152 -2.53 73.06 -48.71
N LEU H 153 -2.40 73.73 -47.58
CA LEU H 153 -3.39 73.71 -46.52
C LEU H 153 -4.30 74.87 -46.87
N ASP H 154 -5.48 74.58 -47.39
CA ASP H 154 -6.31 75.63 -47.96
C ASP H 154 -7.48 75.82 -47.00
N SER H 155 -7.58 77.01 -46.40
CA SER H 155 -8.34 77.21 -45.17
C SER H 155 -8.89 78.64 -45.09
N GLY H 156 -10.18 78.82 -45.32
CA GLY H 156 -10.81 80.15 -45.36
C GLY H 156 -11.73 80.47 -44.19
N ASP H 157 -12.68 81.37 -44.39
CA ASP H 157 -13.94 81.32 -43.66
C ASP H 157 -14.68 80.05 -44.15
N GLY H 158 -15.63 79.49 -43.42
CA GLY H 158 -16.34 78.26 -43.84
C GLY H 158 -15.57 76.91 -43.79
N VAL H 159 -14.44 76.72 -44.49
CA VAL H 159 -13.85 75.37 -44.78
C VAL H 159 -12.32 75.32 -44.79
N THR H 160 -11.77 74.15 -44.42
CA THR H 160 -10.36 73.77 -44.55
C THR H 160 -10.18 72.45 -45.28
N HIS H 161 -9.23 72.34 -46.21
CA HIS H 161 -8.93 71.09 -46.92
C HIS H 161 -7.50 71.05 -47.44
N ASN H 162 -6.97 69.85 -47.69
CA ASN H 162 -5.69 69.67 -48.37
C ASN H 162 -5.88 69.12 -49.78
N VAL H 163 -5.23 69.72 -50.80
CA VAL H 163 -4.85 69.03 -52.04
C VAL H 163 -3.35 69.25 -52.32
N PRO H 164 -2.49 68.21 -52.33
CA PRO H 164 -1.07 68.32 -52.65
C PRO H 164 -0.85 68.36 -54.15
N ILE H 165 0.06 69.20 -54.63
CA ILE H 165 0.24 69.44 -56.06
C ILE H 165 1.71 69.28 -56.42
N TYR H 166 1.99 68.40 -57.37
CA TYR H 166 3.34 68.07 -57.78
C TYR H 166 3.55 68.43 -59.25
N GLU H 167 4.47 69.36 -59.54
CA GLU H 167 4.83 69.80 -60.90
C GLU H 167 3.62 70.09 -61.80
N GLY H 168 2.62 70.78 -61.24
CA GLY H 168 1.34 71.11 -61.87
C GLY H 168 0.30 69.98 -61.93
N TYR H 169 0.55 68.82 -61.32
CA TYR H 169 -0.44 67.76 -61.14
C TYR H 169 -1.01 67.73 -59.71
N ALA H 170 -2.31 67.95 -59.56
CA ALA H 170 -3.02 67.78 -58.29
C ALA H 170 -3.33 66.30 -58.00
N LEU H 171 -3.47 65.93 -56.72
CA LEU H 171 -3.50 64.52 -56.29
C LEU H 171 -4.84 64.14 -55.61
N PRO H 172 -5.91 63.88 -56.36
CA PRO H 172 -7.29 63.79 -55.86
C PRO H 172 -7.56 62.80 -54.73
N HIS H 173 -6.85 61.68 -54.68
CA HIS H 173 -6.97 60.68 -53.60
C HIS H 173 -6.59 61.22 -52.21
N ALA H 174 -5.91 62.36 -52.11
CA ALA H 174 -5.12 62.75 -50.94
C ALA H 174 -5.85 63.68 -49.95
N ILE H 175 -7.14 63.95 -50.19
CA ILE H 175 -7.97 64.95 -49.50
C ILE H 175 -8.26 64.64 -48.02
N MET H 176 -7.90 65.58 -47.15
CA MET H 176 -8.56 65.79 -45.86
C MET H 176 -9.46 67.01 -45.98
N ARG H 177 -10.68 66.96 -45.43
CA ARG H 177 -11.58 68.12 -45.32
C ARG H 177 -12.07 68.28 -43.88
N LEU H 178 -12.11 69.53 -43.43
CA LEU H 178 -12.26 69.98 -42.05
C LEU H 178 -13.10 71.28 -42.06
N ASP H 179 -13.98 71.53 -41.09
CA ASP H 179 -14.78 72.76 -41.11
C ASP H 179 -14.29 73.91 -40.20
N LEU H 180 -13.16 73.76 -39.49
CA LEU H 180 -12.53 74.93 -38.85
C LEU H 180 -12.14 75.99 -39.86
N ALA H 181 -12.40 77.22 -39.48
CA ALA H 181 -12.38 78.34 -40.39
C ALA H 181 -12.47 79.67 -39.62
N GLY H 182 -12.27 80.78 -40.34
CA GLY H 182 -12.34 82.12 -39.78
C GLY H 182 -13.65 82.44 -39.05
N ARG H 183 -14.79 81.85 -39.45
CA ARG H 183 -16.05 81.99 -38.73
C ARG H 183 -16.11 81.20 -37.44
N ASP H 184 -15.50 80.02 -37.38
CA ASP H 184 -15.64 79.22 -36.18
C ASP H 184 -14.61 79.58 -35.13
N LEU H 185 -13.49 80.18 -35.51
CA LEU H 185 -12.69 80.92 -34.52
C LEU H 185 -13.47 82.11 -33.94
N THR H 186 -14.29 82.79 -34.75
CA THR H 186 -15.07 83.94 -34.26
C THR H 186 -16.19 83.50 -33.34
N ASP H 187 -17.01 82.53 -33.71
CA ASP H 187 -18.09 82.08 -32.83
C ASP H 187 -17.55 81.48 -31.55
N TYR H 188 -16.39 80.80 -31.62
CA TYR H 188 -15.78 80.30 -30.41
C TYR H 188 -15.27 81.49 -29.58
N LEU H 189 -14.69 82.52 -30.20
CA LEU H 189 -14.26 83.73 -29.49
C LEU H 189 -15.42 84.48 -28.80
N MET H 190 -16.65 84.46 -29.30
CA MET H 190 -17.83 84.96 -28.54
C MET H 190 -18.07 84.08 -27.32
N LYS H 191 -18.08 82.77 -27.54
CA LYS H 191 -18.48 81.81 -26.54
C LYS H 191 -17.41 81.62 -25.48
N ILE H 192 -16.17 82.00 -25.75
CA ILE H 192 -15.11 82.06 -24.74
C ILE H 192 -14.90 83.47 -24.14
N LEU H 193 -15.04 84.60 -24.85
CA LEU H 193 -14.95 85.93 -24.20
C LEU H 193 -16.00 86.11 -23.11
N THR H 194 -17.12 85.39 -23.26
CA THR H 194 -18.13 85.28 -22.24
C THR H 194 -17.54 84.87 -20.88
N GLU H 195 -16.38 84.22 -20.81
CA GLU H 195 -15.67 84.02 -19.54
C GLU H 195 -15.39 85.35 -18.82
N ARG H 196 -15.07 86.44 -19.52
CA ARG H 196 -14.69 87.73 -18.90
C ARG H 196 -15.86 88.68 -18.66
N GLY H 197 -17.11 88.20 -18.77
CA GLY H 197 -18.32 88.99 -18.56
C GLY H 197 -18.91 89.67 -19.79
N TYR H 198 -18.12 89.98 -20.82
CA TYR H 198 -18.63 90.53 -22.08
C TYR H 198 -19.64 89.59 -22.78
N SER H 199 -20.57 90.13 -23.56
CA SER H 199 -21.62 89.33 -24.19
C SER H 199 -21.95 89.83 -25.60
N PHE H 200 -22.24 88.92 -26.52
CA PHE H 200 -22.47 89.17 -27.95
C PHE H 200 -23.46 88.14 -28.48
N VAL H 201 -24.66 88.54 -28.92
CA VAL H 201 -25.76 87.60 -29.22
C VAL H 201 -26.41 87.77 -30.58
N THR H 202 -26.11 88.83 -31.31
CA THR H 202 -26.75 89.20 -32.58
C THR H 202 -25.76 89.21 -33.73
N THR H 203 -26.26 89.06 -34.95
CA THR H 203 -25.44 89.02 -36.17
C THR H 203 -24.58 90.27 -36.29
N ALA H 204 -25.09 91.44 -35.90
CA ALA H 204 -24.35 92.70 -35.93
C ALA H 204 -23.14 92.78 -34.99
N GLU H 205 -23.04 91.89 -33.99
CA GLU H 205 -21.98 91.98 -32.97
C GLU H 205 -21.09 90.74 -32.89
N ARG H 206 -21.53 89.61 -33.46
CA ARG H 206 -20.62 88.55 -33.94
C ARG H 206 -19.56 89.13 -34.87
N GLU H 207 -19.96 90.05 -35.74
CA GLU H 207 -19.06 90.81 -36.59
C GLU H 207 -18.17 91.83 -35.86
N ILE H 208 -18.50 92.19 -34.63
CA ILE H 208 -17.59 93.02 -33.80
C ILE H 208 -16.51 92.12 -33.19
N VAL H 209 -16.86 90.94 -32.66
CA VAL H 209 -15.86 89.97 -32.17
C VAL H 209 -14.91 89.60 -33.29
N ARG H 210 -15.41 89.48 -34.53
CA ARG H 210 -14.60 89.21 -35.72
C ARG H 210 -13.49 90.24 -35.94
N ASP H 211 -13.60 91.45 -35.38
CA ASP H 211 -12.59 92.49 -35.50
C ASP H 211 -11.62 92.43 -34.30
N ILE H 212 -12.08 91.94 -33.13
CA ILE H 212 -11.19 91.59 -32.01
C ILE H 212 -10.23 90.49 -32.46
N LYS H 213 -10.76 89.46 -33.10
CA LYS H 213 -10.03 88.28 -33.61
C LYS H 213 -8.87 88.67 -34.51
N GLU H 214 -9.10 89.64 -35.38
CA GLU H 214 -8.10 90.14 -36.30
C GLU H 214 -7.00 90.89 -35.54
N LYS H 215 -7.36 91.80 -34.62
CA LYS H 215 -6.37 92.65 -33.93
C LYS H 215 -5.64 92.03 -32.74
N LEU H 216 -6.33 91.54 -31.71
CA LEU H 216 -5.66 91.05 -30.49
C LEU H 216 -5.09 89.63 -30.56
N CYS H 217 -5.66 88.71 -31.33
CA CYS H 217 -5.26 87.30 -31.27
C CYS H 217 -3.88 87.05 -31.91
N TYR H 218 -3.19 85.99 -31.47
CA TYR H 218 -1.92 85.49 -32.03
C TYR H 218 -1.73 84.00 -31.70
N VAL H 219 -0.85 83.28 -32.39
CA VAL H 219 -0.65 81.82 -32.18
C VAL H 219 0.66 81.52 -31.47
N ALA H 220 0.59 80.72 -30.40
CA ALA H 220 1.73 80.39 -29.55
C ALA H 220 2.69 79.43 -30.24
N LEU H 221 4.02 79.64 -30.11
CA LEU H 221 5.02 78.67 -30.60
C LEU H 221 4.98 77.35 -29.81
N ASP H 222 4.67 77.45 -28.52
CA ASP H 222 4.21 76.36 -27.67
C ASP H 222 3.14 76.90 -26.72
N PHE H 223 2.03 76.18 -26.62
CA PHE H 223 0.88 76.63 -25.86
C PHE H 223 1.16 76.58 -24.36
N GLU H 224 1.62 75.45 -23.81
CA GLU H 224 1.58 75.27 -22.35
C GLU H 224 2.55 76.16 -21.57
N ASN H 225 3.66 76.60 -22.14
CA ASN H 225 4.55 77.51 -21.41
C ASN H 225 4.01 78.96 -21.48
N GLU H 226 3.40 79.37 -22.60
CA GLU H 226 2.77 80.68 -22.65
C GLU H 226 1.49 80.69 -21.80
N MET H 227 0.78 79.57 -21.73
CA MET H 227 -0.33 79.37 -20.81
C MET H 227 0.11 79.47 -19.35
N ALA H 228 1.24 78.87 -18.98
CA ALA H 228 1.78 79.03 -17.65
C ALA H 228 2.23 80.48 -17.41
N THR H 229 2.85 81.11 -18.42
CA THR H 229 3.32 82.50 -18.36
C THR H 229 2.16 83.44 -18.05
N ALA H 230 1.09 83.42 -18.87
CA ALA H 230 -0.06 84.30 -18.68
C ALA H 230 -0.98 83.88 -17.53
N ALA H 231 -0.81 82.69 -16.96
CA ALA H 231 -1.43 82.29 -15.70
C ALA H 231 -0.64 82.80 -14.48
N SER H 232 0.66 83.07 -14.62
CA SER H 232 1.55 83.50 -13.53
C SER H 232 1.76 85.02 -13.49
N SER H 233 2.00 85.63 -14.65
CA SER H 233 2.18 87.05 -14.84
C SER H 233 1.04 87.62 -15.69
N SER H 234 0.44 88.72 -15.27
CA SER H 234 -0.59 89.41 -16.06
C SER H 234 -0.02 90.18 -17.25
N SER H 235 1.31 90.22 -17.42
CA SER H 235 2.03 91.06 -18.39
C SER H 235 1.64 90.87 -19.86
N LEU H 236 1.00 89.76 -20.23
CA LEU H 236 0.64 89.46 -21.61
C LEU H 236 -0.64 90.17 -22.07
N GLU H 237 -1.52 90.57 -21.16
CA GLU H 237 -2.86 91.01 -21.55
C GLU H 237 -2.84 92.39 -22.23
N LYS H 238 -3.69 92.57 -23.23
CA LYS H 238 -3.88 93.84 -23.95
C LYS H 238 -5.32 94.14 -24.25
N SER H 239 -5.60 95.40 -24.57
CA SER H 239 -6.93 96.01 -24.50
C SER H 239 -7.43 96.56 -25.84
N TYR H 240 -8.75 96.55 -26.03
CA TYR H 240 -9.44 96.87 -27.27
C TYR H 240 -10.69 97.71 -27.02
N GLU H 241 -10.92 98.68 -27.92
CA GLU H 241 -11.99 99.67 -27.86
C GLU H 241 -13.25 99.12 -28.56
N LEU H 242 -14.33 98.85 -27.83
CA LEU H 242 -15.62 98.52 -28.46
C LEU H 242 -16.16 99.74 -29.25
N PRO H 243 -17.13 99.56 -30.18
CA PRO H 243 -17.79 100.65 -30.87
C PRO H 243 -18.45 101.69 -29.95
N ASP H 244 -19.03 101.28 -28.83
CA ASP H 244 -19.67 102.18 -27.87
C ASP H 244 -18.69 103.01 -27.00
N GLY H 245 -17.39 102.71 -27.05
CA GLY H 245 -16.35 103.41 -26.30
C GLY H 245 -15.87 102.68 -25.04
N GLN H 246 -16.51 101.57 -24.63
CA GLN H 246 -15.98 100.72 -23.56
C GLN H 246 -14.66 100.06 -23.98
N VAL H 247 -13.72 99.95 -23.06
CA VAL H 247 -12.47 99.22 -23.29
C VAL H 247 -12.57 97.84 -22.63
N ILE H 248 -12.24 96.79 -23.38
CA ILE H 248 -12.09 95.41 -22.87
C ILE H 248 -10.62 95.08 -22.75
N THR H 249 -10.27 94.06 -21.97
CA THR H 249 -8.89 93.55 -21.85
C THR H 249 -8.86 92.03 -21.89
N ILE H 250 -7.91 91.47 -22.63
CA ILE H 250 -7.84 90.04 -22.96
C ILE H 250 -6.43 89.52 -22.63
N GLY H 251 -6.36 88.41 -21.88
CA GLY H 251 -5.11 87.76 -21.42
C GLY H 251 -4.89 86.39 -22.06
N ASN H 252 -4.85 85.30 -21.28
CA ASN H 252 -4.59 83.94 -21.81
C ASN H 252 -5.54 83.52 -22.92
N GLU H 253 -6.70 84.16 -22.98
CA GLU H 253 -7.68 83.94 -24.02
C GLU H 253 -7.11 84.25 -25.41
N ARG H 254 -6.32 85.31 -25.61
CA ARG H 254 -5.98 85.74 -26.97
C ARG H 254 -5.16 84.74 -27.81
N PHE H 255 -4.60 83.68 -27.21
CA PHE H 255 -4.11 82.52 -27.95
C PHE H 255 -4.96 81.24 -27.82
N ARG H 256 -5.92 81.13 -26.89
CA ARG H 256 -6.77 79.93 -26.76
C ARG H 256 -7.78 79.77 -27.89
N CYS H 257 -8.40 80.82 -28.43
CA CYS H 257 -9.30 80.63 -29.57
C CYS H 257 -8.56 80.34 -30.88
N PRO H 258 -7.45 81.00 -31.28
CA PRO H 258 -6.80 80.62 -32.52
C PRO H 258 -6.11 79.26 -32.42
N GLU H 259 -5.73 78.82 -31.23
CA GLU H 259 -5.10 77.52 -31.04
C GLU H 259 -6.04 76.34 -31.32
N THR H 260 -7.36 76.56 -31.49
CA THR H 260 -8.25 75.48 -31.96
C THR H 260 -7.85 74.96 -33.34
N LEU H 261 -7.13 75.74 -34.16
CA LEU H 261 -6.60 75.26 -35.43
C LEU H 261 -5.69 74.05 -35.23
N PHE H 262 -5.04 73.97 -34.07
CA PHE H 262 -4.17 72.88 -33.69
C PHE H 262 -4.87 71.85 -32.80
N GLN H 263 -6.08 72.13 -32.30
CA GLN H 263 -6.90 71.23 -31.51
C GLN H 263 -8.40 71.41 -31.77
N PRO H 264 -8.96 70.90 -32.87
CA PRO H 264 -10.40 70.93 -33.15
C PRO H 264 -11.28 70.23 -32.11
N SER H 265 -10.69 69.47 -31.20
CA SER H 265 -11.35 68.98 -29.97
C SER H 265 -11.88 70.13 -29.10
N PHE H 266 -11.32 71.34 -29.21
CA PHE H 266 -11.87 72.52 -28.53
C PHE H 266 -13.29 72.89 -28.96
N ILE H 267 -13.70 72.64 -30.20
CA ILE H 267 -15.06 72.95 -30.64
C ILE H 267 -15.90 71.70 -30.84
N GLY H 268 -15.42 70.56 -30.35
CA GLY H 268 -16.12 69.26 -30.42
C GLY H 268 -16.05 68.53 -31.75
N MET H 269 -15.08 68.85 -32.61
CA MET H 269 -14.79 67.99 -33.75
C MET H 269 -14.01 66.75 -33.29
N GLU H 270 -14.14 65.63 -34.00
CA GLU H 270 -13.26 64.49 -33.78
C GLU H 270 -11.85 64.70 -34.34
N SER H 271 -11.75 65.15 -35.59
CA SER H 271 -10.48 65.10 -36.35
C SER H 271 -9.41 66.04 -35.82
N ALA H 272 -8.16 65.78 -36.20
CA ALA H 272 -6.98 66.52 -35.77
C ALA H 272 -6.80 67.87 -36.49
N GLY H 273 -5.94 68.70 -35.93
CA GLY H 273 -5.68 70.07 -36.39
C GLY H 273 -4.91 70.17 -37.70
N ILE H 274 -4.58 71.40 -38.08
CA ILE H 274 -4.01 71.69 -39.40
C ILE H 274 -2.64 71.04 -39.62
N HIS H 275 -1.91 70.76 -38.56
CA HIS H 275 -0.60 70.11 -38.63
C HIS H 275 -0.76 68.65 -39.04
N GLU H 276 -1.60 67.87 -38.36
CA GLU H 276 -1.80 66.47 -38.75
C GLU H 276 -2.52 66.34 -40.08
N THR H 277 -3.46 67.22 -40.45
CA THR H 277 -4.02 67.14 -41.80
C THR H 277 -2.98 67.48 -42.85
N THR H 278 -2.01 68.35 -42.59
CA THR H 278 -0.90 68.54 -43.53
C THR H 278 -0.05 67.27 -43.65
N TYR H 279 0.37 66.68 -42.54
CA TYR H 279 1.18 65.45 -42.56
C TYR H 279 0.45 64.24 -43.13
N ASN H 280 -0.77 63.95 -42.68
CA ASN H 280 -1.55 62.84 -43.20
C ASN H 280 -1.90 63.05 -44.67
N SER H 281 -2.09 64.28 -45.14
CA SER H 281 -2.26 64.50 -46.57
C SER H 281 -1.00 64.15 -47.38
N ILE H 282 0.22 64.41 -46.87
CA ILE H 282 1.43 63.85 -47.51
C ILE H 282 1.44 62.32 -47.42
N MET H 283 1.06 61.71 -46.30
CA MET H 283 1.12 60.24 -46.13
C MET H 283 0.30 59.45 -47.14
N LYS H 284 -0.78 60.00 -47.70
CA LYS H 284 -1.51 59.36 -48.80
C LYS H 284 -0.71 59.26 -50.10
N CYS H 285 0.35 60.03 -50.28
CA CYS H 285 1.23 60.06 -51.46
C CYS H 285 2.20 58.85 -51.57
N ASP H 286 2.65 58.50 -52.77
CA ASP H 286 3.75 57.56 -52.99
C ASP H 286 5.13 58.14 -52.62
N ILE H 287 6.08 57.26 -52.33
CA ILE H 287 7.38 57.59 -51.71
C ILE H 287 8.31 58.44 -52.60
N ASP H 288 8.08 58.50 -53.91
CA ASP H 288 8.89 59.35 -54.81
C ASP H 288 8.73 60.87 -54.54
N ILE H 289 7.58 61.35 -54.05
CA ILE H 289 7.32 62.80 -53.93
C ILE H 289 7.37 63.36 -52.51
N ARG H 290 7.38 62.52 -51.47
CA ARG H 290 7.12 62.96 -50.09
C ARG H 290 8.07 64.04 -49.59
N LYS H 291 9.34 63.99 -50.00
CA LYS H 291 10.38 64.95 -49.61
C LYS H 291 10.12 66.34 -50.16
N ASP H 292 9.63 66.42 -51.39
CA ASP H 292 9.36 67.69 -52.04
C ASP H 292 8.12 68.38 -51.46
N LEU H 293 7.11 67.60 -51.11
CA LEU H 293 5.92 68.06 -50.37
C LEU H 293 6.24 68.48 -48.93
N TYR H 294 7.08 67.73 -48.20
CA TYR H 294 7.56 68.19 -46.90
C TYR H 294 8.28 69.54 -47.00
N ALA H 295 9.01 69.81 -48.08
CA ALA H 295 9.70 71.07 -48.24
C ALA H 295 8.73 72.22 -48.55
N ASN H 296 7.81 72.08 -49.51
CA ASN H 296 7.08 73.22 -50.09
C ASN H 296 5.67 73.46 -49.53
N ASN H 297 5.56 73.77 -48.23
CA ASN H 297 4.27 74.02 -47.58
C ASN H 297 3.79 75.44 -47.89
N VAL H 298 2.66 75.59 -48.57
CA VAL H 298 2.03 76.87 -48.87
C VAL H 298 0.70 76.99 -48.13
N MET H 299 0.58 78.01 -47.29
CA MET H 299 -0.68 78.35 -46.64
C MET H 299 -1.66 78.99 -47.61
N SER H 300 -2.96 78.77 -47.43
CA SER H 300 -3.99 79.39 -48.25
C SER H 300 -5.25 79.71 -47.46
N GLY H 301 -5.91 80.79 -47.86
CA GLY H 301 -7.02 81.45 -47.19
C GLY H 301 -6.57 82.32 -46.01
N GLY H 302 -7.38 83.33 -45.68
CA GLY H 302 -7.02 84.41 -44.76
C GLY H 302 -6.89 83.91 -43.34
N THR H 303 -7.64 82.88 -42.98
CA THR H 303 -7.60 82.25 -41.65
C THR H 303 -6.22 81.68 -41.29
N THR H 304 -5.28 81.62 -42.24
CA THR H 304 -3.85 81.35 -41.97
C THR H 304 -2.98 82.61 -41.69
N MET H 305 -3.56 83.79 -41.48
CA MET H 305 -2.82 85.06 -41.37
C MET H 305 -2.23 85.45 -40.00
N TYR H 306 -2.59 84.81 -38.88
CA TYR H 306 -2.12 85.28 -37.56
C TYR H 306 -0.59 85.31 -37.44
N PRO H 307 0.00 86.37 -36.88
CA PRO H 307 1.40 86.37 -36.48
C PRO H 307 1.76 85.20 -35.54
N GLY H 308 2.89 84.56 -35.85
CA GLY H 308 3.44 83.38 -35.20
C GLY H 308 2.92 82.02 -35.72
N ILE H 309 1.98 81.99 -36.67
CA ILE H 309 1.44 80.70 -37.14
C ILE H 309 2.44 79.92 -38.03
N ALA H 310 3.24 80.62 -38.83
CA ALA H 310 4.21 79.99 -39.74
C ALA H 310 5.28 79.17 -38.98
N ASP H 311 5.95 79.78 -38.02
CA ASP H 311 6.91 79.08 -37.16
C ASP H 311 6.26 78.00 -36.32
N ARG H 312 5.00 78.14 -35.89
CA ARG H 312 4.31 77.05 -35.20
C ARG H 312 4.08 75.86 -36.14
N MET H 313 3.74 76.09 -37.41
CA MET H 313 3.64 75.03 -38.43
C MET H 313 5.00 74.37 -38.66
N GLN H 314 6.06 75.15 -38.81
CA GLN H 314 7.41 74.61 -39.00
C GLN H 314 7.85 73.72 -37.85
N LYS H 315 7.57 74.10 -36.60
CA LYS H 315 7.78 73.20 -35.46
C LYS H 315 6.96 71.94 -35.60
N GLU H 316 5.64 72.08 -35.75
CA GLU H 316 4.81 70.94 -35.41
C GLU H 316 4.72 69.90 -36.54
N ILE H 317 5.03 70.28 -37.79
CA ILE H 317 5.22 69.28 -38.83
C ILE H 317 6.60 68.61 -38.63
N THR H 318 7.65 69.34 -38.26
CA THR H 318 8.98 68.74 -37.97
C THR H 318 8.93 67.76 -36.82
N ALA H 319 7.99 67.90 -35.89
CA ALA H 319 7.78 66.93 -34.82
C ALA H 319 7.20 65.59 -35.32
N LEU H 320 6.52 65.56 -36.47
CA LEU H 320 5.90 64.35 -37.04
C LEU H 320 6.71 63.78 -38.22
N ALA H 321 7.27 64.65 -39.06
CA ALA H 321 8.05 64.28 -40.23
C ALA H 321 9.41 63.71 -39.82
N PRO H 322 10.08 62.89 -40.67
CA PRO H 322 11.43 62.43 -40.34
C PRO H 322 12.36 63.63 -40.19
N SER H 323 13.13 63.69 -39.11
CA SER H 323 13.90 64.90 -38.76
C SER H 323 15.06 65.19 -39.73
N THR H 324 15.40 64.21 -40.56
CA THR H 324 16.40 64.33 -41.64
C THR H 324 15.82 65.03 -42.86
N MET H 325 14.50 65.00 -43.05
CA MET H 325 13.79 65.80 -44.07
C MET H 325 13.81 67.29 -43.69
N LYS H 326 13.45 68.15 -44.64
CA LYS H 326 13.53 69.61 -44.51
C LYS H 326 12.12 70.19 -44.62
N ILE H 327 11.78 71.07 -43.67
CA ILE H 327 10.49 71.77 -43.60
C ILE H 327 10.75 73.27 -43.71
N LYS H 328 10.11 73.88 -44.69
CA LYS H 328 10.07 75.33 -44.89
C LYS H 328 8.62 75.73 -45.13
N ILE H 329 8.18 76.81 -44.50
CA ILE H 329 6.80 77.24 -44.55
C ILE H 329 6.78 78.50 -45.41
N ILE H 330 6.02 78.44 -46.50
CA ILE H 330 5.95 79.49 -47.51
C ILE H 330 4.67 80.27 -47.19
N ALA H 331 4.84 81.44 -46.59
CA ALA H 331 3.77 82.25 -46.08
C ALA H 331 3.94 83.67 -46.65
N PRO H 332 3.55 83.86 -47.92
CA PRO H 332 3.66 85.14 -48.58
C PRO H 332 2.67 86.15 -47.97
N PRO H 333 2.95 87.45 -48.03
CA PRO H 333 2.07 88.45 -47.44
C PRO H 333 0.73 88.57 -48.15
N GLU H 334 0.66 88.22 -49.44
CA GLU H 334 -0.59 88.21 -50.20
C GLU H 334 -1.60 87.12 -49.79
N ARG H 335 -1.27 86.14 -48.92
CA ARG H 335 -1.95 84.81 -48.94
C ARG H 335 -3.47 84.84 -48.78
N LYS H 336 -4.00 85.86 -48.08
CA LYS H 336 -5.43 86.23 -48.00
C LYS H 336 -6.11 86.45 -49.36
N TYR H 337 -5.36 86.86 -50.37
CA TYR H 337 -5.84 87.14 -51.71
C TYR H 337 -5.45 86.05 -52.73
N SER H 338 -4.64 85.07 -52.35
CA SER H 338 -3.92 84.24 -53.34
C SER H 338 -4.83 83.50 -54.28
N VAL H 339 -6.01 83.09 -53.83
CA VAL H 339 -7.01 82.42 -54.66
C VAL H 339 -7.53 83.35 -55.75
N TRP H 340 -7.68 84.64 -55.46
CA TRP H 340 -7.96 85.64 -56.48
C TRP H 340 -6.77 85.93 -57.39
N ILE H 341 -5.57 86.08 -56.83
CA ILE H 341 -4.38 86.41 -57.63
C ILE H 341 -4.10 85.29 -58.65
N GLY H 342 -4.19 84.03 -58.23
CA GLY H 342 -3.93 82.88 -59.07
C GLY H 342 -4.92 82.78 -60.21
N GLY H 343 -6.21 82.97 -59.94
CA GLY H 343 -7.17 83.02 -61.02
C GLY H 343 -6.97 84.25 -61.90
N SER H 344 -6.51 85.39 -61.35
CA SER H 344 -6.29 86.62 -62.11
C SER H 344 -5.13 86.53 -63.08
N ILE H 345 -4.00 85.96 -62.67
CA ILE H 345 -2.85 85.82 -63.55
C ILE H 345 -2.97 84.61 -64.48
N LEU H 346 -3.47 83.47 -64.01
CA LEU H 346 -3.81 82.32 -64.86
C LEU H 346 -4.73 82.75 -66.00
N ALA H 347 -5.78 83.51 -65.69
CA ALA H 347 -6.68 84.06 -66.70
C ALA H 347 -6.04 85.11 -67.63
N SER H 348 -4.87 85.66 -67.31
CA SER H 348 -4.16 86.62 -68.18
C SER H 348 -3.20 85.95 -69.20
N LEU H 349 -2.91 84.65 -69.05
CA LEU H 349 -2.09 83.89 -70.01
C LEU H 349 -2.81 83.67 -71.34
N SER H 350 -2.15 83.96 -72.45
CA SER H 350 -2.73 83.77 -73.78
C SER H 350 -3.10 82.30 -74.04
N THR H 351 -2.28 81.38 -73.54
CA THR H 351 -2.53 79.94 -73.64
C THR H 351 -3.79 79.49 -72.87
N PHE H 352 -4.16 80.15 -71.76
CA PHE H 352 -5.35 79.78 -71.00
C PHE H 352 -6.66 80.03 -71.76
N GLN H 353 -6.69 80.99 -72.69
CA GLN H 353 -7.93 81.48 -73.31
C GLN H 353 -8.79 80.42 -74.01
N GLN H 354 -8.21 79.30 -74.42
CA GLN H 354 -8.98 78.17 -74.95
C GLN H 354 -9.85 77.46 -73.89
N MET H 355 -9.48 77.52 -72.61
CA MET H 355 -10.15 76.79 -71.52
C MET H 355 -11.55 77.27 -71.13
N TRP H 356 -11.89 78.56 -71.31
CA TRP H 356 -13.17 79.09 -70.83
C TRP H 356 -14.36 78.28 -71.36
N ILE H 357 -15.34 78.02 -70.52
CA ILE H 357 -16.66 77.55 -70.96
C ILE H 357 -17.37 78.77 -71.56
N THR H 358 -17.59 78.78 -72.87
CA THR H 358 -18.30 79.89 -73.53
C THR H 358 -19.81 79.75 -73.38
N LYS H 359 -20.52 80.86 -73.50
CA LYS H 359 -21.99 80.86 -73.46
C LYS H 359 -22.57 79.92 -74.53
N GLN H 360 -21.91 79.81 -75.68
CA GLN H 360 -22.26 78.84 -76.71
C GLN H 360 -22.16 77.38 -76.22
N GLU H 361 -21.17 77.04 -75.39
CA GLU H 361 -21.06 75.68 -74.86
C GLU H 361 -22.17 75.41 -73.85
N TYR H 362 -22.47 76.36 -72.98
CA TYR H 362 -23.62 76.22 -72.09
C TYR H 362 -24.93 76.13 -72.91
N ASP H 363 -25.10 76.96 -73.94
CA ASP H 363 -26.27 76.94 -74.82
C ASP H 363 -26.39 75.64 -75.63
N GLU H 364 -25.28 74.97 -75.91
CA GLU H 364 -25.28 73.72 -76.66
C GLU H 364 -25.47 72.50 -75.75
N ALA H 365 -24.76 72.44 -74.61
CA ALA H 365 -24.74 71.29 -73.72
C ALA H 365 -25.67 71.36 -72.50
N GLY H 366 -26.13 72.55 -72.11
CA GLY H 366 -26.66 72.80 -70.77
C GLY H 366 -25.54 72.99 -69.73
N PRO H 367 -25.87 73.25 -68.45
CA PRO H 367 -24.86 73.43 -67.40
C PRO H 367 -24.10 72.14 -67.04
N SER H 368 -24.62 70.96 -67.36
CA SER H 368 -24.10 69.69 -66.83
C SER H 368 -22.69 69.32 -67.31
N ILE H 369 -22.15 70.02 -68.32
CA ILE H 369 -20.74 69.91 -68.71
C ILE H 369 -19.77 70.28 -67.59
N VAL H 370 -20.17 71.11 -66.63
CA VAL H 370 -19.30 71.48 -65.50
C VAL H 370 -18.91 70.27 -64.64
N HIS H 371 -19.85 69.41 -64.27
CA HIS H 371 -19.56 68.13 -63.59
C HIS H 371 -18.65 67.20 -64.41
N ARG H 372 -18.68 67.34 -65.74
CA ARG H 372 -17.90 66.54 -66.69
C ARG H 372 -16.47 67.07 -66.84
N LYS H 373 -16.31 68.40 -66.90
CA LYS H 373 -15.07 69.05 -67.33
C LYS H 373 -14.25 69.64 -66.17
N CYS H 374 -14.87 70.09 -65.09
CA CYS H 374 -14.18 70.44 -63.84
C CYS H 374 -13.79 69.14 -63.07
N PHE H 375 -13.17 69.28 -61.90
CA PHE H 375 -12.71 68.22 -61.00
C PHE H 375 -13.84 67.22 -60.67
N GLU I 4 -14.05 15.54 -24.27
CA GLU I 4 -12.70 16.13 -24.49
C GLU I 4 -12.84 17.63 -24.78
N THR I 5 -11.81 18.42 -24.45
CA THR I 5 -11.81 19.87 -24.65
C THR I 5 -11.65 20.24 -26.13
N THR I 6 -12.66 20.87 -26.72
CA THR I 6 -12.59 21.41 -28.10
C THR I 6 -11.72 22.65 -28.15
N ALA I 7 -11.01 22.88 -29.24
CA ALA I 7 -10.28 24.13 -29.42
C ALA I 7 -11.20 25.25 -29.91
N LEU I 8 -10.86 26.49 -29.61
CA LEU I 8 -11.54 27.67 -30.16
C LEU I 8 -11.08 27.98 -31.56
N VAL I 9 -12.00 28.46 -32.37
CA VAL I 9 -11.75 28.93 -33.73
C VAL I 9 -12.12 30.39 -33.77
N CYS I 10 -11.14 31.24 -34.05
CA CYS I 10 -11.23 32.67 -33.76
C CYS I 10 -10.66 33.47 -34.92
N ASP I 11 -11.52 33.87 -35.85
CA ASP I 11 -11.10 34.54 -37.07
C ASP I 11 -11.05 36.03 -36.84
N ASN I 12 -9.93 36.49 -36.27
CA ASN I 12 -9.72 37.88 -35.92
C ASN I 12 -9.91 38.82 -37.11
N GLY I 13 -9.56 38.34 -38.30
CA GLY I 13 -9.92 38.98 -39.54
C GLY I 13 -9.55 40.46 -39.59
N SER I 14 -10.47 41.29 -40.08
CA SER I 14 -10.50 42.74 -39.88
C SER I 14 -11.95 43.18 -39.88
N GLY I 15 -12.30 44.25 -39.18
CA GLY I 15 -13.66 44.79 -39.18
C GLY I 15 -14.66 44.00 -38.33
N LEU I 16 -14.70 42.67 -38.40
CA LEU I 16 -15.45 41.78 -37.49
C LEU I 16 -14.54 40.74 -36.82
N VAL I 17 -14.84 40.38 -35.58
CA VAL I 17 -14.34 39.17 -34.92
C VAL I 17 -15.42 38.12 -34.89
N LYS I 18 -15.03 36.93 -35.29
CA LYS I 18 -15.85 35.74 -35.50
C LYS I 18 -15.29 34.67 -34.57
N ALA I 19 -16.06 34.14 -33.63
CA ALA I 19 -15.51 33.10 -32.76
C ALA I 19 -16.54 32.04 -32.34
N GLY I 20 -16.05 30.86 -31.98
CA GLY I 20 -16.85 29.73 -31.53
C GLY I 20 -15.99 28.47 -31.35
N PHE I 21 -16.62 27.34 -31.03
CA PHE I 21 -15.91 26.11 -30.73
C PHE I 21 -15.80 25.23 -31.98
N ALA I 22 -14.70 24.49 -32.12
CA ALA I 22 -14.60 23.51 -33.19
C ALA I 22 -15.76 22.50 -33.07
N GLY I 23 -16.44 22.19 -34.17
CA GLY I 23 -17.64 21.36 -34.18
C GLY I 23 -18.98 22.11 -34.14
N ASP I 24 -19.01 23.39 -33.81
CA ASP I 24 -20.21 24.20 -34.09
C ASP I 24 -20.43 24.37 -35.60
N ASP I 25 -21.67 24.63 -36.04
CA ASP I 25 -22.02 24.90 -37.45
C ASP I 25 -22.17 26.41 -37.77
N ALA I 26 -22.14 27.29 -36.77
CA ALA I 26 -22.12 28.74 -36.89
C ALA I 26 -21.40 29.36 -35.68
N PRO I 27 -20.81 30.56 -35.78
CA PRO I 27 -20.05 31.14 -34.66
C PRO I 27 -20.96 31.45 -33.47
N ARG I 28 -20.45 31.34 -32.24
CA ARG I 28 -21.12 31.87 -31.02
C ARG I 28 -21.16 33.39 -30.98
N ALA I 29 -20.13 34.03 -31.52
CA ALA I 29 -19.86 35.45 -31.35
C ALA I 29 -19.54 36.07 -32.70
N VAL I 30 -20.32 37.07 -33.07
CA VAL I 30 -20.08 37.90 -34.26
C VAL I 30 -20.28 39.36 -33.91
N PHE I 31 -19.20 40.13 -33.84
CA PHE I 31 -19.27 41.55 -33.49
C PHE I 31 -18.18 42.38 -34.19
N PRO I 32 -18.39 43.69 -34.41
CA PRO I 32 -17.39 44.51 -35.08
C PRO I 32 -16.16 44.73 -34.20
N SER I 33 -14.98 44.63 -34.78
CA SER I 33 -13.69 44.58 -34.10
C SER I 33 -13.21 45.97 -33.68
N ILE I 34 -13.95 46.61 -32.78
CA ILE I 34 -13.88 48.05 -32.55
C ILE I 34 -13.71 48.39 -31.08
N VAL I 35 -12.81 49.32 -30.79
CA VAL I 35 -12.51 49.84 -29.45
C VAL I 35 -12.86 51.31 -29.39
N GLY I 36 -13.70 51.71 -28.46
CA GLY I 36 -14.25 53.06 -28.36
C GLY I 36 -13.71 53.80 -27.15
N ARG I 37 -13.34 55.06 -27.30
CA ARG I 37 -13.01 55.99 -26.21
C ARG I 37 -13.94 57.19 -26.15
N PRO I 38 -14.31 57.72 -24.99
CA PRO I 38 -15.09 58.94 -24.91
C PRO I 38 -14.25 60.17 -25.24
N ARG I 39 -14.81 61.05 -26.10
CA ARG I 39 -14.25 62.35 -26.47
C ARG I 39 -14.89 63.53 -25.76
N HIS I 40 -16.17 63.39 -25.38
CA HIS I 40 -16.89 64.44 -24.69
C HIS I 40 -16.54 64.51 -23.21
N GLN I 41 -16.93 65.62 -22.59
CA GLN I 41 -16.58 65.93 -21.23
C GLN I 41 -17.39 65.05 -20.29
N GLY I 42 -16.79 64.36 -19.32
CA GLY I 42 -17.61 63.65 -18.32
C GLY I 42 -18.18 64.67 -17.32
N VAL I 43 -19.52 64.76 -17.26
CA VAL I 43 -20.21 65.81 -16.48
C VAL I 43 -21.15 65.32 -15.42
N MET I 44 -21.97 64.30 -15.72
CA MET I 44 -22.72 63.68 -14.63
C MET I 44 -21.67 63.02 -13.72
N VAL I 45 -22.02 62.88 -12.44
CA VAL I 45 -21.12 62.37 -11.41
C VAL I 45 -21.72 61.12 -10.83
N GLY I 46 -20.90 60.12 -10.58
CA GLY I 46 -21.40 58.85 -10.06
C GLY I 46 -22.12 58.01 -11.12
N MET I 47 -21.99 58.31 -12.43
CA MET I 47 -22.69 57.58 -13.50
C MET I 47 -22.29 56.10 -13.64
N GLY I 48 -21.15 55.71 -13.06
CA GLY I 48 -20.63 54.35 -13.21
C GLY I 48 -20.03 54.21 -14.62
N GLN I 49 -19.41 55.30 -15.08
CA GLN I 49 -18.73 55.40 -16.36
C GLN I 49 -17.67 54.30 -16.50
N LYS I 50 -17.35 53.95 -17.74
CA LYS I 50 -16.34 52.96 -18.07
C LYS I 50 -15.37 53.65 -19.02
N ASP I 51 -14.08 53.51 -18.77
CA ASP I 51 -13.04 54.21 -19.54
C ASP I 51 -13.16 54.02 -21.05
N SER I 52 -13.34 52.77 -21.49
CA SER I 52 -13.35 52.45 -22.92
C SER I 52 -14.02 51.12 -23.20
N TYR I 53 -14.54 50.97 -24.42
CA TYR I 53 -15.58 50.01 -24.79
C TYR I 53 -15.10 49.04 -25.85
N VAL I 54 -15.58 47.80 -25.86
CA VAL I 54 -15.30 46.80 -26.90
C VAL I 54 -16.59 46.35 -27.59
N GLY I 55 -16.60 46.29 -28.92
CA GLY I 55 -17.64 45.58 -29.66
C GLY I 55 -19.01 46.26 -29.63
N ASP I 56 -20.07 45.50 -29.41
CA ASP I 56 -21.44 46.03 -29.47
C ASP I 56 -21.73 47.18 -28.49
N GLU I 57 -21.00 47.27 -27.37
CA GLU I 57 -21.16 48.40 -26.47
C GLU I 57 -20.68 49.66 -27.16
N ALA I 58 -19.48 49.63 -27.75
CA ALA I 58 -18.96 50.77 -28.48
C ALA I 58 -19.83 51.11 -29.68
N GLN I 59 -20.48 50.14 -30.32
CA GLN I 59 -21.44 50.43 -31.39
C GLN I 59 -22.69 51.11 -30.88
N SER I 60 -23.23 50.65 -29.75
CA SER I 60 -24.49 51.14 -29.21
C SER I 60 -24.34 52.58 -28.73
N LYS I 61 -23.25 52.87 -28.02
CA LYS I 61 -22.92 54.18 -27.45
C LYS I 61 -22.06 55.06 -28.35
N ARG I 62 -21.97 54.78 -29.65
CA ARG I 62 -20.99 55.44 -30.53
C ARG I 62 -21.10 56.96 -30.63
N GLY I 63 -22.27 57.53 -30.40
CA GLY I 63 -22.42 58.98 -30.39
C GLY I 63 -21.64 59.72 -29.30
N ILE I 64 -21.16 59.03 -28.25
CA ILE I 64 -20.34 59.69 -27.21
C ILE I 64 -18.85 59.61 -27.58
N LEU I 65 -18.49 58.75 -28.54
CA LEU I 65 -17.17 58.16 -28.63
C LEU I 65 -16.39 58.62 -29.86
N THR I 66 -15.09 58.40 -29.84
CA THR I 66 -14.22 58.23 -31.00
C THR I 66 -14.00 56.75 -31.18
N LEU I 67 -14.18 56.23 -32.38
CA LEU I 67 -14.06 54.80 -32.65
C LEU I 67 -12.72 54.49 -33.30
N LYS I 68 -11.96 53.56 -32.71
CA LYS I 68 -10.74 53.00 -33.28
C LYS I 68 -10.95 51.55 -33.67
N TYR I 69 -10.56 51.21 -34.89
CA TYR I 69 -10.21 49.85 -35.28
C TYR I 69 -8.69 49.67 -35.00
N PRO I 70 -8.25 48.65 -34.22
CA PRO I 70 -6.84 48.45 -33.96
C PRO I 70 -6.08 47.78 -35.12
N ILE I 71 -6.80 47.16 -36.06
CA ILE I 71 -6.26 46.42 -37.19
C ILE I 71 -6.50 47.21 -38.48
N GLU I 72 -5.45 47.37 -39.28
CA GLU I 72 -5.56 47.89 -40.63
C GLU I 72 -4.76 46.97 -41.54
N HIC I 73 -5.31 46.64 -42.70
CA HIC I 73 -4.61 45.80 -43.67
C HIC I 73 -4.12 44.49 -43.05
O HIC I 73 -3.03 44.02 -43.34
N GLY I 74 -4.89 43.88 -42.15
CA GLY I 74 -4.48 42.64 -41.48
C GLY I 74 -3.21 42.75 -40.62
N ILE I 75 -2.78 43.96 -40.27
CA ILE I 75 -1.69 44.23 -39.32
C ILE I 75 -2.33 44.72 -38.03
N ILE I 76 -1.96 44.16 -36.88
CA ILE I 76 -2.33 44.79 -35.61
C ILE I 76 -1.38 45.98 -35.38
N THR I 77 -1.92 47.19 -35.27
CA THR I 77 -1.13 48.43 -35.12
C THR I 77 -1.19 49.09 -33.75
N ASN I 78 -2.08 48.63 -32.86
CA ASN I 78 -2.09 49.03 -31.46
C ASN I 78 -2.41 47.82 -30.58
N TRP I 79 -1.41 47.36 -29.84
CA TRP I 79 -1.51 46.14 -29.05
C TRP I 79 -2.33 46.35 -27.78
N ASP I 80 -2.34 47.56 -27.23
CA ASP I 80 -3.07 47.88 -26.01
C ASP I 80 -4.57 47.94 -26.27
N ASP I 81 -4.95 48.39 -27.46
CA ASP I 81 -6.30 48.27 -27.99
C ASP I 81 -6.63 46.81 -28.34
N MET I 82 -5.77 46.14 -29.11
CA MET I 82 -6.08 44.80 -29.62
C MET I 82 -6.31 43.78 -28.52
N GLU I 83 -5.54 43.84 -27.43
CA GLU I 83 -5.69 42.91 -26.32
C GLU I 83 -7.09 42.98 -25.71
N LYS I 84 -7.74 44.15 -25.70
CA LYS I 84 -9.09 44.26 -25.18
C LYS I 84 -10.07 43.46 -26.02
N ILE I 85 -9.87 43.38 -27.34
CA ILE I 85 -10.82 42.71 -28.19
C ILE I 85 -10.76 41.21 -27.91
N TRP I 86 -9.57 40.61 -27.85
CA TRP I 86 -9.47 39.21 -27.45
C TRP I 86 -10.02 38.98 -26.05
N HIS I 87 -9.69 39.86 -25.10
CA HIS I 87 -10.15 39.69 -23.74
C HIS I 87 -11.67 39.60 -23.71
N HIS I 88 -12.32 40.51 -24.40
CA HIS I 88 -13.76 40.48 -24.48
C HIS I 88 -14.27 39.24 -25.19
N THR I 89 -13.56 38.83 -26.22
CA THR I 89 -13.97 37.68 -27.02
C THR I 89 -14.03 36.43 -26.18
N PHE I 90 -12.95 36.13 -25.47
CA PHE I 90 -12.91 34.93 -24.66
C PHE I 90 -13.79 35.02 -23.43
N TYR I 91 -13.50 35.97 -22.56
CA TYR I 91 -14.15 36.01 -21.28
C TYR I 91 -15.59 36.47 -21.31
N ASN I 92 -15.95 37.45 -22.13
CA ASN I 92 -17.32 37.96 -22.07
C ASN I 92 -18.25 37.35 -23.09
N GLU I 93 -17.79 37.27 -24.31
CA GLU I 93 -18.67 37.05 -25.46
C GLU I 93 -18.85 35.55 -25.75
N LEU I 94 -17.76 34.77 -25.73
CA LEU I 94 -17.85 33.30 -25.71
C LEU I 94 -18.10 32.75 -24.30
N ARG I 95 -17.65 33.47 -23.28
CA ARG I 95 -17.67 33.04 -21.88
C ARG I 95 -16.82 31.77 -21.70
N VAL I 96 -15.57 31.80 -22.15
CA VAL I 96 -14.63 30.67 -22.08
C VAL I 96 -13.26 31.15 -21.65
N ALA I 97 -12.60 30.43 -20.75
CA ALA I 97 -11.25 30.79 -20.34
C ALA I 97 -10.26 30.28 -21.40
N PRO I 98 -9.42 31.17 -21.96
CA PRO I 98 -8.47 30.78 -22.99
C PRO I 98 -7.39 29.83 -22.47
N GLU I 99 -7.18 29.84 -21.16
CA GLU I 99 -6.27 28.95 -20.48
C GLU I 99 -6.76 27.50 -20.51
N GLU I 100 -8.06 27.24 -20.70
CA GLU I 100 -8.53 25.85 -20.71
C GLU I 100 -8.12 25.04 -21.92
N HIS I 101 -8.13 25.61 -23.13
CA HIS I 101 -7.98 24.80 -24.34
C HIS I 101 -7.39 25.53 -25.55
N PRO I 102 -6.85 24.79 -26.54
CA PRO I 102 -6.07 25.38 -27.62
C PRO I 102 -6.89 26.32 -28.47
N THR I 103 -6.19 27.11 -29.26
CA THR I 103 -6.81 28.17 -30.05
C THR I 103 -6.27 28.13 -31.46
N LEU I 104 -7.14 28.36 -32.43
CA LEU I 104 -6.80 28.44 -33.84
C LEU I 104 -7.15 29.86 -34.30
N LEU I 105 -6.21 30.49 -34.96
CA LEU I 105 -6.20 31.91 -35.22
C LEU I 105 -5.95 32.09 -36.70
N THR I 106 -6.36 33.22 -37.23
CA THR I 106 -6.40 33.45 -38.67
C THR I 106 -5.61 34.67 -39.04
N GLU I 107 -5.10 34.65 -40.26
CA GLU I 107 -4.31 35.76 -40.73
C GLU I 107 -4.46 35.88 -42.24
N ALA I 108 -4.38 37.09 -42.79
CA ALA I 108 -4.21 37.25 -44.24
C ALA I 108 -2.76 36.92 -44.67
N PRO I 109 -2.54 36.30 -45.85
CA PRO I 109 -1.21 35.95 -46.34
C PRO I 109 -0.35 37.18 -46.63
N LEU I 110 0.96 36.98 -46.73
CA LEU I 110 1.97 38.03 -46.97
C LEU I 110 2.14 39.08 -45.86
N ASN I 111 1.44 38.98 -44.72
CA ASN I 111 1.47 40.10 -43.77
C ASN I 111 2.74 40.05 -42.89
N PRO I 112 3.07 41.14 -42.19
CA PRO I 112 4.41 41.33 -41.62
C PRO I 112 4.88 40.24 -40.64
N LYS I 113 6.18 39.92 -40.71
CA LYS I 113 6.83 38.85 -39.94
C LYS I 113 6.68 39.07 -38.43
N ALA I 114 6.69 40.32 -37.98
CA ALA I 114 6.51 40.63 -36.57
C ALA I 114 5.08 40.36 -36.08
N ASN I 115 4.05 40.37 -36.93
CA ASN I 115 2.66 40.22 -36.51
C ASN I 115 2.39 38.87 -35.82
N ARG I 116 2.95 37.78 -36.39
CA ARG I 116 2.91 36.45 -35.80
C ARG I 116 3.73 36.37 -34.52
N GLU I 117 4.89 37.01 -34.48
CA GLU I 117 5.70 37.00 -33.27
C GLU I 117 4.97 37.70 -32.12
N LYS I 118 4.33 38.84 -32.38
CA LYS I 118 3.55 39.52 -31.36
C LYS I 118 2.32 38.71 -30.97
N MET I 119 1.55 38.17 -31.91
CA MET I 119 0.42 37.30 -31.55
C MET I 119 0.85 36.11 -30.69
N THR I 120 1.92 35.44 -31.07
CA THR I 120 2.40 34.26 -30.37
C THR I 120 2.79 34.63 -28.95
N GLN I 121 3.53 35.72 -28.82
CA GLN I 121 3.96 36.20 -27.53
C GLN I 121 2.74 36.52 -26.67
N ILE I 122 1.75 37.19 -27.23
CA ILE I 122 0.54 37.57 -26.50
C ILE I 122 -0.32 36.36 -26.12
N MET I 123 -0.53 35.40 -27.01
CA MET I 123 -1.34 34.21 -26.73
C MET I 123 -0.72 33.33 -25.65
N PHE I 124 0.58 33.07 -25.70
CA PHE I 124 1.21 32.25 -24.68
C PHE I 124 1.49 33.00 -23.39
N GLU I 125 2.02 34.21 -23.44
CA GLU I 125 2.43 34.90 -22.23
C GLU I 125 1.22 35.50 -21.51
N THR I 126 0.45 36.32 -22.22
CA THR I 126 -0.58 37.15 -21.59
C THR I 126 -1.90 36.39 -21.41
N PHE I 127 -2.43 35.75 -22.46
CA PHE I 127 -3.66 34.95 -22.35
C PHE I 127 -3.45 33.54 -21.81
N ASN I 128 -2.21 33.05 -21.80
CA ASN I 128 -1.86 31.73 -21.28
C ASN I 128 -2.55 30.53 -21.96
N VAL I 129 -2.80 30.61 -23.25
CA VAL I 129 -3.40 29.50 -24.01
C VAL I 129 -2.46 28.29 -24.02
N PRO I 130 -2.92 27.04 -23.84
CA PRO I 130 -2.01 25.89 -23.75
C PRO I 130 -1.29 25.58 -25.06
N ALA I 131 -1.96 25.80 -26.19
CA ALA I 131 -1.42 25.58 -27.52
C ALA I 131 -2.14 26.45 -28.55
N MET I 132 -1.49 26.69 -29.68
CA MET I 132 -1.92 27.64 -30.70
C MET I 132 -1.62 27.08 -32.10
N TYR I 133 -2.36 27.51 -33.10
CA TYR I 133 -1.93 27.41 -34.49
C TYR I 133 -2.50 28.56 -35.29
N VAL I 134 -1.86 28.95 -36.40
CA VAL I 134 -2.36 30.04 -37.22
C VAL I 134 -2.59 29.52 -38.63
N ALA I 135 -3.73 29.86 -39.24
CA ALA I 135 -4.13 29.33 -40.53
C ALA I 135 -4.54 30.46 -41.46
N ILE I 136 -4.12 30.39 -42.71
CA ILE I 136 -4.41 31.42 -43.71
C ILE I 136 -5.92 31.40 -44.07
N GLN I 137 -6.62 32.54 -43.99
CA GLN I 137 -8.10 32.56 -44.04
C GLN I 137 -8.65 31.75 -45.23
N ALA I 138 -8.08 31.93 -46.42
CA ALA I 138 -8.57 31.30 -47.64
C ALA I 138 -8.49 29.77 -47.62
N VAL I 139 -7.60 29.18 -46.83
CA VAL I 139 -7.46 27.73 -46.79
C VAL I 139 -8.70 27.13 -46.14
N LEU I 140 -9.21 27.79 -45.09
CA LEU I 140 -10.40 27.32 -44.39
C LEU I 140 -11.63 27.41 -45.31
N SER I 141 -11.68 28.40 -46.20
CA SER I 141 -12.76 28.52 -47.18
C SER I 141 -12.87 27.29 -48.10
N LEU I 142 -11.77 26.58 -48.33
CA LEU I 142 -11.84 25.32 -49.08
C LEU I 142 -12.45 24.22 -48.22
N TYR I 143 -11.97 24.06 -46.99
CA TYR I 143 -12.53 23.07 -46.07
C TYR I 143 -14.04 23.28 -45.88
N ALA I 144 -14.48 24.53 -45.78
CA ALA I 144 -15.89 24.88 -45.66
C ALA I 144 -16.69 24.58 -46.92
N SER I 145 -16.15 24.94 -48.09
CA SER I 145 -16.81 24.66 -49.38
C SER I 145 -16.62 23.20 -49.83
N GLY I 146 -16.00 22.37 -48.99
CA GLY I 146 -15.95 20.92 -49.14
C GLY I 146 -15.05 20.49 -50.30
N ARG I 147 -13.93 21.20 -50.47
CA ARG I 147 -13.07 21.09 -51.66
C ARG I 147 -11.60 21.05 -51.30
N THR I 148 -10.77 20.49 -52.19
CA THR I 148 -9.31 20.42 -52.03
C THR I 148 -8.50 21.04 -53.17
N THR I 149 -9.13 21.41 -54.28
CA THR I 149 -8.51 22.13 -55.41
C THR I 149 -9.29 23.39 -55.69
N GLY I 150 -8.59 24.51 -55.74
CA GLY I 150 -9.23 25.78 -55.94
C GLY I 150 -8.26 26.91 -56.18
N ILE I 151 -8.82 28.03 -56.58
CA ILE I 151 -8.22 29.32 -56.26
C ILE I 151 -9.27 30.00 -55.41
N VAL I 152 -8.84 30.58 -54.32
CA VAL I 152 -9.76 31.12 -53.31
C VAL I 152 -9.53 32.60 -53.23
N LEU I 153 -10.56 33.38 -53.51
CA LEU I 153 -10.58 34.81 -53.24
C LEU I 153 -11.33 35.00 -51.92
N ASP I 154 -10.63 35.32 -50.84
CA ASP I 154 -11.30 35.66 -49.58
C ASP I 154 -11.23 37.17 -49.53
N SER I 155 -12.36 37.83 -49.35
CA SER I 155 -12.50 39.25 -49.56
C SER I 155 -13.42 39.81 -48.50
N GLY I 156 -12.76 40.43 -47.54
CA GLY I 156 -13.37 40.89 -46.31
C GLY I 156 -13.41 42.39 -46.15
N ASP I 157 -13.50 42.83 -44.92
CA ASP I 157 -13.00 44.13 -44.55
C ASP I 157 -11.47 44.15 -44.58
N GLY I 158 -10.82 45.30 -44.68
CA GLY I 158 -9.37 45.38 -44.45
C GLY I 158 -8.47 44.86 -45.57
N VAL I 159 -8.68 43.62 -46.03
CA VAL I 159 -7.87 42.94 -47.05
C VAL I 159 -8.67 41.96 -47.92
N THR I 160 -8.22 41.75 -49.14
CA THR I 160 -8.68 40.70 -50.05
C THR I 160 -7.48 39.92 -50.59
N HIS I 161 -7.56 38.60 -50.75
CA HIS I 161 -6.43 37.86 -51.34
C HIS I 161 -6.87 36.61 -52.09
N ASN I 162 -6.04 36.21 -53.05
CA ASN I 162 -6.09 34.98 -53.80
C ASN I 162 -5.00 34.03 -53.33
N VAL I 163 -5.35 32.79 -52.99
CA VAL I 163 -4.40 31.70 -52.71
C VAL I 163 -4.69 30.50 -53.63
N PRO I 164 -3.79 30.14 -54.56
CA PRO I 164 -4.00 28.97 -55.42
C PRO I 164 -3.57 27.66 -54.76
N ILE I 165 -4.44 26.65 -54.81
CA ILE I 165 -4.28 25.34 -54.16
C ILE I 165 -4.68 24.19 -55.10
N TYR I 166 -3.82 23.18 -55.24
CA TYR I 166 -4.17 21.96 -55.95
C TYR I 166 -4.12 20.76 -55.00
N GLU I 167 -5.25 20.10 -54.76
CA GLU I 167 -5.36 18.94 -53.87
C GLU I 167 -4.62 19.10 -52.52
N GLY I 168 -4.79 20.25 -51.89
CA GLY I 168 -4.15 20.56 -50.60
C GLY I 168 -2.67 20.94 -50.68
N TYR I 169 -2.11 21.10 -51.88
CA TYR I 169 -0.78 21.65 -52.10
C TYR I 169 -0.89 23.13 -52.49
N ALA I 170 -0.33 24.02 -51.67
CA ALA I 170 -0.34 25.47 -51.87
C ALA I 170 0.70 25.93 -52.88
N LEU I 171 0.46 27.07 -53.54
CA LEU I 171 1.35 27.60 -54.59
C LEU I 171 1.90 28.98 -54.18
N PRO I 172 2.89 29.04 -53.27
CA PRO I 172 3.34 30.30 -52.65
C PRO I 172 3.82 31.37 -53.63
N HIS I 173 4.42 31.01 -54.76
CA HIS I 173 4.73 31.97 -55.82
C HIS I 173 3.51 32.66 -56.45
N ALA I 174 2.32 32.07 -56.36
CA ALA I 174 1.10 32.48 -57.06
C ALA I 174 0.06 33.20 -56.17
N ILE I 175 0.36 33.47 -54.90
CA ILE I 175 -0.48 34.26 -53.98
C ILE I 175 -0.47 35.74 -54.39
N MET I 176 -1.64 36.28 -54.74
CA MET I 176 -1.88 37.72 -54.82
C MET I 176 -2.76 38.26 -53.73
N ARG I 177 -2.34 39.38 -53.16
CA ARG I 177 -3.00 40.09 -52.08
C ARG I 177 -3.24 41.52 -52.50
N LEU I 178 -4.41 42.04 -52.16
CA LEU I 178 -4.84 43.39 -52.45
C LEU I 178 -5.50 43.94 -51.19
N ASP I 179 -5.21 45.17 -50.78
CA ASP I 179 -5.70 45.62 -49.47
C ASP I 179 -6.98 46.44 -49.57
N LEU I 180 -7.47 46.64 -50.80
CA LEU I 180 -8.76 47.24 -51.06
C LEU I 180 -9.85 46.22 -50.66
N ALA I 181 -10.87 46.69 -49.96
CA ALA I 181 -11.71 45.82 -49.15
C ALA I 181 -12.96 46.59 -48.70
N GLY I 182 -13.87 45.93 -47.99
CA GLY I 182 -15.13 46.55 -47.53
C GLY I 182 -14.98 47.86 -46.74
N ARG I 183 -13.88 48.08 -46.01
CA ARG I 183 -13.63 49.35 -45.32
C ARG I 183 -13.30 50.46 -46.28
N ASP I 184 -12.64 50.16 -47.39
CA ASP I 184 -12.30 51.20 -48.35
C ASP I 184 -13.43 51.47 -49.33
N LEU I 185 -14.36 50.51 -49.53
CA LEU I 185 -15.69 50.89 -50.01
C LEU I 185 -16.45 51.78 -49.02
N THR I 186 -16.26 51.63 -47.71
CA THR I 186 -16.93 52.51 -46.74
C THR I 186 -16.33 53.90 -46.81
N ASP I 187 -15.01 54.04 -46.75
CA ASP I 187 -14.42 55.36 -46.88
C ASP I 187 -14.62 55.97 -48.26
N TYR I 188 -14.65 55.17 -49.34
CA TYR I 188 -14.94 55.75 -50.65
C TYR I 188 -16.42 56.15 -50.79
N LEU I 189 -17.35 55.38 -50.23
CA LEU I 189 -18.75 55.78 -50.15
C LEU I 189 -18.95 57.13 -49.45
N MET I 190 -18.13 57.50 -48.47
CA MET I 190 -18.12 58.87 -47.94
C MET I 190 -17.64 59.89 -48.98
N LYS I 191 -16.59 59.57 -49.71
CA LYS I 191 -15.97 60.46 -50.70
C LYS I 191 -16.84 60.65 -51.95
N ILE I 192 -17.82 59.78 -52.22
CA ILE I 192 -18.92 60.08 -53.16
C ILE I 192 -20.19 60.64 -52.50
N LEU I 193 -20.61 60.21 -51.31
CA LEU I 193 -21.90 60.66 -50.75
C LEU I 193 -21.94 62.17 -50.60
N THR I 194 -20.77 62.75 -50.38
CA THR I 194 -20.61 64.18 -50.31
C THR I 194 -21.14 64.90 -51.58
N GLU I 195 -21.16 64.29 -52.77
CA GLU I 195 -21.81 64.92 -53.94
C GLU I 195 -23.30 65.18 -53.78
N ARG I 196 -24.05 64.24 -53.21
CA ARG I 196 -25.51 64.40 -52.98
C ARG I 196 -25.82 65.10 -51.66
N GLY I 197 -24.83 65.76 -51.06
CA GLY I 197 -25.07 66.79 -50.05
C GLY I 197 -25.20 66.25 -48.64
N TYR I 198 -25.59 64.99 -48.49
CA TYR I 198 -25.49 64.29 -47.23
C TYR I 198 -24.04 64.35 -46.72
N SER I 199 -23.84 64.22 -45.42
CA SER I 199 -22.53 64.47 -44.81
C SER I 199 -22.16 63.36 -43.85
N PHE I 200 -20.90 62.96 -43.92
CA PHE I 200 -20.31 62.00 -43.01
C PHE I 200 -18.82 62.34 -42.94
N VAL I 201 -18.30 62.83 -41.82
CA VAL I 201 -16.85 63.06 -41.61
C VAL I 201 -16.30 62.45 -40.32
N THR I 202 -17.15 61.92 -39.45
CA THR I 202 -16.74 61.52 -38.11
C THR I 202 -16.88 60.03 -37.90
N THR I 203 -16.05 59.47 -37.04
CA THR I 203 -15.99 58.04 -36.85
C THR I 203 -17.33 57.54 -36.34
N ALA I 204 -17.99 58.28 -35.44
CA ALA I 204 -19.28 57.85 -34.91
C ALA I 204 -20.38 57.74 -35.98
N GLU I 205 -20.22 58.29 -37.19
CA GLU I 205 -21.23 58.22 -38.26
C GLU I 205 -20.72 57.43 -39.47
N ARG I 206 -19.41 57.16 -39.53
CA ARG I 206 -18.81 56.21 -40.47
C ARG I 206 -19.50 54.84 -40.37
N GLU I 207 -19.88 54.42 -39.17
CA GLU I 207 -20.60 53.17 -38.96
C GLU I 207 -22.01 53.18 -39.56
N ILE I 208 -22.56 54.35 -39.93
CA ILE I 208 -23.82 54.43 -40.67
C ILE I 208 -23.48 54.11 -42.11
N VAL I 209 -22.40 54.69 -42.63
CA VAL I 209 -22.01 54.53 -44.03
C VAL I 209 -21.79 53.06 -44.32
N ARG I 210 -21.12 52.37 -43.39
CA ARG I 210 -20.91 50.91 -43.38
C ARG I 210 -22.21 50.08 -43.35
N ASP I 211 -23.30 50.64 -42.85
CA ASP I 211 -24.61 49.97 -42.74
C ASP I 211 -25.50 50.28 -43.94
N ILE I 212 -25.35 51.45 -44.54
CA ILE I 212 -25.98 51.81 -45.80
C ILE I 212 -25.51 50.88 -46.91
N LYS I 213 -24.19 50.67 -47.00
CA LYS I 213 -23.56 49.76 -47.97
C LYS I 213 -24.12 48.36 -47.93
N GLU I 214 -24.35 47.84 -46.72
CA GLU I 214 -24.80 46.46 -46.48
C GLU I 214 -26.21 46.23 -47.01
N LYS I 215 -27.13 47.16 -46.73
CA LYS I 215 -28.50 47.07 -47.21
C LYS I 215 -28.67 47.41 -48.68
N LEU I 216 -28.15 48.54 -49.14
CA LEU I 216 -28.58 49.08 -50.43
C LEU I 216 -27.87 48.51 -51.67
N CYS I 217 -26.56 48.22 -51.57
CA CYS I 217 -25.69 47.99 -52.73
C CYS I 217 -25.80 46.63 -53.45
N TYR I 218 -25.34 46.64 -54.70
CA TYR I 218 -25.42 45.60 -55.72
C TYR I 218 -24.23 45.80 -56.70
N VAL I 219 -23.89 44.77 -57.48
CA VAL I 219 -22.70 44.78 -58.35
C VAL I 219 -23.13 44.95 -59.81
N ALA I 220 -22.53 45.90 -60.53
CA ALA I 220 -22.88 46.15 -61.92
C ALA I 220 -22.37 45.01 -62.83
N LEU I 221 -23.18 44.49 -63.77
CA LEU I 221 -22.66 43.61 -64.82
C LEU I 221 -21.77 44.38 -65.80
N ASP I 222 -22.13 45.64 -66.02
CA ASP I 222 -21.28 46.67 -66.61
C ASP I 222 -21.56 48.02 -65.96
N PHE I 223 -20.50 48.69 -65.56
CA PHE I 223 -20.53 50.05 -65.04
C PHE I 223 -20.90 51.02 -66.16
N GLU I 224 -20.29 50.93 -67.34
CA GLU I 224 -20.33 52.03 -68.32
C GLU I 224 -21.71 52.28 -68.97
N ASN I 225 -22.60 51.28 -69.09
CA ASN I 225 -23.98 51.53 -69.50
C ASN I 225 -24.81 52.03 -68.30
N GLU I 226 -24.52 51.57 -67.08
CA GLU I 226 -25.22 52.05 -65.91
C GLU I 226 -24.87 53.52 -65.62
N MET I 227 -23.66 53.94 -65.96
CA MET I 227 -23.22 55.35 -65.94
C MET I 227 -24.08 56.23 -66.86
N ALA I 228 -24.45 55.73 -68.04
CA ALA I 228 -25.47 56.37 -68.89
C ALA I 228 -26.88 56.27 -68.29
N THR I 229 -27.22 55.13 -67.69
CA THR I 229 -28.56 54.81 -67.15
C THR I 229 -28.98 55.86 -66.14
N ALA I 230 -28.09 56.26 -65.23
CA ALA I 230 -28.43 57.17 -64.13
C ALA I 230 -28.73 58.62 -64.55
N ALA I 231 -28.50 58.99 -65.82
CA ALA I 231 -29.01 60.24 -66.39
C ALA I 231 -30.50 60.14 -66.82
N SER I 232 -30.99 58.93 -67.05
CA SER I 232 -32.36 58.63 -67.50
C SER I 232 -33.30 58.22 -66.37
N SER I 233 -32.83 57.45 -65.39
CA SER I 233 -33.70 56.68 -64.48
C SER I 233 -33.72 57.20 -63.04
N SER I 234 -34.92 57.45 -62.49
CA SER I 234 -35.15 57.43 -61.03
C SER I 234 -35.45 56.05 -60.43
N SER I 235 -35.75 54.99 -61.21
CA SER I 235 -35.88 53.61 -60.67
C SER I 235 -34.55 53.08 -60.11
N LEU I 236 -33.44 53.72 -60.49
CA LEU I 236 -32.11 53.42 -59.98
C LEU I 236 -31.91 53.95 -58.57
N GLU I 237 -32.60 55.02 -58.15
CA GLU I 237 -32.54 55.50 -56.76
C GLU I 237 -33.34 54.68 -55.75
N LYS I 238 -32.82 54.62 -54.52
CA LYS I 238 -33.48 54.05 -53.33
C LYS I 238 -33.36 55.01 -52.17
N SER I 239 -34.24 54.87 -51.18
CA SER I 239 -34.25 55.68 -49.96
C SER I 239 -34.16 54.88 -48.66
N TYR I 240 -33.52 55.45 -47.64
CA TYR I 240 -33.23 54.82 -46.36
C TYR I 240 -33.32 55.81 -45.17
N GLU I 241 -33.81 55.32 -44.03
CA GLU I 241 -34.08 56.14 -42.83
C GLU I 241 -32.83 56.22 -41.94
N LEU I 242 -32.21 57.38 -41.78
CA LEU I 242 -31.14 57.55 -40.79
C LEU I 242 -31.65 57.40 -39.34
N PRO I 243 -30.77 57.15 -38.36
CA PRO I 243 -31.13 57.18 -36.94
C PRO I 243 -31.76 58.50 -36.48
N ASP I 244 -31.31 59.67 -36.97
CA ASP I 244 -31.97 60.94 -36.63
C ASP I 244 -33.30 61.19 -37.35
N GLY I 245 -33.74 60.26 -38.19
CA GLY I 245 -35.08 60.24 -38.77
C GLY I 245 -35.15 60.86 -40.16
N GLN I 246 -34.06 61.48 -40.64
CA GLN I 246 -33.97 61.96 -42.00
C GLN I 246 -34.05 60.79 -42.98
N VAL I 247 -34.72 61.03 -44.11
CA VAL I 247 -34.72 60.08 -45.22
C VAL I 247 -33.63 60.55 -46.18
N ILE I 248 -32.70 59.66 -46.52
CA ILE I 248 -31.77 59.89 -47.64
C ILE I 248 -32.29 59.13 -48.86
N THR I 249 -31.91 59.61 -50.03
CA THR I 249 -32.20 58.97 -51.30
C THR I 249 -30.94 59.00 -52.15
N ILE I 250 -30.57 57.88 -52.74
CA ILE I 250 -29.25 57.70 -53.34
C ILE I 250 -29.43 57.07 -54.72
N GLY I 251 -28.77 57.63 -55.75
CA GLY I 251 -28.81 57.18 -57.15
C GLY I 251 -27.47 56.61 -57.62
N ASN I 252 -26.79 57.32 -58.54
CA ASN I 252 -25.57 56.89 -59.25
C ASN I 252 -24.41 56.45 -58.35
N GLU I 253 -24.44 56.75 -57.06
CA GLU I 253 -23.58 56.04 -56.13
C GLU I 253 -23.70 54.53 -56.16
N ARG I 254 -24.90 53.95 -56.22
CA ARG I 254 -24.97 52.51 -55.93
C ARG I 254 -24.31 51.57 -56.96
N PHE I 255 -23.86 52.07 -58.11
CA PHE I 255 -22.78 51.44 -58.86
C PHE I 255 -21.44 52.17 -58.86
N ARG I 256 -21.30 53.46 -58.52
CA ARG I 256 -19.98 54.14 -58.56
C ARG I 256 -19.02 53.81 -57.44
N CYS I 257 -19.43 53.73 -56.15
CA CYS I 257 -18.46 53.29 -55.14
C CYS I 257 -18.32 51.78 -54.94
N PRO I 258 -19.37 50.95 -54.82
CA PRO I 258 -19.18 49.59 -54.28
C PRO I 258 -18.44 48.68 -55.27
N GLU I 259 -18.49 49.05 -56.55
CA GLU I 259 -17.83 48.40 -57.66
C GLU I 259 -16.32 48.63 -57.70
N THR I 260 -15.69 49.55 -56.95
CA THR I 260 -14.23 49.79 -57.15
C THR I 260 -13.29 48.63 -56.81
N LEU I 261 -13.73 47.57 -56.11
CA LEU I 261 -12.96 46.31 -56.05
C LEU I 261 -12.69 45.74 -57.46
N PHE I 262 -13.52 46.05 -58.44
CA PHE I 262 -13.34 45.68 -59.84
C PHE I 262 -12.62 46.76 -60.65
N GLN I 263 -12.42 47.99 -60.14
CA GLN I 263 -11.70 49.04 -60.85
C GLN I 263 -10.90 49.98 -59.91
N PRO I 264 -9.84 49.52 -59.23
CA PRO I 264 -9.00 50.35 -58.35
C PRO I 264 -8.24 51.54 -58.91
N SER I 265 -8.26 51.76 -60.21
CA SER I 265 -7.67 52.96 -60.82
C SER I 265 -8.28 54.24 -60.24
N PHE I 266 -9.51 54.19 -59.71
CA PHE I 266 -10.29 55.38 -59.33
C PHE I 266 -9.59 56.23 -58.25
N ILE I 267 -8.79 55.63 -57.38
CA ILE I 267 -8.20 56.24 -56.18
C ILE I 267 -6.67 56.47 -56.27
N GLY I 268 -6.10 56.44 -57.48
CA GLY I 268 -4.70 56.82 -57.82
C GLY I 268 -3.59 55.79 -57.56
N MET I 269 -3.95 54.53 -57.31
CA MET I 269 -3.06 53.37 -57.16
C MET I 269 -2.65 52.76 -58.53
N GLU I 270 -1.48 52.10 -58.63
CA GLU I 270 -1.11 51.39 -59.87
C GLU I 270 -1.99 50.16 -60.14
N SER I 271 -2.28 49.35 -59.12
CA SER I 271 -2.76 47.99 -59.31
C SER I 271 -4.15 47.87 -59.96
N ALA I 272 -4.41 46.70 -60.53
CA ALA I 272 -5.70 46.24 -61.05
C ALA I 272 -6.62 45.61 -60.00
N GLY I 273 -7.90 45.44 -60.35
CA GLY I 273 -8.94 44.91 -59.47
C GLY I 273 -8.87 43.42 -59.14
N ILE I 274 -9.87 42.92 -58.42
CA ILE I 274 -9.95 41.50 -58.02
C ILE I 274 -10.01 40.54 -59.21
N HIS I 275 -10.53 40.98 -60.36
CA HIS I 275 -10.61 40.18 -61.56
C HIS I 275 -9.21 39.95 -62.12
N GLU I 276 -8.41 40.99 -62.38
CA GLU I 276 -7.07 40.79 -62.92
C GLU I 276 -6.13 40.15 -61.91
N THR I 277 -6.22 40.43 -60.61
CA THR I 277 -5.39 39.68 -59.67
C THR I 277 -5.82 38.23 -59.60
N THR I 278 -7.10 37.91 -59.77
CA THR I 278 -7.50 36.50 -59.85
C THR I 278 -6.90 35.83 -61.09
N TYR I 279 -7.03 36.45 -62.26
CA TYR I 279 -6.48 35.91 -63.49
C TYR I 279 -4.95 35.87 -63.48
N ASN I 280 -4.25 36.94 -63.07
CA ASN I 280 -2.79 36.96 -62.92
C ASN I 280 -2.30 35.99 -61.85
N SER I 281 -3.06 35.75 -60.79
CA SER I 281 -2.76 34.64 -59.88
C SER I 281 -2.84 33.29 -60.60
N ILE I 282 -3.82 33.06 -61.48
CA ILE I 282 -3.80 31.88 -62.35
C ILE I 282 -2.64 31.91 -63.34
N MET I 283 -2.27 33.06 -63.93
CA MET I 283 -1.12 33.10 -64.83
C MET I 283 0.19 32.74 -64.13
N LYS I 284 0.37 33.09 -62.86
CA LYS I 284 1.49 32.58 -62.07
C LYS I 284 1.37 31.09 -61.73
N CYS I 285 0.17 30.50 -61.75
CA CYS I 285 -0.02 29.06 -61.50
C CYS I 285 0.52 28.17 -62.62
N ASP I 286 0.79 26.92 -62.26
CA ASP I 286 1.40 25.95 -63.16
C ASP I 286 0.36 25.55 -64.23
N ILE I 287 0.85 25.29 -65.44
CA ILE I 287 0.02 25.11 -66.63
C ILE I 287 -0.75 23.78 -66.66
N ASP I 288 -0.39 22.80 -65.82
CA ASP I 288 -1.10 21.50 -65.78
C ASP I 288 -2.56 21.67 -65.33
N ILE I 289 -2.81 22.64 -64.45
CA ILE I 289 -3.99 22.67 -63.55
C ILE I 289 -5.08 23.67 -63.93
N ARG I 290 -4.84 24.57 -64.89
CA ARG I 290 -5.65 25.79 -65.06
C ARG I 290 -7.13 25.55 -65.28
N LYS I 291 -7.55 24.47 -65.93
CA LYS I 291 -8.98 24.15 -66.06
C LYS I 291 -9.66 23.87 -64.71
N ASP I 292 -8.98 23.23 -63.76
CA ASP I 292 -9.57 23.00 -62.44
C ASP I 292 -9.63 24.30 -61.63
N LEU I 293 -8.65 25.19 -61.75
CA LEU I 293 -8.70 26.48 -61.05
C LEU I 293 -9.83 27.37 -61.57
N TYR I 294 -9.94 27.54 -62.89
CA TYR I 294 -11.01 28.34 -63.47
C TYR I 294 -12.39 27.76 -63.11
N ALA I 295 -12.52 26.44 -62.97
CA ALA I 295 -13.74 25.80 -62.48
C ALA I 295 -13.96 26.00 -60.96
N ASN I 296 -12.93 25.88 -60.13
CA ASN I 296 -12.97 26.16 -58.69
C ASN I 296 -12.39 27.51 -58.28
N ASN I 297 -12.96 28.61 -58.75
CA ASN I 297 -12.89 29.86 -57.99
C ASN I 297 -13.87 29.79 -56.83
N VAL I 298 -13.38 29.97 -55.61
CA VAL I 298 -14.23 30.08 -54.41
C VAL I 298 -14.19 31.52 -53.92
N MET I 299 -15.36 32.16 -53.89
CA MET I 299 -15.58 33.45 -53.24
C MET I 299 -15.80 33.27 -51.74
N SER I 300 -15.27 34.18 -50.93
CA SER I 300 -15.27 34.07 -49.48
C SER I 300 -15.27 35.43 -48.78
N GLY I 301 -15.83 35.45 -47.56
CA GLY I 301 -15.81 36.61 -46.66
C GLY I 301 -16.94 37.60 -46.93
N GLY I 302 -17.19 38.47 -45.95
CA GLY I 302 -18.40 39.27 -45.94
C GLY I 302 -18.48 40.25 -47.12
N THR I 303 -17.38 40.80 -47.62
CA THR I 303 -17.43 41.72 -48.77
C THR I 303 -17.90 41.07 -50.06
N THR I 304 -17.98 39.74 -50.15
CA THR I 304 -18.56 39.06 -51.31
C THR I 304 -20.06 38.82 -51.24
N MET I 305 -20.76 39.35 -50.25
CA MET I 305 -22.16 38.95 -49.97
C MET I 305 -23.19 39.53 -50.94
N TYR I 306 -22.80 40.47 -51.81
CA TYR I 306 -23.72 41.16 -52.74
C TYR I 306 -24.52 40.18 -53.62
N PRO I 307 -25.83 40.40 -53.80
CA PRO I 307 -26.57 39.85 -54.93
C PRO I 307 -25.86 40.24 -56.24
N GLY I 308 -25.70 39.31 -57.17
CA GLY I 308 -25.14 39.62 -58.49
C GLY I 308 -23.61 39.62 -58.60
N ILE I 309 -22.85 39.29 -57.54
CA ILE I 309 -21.37 39.25 -57.63
C ILE I 309 -20.86 38.14 -58.54
N ALA I 310 -21.56 37.01 -58.58
CA ALA I 310 -21.14 35.84 -59.31
C ALA I 310 -21.05 36.14 -60.81
N ASP I 311 -22.13 36.66 -61.38
CA ASP I 311 -22.24 36.89 -62.82
C ASP I 311 -21.22 37.92 -63.31
N ARG I 312 -20.89 38.95 -62.52
CA ARG I 312 -19.83 39.89 -62.87
C ARG I 312 -18.45 39.24 -62.83
N MET I 313 -18.17 38.41 -61.84
CA MET I 313 -16.89 37.69 -61.77
C MET I 313 -16.77 36.70 -62.95
N GLN I 314 -17.83 35.96 -63.23
CA GLN I 314 -17.90 35.04 -64.36
C GLN I 314 -17.66 35.75 -65.69
N LYS I 315 -18.29 36.90 -65.88
CA LYS I 315 -18.14 37.73 -67.07
C LYS I 315 -16.70 38.17 -67.22
N GLU I 316 -16.14 38.82 -66.21
CA GLU I 316 -14.89 39.54 -66.43
C GLU I 316 -13.65 38.65 -66.37
N ILE I 317 -13.73 37.45 -65.77
CA ILE I 317 -12.66 36.47 -65.96
C ILE I 317 -12.81 35.82 -67.36
N THR I 318 -14.02 35.48 -67.82
CA THR I 318 -14.25 34.96 -69.18
C THR I 318 -13.84 35.93 -70.27
N ALA I 319 -13.95 37.23 -70.03
CA ALA I 319 -13.53 38.25 -70.99
C ALA I 319 -12.01 38.35 -71.16
N LEU I 320 -11.23 37.95 -70.16
CA LEU I 320 -9.77 38.07 -70.18
C LEU I 320 -9.09 36.72 -70.43
N ALA I 321 -9.64 35.65 -69.88
CA ALA I 321 -9.26 34.27 -70.19
C ALA I 321 -9.77 33.84 -71.58
N PRO I 322 -9.14 32.86 -72.25
CA PRO I 322 -9.70 32.30 -73.47
C PRO I 322 -11.08 31.67 -73.19
N SER I 323 -12.07 32.01 -74.01
CA SER I 323 -13.46 31.55 -73.84
C SER I 323 -13.64 30.05 -74.13
N THR I 324 -12.59 29.40 -74.67
CA THR I 324 -12.51 27.95 -74.83
C THR I 324 -12.13 27.24 -73.52
N MET I 325 -11.46 27.93 -72.58
CA MET I 325 -11.47 27.53 -71.17
C MET I 325 -12.85 27.85 -70.56
N LYS I 326 -13.17 27.28 -69.39
CA LYS I 326 -14.50 27.43 -68.76
C LYS I 326 -14.33 28.01 -67.36
N ILE I 327 -15.17 28.98 -67.01
CA ILE I 327 -15.10 29.77 -65.77
C ILE I 327 -16.32 29.48 -64.91
N LYS I 328 -16.12 29.09 -63.65
CA LYS I 328 -17.18 28.96 -62.66
C LYS I 328 -16.77 29.62 -61.36
N ILE I 329 -17.68 30.42 -60.81
CA ILE I 329 -17.49 31.19 -59.59
C ILE I 329 -18.37 30.54 -58.53
N ILE I 330 -17.79 30.11 -57.43
CA ILE I 330 -18.53 29.43 -56.36
C ILE I 330 -18.77 30.48 -55.28
N ALA I 331 -20.02 30.92 -55.15
CA ALA I 331 -20.45 31.94 -54.21
C ALA I 331 -21.69 31.46 -53.42
N PRO I 332 -21.50 30.59 -52.42
CA PRO I 332 -22.58 30.00 -51.63
C PRO I 332 -23.27 31.02 -50.69
N PRO I 333 -24.50 30.76 -50.19
CA PRO I 333 -25.26 31.71 -49.35
C PRO I 333 -24.66 31.92 -47.95
N GLU I 334 -23.88 30.97 -47.42
CA GLU I 334 -23.08 31.09 -46.20
C GLU I 334 -21.90 32.10 -46.24
N ARG I 335 -21.57 32.68 -47.41
CA ARG I 335 -20.20 33.12 -47.72
C ARG I 335 -19.51 34.11 -46.78
N LYS I 336 -20.25 34.88 -45.96
CA LYS I 336 -19.71 35.68 -44.83
C LYS I 336 -18.94 34.86 -43.78
N TYR I 337 -19.35 33.62 -43.52
CA TYR I 337 -18.82 32.84 -42.40
C TYR I 337 -17.92 31.67 -42.78
N SER I 338 -17.70 31.39 -44.07
CA SER I 338 -16.98 30.19 -44.48
C SER I 338 -15.57 30.11 -43.89
N VAL I 339 -14.89 31.24 -43.72
CA VAL I 339 -13.55 31.28 -43.14
C VAL I 339 -13.57 30.77 -41.71
N TRP I 340 -14.61 31.09 -40.95
CA TRP I 340 -14.84 30.47 -39.66
C TRP I 340 -15.35 29.04 -39.75
N ILE I 341 -16.28 28.70 -40.65
CA ILE I 341 -16.83 27.33 -40.77
C ILE I 341 -15.72 26.31 -41.05
N GLY I 342 -14.80 26.66 -41.95
CA GLY I 342 -13.67 25.80 -42.28
C GLY I 342 -12.79 25.55 -41.07
N GLY I 343 -12.54 26.59 -40.26
CA GLY I 343 -11.81 26.39 -39.02
C GLY I 343 -12.58 25.54 -38.03
N SER I 344 -13.91 25.57 -38.06
CA SER I 344 -14.69 24.70 -37.18
C SER I 344 -14.55 23.22 -37.53
N ILE I 345 -14.53 22.83 -38.81
CA ILE I 345 -14.33 21.40 -39.12
C ILE I 345 -12.87 21.01 -39.00
N LEU I 346 -11.95 21.80 -39.56
CA LEU I 346 -10.52 21.50 -39.58
C LEU I 346 -9.97 21.21 -38.17
N ALA I 347 -10.26 22.08 -37.21
CA ALA I 347 -9.81 21.92 -35.84
C ALA I 347 -10.46 20.72 -35.12
N SER I 348 -11.55 20.18 -35.67
CA SER I 348 -12.23 19.01 -35.11
C SER I 348 -11.72 17.66 -35.67
N LEU I 349 -10.95 17.63 -36.76
CA LEU I 349 -10.36 16.37 -37.28
C LEU I 349 -9.29 15.81 -36.36
N SER I 350 -9.36 14.51 -36.07
CA SER I 350 -8.32 13.83 -35.29
C SER I 350 -6.94 13.92 -35.98
N THR I 351 -6.94 13.91 -37.32
CA THR I 351 -5.73 14.07 -38.14
C THR I 351 -5.06 15.44 -37.94
N PHE I 352 -5.81 16.50 -37.65
CA PHE I 352 -5.26 17.82 -37.37
C PHE I 352 -4.52 17.91 -36.02
N GLN I 353 -4.89 17.10 -35.02
CA GLN I 353 -4.43 17.28 -33.64
C GLN I 353 -2.91 17.30 -33.43
N GLN I 354 -2.13 16.75 -34.36
CA GLN I 354 -0.66 16.83 -34.33
C GLN I 354 -0.10 18.25 -34.55
N MET I 355 -0.80 19.14 -35.27
CA MET I 355 -0.20 20.34 -35.86
C MET I 355 0.17 21.45 -34.86
N TRP I 356 -0.51 21.54 -33.71
CA TRP I 356 -0.44 22.68 -32.80
C TRP I 356 0.98 23.04 -32.35
N ILE I 357 1.28 24.33 -32.25
CA ILE I 357 2.40 24.85 -31.45
C ILE I 357 1.98 24.81 -29.97
N THR I 358 2.58 23.96 -29.15
CA THR I 358 2.31 23.95 -27.70
C THR I 358 3.14 24.99 -26.97
N LYS I 359 2.68 25.44 -25.79
CA LYS I 359 3.39 26.48 -25.02
C LYS I 359 4.84 26.08 -24.71
N GLN I 360 5.10 24.80 -24.48
CA GLN I 360 6.45 24.31 -24.26
C GLN I 360 7.37 24.59 -25.44
N GLU I 361 6.87 24.50 -26.66
CA GLU I 361 7.70 24.76 -27.83
C GLU I 361 8.03 26.25 -27.94
N TYR I 362 7.07 27.13 -27.70
CA TYR I 362 7.35 28.56 -27.65
C TYR I 362 8.30 28.93 -26.51
N ASP I 363 8.07 28.43 -25.31
CA ASP I 363 8.93 28.75 -24.16
C ASP I 363 10.36 28.25 -24.34
N GLU I 364 10.56 27.23 -25.18
CA GLU I 364 11.89 26.76 -25.55
C GLU I 364 12.51 27.58 -26.69
N ALA I 365 11.76 27.87 -27.75
CA ALA I 365 12.30 28.43 -28.99
C ALA I 365 12.26 29.96 -29.08
N GLY I 366 11.43 30.63 -28.28
CA GLY I 366 11.07 32.04 -28.47
C GLY I 366 9.96 32.26 -29.52
N PRO I 367 9.54 33.52 -29.75
CA PRO I 367 8.40 33.85 -30.60
C PRO I 367 8.57 33.50 -32.09
N SER I 368 9.80 33.30 -32.60
CA SER I 368 10.00 33.01 -34.03
C SER I 368 9.45 31.65 -34.49
N ILE I 369 9.06 30.77 -33.57
CA ILE I 369 8.67 29.39 -33.89
C ILE I 369 7.50 29.26 -34.85
N VAL I 370 6.60 30.23 -34.97
CA VAL I 370 5.50 30.15 -35.96
C VAL I 370 6.04 30.01 -37.38
N HIS I 371 7.05 30.80 -37.74
CA HIS I 371 7.73 30.70 -39.03
C HIS I 371 8.37 29.33 -39.29
N ARG I 372 8.67 28.57 -38.22
CA ARG I 372 9.22 27.20 -38.29
C ARG I 372 8.14 26.15 -38.53
N LYS I 373 7.02 26.21 -37.80
CA LYS I 373 6.06 25.09 -37.72
C LYS I 373 4.75 25.34 -38.51
N CYS I 374 4.30 26.58 -38.65
CA CYS I 374 3.27 26.97 -39.63
C CYS I 374 3.87 27.05 -41.07
N PHE I 375 3.03 27.33 -42.08
CA PHE I 375 3.42 27.89 -43.37
C PHE I 375 4.25 29.17 -43.19
N GLU J 5 11.21 17.86 9.98
CA GLU J 5 10.24 17.13 9.13
C GLU J 5 9.65 15.96 9.89
N LEU J 6 10.45 14.95 10.15
CA LEU J 6 10.06 13.79 10.94
C LEU J 6 8.82 13.00 10.48
N TYR J 7 8.49 13.03 9.20
CA TYR J 7 7.43 12.20 8.63
C TYR J 7 8.05 10.81 8.47
N THR J 8 8.00 9.99 9.52
CA THR J 8 8.62 8.66 9.52
C THR J 8 7.67 7.51 9.24
N LYS J 9 8.27 6.35 9.01
CA LYS J 9 7.59 5.10 8.87
C LYS J 9 6.69 4.94 10.08
N PHE J 10 5.50 4.44 9.81
CA PHE J 10 4.38 4.26 10.71
C PHE J 10 3.70 5.54 11.19
N ALA J 11 4.09 6.73 10.72
CA ALA J 11 3.39 7.97 11.07
C ALA J 11 1.98 7.96 10.43
N ARG J 12 0.91 8.28 11.16
CA ARG J 12 -0.42 8.35 10.53
C ARG J 12 -0.67 9.72 9.93
N VAL J 13 -1.33 9.77 8.79
CA VAL J 13 -1.61 11.01 8.06
C VAL J 13 -3.02 10.94 7.48
N TRP J 14 -3.58 12.10 7.21
CA TRP J 14 -4.86 12.22 6.55
C TRP J 14 -4.68 12.52 5.08
N ILE J 15 -5.53 11.90 4.29
CA ILE J 15 -5.59 12.07 2.86
C ILE J 15 -7.05 12.30 2.49
N PRO J 16 -7.30 13.15 1.50
CA PRO J 16 -8.63 13.47 1.06
C PRO J 16 -9.33 12.27 0.41
N ASP J 17 -10.64 12.13 0.57
CA ASP J 17 -11.41 11.06 -0.08
C ASP J 17 -12.83 11.50 -0.49
N PRO J 18 -13.32 11.08 -1.67
CA PRO J 18 -14.64 11.48 -2.15
C PRO J 18 -15.85 11.01 -1.35
N GLU J 19 -15.83 9.83 -0.73
CA GLU J 19 -17.01 9.28 -0.05
C GLU J 19 -17.15 9.77 1.38
N GLU J 20 -16.03 9.83 2.08
CA GLU J 20 -15.94 10.39 3.42
C GLU J 20 -14.79 11.36 3.26
N VAL J 21 -15.05 12.63 3.58
CA VAL J 21 -14.18 13.76 3.25
C VAL J 21 -12.67 13.54 3.46
N TRP J 22 -12.30 12.82 4.52
CA TRP J 22 -10.93 12.44 4.79
C TRP J 22 -10.77 11.00 5.22
N LYS J 23 -9.66 10.40 4.82
CA LYS J 23 -9.30 9.06 5.25
C LYS J 23 -7.93 9.04 5.86
N SER J 24 -7.81 8.14 6.83
CA SER J 24 -6.60 7.85 7.55
C SER J 24 -5.71 6.94 6.73
N ALA J 25 -4.42 7.19 6.80
CA ALA J 25 -3.41 6.39 6.14
C ALA J 25 -2.19 6.27 7.07
N GLU J 26 -1.33 5.31 6.77
CA GLU J 26 -0.12 5.09 7.54
C GLU J 26 1.10 5.13 6.63
N LEU J 27 2.06 5.99 6.98
CA LEU J 27 3.26 6.24 6.19
C LEU J 27 4.14 5.00 6.23
N LEU J 28 4.23 4.35 5.10
CA LEU J 28 4.87 3.08 4.96
C LEU J 28 6.39 3.16 4.85
N LYS J 29 6.97 4.35 4.63
CA LYS J 29 8.42 4.57 4.59
C LYS J 29 8.74 6.00 5.02
N ASP J 30 9.89 6.23 5.64
CA ASP J 30 10.28 7.59 6.02
C ASP J 30 10.37 8.55 4.83
N TYR J 31 9.86 9.77 5.04
CA TYR J 31 10.00 10.86 4.10
C TYR J 31 11.34 11.54 4.30
N LYS J 32 11.95 11.99 3.21
CA LYS J 32 13.15 12.81 3.21
C LYS J 32 13.04 13.77 2.03
N PRO J 33 13.42 15.05 2.13
CA PRO J 33 13.40 15.97 0.99
C PRO J 33 14.01 15.30 -0.23
N GLY J 34 13.33 15.45 -1.37
CA GLY J 34 13.68 14.79 -2.63
C GLY J 34 12.95 13.44 -2.79
N ASP J 35 12.36 12.87 -1.74
CA ASP J 35 11.49 11.68 -1.84
C ASP J 35 10.09 12.22 -2.15
N LYS J 36 9.97 12.72 -3.38
CA LYS J 36 8.82 13.43 -3.92
C LYS J 36 7.48 12.68 -3.92
N VAL J 37 7.44 11.43 -3.49
CA VAL J 37 6.23 10.62 -3.45
C VAL J 37 6.24 9.76 -2.19
N LEU J 38 5.09 9.56 -1.54
CA LEU J 38 5.00 8.75 -0.33
C LEU J 38 4.24 7.43 -0.54
N LEU J 39 4.83 6.41 0.06
CA LEU J 39 4.25 5.08 0.14
C LEU J 39 3.31 5.10 1.32
N LEU J 40 2.01 4.97 1.09
CA LEU J 40 1.02 5.02 2.18
C LEU J 40 0.19 3.73 2.28
N HIS J 41 0.20 3.11 3.45
CA HIS J 41 -0.63 1.95 3.73
C HIS J 41 -2.02 2.42 4.13
N LEU J 42 -3.03 1.98 3.40
CA LEU J 42 -4.43 2.28 3.62
C LEU J 42 -5.20 1.09 4.19
N GLU J 43 -6.32 1.39 4.84
CA GLU J 43 -7.21 0.36 5.37
C GLU J 43 -7.75 -0.52 4.23
N GLU J 44 -7.90 0.05 3.04
CA GLU J 44 -8.39 -0.59 1.82
C GLU J 44 -7.34 -1.37 1.04
N GLY J 45 -6.07 -1.16 1.34
CA GLY J 45 -4.99 -1.82 0.63
C GLY J 45 -3.64 -1.47 1.25
N LYS J 46 -2.72 -2.44 1.21
CA LYS J 46 -1.44 -2.33 1.91
C LYS J 46 -0.58 -1.16 1.46
N ASP J 47 -0.69 -0.74 0.20
CA ASP J 47 0.02 0.40 -0.34
C ASP J 47 -0.74 1.05 -1.49
N LEU J 48 -1.02 2.34 -1.39
CA LEU J 48 -1.55 3.16 -2.46
C LEU J 48 -0.71 4.42 -2.33
N GLU J 49 -0.33 5.02 -3.44
CA GLU J 49 0.71 6.05 -3.39
C GLU J 49 0.19 7.46 -3.66
N TYR J 50 0.80 8.40 -2.95
CA TYR J 50 0.41 9.80 -2.95
C TYR J 50 1.65 10.66 -3.22
N ARG J 51 1.47 11.76 -3.92
CA ARG J 51 2.58 12.57 -4.40
C ARG J 51 2.60 13.93 -3.79
N LEU J 52 3.83 14.39 -3.60
CA LEU J 52 4.17 15.65 -2.97
C LEU J 52 4.93 16.51 -3.97
N ASP J 53 4.79 17.82 -3.84
CA ASP J 53 5.39 18.75 -4.77
C ASP J 53 6.44 19.65 -4.10
N PRO J 54 7.50 20.01 -4.85
CA PRO J 54 8.51 20.94 -4.34
C PRO J 54 7.81 22.28 -4.11
N LYS J 55 6.79 22.57 -4.94
CA LYS J 55 5.96 23.74 -4.83
C LYS J 55 5.32 23.69 -3.45
N THR J 56 5.34 24.81 -2.74
CA THR J 56 4.81 24.98 -1.38
C THR J 56 5.46 24.06 -0.32
N GLY J 57 6.42 23.20 -0.69
CA GLY J 57 6.92 22.20 0.26
C GLY J 57 5.71 21.34 0.68
N GLU J 58 4.91 20.92 -0.30
CA GLU J 58 3.66 20.18 -0.11
C GLU J 58 3.77 18.95 0.81
N LEU J 59 2.87 18.84 1.79
CA LEU J 59 2.75 17.69 2.70
C LEU J 59 1.28 17.35 3.02
N PRO J 60 0.93 16.07 3.26
CA PRO J 60 -0.40 15.67 3.68
C PRO J 60 -0.58 16.09 5.13
N HIS J 61 -1.81 16.34 5.53
CA HIS J 61 -2.06 16.68 6.92
C HIS J 61 -1.68 15.54 7.86
N LEU J 62 -0.83 15.86 8.83
CA LEU J 62 -0.44 14.92 9.87
C LEU J 62 -1.67 14.66 10.77
N ARG J 63 -1.67 13.56 11.52
CA ARG J 63 -2.77 13.20 12.42
C ARG J 63 -2.40 13.33 13.91
N ASN J 64 -3.34 13.79 14.73
CA ASN J 64 -3.12 13.89 16.18
C ASN J 64 -2.94 12.53 16.86
N PRO J 65 -2.19 12.46 17.97
CA PRO J 65 -2.04 11.21 18.70
C PRO J 65 -3.38 10.83 19.37
N ASP J 66 -3.57 9.53 19.57
CA ASP J 66 -4.82 8.94 20.07
C ASP J 66 -5.30 9.41 21.46
N ILE J 67 -4.37 9.83 22.32
CA ILE J 67 -4.71 10.34 23.66
C ILE J 67 -5.59 11.59 23.57
N LEU J 68 -5.29 12.45 22.60
CA LEU J 68 -5.97 13.72 22.39
C LEU J 68 -7.34 13.56 21.72
N VAL J 69 -7.51 12.61 20.81
CA VAL J 69 -8.78 12.45 20.11
C VAL J 69 -9.88 11.95 21.05
N GLY J 70 -11.10 12.45 20.82
CA GLY J 70 -12.30 12.14 21.58
C GLY J 70 -12.52 13.15 22.71
N GLU J 71 -11.60 14.08 22.90
CA GLU J 71 -11.69 15.04 23.99
C GLU J 71 -12.91 15.96 23.86
N ASN J 72 -13.41 16.43 25.00
CA ASN J 72 -14.56 17.29 25.16
C ASN J 72 -14.38 18.73 24.63
N ASP J 73 -13.14 19.16 24.40
CA ASP J 73 -12.80 20.49 23.91
C ASP J 73 -11.79 20.37 22.77
N LEU J 74 -12.17 20.86 21.59
CA LEU J 74 -11.36 20.79 20.38
C LEU J 74 -10.02 21.55 20.47
N THR J 75 -9.87 22.53 21.35
CA THR J 75 -8.60 23.27 21.49
C THR J 75 -7.52 22.44 22.18
N ALA J 76 -7.90 21.30 22.78
CA ALA J 76 -6.95 20.40 23.41
C ALA J 76 -6.08 19.65 22.37
N LEU J 77 -6.51 19.56 21.10
CA LEU J 77 -5.77 18.91 20.00
C LEU J 77 -4.46 19.66 19.68
N SER J 78 -3.42 18.98 19.15
CA SER J 78 -2.14 19.65 18.81
C SER J 78 -2.07 20.09 17.35
N TYR J 79 -2.69 19.34 16.45
CA TYR J 79 -2.88 19.69 15.05
C TYR J 79 -4.33 20.09 14.92
N LEU J 80 -4.55 21.33 14.50
CA LEU J 80 -5.88 21.89 14.39
C LEU J 80 -6.20 22.05 12.92
N HIS J 81 -7.11 21.20 12.46
CA HIS J 81 -7.52 21.13 11.07
C HIS J 81 -8.76 20.26 10.91
N GLU J 82 -9.39 20.41 9.75
CA GLU J 82 -10.65 19.81 9.36
C GLU J 82 -10.82 18.32 9.66
N PRO J 83 -9.87 17.43 9.32
CA PRO J 83 -10.11 16.03 9.58
C PRO J 83 -10.11 15.71 11.06
N ALA J 84 -9.26 16.40 11.84
CA ALA J 84 -9.18 16.11 13.25
C ALA J 84 -10.48 16.51 13.94
N VAL J 85 -11.00 17.69 13.60
CA VAL J 85 -12.26 18.16 14.16
C VAL J 85 -13.38 17.19 13.80
N LEU J 86 -13.48 16.87 12.52
CA LEU J 86 -14.51 15.99 12.02
C LEU J 86 -14.47 14.63 12.69
N HIS J 87 -13.27 14.12 12.91
CA HIS J 87 -13.09 12.84 13.55
C HIS J 87 -13.56 12.90 14.99
N ASN J 88 -13.18 13.93 15.72
CA ASN J 88 -13.54 14.05 17.13
C ASN J 88 -15.06 14.10 17.26
N LEU J 89 -15.72 14.90 16.45
CA LEU J 89 -17.17 15.02 16.50
C LEU J 89 -17.84 13.71 16.10
N ARG J 90 -17.32 13.07 15.06
CA ARG J 90 -17.86 11.82 14.58
C ARG J 90 -17.84 10.77 15.65
N VAL J 91 -16.68 10.58 16.29
CA VAL J 91 -16.55 9.55 17.29
C VAL J 91 -17.43 9.82 18.50
N ARG J 92 -17.38 11.03 19.07
CA ARG J 92 -18.16 11.35 20.27
C ARG J 92 -19.64 11.17 20.02
N PHE J 93 -20.11 11.58 18.85
CA PHE J 93 -21.49 11.46 18.49
C PHE J 93 -21.87 10.02 18.20
N ILE J 94 -21.10 9.34 17.38
CA ILE J 94 -21.44 7.99 16.97
C ILE J 94 -21.22 6.95 18.05
N ASP J 95 -20.05 6.89 18.68
CA ASP J 95 -19.76 5.79 19.61
C ASP J 95 -20.18 6.03 21.05
N SER J 96 -20.16 7.26 21.52
CA SER J 96 -20.47 7.58 22.91
C SER J 96 -21.81 8.27 23.09
N LYS J 97 -22.49 8.56 21.97
CA LYS J 97 -23.76 9.28 21.95
C LYS J 97 -23.68 10.63 22.66
N LEU J 98 -22.52 11.27 22.64
CA LEU J 98 -22.30 12.59 23.27
C LEU J 98 -22.65 13.66 22.25
N ILE J 99 -23.77 14.34 22.49
CA ILE J 99 -24.28 15.38 21.60
C ILE J 99 -23.75 16.78 21.88
N TYR J 100 -22.90 16.96 22.88
CA TYR J 100 -22.34 18.27 23.24
C TYR J 100 -20.82 18.22 23.30
N THR J 101 -20.18 19.26 22.75
CA THR J 101 -18.71 19.39 22.70
C THR J 101 -18.35 20.87 22.79
N TYR J 102 -17.20 21.24 23.31
CA TYR J 102 -16.76 22.62 23.43
C TYR J 102 -15.71 22.96 22.37
N CYS J 103 -15.69 24.21 21.90
CA CYS J 103 -14.61 24.75 21.07
C CYS J 103 -14.34 26.13 21.64
N GLY J 104 -13.17 26.37 22.23
CA GLY J 104 -12.86 27.66 22.87
C GLY J 104 -14.00 28.04 23.82
N ILE J 105 -14.60 29.20 23.57
CA ILE J 105 -15.73 29.69 24.34
C ILE J 105 -17.04 28.99 23.90
N VAL J 106 -17.16 28.64 22.62
CA VAL J 106 -18.33 28.02 21.99
C VAL J 106 -18.70 26.62 22.45
N LEU J 107 -20.01 26.36 22.51
CA LEU J 107 -20.57 25.05 22.75
C LEU J 107 -21.14 24.56 21.43
N VAL J 108 -20.79 23.35 21.04
CA VAL J 108 -21.25 22.69 19.84
C VAL J 108 -22.22 21.59 20.24
N ALA J 109 -23.42 21.67 19.71
CA ALA J 109 -24.51 20.75 19.91
C ALA J 109 -24.84 20.04 18.60
N ILE J 110 -24.74 18.72 18.60
CA ILE J 110 -25.01 17.85 17.45
C ILE J 110 -26.46 17.35 17.57
N ASN J 111 -27.36 17.69 16.66
CA ASN J 111 -28.77 17.28 16.76
C ASN J 111 -28.98 15.75 16.61
N PRO J 112 -29.47 15.01 17.62
CA PRO J 112 -29.65 13.56 17.53
C PRO J 112 -30.95 13.12 16.86
N TYR J 113 -31.90 14.03 16.58
CA TYR J 113 -33.23 13.70 16.06
C TYR J 113 -33.99 12.73 17.01
N GLU J 114 -33.61 12.65 18.29
CA GLU J 114 -34.15 11.73 19.30
C GLU J 114 -34.15 12.31 20.73
N GLN J 115 -35.14 11.93 21.56
CA GLN J 115 -35.20 12.33 22.97
C GLN J 115 -34.12 11.65 23.80
N LEU J 116 -33.61 12.35 24.81
CA LEU J 116 -32.54 11.87 25.68
C LEU J 116 -32.79 12.29 27.13
N PRO J 117 -32.34 11.46 28.08
CA PRO J 117 -32.53 11.68 29.52
C PRO J 117 -31.60 12.77 30.09
N ILE J 118 -30.67 13.28 29.29
CA ILE J 118 -29.66 14.25 29.73
C ILE J 118 -30.25 15.59 30.21
N TYR J 119 -31.53 15.81 29.95
CA TYR J 119 -32.25 17.01 30.34
C TYR J 119 -32.99 16.85 31.66
N GLY J 120 -32.76 15.77 32.40
CA GLY J 120 -33.46 15.53 33.66
C GLY J 120 -33.06 16.48 34.79
N GLU J 121 -33.97 16.65 35.73
CA GLU J 121 -33.80 17.56 36.86
C GLU J 121 -32.63 17.14 37.77
N ASP J 122 -32.32 15.86 37.84
CA ASP J 122 -31.16 15.40 38.61
C ASP J 122 -29.88 16.00 38.03
N ILE J 123 -29.82 16.09 36.71
CA ILE J 123 -28.69 16.67 36.00
C ILE J 123 -28.69 18.17 36.25
N ILE J 124 -29.87 18.81 36.27
CA ILE J 124 -29.97 20.24 36.60
C ILE J 124 -29.31 20.44 37.97
N ASN J 125 -29.62 19.57 38.94
CA ASN J 125 -29.02 19.66 40.24
C ASN J 125 -27.52 19.42 40.16
N ALA J 126 -27.11 18.41 39.40
CA ALA J 126 -25.71 18.10 39.26
C ALA J 126 -24.92 19.28 38.68
N TYR J 127 -25.45 20.04 37.73
CA TYR J 127 -24.76 21.21 37.17
C TYR J 127 -24.85 22.43 38.06
N SER J 128 -25.90 22.55 38.86
CA SER J 128 -26.03 23.74 39.72
C SER J 128 -24.81 23.91 40.63
N GLY J 129 -24.24 25.12 40.61
CA GLY J 129 -23.10 25.52 41.42
C GLY J 129 -21.74 25.05 40.91
N GLN J 130 -21.69 24.20 39.89
CA GLN J 130 -20.43 23.72 39.35
C GLN J 130 -19.70 24.76 38.49
N ASN J 131 -18.37 24.64 38.35
CA ASN J 131 -17.59 25.50 37.45
C ASN J 131 -17.64 24.88 36.02
N MET J 132 -17.24 25.62 34.98
CA MET J 132 -17.33 25.15 33.59
C MET J 132 -16.54 23.86 33.30
N GLY J 133 -15.28 23.81 33.72
CA GLY J 133 -14.39 22.65 33.49
C GLY J 133 -14.69 21.43 34.38
N ASP J 134 -15.44 21.60 35.48
CA ASP J 134 -15.78 20.51 36.41
C ASP J 134 -16.73 19.45 35.81
N MET J 135 -17.38 19.78 34.70
CA MET J 135 -18.34 18.90 34.06
C MET J 135 -18.10 18.80 32.56
N ASP J 136 -18.58 17.69 32.01
CA ASP J 136 -18.63 17.48 30.57
C ASP J 136 -19.54 18.59 30.00
N PRO J 137 -19.32 19.04 28.76
CA PRO J 137 -20.13 20.10 28.20
C PRO J 137 -21.61 19.72 28.04
N HIS J 138 -22.51 20.66 28.37
CA HIS J 138 -23.97 20.56 28.27
C HIS J 138 -24.57 21.97 28.22
N ILE J 139 -25.75 22.15 27.64
CA ILE J 139 -26.39 23.46 27.58
C ILE J 139 -26.63 24.04 28.98
N PHE J 140 -26.92 23.20 29.97
CA PHE J 140 -27.05 23.66 31.33
C PHE J 140 -25.77 24.29 31.86
N ALA J 141 -24.62 23.86 31.36
CA ALA J 141 -23.36 24.43 31.82
C ALA J 141 -23.22 25.86 31.28
N VAL J 142 -23.76 26.13 30.09
CA VAL J 142 -23.77 27.48 29.51
C VAL J 142 -24.76 28.32 30.30
N ALA J 143 -25.96 27.78 30.55
CA ALA J 143 -26.97 28.48 31.33
C ALA J 143 -26.43 28.83 32.72
N GLU J 144 -25.76 27.89 33.37
CA GLU J 144 -25.16 28.11 34.68
C GLU J 144 -24.07 29.19 34.60
N GLU J 145 -23.24 29.17 33.57
CA GLU J 145 -22.16 30.15 33.43
C GLU J 145 -22.74 31.57 33.30
N ALA J 146 -23.78 31.74 32.50
CA ALA J 146 -24.44 33.02 32.34
C ALA J 146 -25.05 33.46 33.68
N TYR J 147 -25.77 32.55 34.31
CA TYR J 147 -26.45 32.84 35.56
C TYR J 147 -25.46 33.24 36.65
N LYS J 148 -24.32 32.56 36.74
CA LYS J 148 -23.31 32.91 37.73
C LYS J 148 -22.69 34.26 37.38
N GLN J 149 -22.45 34.54 36.11
CA GLN J 149 -21.87 35.82 35.74
C GLN J 149 -22.82 36.97 36.03
N MET J 150 -24.13 36.78 35.81
CA MET J 150 -25.14 37.78 36.13
C MET J 150 -25.15 38.07 37.63
N ALA J 151 -24.90 37.05 38.44
CA ALA J 151 -24.88 37.25 39.87
C ALA J 151 -23.56 37.91 40.32
N ARG J 152 -22.41 37.47 39.78
CA ARG J 152 -21.09 37.99 40.14
C ARG J 152 -20.82 39.41 39.67
N ASP J 153 -21.35 39.82 38.53
CA ASP J 153 -21.16 41.18 38.02
C ASP J 153 -22.50 41.73 37.54
N GLU J 154 -22.64 43.04 37.65
CA GLU J 154 -23.83 43.78 37.27
C GLU J 154 -24.15 43.65 35.77
N ARG J 155 -23.11 43.47 34.96
CA ARG J 155 -23.23 43.37 33.50
C ARG J 155 -24.18 42.23 33.11
N ASN J 156 -25.05 42.55 32.17
CA ASN J 156 -26.07 41.64 31.65
C ASN J 156 -25.44 40.50 30.82
N GLN J 157 -26.21 39.47 30.48
CA GLN J 157 -25.70 38.29 29.78
C GLN J 157 -26.57 37.85 28.60
N SER J 158 -25.93 37.35 27.54
CA SER J 158 -26.65 36.84 26.36
C SER J 158 -26.16 35.49 25.92
N ILE J 159 -27.09 34.60 25.61
CA ILE J 159 -26.80 33.30 25.04
C ILE J 159 -27.17 33.46 23.58
N ILE J 160 -26.23 33.22 22.69
CA ILE J 160 -26.43 33.34 21.27
C ILE J 160 -26.39 31.95 20.70
N VAL J 161 -27.45 31.60 20.02
CA VAL J 161 -27.63 30.29 19.42
C VAL J 161 -27.62 30.50 17.91
N SER J 162 -26.70 29.82 17.24
CA SER J 162 -26.52 29.90 15.78
C SER J 162 -26.44 28.53 15.13
N GLY J 163 -26.94 28.41 13.91
CA GLY J 163 -26.94 27.18 13.11
C GLY J 163 -28.13 27.19 12.16
N GLU J 164 -28.40 26.07 11.49
CA GLU J 164 -29.59 25.96 10.65
C GLU J 164 -30.82 25.74 11.56
N SER J 165 -32.01 26.10 11.10
CA SER J 165 -33.21 25.97 11.92
C SER J 165 -33.51 24.52 12.31
N GLY J 166 -33.15 23.59 11.43
CA GLY J 166 -33.33 22.16 11.63
C GLY J 166 -32.49 21.61 12.79
N ALA J 167 -31.37 22.26 13.12
CA ALA J 167 -30.50 21.82 14.20
C ALA J 167 -31.14 21.83 15.61
N GLY J 168 -32.32 22.43 15.81
CA GLY J 168 -33.05 22.35 17.09
C GLY J 168 -32.71 23.40 18.12
N LYS J 169 -32.49 24.64 17.70
CA LYS J 169 -32.12 25.74 18.60
C LYS J 169 -33.17 25.98 19.70
N THR J 170 -34.44 25.78 19.37
CA THR J 170 -35.60 25.94 20.26
C THR J 170 -35.49 25.04 21.47
N VAL J 171 -34.99 23.83 21.28
CA VAL J 171 -34.80 22.83 22.35
C VAL J 171 -33.71 23.34 23.31
N SER J 172 -32.64 23.90 22.76
CA SER J 172 -31.55 24.46 23.56
C SER J 172 -32.12 25.58 24.44
N ALA J 173 -32.88 26.49 23.83
CA ALA J 173 -33.50 27.62 24.54
C ALA J 173 -34.52 27.13 25.60
N LYS J 174 -35.37 26.16 25.25
CA LYS J 174 -36.34 25.57 26.17
C LYS J 174 -35.64 25.08 27.43
N TYR J 175 -34.62 24.26 27.26
CA TYR J 175 -33.88 23.72 28.39
C TYR J 175 -33.10 24.79 29.13
N ALA J 176 -32.60 25.83 28.47
CA ALA J 176 -31.91 26.90 29.16
C ALA J 176 -32.89 27.67 30.07
N MET J 177 -34.10 27.93 29.60
CA MET J 177 -35.10 28.64 30.41
C MET J 177 -35.56 27.78 31.57
N ARG J 178 -35.84 26.50 31.30
CA ARG J 178 -36.21 25.57 32.35
C ARG J 178 -35.11 25.46 33.40
N TYR J 179 -33.86 25.48 32.97
CA TYR J 179 -32.71 25.44 33.86
C TYR J 179 -32.75 26.68 34.74
N PHE J 180 -32.90 27.87 34.16
CA PHE J 180 -32.97 29.09 34.93
C PHE J 180 -34.11 29.06 35.93
N ALA J 181 -35.30 28.66 35.47
CA ALA J 181 -36.46 28.60 36.31
C ALA J 181 -36.25 27.70 37.52
N THR J 182 -35.63 26.56 37.27
CA THR J 182 -35.35 25.57 38.30
C THR J 182 -34.23 26.00 39.24
N VAL J 183 -33.09 26.51 38.77
CA VAL J 183 -32.00 26.89 39.69
C VAL J 183 -32.35 28.17 40.46
N SER J 184 -33.19 29.03 39.87
CA SER J 184 -33.74 30.21 40.56
C SER J 184 -34.74 29.77 41.63
N GLY J 185 -35.29 28.56 41.49
CA GLY J 185 -36.32 28.05 42.39
C GLY J 185 -37.66 28.76 42.14
N SER J 186 -37.80 29.43 40.99
CA SER J 186 -38.97 30.23 40.62
C SER J 186 -40.22 29.50 40.14
N ALA J 187 -40.14 28.24 39.73
CA ALA J 187 -41.30 27.57 39.12
C ALA J 187 -42.53 27.40 40.02
N SER J 188 -42.38 27.52 41.34
CA SER J 188 -43.51 27.50 42.27
C SER J 188 -44.38 28.75 42.10
N GLU J 189 -43.90 29.77 41.39
CA GLU J 189 -44.64 31.01 41.14
C GLU J 189 -44.71 31.37 39.65
N ALA J 190 -43.60 31.22 38.92
CA ALA J 190 -43.54 31.55 37.50
C ALA J 190 -44.38 30.60 36.62
N ASN J 191 -45.01 31.18 35.60
CA ASN J 191 -45.83 30.52 34.57
C ASN J 191 -45.40 30.98 33.16
N VAL J 192 -44.17 31.47 33.10
CA VAL J 192 -43.57 32.05 31.91
C VAL J 192 -43.21 30.97 30.88
N GLU J 193 -42.68 29.83 31.30
CA GLU J 193 -42.27 28.73 30.40
C GLU J 193 -43.42 28.27 29.51
N GLU J 194 -44.56 27.97 30.09
CA GLU J 194 -45.75 27.46 29.40
C GLU J 194 -46.20 28.43 28.31
N LYS J 195 -46.25 29.71 28.64
CA LYS J 195 -46.65 30.71 27.67
C LYS J 195 -45.57 30.94 26.63
N VAL J 196 -44.30 31.08 27.01
CA VAL J 196 -43.20 31.31 26.05
C VAL J 196 -43.14 30.15 25.06
N LEU J 197 -43.21 28.90 25.53
CA LEU J 197 -43.21 27.73 24.65
C LEU J 197 -44.46 27.74 23.76
N ALA J 198 -45.62 28.10 24.30
CA ALA J 198 -46.84 28.16 23.51
C ALA J 198 -46.82 29.27 22.43
N SER J 199 -45.87 30.22 22.48
CA SER J 199 -45.69 31.30 21.47
C SER J 199 -44.99 30.81 20.18
N ASN J 200 -44.28 29.69 20.23
CA ASN J 200 -43.52 29.20 19.08
C ASN J 200 -44.37 28.88 17.83
N PRO J 201 -45.57 28.25 17.88
CA PRO J 201 -46.34 27.95 16.66
C PRO J 201 -46.70 29.21 15.86
N ILE J 202 -47.03 30.31 16.54
CA ILE J 202 -47.35 31.56 15.82
C ILE J 202 -46.07 32.17 15.24
N MET J 203 -44.98 32.22 16.01
CA MET J 203 -43.73 32.80 15.51
C MET J 203 -43.24 32.00 14.31
N GLU J 204 -43.41 30.69 14.34
CA GLU J 204 -43.06 29.87 13.19
C GLU J 204 -44.03 30.09 12.04
N SER J 205 -45.30 30.31 12.31
CA SER J 205 -46.23 30.52 11.22
C SER J 205 -45.93 31.82 10.49
N ILE J 206 -45.70 32.89 11.26
CA ILE J 206 -45.43 34.22 10.70
C ILE J 206 -43.98 34.48 10.28
N GLY J 207 -42.99 34.04 11.03
CA GLY J 207 -41.56 34.33 10.83
C GLY J 207 -40.71 33.21 10.26
N ASN J 208 -41.32 32.23 9.63
CA ASN J 208 -40.59 31.08 9.15
C ASN J 208 -41.02 30.74 7.73
N ALA J 209 -40.06 30.29 6.92
CA ALA J 209 -40.23 30.07 5.50
C ALA J 209 -39.57 28.80 4.96
N LYS J 210 -39.94 28.40 3.74
CA LYS J 210 -39.34 27.24 3.05
C LYS J 210 -38.35 27.80 2.01
N THR J 211 -37.08 27.47 2.18
CA THR J 211 -35.97 27.87 1.31
C THR J 211 -35.67 26.79 0.29
N THR J 212 -34.81 27.06 -0.68
CA THR J 212 -34.40 26.09 -1.69
C THR J 212 -33.80 24.83 -1.10
N ARG J 213 -33.11 24.97 0.03
CA ARG J 213 -32.40 23.88 0.70
C ARG J 213 -32.98 23.45 2.05
N ASN J 214 -33.90 24.19 2.64
CA ASN J 214 -34.44 23.82 3.94
C ASN J 214 -35.92 24.19 4.05
N ASP J 215 -36.62 23.43 4.87
CA ASP J 215 -38.02 23.60 5.22
C ASP J 215 -38.04 24.13 6.67
N ASN J 216 -38.94 25.07 6.97
CA ASN J 216 -39.01 25.72 8.28
C ASN J 216 -37.74 26.48 8.68
N SER J 217 -37.19 27.22 7.72
CA SER J 217 -36.05 28.10 7.94
C SER J 217 -36.54 29.34 8.68
N SER J 218 -35.76 29.85 9.62
CA SER J 218 -36.14 31.04 10.39
C SER J 218 -35.40 32.21 9.80
N ARG J 219 -36.15 33.26 9.44
CA ARG J 219 -35.65 34.44 8.71
C ARG J 219 -35.62 35.77 9.47
N PHE J 220 -35.34 35.72 10.77
CA PHE J 220 -35.21 36.88 11.65
C PHE J 220 -34.43 36.52 12.91
N GLY J 221 -33.89 37.53 13.60
CA GLY J 221 -33.23 37.34 14.89
C GLY J 221 -34.29 37.55 15.98
N LYS J 222 -34.52 36.54 16.83
CA LYS J 222 -35.50 36.60 17.93
C LYS J 222 -34.73 36.72 19.24
N TYR J 223 -35.03 37.73 20.03
CA TYR J 223 -34.35 37.94 21.31
C TYR J 223 -35.34 37.88 22.47
N ILE J 224 -35.18 36.90 23.36
CA ILE J 224 -36.03 36.74 24.53
C ILE J 224 -35.25 37.17 25.76
N GLU J 225 -35.68 38.25 26.39
CA GLU J 225 -35.05 38.78 27.60
C GLU J 225 -35.78 38.24 28.82
N ILE J 226 -35.16 37.28 29.51
CA ILE J 226 -35.72 36.72 30.73
C ILE J 226 -35.35 37.70 31.84
N GLY J 227 -36.33 38.42 32.37
CA GLY J 227 -36.08 39.40 33.41
C GLY J 227 -35.99 38.77 34.79
N PHE J 228 -35.13 39.33 35.62
CA PHE J 228 -34.90 38.93 37.00
C PHE J 228 -35.05 40.11 37.93
N ASP J 229 -35.52 39.83 39.14
CA ASP J 229 -35.55 40.83 40.19
C ASP J 229 -34.17 40.88 40.89
N LYS J 230 -34.03 41.75 41.90
CA LYS J 230 -32.79 41.91 42.68
C LYS J 230 -32.39 40.67 43.51
N ARG J 231 -33.24 39.64 43.62
CA ARG J 231 -33.05 38.37 44.36
C ARG J 231 -32.90 37.19 43.37
N TYR J 232 -32.93 37.50 42.08
CA TYR J 232 -32.85 36.59 40.94
C TYR J 232 -34.04 35.67 40.78
N ARG J 233 -35.20 36.08 41.28
CA ARG J 233 -36.48 35.46 41.01
C ARG J 233 -36.82 35.93 39.60
N ILE J 234 -37.39 35.04 38.81
CA ILE J 234 -37.81 35.33 37.45
C ILE J 234 -38.97 36.32 37.42
N ILE J 235 -38.99 37.11 36.37
CA ILE J 235 -39.98 38.09 35.96
C ILE J 235 -40.31 37.69 34.51
N GLY J 236 -41.51 37.98 34.01
CA GLY J 236 -41.87 37.46 32.68
C GLY J 236 -41.15 38.18 31.55
N ALA J 237 -40.87 37.36 30.53
CA ALA J 237 -40.07 37.70 29.38
C ALA J 237 -40.57 38.81 28.47
N ASN J 238 -39.57 39.48 27.88
CA ASN J 238 -39.75 40.50 26.86
C ASN J 238 -39.15 39.98 25.55
N MET J 239 -39.93 39.96 24.48
CA MET J 239 -39.53 39.52 23.15
C MET J 239 -39.26 40.69 22.21
N ARG J 240 -38.11 40.67 21.56
CA ARG J 240 -37.72 41.64 20.52
C ARG J 240 -37.39 40.88 19.25
N THR J 241 -37.53 41.54 18.13
CA THR J 241 -37.24 40.91 16.84
C THR J 241 -36.45 41.87 15.98
N TYR J 242 -35.49 41.34 15.23
CA TYR J 242 -34.59 42.09 14.37
C TYR J 242 -34.38 41.37 13.06
N LEU J 243 -33.82 42.05 12.07
CA LEU J 243 -33.40 41.41 10.84
C LEU J 243 -34.44 40.61 10.07
N LEU J 244 -35.73 40.90 10.22
CA LEU J 244 -36.76 40.17 9.46
C LEU J 244 -36.53 40.30 7.95
N GLU J 245 -36.51 39.19 7.21
CA GLU J 245 -36.31 39.17 5.74
C GLU J 245 -37.63 39.57 5.06
N LYS J 246 -37.92 40.87 5.06
CA LYS J 246 -39.16 41.46 4.51
C LYS J 246 -39.30 41.21 3.01
N SER J 247 -38.21 41.16 2.29
CA SER J 247 -38.22 40.97 0.82
C SER J 247 -38.88 39.63 0.42
N ARG J 248 -38.76 38.58 1.25
CA ARG J 248 -39.38 37.28 0.98
C ARG J 248 -40.91 37.35 0.84
N VAL J 249 -41.55 38.30 1.52
CA VAL J 249 -43.02 38.43 1.51
C VAL J 249 -43.57 38.56 0.09
N VAL J 250 -42.84 39.25 -0.78
CA VAL J 250 -43.28 39.56 -2.14
C VAL J 250 -42.48 38.87 -3.23
N PHE J 251 -41.35 38.25 -2.91
CA PHE J 251 -40.53 37.60 -3.93
C PHE J 251 -40.01 36.25 -3.42
N GLN J 252 -40.04 35.22 -4.26
CA GLN J 252 -39.50 33.90 -3.95
C GLN J 252 -38.77 33.35 -5.17
N ALA J 253 -37.61 32.74 -4.96
CA ALA J 253 -36.85 32.09 -6.02
C ALA J 253 -37.49 30.71 -6.34
N GLU J 254 -36.91 29.98 -7.30
CA GLU J 254 -37.44 28.68 -7.70
C GLU J 254 -37.54 27.72 -6.52
N GLU J 255 -38.73 27.14 -6.41
CA GLU J 255 -39.19 26.19 -5.40
C GLU J 255 -39.14 26.69 -3.94
N GLU J 256 -39.07 28.00 -3.72
CA GLU J 256 -39.19 28.58 -2.39
C GLU J 256 -40.66 28.93 -2.07
N ARG J 257 -40.97 29.24 -0.81
CA ARG J 257 -42.28 29.76 -0.38
C ARG J 257 -42.05 30.97 0.52
N ASN J 258 -43.06 31.84 0.62
CA ASN J 258 -43.03 32.91 1.61
C ASN J 258 -43.55 32.32 2.93
N TYR J 259 -43.79 33.16 3.93
CA TYR J 259 -44.17 32.73 5.27
C TYR J 259 -45.36 31.75 5.32
N HIS J 260 -45.22 30.70 6.14
CA HIS J 260 -46.17 29.58 6.21
C HIS J 260 -47.63 29.94 6.47
N ILE J 261 -47.85 31.01 7.22
CA ILE J 261 -49.20 31.47 7.53
C ILE J 261 -50.07 31.64 6.27
N PHE J 262 -49.50 32.08 5.14
CA PHE J 262 -50.27 32.29 3.91
C PHE J 262 -50.79 30.96 3.35
N TYR J 263 -49.98 29.92 3.40
CA TYR J 263 -50.40 28.62 2.88
C TYR J 263 -51.35 27.97 3.87
N GLN J 264 -51.17 28.20 5.18
CA GLN J 264 -52.11 27.73 6.18
C GLN J 264 -53.47 28.33 5.89
N LEU J 265 -53.49 29.62 5.59
CA LEU J 265 -54.70 30.35 5.26
C LEU J 265 -55.29 29.82 3.95
N CYS J 266 -54.50 29.65 2.89
CA CYS J 266 -55.01 29.15 1.61
C CYS J 266 -55.53 27.73 1.77
N ALA J 267 -54.85 26.90 2.56
CA ALA J 267 -55.29 25.53 2.84
C ALA J 267 -56.61 25.53 3.62
N SER J 268 -56.88 26.59 4.37
CA SER J 268 -58.10 26.74 5.16
C SER J 268 -59.25 27.37 4.37
N ALA J 269 -59.14 27.61 3.06
CA ALA J 269 -60.18 28.24 2.23
C ALA J 269 -61.56 27.52 2.25
N LYS J 270 -61.58 26.25 2.67
CA LYS J 270 -62.79 25.44 2.81
C LYS J 270 -63.58 25.71 4.10
N LEU J 271 -62.96 26.29 5.12
CA LEU J 271 -63.61 26.58 6.39
C LEU J 271 -64.69 27.69 6.24
N PRO J 272 -65.87 27.56 6.89
CA PRO J 272 -66.96 28.53 6.76
C PRO J 272 -66.64 29.99 7.08
N GLU J 273 -65.90 30.28 8.14
CA GLU J 273 -65.56 31.66 8.54
C GLU J 273 -64.68 32.38 7.52
N PHE J 274 -63.98 31.63 6.66
CA PHE J 274 -63.10 32.18 5.63
C PHE J 274 -63.76 32.28 4.26
N LYS J 275 -65.04 31.94 4.15
CA LYS J 275 -65.81 32.05 2.90
C LYS J 275 -65.74 33.47 2.34
N MET J 276 -65.93 34.44 3.24
CA MET J 276 -65.96 35.87 2.91
C MET J 276 -64.62 36.44 2.49
N LEU J 277 -63.52 35.75 2.80
CA LEU J 277 -62.19 36.18 2.38
C LEU J 277 -62.00 35.92 0.88
N ARG J 278 -62.93 35.20 0.23
CA ARG J 278 -62.94 34.86 -1.21
C ARG J 278 -61.59 34.27 -1.64
N LEU J 279 -61.05 33.39 -0.81
CA LEU J 279 -59.75 32.80 -1.11
C LEU J 279 -59.82 31.78 -2.24
N GLY J 280 -58.72 31.66 -2.96
CA GLY J 280 -58.52 30.66 -4.00
C GLY J 280 -57.46 29.68 -3.51
N ASN J 281 -56.99 28.83 -4.40
CA ASN J 281 -55.90 27.91 -4.09
C ASN J 281 -54.59 28.71 -3.89
N ALA J 282 -53.55 28.11 -3.32
CA ALA J 282 -52.29 28.82 -3.06
C ALA J 282 -51.56 29.35 -4.31
N ASP J 283 -51.88 28.91 -5.53
CA ASP J 283 -51.23 29.44 -6.73
C ASP J 283 -52.08 30.55 -7.40
N SER J 284 -53.28 30.82 -6.86
CA SER J 284 -54.14 31.88 -7.37
C SER J 284 -53.62 33.27 -6.98
N PHE J 285 -52.68 33.37 -6.04
CA PHE J 285 -52.15 34.64 -5.57
C PHE J 285 -50.74 34.89 -6.07
N HIS J 286 -50.52 36.09 -6.59
CA HIS J 286 -49.24 36.49 -7.16
C HIS J 286 -48.08 36.44 -6.15
N TYR J 287 -48.33 36.66 -4.86
CA TYR J 287 -47.26 36.63 -3.85
C TYR J 287 -46.89 35.23 -3.35
N THR J 288 -47.56 34.18 -3.82
CA THR J 288 -47.32 32.80 -3.39
C THR J 288 -47.01 31.86 -4.56
N LYS J 289 -47.53 32.13 -5.76
CA LYS J 289 -47.35 31.27 -6.95
C LYS J 289 -45.97 31.26 -7.60
N GLN J 290 -45.14 32.25 -7.30
CA GLN J 290 -43.84 32.47 -7.95
C GLN J 290 -42.84 31.34 -7.72
N GLY J 291 -42.89 30.67 -6.57
CA GLY J 291 -41.97 29.57 -6.30
C GLY J 291 -42.30 28.27 -7.03
N GLY J 292 -43.55 28.03 -7.44
CA GLY J 292 -43.96 26.80 -8.13
C GLY J 292 -43.85 25.54 -7.26
N SER J 293 -44.09 25.69 -5.96
CA SER J 293 -44.01 24.62 -4.96
C SER J 293 -45.00 24.98 -3.84
N PRO J 294 -46.30 24.91 -4.11
CA PRO J 294 -47.33 25.28 -3.13
C PRO J 294 -47.41 24.34 -1.94
N MET J 295 -47.13 23.05 -2.12
CA MET J 295 -47.19 22.05 -1.06
C MET J 295 -45.86 21.45 -0.64
N ILE J 296 -45.59 21.48 0.67
CA ILE J 296 -44.44 20.81 1.27
C ILE J 296 -44.90 19.39 1.55
N GLU J 297 -44.22 18.39 1.00
CA GLU J 297 -44.62 17.01 1.23
C GLU J 297 -44.32 16.64 2.69
N GLY J 298 -45.28 16.00 3.37
CA GLY J 298 -45.16 15.62 4.79
C GLY J 298 -45.70 16.68 5.76
N VAL J 299 -46.26 17.80 5.28
CA VAL J 299 -46.79 18.89 6.13
C VAL J 299 -48.25 19.22 5.77
N ASP J 300 -49.14 19.21 6.76
CA ASP J 300 -50.56 19.56 6.58
C ASP J 300 -50.80 21.00 7.05
N ASP J 301 -50.74 21.95 6.11
CA ASP J 301 -50.98 23.37 6.38
C ASP J 301 -52.34 23.62 7.05
N ALA J 302 -53.32 22.79 6.69
CA ALA J 302 -54.68 22.76 7.24
C ALA J 302 -54.73 22.49 8.76
N LYS J 303 -53.74 21.78 9.29
CA LYS J 303 -53.62 21.40 10.70
C LYS J 303 -52.70 22.35 11.42
N GLU J 304 -51.65 22.82 10.74
CA GLU J 304 -50.78 23.84 11.30
C GLU J 304 -51.63 25.07 11.62
N MET J 305 -52.65 25.33 10.78
CA MET J 305 -53.62 26.38 11.05
C MET J 305 -54.24 26.17 12.45
N ALA J 306 -54.76 24.99 12.75
CA ALA J 306 -55.38 24.72 14.04
C ALA J 306 -54.36 24.88 15.18
N HIS J 307 -53.13 24.39 15.03
CA HIS J 307 -52.09 24.55 16.09
C HIS J 307 -51.79 26.02 16.31
N THR J 308 -51.87 26.80 15.25
CA THR J 308 -51.67 28.25 15.30
C THR J 308 -52.81 28.88 16.08
N ARG J 309 -54.07 28.53 15.79
CA ARG J 309 -55.24 29.11 16.48
C ARG J 309 -55.21 28.75 17.96
N GLN J 310 -54.79 27.52 18.27
CA GLN J 310 -54.62 27.04 19.64
C GLN J 310 -53.57 27.88 20.37
N ALA J 311 -52.41 28.09 19.76
CA ALA J 311 -51.35 28.90 20.36
C ALA J 311 -51.81 30.35 20.60
N CYS J 312 -52.50 30.97 19.65
CA CYS J 312 -53.04 32.34 19.76
C CYS J 312 -53.94 32.46 20.98
N THR J 313 -54.81 31.47 21.12
CA THR J 313 -55.78 31.40 22.19
C THR J 313 -55.09 31.18 23.53
N LEU J 314 -54.01 30.40 23.58
CA LEU J 314 -53.26 30.19 24.82
C LEU J 314 -52.60 31.50 25.29
N LEU J 315 -52.26 32.39 24.36
CA LEU J 315 -51.73 33.73 24.65
C LEU J 315 -52.82 34.80 24.82
N GLY J 316 -54.08 34.39 24.78
CA GLY J 316 -55.27 35.22 24.94
C GLY J 316 -55.55 36.18 23.79
N ILE J 317 -55.06 35.92 22.58
CA ILE J 317 -55.44 36.74 21.44
C ILE J 317 -56.88 36.33 21.12
N SER J 318 -57.84 37.23 21.24
CA SER J 318 -59.25 36.92 21.01
C SER J 318 -59.53 36.45 19.58
N GLU J 319 -60.62 35.70 19.39
CA GLU J 319 -61.00 35.23 18.06
C GLU J 319 -61.25 36.41 17.12
N SER J 320 -61.71 37.54 17.66
CA SER J 320 -61.93 38.76 16.88
C SER J 320 -60.60 39.24 16.31
N TYR J 321 -59.55 39.25 17.14
CA TYR J 321 -58.23 39.63 16.64
C TYR J 321 -57.71 38.60 15.65
N GLN J 322 -57.95 37.31 15.88
CA GLN J 322 -57.51 36.27 14.95
C GLN J 322 -58.19 36.49 13.59
N MET J 323 -59.50 36.78 13.55
CA MET J 323 -60.19 37.07 12.30
C MET J 323 -59.65 38.37 11.68
N GLY J 324 -59.24 39.34 12.50
CA GLY J 324 -58.65 40.59 12.01
C GLY J 324 -57.32 40.30 11.31
N ILE J 325 -56.48 39.46 11.91
CA ILE J 325 -55.21 39.05 11.34
C ILE J 325 -55.49 38.40 9.99
N PHE J 326 -56.40 37.41 9.95
CA PHE J 326 -56.68 36.72 8.70
C PHE J 326 -57.31 37.65 7.66
N ARG J 327 -58.10 38.65 8.07
CA ARG J 327 -58.67 39.62 7.14
C ARG J 327 -57.54 40.42 6.49
N ILE J 328 -56.57 40.83 7.30
CA ILE J 328 -55.43 41.59 6.80
C ILE J 328 -54.59 40.75 5.87
N LEU J 329 -54.34 39.50 6.23
CA LEU J 329 -53.54 38.63 5.36
C LEU J 329 -54.26 38.39 4.04
N ALA J 330 -55.59 38.19 4.05
CA ALA J 330 -56.34 38.03 2.82
C ALA J 330 -56.22 39.35 2.02
N GLY J 331 -56.19 40.48 2.72
CA GLY J 331 -55.97 41.76 2.12
C GLY J 331 -54.66 41.76 1.35
N ILE J 332 -53.56 41.38 2.00
CA ILE J 332 -52.25 41.33 1.36
C ILE J 332 -52.32 40.43 0.12
N LEU J 333 -52.95 39.27 0.24
CA LEU J 333 -53.06 38.35 -0.90
C LEU J 333 -53.83 38.98 -2.06
N HIS J 334 -54.98 39.59 -1.80
CA HIS J 334 -55.77 40.23 -2.84
C HIS J 334 -55.07 41.44 -3.42
N LEU J 335 -54.34 42.17 -2.59
CA LEU J 335 -53.53 43.31 -2.99
C LEU J 335 -52.49 42.89 -4.01
N GLY J 336 -51.83 41.75 -3.79
CA GLY J 336 -50.82 41.29 -4.73
C GLY J 336 -51.40 41.01 -6.11
N ASN J 337 -52.66 40.62 -6.18
CA ASN J 337 -53.31 40.37 -7.46
C ASN J 337 -53.64 41.68 -8.20
N VAL J 338 -53.54 42.85 -7.57
CA VAL J 338 -53.77 44.12 -8.27
C VAL J 338 -52.72 44.26 -9.37
N GLY J 339 -53.16 44.39 -10.63
CA GLY J 339 -52.32 44.47 -11.83
C GLY J 339 -52.58 45.74 -12.62
N PHE J 340 -51.58 46.62 -12.66
CA PHE J 340 -51.64 47.93 -13.33
C PHE J 340 -51.48 47.86 -14.85
N ALA J 341 -52.16 48.73 -15.58
CA ALA J 341 -52.04 48.88 -17.03
C ALA J 341 -51.22 50.14 -17.32
N SER J 342 -50.13 50.03 -18.08
CA SER J 342 -49.33 51.21 -18.41
C SER J 342 -50.06 52.07 -19.42
N ARG J 343 -50.45 53.28 -19.03
CA ARG J 343 -51.08 54.23 -19.95
C ARG J 343 -50.03 54.77 -20.88
N ASP J 344 -48.88 55.08 -20.30
CA ASP J 344 -47.71 55.69 -20.91
C ASP J 344 -46.47 55.25 -20.14
N SER J 345 -45.28 55.50 -20.69
CA SER J 345 -44.02 55.16 -20.01
C SER J 345 -43.89 55.85 -18.64
N ASP J 346 -44.61 56.96 -18.44
CA ASP J 346 -44.63 57.78 -17.21
C ASP J 346 -46.01 57.79 -16.52
N SER J 347 -46.93 56.90 -16.87
CA SER J 347 -48.25 56.83 -16.21
C SER J 347 -48.89 55.46 -16.33
N CYS J 348 -49.69 55.11 -15.35
CA CYS J 348 -50.40 53.84 -15.30
C CYS J 348 -51.79 54.03 -14.72
N THR J 349 -52.64 53.04 -14.93
CA THR J 349 -54.02 53.03 -14.42
C THR J 349 -54.46 51.63 -14.07
N ILE J 350 -55.33 51.51 -13.09
CA ILE J 350 -55.96 50.24 -12.75
C ILE J 350 -57.12 50.07 -13.73
N PRO J 351 -57.35 48.88 -14.32
CA PRO J 351 -58.46 48.72 -15.25
C PRO J 351 -59.77 48.96 -14.50
N PRO J 352 -60.84 49.30 -15.22
CA PRO J 352 -62.11 49.61 -14.59
C PRO J 352 -62.66 48.40 -13.85
N LYS J 353 -63.24 48.66 -12.68
CA LYS J 353 -63.86 47.66 -11.82
C LYS J 353 -62.96 46.44 -11.62
N HIS J 354 -61.68 46.66 -11.32
CA HIS J 354 -60.74 45.58 -11.15
C HIS J 354 -61.09 44.77 -9.91
N GLU J 355 -61.30 43.47 -10.10
CA GLU J 355 -61.81 42.62 -9.03
C GLU J 355 -60.88 42.44 -7.83
N PRO J 356 -59.56 42.23 -7.97
CA PRO J 356 -58.68 42.12 -6.82
C PRO J 356 -58.72 43.36 -5.95
N LEU J 357 -58.74 44.55 -6.58
CA LEU J 357 -58.85 45.79 -5.82
C LEU J 357 -60.23 45.93 -5.20
N THR J 358 -61.26 45.50 -5.92
CA THR J 358 -62.63 45.54 -5.40
C THR J 358 -62.73 44.70 -4.13
N ILE J 359 -62.21 43.48 -4.18
CA ILE J 359 -62.24 42.56 -3.05
C ILE J 359 -61.38 43.09 -1.91
N PHE J 360 -60.25 43.70 -2.23
CA PHE J 360 -59.39 44.30 -1.21
C PHE J 360 -60.11 45.48 -0.53
N CYS J 361 -60.76 46.36 -1.28
CA CYS J 361 -61.45 47.50 -0.70
C CYS J 361 -62.61 47.08 0.19
N ASP J 362 -63.33 46.04 -0.22
CA ASP J 362 -64.43 45.46 0.54
C ASP J 362 -63.93 44.88 1.89
N LEU J 363 -62.82 44.14 1.83
CA LEU J 363 -62.21 43.49 2.99
C LEU J 363 -61.65 44.51 3.98
N MET J 364 -60.92 45.50 3.48
CA MET J 364 -60.25 46.48 4.33
C MET J 364 -61.13 47.69 4.68
N GLY J 365 -62.28 47.84 4.04
CA GLY J 365 -63.21 48.95 4.29
C GLY J 365 -62.67 50.30 3.88
N VAL J 366 -62.30 50.41 2.61
CA VAL J 366 -61.74 51.62 2.03
C VAL J 366 -62.44 51.92 0.72
N ASP J 367 -62.51 53.18 0.34
CA ASP J 367 -63.16 53.57 -0.90
C ASP J 367 -62.31 53.14 -2.10
N TYR J 368 -62.95 52.37 -2.99
CA TYR J 368 -62.33 51.91 -4.22
C TYR J 368 -61.69 53.06 -4.98
N GLU J 369 -62.36 54.21 -5.03
CA GLU J 369 -61.85 55.37 -5.74
C GLU J 369 -60.62 55.96 -5.06
N GLU J 370 -60.55 55.91 -3.74
CA GLU J 370 -59.38 56.42 -3.04
C GLU J 370 -58.20 55.53 -3.31
N MET J 371 -58.37 54.22 -3.15
CA MET J 371 -57.26 53.33 -3.43
C MET J 371 -56.90 53.42 -4.90
N CYS J 372 -57.87 53.42 -5.81
CA CYS J 372 -57.60 53.49 -7.24
C CYS J 372 -56.84 54.78 -7.59
N HIS J 373 -57.14 55.89 -6.92
CA HIS J 373 -56.42 57.12 -7.15
C HIS J 373 -55.03 57.07 -6.54
N TRP J 374 -54.92 56.72 -5.26
CA TRP J 374 -53.64 56.70 -4.57
C TRP J 374 -52.67 55.60 -4.96
N LEU J 375 -53.13 54.47 -5.50
CA LEU J 375 -52.21 53.47 -6.02
C LEU J 375 -51.55 53.96 -7.33
N CYS J 376 -52.22 54.83 -8.11
CA CYS J 376 -51.70 55.33 -9.39
C CYS J 376 -51.07 56.75 -9.34
N HIS J 377 -51.20 57.48 -8.22
CA HIS J 377 -50.64 58.82 -8.04
C HIS J 377 -49.99 59.00 -6.67
N ARG J 378 -49.11 59.99 -6.55
CA ARG J 378 -48.43 60.33 -5.29
C ARG J 378 -48.45 61.82 -5.09
N LYS J 379 -48.32 62.24 -3.83
CA LYS J 379 -48.37 63.65 -3.47
C LYS J 379 -47.05 64.24 -3.00
N LEU J 380 -46.59 65.27 -3.70
CA LEU J 380 -45.43 66.05 -3.29
C LEU J 380 -45.93 67.27 -2.56
N ALA J 381 -45.21 67.78 -1.57
CA ALA J 381 -45.64 68.98 -0.89
C ALA J 381 -44.52 69.80 -0.28
N THR J 382 -44.39 71.04 -0.71
CA THR J 382 -43.58 72.04 -0.01
C THR J 382 -44.55 72.67 0.98
N ALA J 383 -44.07 73.40 2.00
CA ALA J 383 -44.97 74.00 2.99
C ALA J 383 -46.08 74.88 2.38
N THR J 384 -45.81 75.52 1.23
CA THR J 384 -46.78 76.39 0.56
C THR J 384 -47.61 75.71 -0.53
N GLU J 385 -47.16 74.60 -1.11
CA GLU J 385 -47.83 74.01 -2.25
C GLU J 385 -47.68 72.51 -2.35
N THR J 386 -48.62 71.86 -2.99
CA THR J 386 -48.65 70.43 -3.13
C THR J 386 -49.13 70.03 -4.51
N TYR J 387 -48.54 68.95 -5.03
CA TYR J 387 -48.79 68.44 -6.36
C TYR J 387 -49.12 66.96 -6.31
N ILE J 388 -50.14 66.55 -7.08
CA ILE J 388 -50.50 65.14 -7.21
C ILE J 388 -49.91 64.73 -8.55
N LYS J 389 -48.97 63.80 -8.52
CA LYS J 389 -48.24 63.34 -9.70
C LYS J 389 -48.51 61.85 -10.01
N PRO J 390 -48.78 61.50 -11.27
CA PRO J 390 -48.95 60.11 -11.69
C PRO J 390 -47.61 59.37 -11.65
N ILE J 391 -47.61 58.03 -11.62
CA ILE J 391 -46.38 57.22 -11.54
C ILE J 391 -46.32 56.06 -12.56
N SER J 392 -45.12 55.60 -12.89
CA SER J 392 -44.88 54.47 -13.80
C SER J 392 -45.39 53.16 -13.23
N LYS J 393 -45.70 52.19 -14.08
CA LYS J 393 -46.13 50.86 -13.62
C LYS J 393 -45.09 50.22 -12.73
N LEU J 394 -43.81 50.44 -13.05
CA LEU J 394 -42.72 49.94 -12.24
C LEU J 394 -42.80 50.55 -10.84
N GLN J 395 -42.98 51.86 -10.78
CA GLN J 395 -43.12 52.52 -9.49
C GLN J 395 -44.36 52.04 -8.77
N ALA J 396 -45.47 51.84 -9.49
CA ALA J 396 -46.72 51.38 -8.90
C ALA J 396 -46.55 49.98 -8.32
N THR J 397 -45.85 49.11 -9.02
CA THR J 397 -45.59 47.75 -8.55
C THR J 397 -44.63 47.79 -7.38
N ASN J 398 -43.57 48.59 -7.44
CA ASN J 398 -42.68 48.74 -6.30
C ASN J 398 -43.41 49.30 -5.08
N ALA J 399 -44.32 50.24 -5.29
CA ALA J 399 -45.06 50.87 -4.20
C ALA J 399 -46.01 49.87 -3.55
N ARG J 400 -46.78 49.17 -4.37
CA ARG J 400 -47.70 48.13 -3.92
C ARG J 400 -46.91 47.12 -3.09
N ASP J 401 -45.77 46.69 -3.60
CA ASP J 401 -44.96 45.69 -2.90
C ASP J 401 -44.30 46.26 -1.65
N ALA J 402 -43.95 47.54 -1.63
CA ALA J 402 -43.39 48.16 -0.45
C ALA J 402 -44.48 48.26 0.62
N LEU J 403 -45.71 48.55 0.19
CA LEU J 403 -46.84 48.63 1.10
C LEU J 403 -47.10 47.26 1.71
N ALA J 404 -47.11 46.20 0.91
CA ALA J 404 -47.35 44.86 1.46
C ALA J 404 -46.23 44.51 2.46
N LYS J 405 -44.97 44.80 2.13
CA LYS J 405 -43.83 44.52 3.03
C LYS J 405 -43.96 45.31 4.32
N HIS J 406 -44.53 46.51 4.24
CA HIS J 406 -44.71 47.34 5.41
C HIS J 406 -45.87 46.87 6.26
N ILE J 407 -46.99 46.50 5.64
CA ILE J 407 -48.17 45.97 6.37
C ILE J 407 -47.75 44.73 7.14
N TYR J 408 -47.00 43.85 6.48
CA TYR J 408 -46.55 42.61 7.09
C TYR J 408 -45.63 42.92 8.26
N ALA J 409 -44.62 43.78 8.08
CA ALA J 409 -43.71 44.12 9.16
C ALA J 409 -44.48 44.75 10.35
N LYS J 410 -45.50 45.56 10.11
CA LYS J 410 -46.29 46.14 11.20
C LYS J 410 -47.12 45.07 11.90
N LEU J 411 -47.78 44.20 11.14
CA LEU J 411 -48.61 43.12 11.68
C LEU J 411 -47.77 42.21 12.56
N PHE J 412 -46.57 41.91 12.10
CA PHE J 412 -45.62 41.10 12.84
C PHE J 412 -45.31 41.80 14.18
N ASN J 413 -44.99 43.08 14.14
CA ASN J 413 -44.71 43.83 15.37
C ASN J 413 -45.92 43.91 16.28
N TRP J 414 -47.13 43.91 15.73
CA TRP J 414 -48.34 43.95 16.55
C TRP J 414 -48.53 42.60 17.24
N ILE J 415 -48.36 41.51 16.51
CA ILE J 415 -48.48 40.18 17.11
C ILE J 415 -47.45 40.09 18.23
N VAL J 416 -46.22 40.56 18.00
CA VAL J 416 -45.15 40.54 19.00
C VAL J 416 -45.54 41.44 20.17
N ASP J 417 -46.30 42.50 19.97
CA ASP J 417 -46.75 43.33 21.08
C ASP J 417 -47.80 42.60 21.91
N HIS J 418 -48.67 41.81 21.28
CA HIS J 418 -49.65 41.02 22.01
C HIS J 418 -48.95 39.93 22.80
N VAL J 419 -47.93 39.33 22.18
CA VAL J 419 -47.10 38.33 22.84
C VAL J 419 -46.48 38.99 24.07
N ASN J 420 -45.83 40.14 23.90
CA ASN J 420 -45.22 40.85 25.01
C ASN J 420 -46.24 41.14 26.11
N GLN J 421 -47.44 41.59 25.76
CA GLN J 421 -48.47 41.86 26.77
C GLN J 421 -48.88 40.58 27.51
N ALA J 422 -48.98 39.45 26.82
CA ALA J 422 -49.33 38.20 27.45
C ALA J 422 -48.18 37.66 28.34
N LEU J 423 -46.94 38.06 28.08
CA LEU J 423 -45.74 37.65 28.82
C LEU J 423 -45.28 38.62 29.92
N HIS J 424 -45.56 39.91 29.80
CA HIS J 424 -45.13 40.92 30.76
C HIS J 424 -45.69 40.78 32.16
N SER J 425 -44.94 41.34 33.11
CA SER J 425 -45.28 41.45 34.52
C SER J 425 -44.96 42.86 35.01
N ALA J 426 -45.69 43.34 36.01
CA ALA J 426 -45.51 44.68 36.56
C ALA J 426 -44.21 44.88 37.35
N VAL J 427 -43.64 43.81 37.91
CA VAL J 427 -42.42 43.93 38.74
C VAL J 427 -41.27 44.55 37.97
N LYS J 428 -40.56 45.47 38.62
CA LYS J 428 -39.42 46.15 38.04
C LYS J 428 -38.28 45.17 37.80
N GLN J 429 -37.94 45.00 36.54
CA GLN J 429 -36.84 44.15 36.12
C GLN J 429 -35.52 44.76 36.61
N HIS J 430 -34.81 44.06 37.48
CA HIS J 430 -33.51 44.51 37.93
C HIS J 430 -32.44 44.29 36.86
N SER J 431 -32.48 43.12 36.22
CA SER J 431 -31.56 42.67 35.19
C SER J 431 -32.21 41.56 34.38
N PHE J 432 -31.59 41.14 33.28
CA PHE J 432 -32.15 40.06 32.48
C PHE J 432 -31.04 39.19 31.89
N ILE J 433 -31.42 38.07 31.31
CA ILE J 433 -30.52 37.22 30.51
C ILE J 433 -31.21 37.13 29.16
N GLY J 434 -30.52 37.45 28.08
CA GLY J 434 -31.10 37.37 26.74
C GLY J 434 -30.76 36.11 25.98
N VAL J 435 -31.74 35.50 25.31
CA VAL J 435 -31.52 34.31 24.47
C VAL J 435 -31.74 34.78 23.04
N LEU J 436 -30.69 34.81 22.24
CA LEU J 436 -30.72 35.21 20.85
C LEU J 436 -30.64 34.00 19.93
N ASP J 437 -31.66 33.81 19.10
CA ASP J 437 -31.70 32.77 18.08
C ASP J 437 -31.51 33.46 16.73
N ILE J 438 -30.49 33.07 15.97
CA ILE J 438 -30.20 33.63 14.65
C ILE J 438 -29.70 32.57 13.68
N TYR J 439 -29.89 32.80 12.39
CA TYR J 439 -29.38 31.94 11.33
C TYR J 439 -27.83 32.01 11.23
N GLY J 440 -27.21 30.91 10.79
CA GLY J 440 -25.75 30.84 10.56
C GLY J 440 -25.34 31.40 9.17
N PHE J 441 -24.03 31.38 8.88
CA PHE J 441 -23.51 31.79 7.56
C PHE J 441 -24.19 30.96 6.46
N GLU J 442 -24.47 31.52 5.28
CA GLU J 442 -25.22 30.80 4.24
C GLU J 442 -24.53 30.95 2.88
N THR J 443 -24.46 29.86 2.11
CA THR J 443 -23.87 29.82 0.76
C THR J 443 -24.53 28.72 -0.06
N PHE J 444 -25.03 29.08 -1.23
CA PHE J 444 -25.71 28.17 -2.14
C PHE J 444 -25.13 28.33 -3.54
N GLU J 445 -25.57 27.46 -4.45
CA GLU J 445 -25.18 27.48 -5.86
C GLU J 445 -25.51 28.84 -6.46
N ILE J 446 -26.71 29.32 -6.16
CA ILE J 446 -27.17 30.64 -6.56
C ILE J 446 -27.18 31.41 -5.27
N ASN J 447 -26.55 32.59 -5.30
CA ASN J 447 -26.32 33.36 -4.09
C ASN J 447 -26.80 34.78 -4.35
N SER J 448 -27.61 35.30 -3.42
CA SER J 448 -28.35 36.54 -3.57
C SER J 448 -28.36 37.48 -2.34
N PHE J 449 -29.06 38.60 -2.47
CA PHE J 449 -29.13 39.67 -1.48
C PHE J 449 -29.47 39.15 -0.08
N GLU J 450 -30.38 38.18 0.01
CA GLU J 450 -30.78 37.56 1.27
C GLU J 450 -29.50 37.00 1.94
N GLN J 451 -28.73 36.24 1.18
CA GLN J 451 -27.50 35.67 1.69
C GLN J 451 -26.48 36.75 1.96
N PHE J 452 -26.42 37.78 1.13
CA PHE J 452 -25.46 38.85 1.31
C PHE J 452 -25.70 39.49 2.68
N CYS J 453 -26.96 39.77 2.99
CA CYS J 453 -27.32 40.39 4.26
C CYS J 453 -26.99 39.44 5.39
N ILE J 454 -27.37 38.18 5.25
CA ILE J 454 -27.09 37.18 6.25
C ILE J 454 -25.59 37.10 6.51
N ASN J 455 -24.79 37.11 5.45
CA ASN J 455 -23.36 37.02 5.60
C ASN J 455 -22.83 38.27 6.27
N TYR J 456 -23.35 39.44 5.96
CA TYR J 456 -22.90 40.67 6.62
C TYR J 456 -23.22 40.59 8.10
N ALA J 457 -24.42 40.16 8.48
CA ALA J 457 -24.75 40.01 9.89
C ALA J 457 -23.77 39.01 10.52
N ASN J 458 -23.47 37.93 9.83
CA ASN J 458 -22.54 36.97 10.37
C ASN J 458 -21.14 37.58 10.46
N GLU J 459 -20.74 38.46 9.56
CA GLU J 459 -19.45 39.13 9.64
C GLU J 459 -19.41 39.95 10.91
N LYS J 460 -20.48 40.71 11.18
CA LYS J 460 -20.53 41.54 12.38
C LYS J 460 -20.45 40.66 13.62
N LEU J 461 -21.22 39.59 13.64
CA LEU J 461 -21.18 38.71 14.79
C LEU J 461 -19.79 38.13 14.92
N GLN J 462 -19.14 37.79 13.83
CA GLN J 462 -17.83 37.25 13.92
C GLN J 462 -16.84 38.28 14.43
N GLN J 463 -17.01 39.55 14.07
CA GLN J 463 -16.10 40.56 14.58
C GLN J 463 -16.29 40.62 16.08
N GLN J 464 -17.53 40.62 16.54
CA GLN J 464 -17.79 40.66 17.97
C GLN J 464 -17.18 39.43 18.64
N PHE J 465 -17.33 38.27 18.03
CA PHE J 465 -16.78 37.05 18.57
C PHE J 465 -15.26 37.16 18.67
N ASN J 466 -14.62 37.72 17.64
CA ASN J 466 -13.18 37.92 17.68
C ASN J 466 -12.82 38.92 18.77
N MET J 467 -13.59 40.01 18.91
CA MET J 467 -13.34 40.97 19.97
C MET J 467 -13.39 40.28 21.33
N HIS J 468 -14.44 39.50 21.57
CA HIS J 468 -14.65 38.83 22.84
C HIS J 468 -13.52 37.86 23.11
N VAL J 469 -13.23 37.00 22.16
CA VAL J 469 -12.15 36.03 22.32
C VAL J 469 -10.83 36.77 22.51
N PHE J 470 -10.48 37.73 21.66
CA PHE J 470 -9.21 38.46 21.79
C PHE J 470 -9.08 39.16 23.13
N LYS J 471 -10.17 39.73 23.62
CA LYS J 471 -10.15 40.39 24.92
C LYS J 471 -9.86 39.38 26.01
N LEU J 472 -10.58 38.26 26.02
CA LEU J 472 -10.34 37.25 27.04
C LEU J 472 -8.93 36.70 26.93
N GLU J 473 -8.37 36.61 25.73
CA GLU J 473 -7.00 36.15 25.59
C GLU J 473 -6.06 37.21 26.13
N GLN J 474 -6.31 38.49 25.88
CA GLN J 474 -5.46 39.52 26.45
C GLN J 474 -5.50 39.47 27.98
N GLU J 475 -6.67 39.19 28.55
CA GLU J 475 -6.77 39.07 29.99
C GLU J 475 -5.98 37.86 30.49
N GLU J 476 -6.15 36.71 29.84
CA GLU J 476 -5.43 35.50 30.26
C GLU J 476 -3.93 35.69 30.10
N TYR J 477 -3.49 36.32 29.01
CA TYR J 477 -2.09 36.60 28.81
C TYR J 477 -1.59 37.50 29.92
N MET J 478 -2.35 38.52 30.34
CA MET J 478 -1.84 39.35 31.43
C MET J 478 -1.86 38.58 32.75
N LYS J 479 -2.80 37.65 32.92
CA LYS J 479 -2.87 36.81 34.11
C LYS J 479 -1.62 35.94 34.18
N GLU J 480 -1.22 35.40 33.04
CA GLU J 480 -0.03 34.55 32.90
C GLU J 480 1.25 35.34 32.64
N GLN J 481 1.19 36.68 32.63
CA GLN J 481 2.29 37.62 32.40
C GLN J 481 2.93 37.55 31.00
N ILE J 482 2.20 37.11 29.99
CA ILE J 482 2.69 36.95 28.62
C ILE J 482 2.44 38.25 27.83
N PRO J 483 3.46 38.79 27.13
CA PRO J 483 3.36 40.01 26.34
C PRO J 483 2.28 39.99 25.26
N TRP J 484 1.45 41.04 25.20
CA TRP J 484 0.40 41.14 24.18
C TRP J 484 0.93 41.20 22.76
N THR J 485 2.17 41.62 22.57
CA THR J 485 2.77 41.69 21.24
C THR J 485 2.88 40.32 20.57
N LEU J 486 2.82 39.21 21.32
CA LEU J 486 2.88 37.86 20.74
C LEU J 486 1.57 37.46 20.10
N ILE J 487 0.44 37.89 20.67
CA ILE J 487 -0.87 37.54 20.10
C ILE J 487 -1.16 38.48 18.93
N ASP J 488 -1.10 37.94 17.72
CA ASP J 488 -1.43 38.71 16.53
C ASP J 488 -2.95 38.82 16.46
N PHE J 489 -3.48 40.00 16.18
CA PHE J 489 -4.92 40.16 16.11
C PHE J 489 -5.36 40.10 14.65
N TYR J 490 -6.20 39.12 14.36
CA TYR J 490 -6.76 39.00 13.03
C TYR J 490 -7.97 39.91 13.07
N ASP J 491 -8.06 40.80 12.10
CA ASP J 491 -9.13 41.78 12.06
C ASP J 491 -9.86 41.77 10.72
N ASN J 492 -11.17 41.54 10.77
CA ASN J 492 -11.99 41.53 9.57
C ASN J 492 -12.58 42.94 9.31
N GLN J 493 -12.15 43.96 10.05
CA GLN J 493 -12.61 45.31 9.80
C GLN J 493 -12.38 45.74 8.36
N PRO J 494 -11.28 45.34 7.67
CA PRO J 494 -11.11 45.69 6.27
C PRO J 494 -12.27 45.13 5.42
N CYS J 495 -12.81 43.98 5.80
CA CYS J 495 -13.91 43.36 5.07
C CYS J 495 -15.22 44.08 5.42
N ILE J 496 -15.41 44.40 6.69
CA ILE J 496 -16.61 45.12 7.08
C ILE J 496 -16.58 46.49 6.41
N ASN J 497 -15.41 47.12 6.32
CA ASN J 497 -15.29 48.40 5.66
C ASN J 497 -15.61 48.26 4.19
N LEU J 498 -15.27 47.13 3.59
CA LEU J 498 -15.60 46.89 2.18
C LEU J 498 -17.13 46.86 2.01
N ILE J 499 -17.88 46.53 3.06
CA ILE J 499 -19.33 46.44 2.95
C ILE J 499 -20.09 47.65 3.44
N GLU J 500 -19.90 47.99 4.70
CA GLU J 500 -20.74 48.99 5.34
C GLU J 500 -20.24 50.42 5.26
N SER J 501 -18.96 50.63 5.04
CA SER J 501 -18.43 51.99 5.04
C SER J 501 -18.78 52.74 3.77
N LYS J 502 -18.39 54.01 3.72
CA LYS J 502 -18.60 54.88 2.56
C LYS J 502 -17.89 54.25 1.37
N LEU J 503 -18.55 54.32 0.23
CA LEU J 503 -18.14 53.68 -1.01
C LEU J 503 -18.13 52.15 -0.89
N GLY J 504 -18.70 51.58 0.19
CA GLY J 504 -18.79 50.14 0.37
C GLY J 504 -19.85 49.56 -0.52
N ILE J 505 -19.87 48.23 -0.63
CA ILE J 505 -20.79 47.56 -1.53
C ILE J 505 -22.26 47.90 -1.22
N LEU J 506 -22.61 48.13 0.03
CA LEU J 506 -23.98 48.54 0.33
C LEU J 506 -24.16 50.02 0.01
N ASP J 507 -23.17 50.85 0.31
CA ASP J 507 -23.29 52.27 0.03
C ASP J 507 -23.51 52.53 -1.45
N LEU J 508 -22.74 51.85 -2.29
CA LEU J 508 -22.91 52.03 -3.72
C LEU J 508 -24.24 51.45 -4.18
N LEU J 509 -24.86 50.55 -3.42
CA LEU J 509 -26.16 49.99 -3.83
C LEU J 509 -27.23 51.03 -3.57
N ASP J 510 -27.18 51.66 -2.41
CA ASP J 510 -28.15 52.70 -2.11
C ASP J 510 -27.92 53.88 -3.06
N GLU J 511 -26.66 54.24 -3.30
CA GLU J 511 -26.36 55.34 -4.20
C GLU J 511 -26.83 55.03 -5.63
N GLU J 512 -26.88 53.76 -5.99
CA GLU J 512 -27.38 53.36 -7.29
C GLU J 512 -28.90 53.37 -7.32
N CYS J 513 -29.58 53.07 -6.21
CA CYS J 513 -31.04 53.01 -6.16
C CYS J 513 -31.70 54.35 -6.45
N LYS J 514 -31.02 55.47 -6.12
CA LYS J 514 -31.59 56.81 -6.34
C LYS J 514 -30.95 57.54 -7.51
N MET J 515 -29.84 57.05 -8.06
CA MET J 515 -29.35 57.66 -9.28
C MET J 515 -30.33 57.27 -10.41
N PRO J 516 -30.66 58.15 -11.37
CA PRO J 516 -31.61 57.81 -12.44
C PRO J 516 -31.11 56.64 -13.28
N LYS J 517 -32.05 55.77 -13.66
CA LYS J 517 -31.86 54.55 -14.48
C LYS J 517 -30.70 53.65 -14.07
N GLY J 518 -30.43 53.56 -12.78
CA GLY J 518 -29.42 52.65 -12.25
C GLY J 518 -29.83 51.18 -12.50
N THR J 519 -28.89 50.25 -12.65
CA THR J 519 -29.21 48.83 -12.94
C THR J 519 -28.16 47.89 -12.35
N ASP J 520 -28.51 46.62 -12.16
CA ASP J 520 -27.61 45.66 -11.55
C ASP J 520 -26.28 45.61 -12.28
N ASP J 521 -26.31 45.81 -13.59
CA ASP J 521 -25.11 45.82 -14.39
C ASP J 521 -24.23 47.03 -14.06
N THR J 522 -24.79 48.25 -14.04
CA THR J 522 -23.97 49.43 -13.74
C THR J 522 -23.53 49.41 -12.30
N TRP J 523 -24.32 48.79 -11.43
CA TRP J 523 -23.93 48.64 -10.06
C TRP J 523 -22.68 47.80 -10.04
N ALA J 524 -22.71 46.67 -10.73
CA ALA J 524 -21.56 45.81 -10.80
C ALA J 524 -20.36 46.58 -11.39
N GLN J 525 -20.59 47.42 -12.38
CA GLN J 525 -19.50 48.21 -12.92
C GLN J 525 -18.88 49.13 -11.89
N LYS J 526 -19.71 49.77 -11.06
CA LYS J 526 -19.21 50.63 -10.01
C LYS J 526 -18.34 49.82 -9.06
N LEU J 527 -18.78 48.61 -8.74
CA LEU J 527 -18.03 47.74 -7.85
C LEU J 527 -16.62 47.51 -8.40
N TYR J 528 -16.54 47.06 -9.64
CA TYR J 528 -15.25 46.79 -10.25
C TYR J 528 -14.40 48.05 -10.26
N ASN J 529 -14.96 49.17 -10.74
CA ASN J 529 -14.24 50.43 -10.81
C ASN J 529 -13.68 50.82 -9.45
N THR J 530 -14.48 50.64 -8.40
CA THR J 530 -14.10 51.08 -7.07
C THR J 530 -13.17 50.14 -6.35
N HIS J 531 -13.34 48.84 -6.51
CA HIS J 531 -12.60 47.87 -5.70
C HIS J 531 -11.68 46.89 -6.38
N LEU J 532 -11.88 46.59 -7.67
CA LEU J 532 -11.20 45.47 -8.29
C LEU J 532 -9.69 45.40 -8.08
N ASN J 533 -8.96 46.47 -8.34
CA ASN J 533 -7.52 46.46 -8.10
C ASN J 533 -7.15 47.19 -6.81
N LYS J 534 -8.09 47.89 -6.18
CA LYS J 534 -7.80 48.70 -5.00
C LYS J 534 -7.89 47.92 -3.70
N CYS J 535 -8.48 46.74 -3.71
CA CYS J 535 -8.66 45.94 -2.51
C CYS J 535 -8.26 44.48 -2.67
N ALA J 536 -7.69 43.93 -1.60
CA ALA J 536 -7.27 42.55 -1.45
C ALA J 536 -8.39 41.51 -1.25
N LEU J 537 -9.59 41.94 -0.86
CA LEU J 537 -10.68 41.01 -0.50
C LEU J 537 -11.79 40.87 -1.55
N PHE J 538 -11.82 41.77 -2.52
CA PHE J 538 -12.80 41.82 -3.58
C PHE J 538 -12.19 41.28 -4.86
N GLU J 539 -12.90 40.40 -5.53
CA GLU J 539 -12.42 39.75 -6.73
C GLU J 539 -13.55 39.56 -7.72
N LYS J 540 -13.18 39.49 -8.99
CA LYS J 540 -14.12 39.33 -10.09
C LYS J 540 -14.13 37.88 -10.57
N PRO J 541 -15.32 37.27 -10.74
CA PRO J 541 -15.40 35.93 -11.28
C PRO J 541 -14.93 36.04 -12.73
N ARG J 542 -13.92 35.25 -13.06
CA ARG J 542 -13.23 35.24 -14.35
C ARG J 542 -14.14 35.19 -15.58
N MET J 543 -15.24 34.44 -15.49
CA MET J 543 -16.19 34.27 -16.61
C MET J 543 -17.42 35.16 -16.56
N SER J 544 -17.48 36.19 -15.72
CA SER J 544 -18.68 37.03 -15.69
C SER J 544 -18.48 38.45 -15.22
N ASN J 545 -19.38 39.31 -15.68
CA ASN J 545 -19.47 40.71 -15.30
C ASN J 545 -20.71 40.97 -14.43
N LYS J 546 -21.45 39.92 -14.04
CA LYS J 546 -22.72 40.02 -13.29
C LYS J 546 -22.68 39.30 -11.94
N ALA J 547 -21.48 39.20 -11.39
CA ALA J 547 -21.25 38.57 -10.11
C ALA J 547 -19.92 39.07 -9.55
N PHE J 548 -19.72 38.94 -8.25
CA PHE J 548 -18.50 39.38 -7.59
C PHE J 548 -18.20 38.44 -6.45
N ILE J 549 -16.94 38.46 -6.02
CA ILE J 549 -16.47 37.57 -4.98
C ILE J 549 -15.89 38.37 -3.85
N ILE J 550 -16.38 38.06 -2.66
CA ILE J 550 -15.88 38.67 -1.43
C ILE J 550 -15.19 37.56 -0.66
N LYS J 551 -13.96 37.80 -0.21
CA LYS J 551 -13.28 36.86 0.68
C LYS J 551 -13.86 37.02 2.08
N HIS J 552 -15.03 36.43 2.34
CA HIS J 552 -15.62 36.46 3.69
C HIS J 552 -14.71 35.70 4.64
N PHE J 553 -14.99 35.92 5.91
CA PHE J 553 -14.33 35.26 7.02
C PHE J 553 -14.30 33.74 6.84
N ALA J 554 -15.46 33.13 6.59
CA ALA J 554 -15.56 31.67 6.47
C ALA J 554 -15.03 31.17 5.14
N ASP J 555 -15.31 31.86 4.05
CA ASP J 555 -14.89 31.43 2.72
C ASP J 555 -15.06 32.54 1.67
N LYS J 556 -14.49 32.36 0.48
CA LYS J 556 -14.80 33.25 -0.63
C LYS J 556 -16.23 32.96 -1.07
N VAL J 557 -17.03 33.99 -1.29
CA VAL J 557 -18.42 33.78 -1.73
C VAL J 557 -18.69 34.65 -2.93
N GLU J 558 -19.28 34.02 -3.93
CA GLU J 558 -19.65 34.62 -5.19
C GLU J 558 -21.14 34.95 -5.13
N TYR J 559 -21.46 36.23 -5.26
CA TYR J 559 -22.82 36.74 -5.27
C TYR J 559 -23.18 37.14 -6.69
N GLN J 560 -24.40 36.86 -7.09
CA GLN J 560 -24.87 37.22 -8.42
C GLN J 560 -25.65 38.50 -8.27
N CYS J 561 -25.34 39.49 -9.10
CA CYS J 561 -25.91 40.84 -9.00
C CYS J 561 -27.39 40.94 -9.41
N GLU J 562 -27.90 40.00 -10.21
CA GLU J 562 -29.28 40.08 -10.69
C GLU J 562 -30.33 40.21 -9.57
N GLY J 563 -31.20 41.21 -9.74
CA GLY J 563 -32.30 41.58 -8.86
C GLY J 563 -31.98 42.12 -7.46
N PHE J 564 -30.77 42.64 -7.17
CA PHE J 564 -30.59 43.21 -5.83
C PHE J 564 -31.33 44.53 -5.72
N LEU J 565 -31.26 45.38 -6.75
CA LEU J 565 -31.88 46.70 -6.69
C LEU J 565 -33.38 46.61 -6.36
N GLU J 566 -34.10 45.68 -7.00
CA GLU J 566 -35.53 45.53 -6.72
C GLU J 566 -35.79 45.02 -5.32
N LYS J 567 -34.90 44.19 -4.79
CA LYS J 567 -35.05 43.73 -3.42
C LYS J 567 -34.67 44.86 -2.46
N ASN J 568 -33.70 45.71 -2.82
CA ASN J 568 -33.22 46.81 -2.00
C ASN J 568 -34.18 47.98 -1.84
N LYS J 569 -35.12 48.17 -2.75
CA LYS J 569 -35.97 49.36 -2.72
C LYS J 569 -37.28 49.23 -1.93
N ASP J 570 -37.45 50.15 -0.99
CA ASP J 570 -38.68 50.37 -0.22
C ASP J 570 -38.99 51.87 -0.17
N THR J 571 -40.22 52.22 -0.56
CA THR J 571 -40.75 53.57 -0.44
C THR J 571 -42.24 53.37 -0.27
N VAL J 572 -42.79 53.74 0.87
CA VAL J 572 -44.24 53.64 1.06
C VAL J 572 -44.84 55.03 0.96
N PHE J 573 -45.76 55.24 0.02
CA PHE J 573 -46.40 56.56 -0.15
C PHE J 573 -47.34 56.78 1.04
N GLU J 574 -47.09 57.85 1.80
CA GLU J 574 -47.80 58.12 3.03
C GLU J 574 -49.31 58.25 2.85
N GLU J 575 -49.77 58.76 1.72
CA GLU J 575 -51.19 58.86 1.46
C GLU J 575 -51.83 57.49 1.41
N GLN J 576 -51.10 56.44 1.00
CA GLN J 576 -51.67 55.11 1.01
C GLN J 576 -51.86 54.65 2.46
N ILE J 577 -50.87 54.91 3.33
CA ILE J 577 -51.02 54.58 4.75
C ILE J 577 -52.19 55.36 5.32
N LYS J 578 -52.28 56.63 4.97
CA LYS J 578 -53.32 57.50 5.48
C LYS J 578 -54.69 57.00 5.03
N VAL J 579 -54.78 56.43 3.83
CA VAL J 579 -56.03 55.86 3.32
C VAL J 579 -56.40 54.63 4.15
N LEU J 580 -55.42 53.74 4.37
CA LEU J 580 -55.64 52.52 5.15
C LEU J 580 -56.01 52.78 6.60
N LYS J 581 -55.41 53.79 7.23
CA LYS J 581 -55.67 54.14 8.64
C LYS J 581 -57.15 54.39 8.98
N SER J 582 -58.00 54.70 7.99
CA SER J 582 -59.43 54.95 8.14
C SER J 582 -60.32 53.71 8.25
N SER J 583 -59.75 52.51 8.18
CA SER J 583 -60.49 51.25 8.10
C SER J 583 -61.58 50.87 9.13
N LYS J 584 -62.46 49.98 8.63
CA LYS J 584 -63.68 49.32 9.17
C LYS J 584 -63.56 48.56 10.47
N PHE J 585 -62.41 48.01 10.77
CA PHE J 585 -62.20 47.15 11.95
C PHE J 585 -60.96 47.65 12.71
N LYS J 586 -60.96 47.39 14.01
CA LYS J 586 -60.01 47.93 14.98
C LYS J 586 -58.53 47.66 14.71
N MET J 587 -58.22 46.46 14.23
CA MET J 587 -56.84 46.08 14.00
C MET J 587 -56.09 46.94 13.00
N LEU J 588 -56.71 47.32 11.88
CA LEU J 588 -55.95 48.07 10.89
C LEU J 588 -55.51 49.45 11.40
N PRO J 589 -56.37 50.26 12.03
CA PRO J 589 -55.91 51.50 12.62
C PRO J 589 -54.89 51.25 13.73
N GLU J 590 -55.02 50.15 14.47
CA GLU J 590 -54.06 49.82 15.52
C GLU J 590 -52.64 49.59 15.00
N LEU J 591 -52.49 49.07 13.79
CA LEU J 591 -51.18 48.71 13.24
C LEU J 591 -50.12 49.82 13.20
N PHE J 592 -50.43 51.08 12.85
CA PHE J 592 -49.36 52.10 12.75
C PHE J 592 -48.89 52.71 14.09
N GLN J 593 -49.50 52.35 15.21
CA GLN J 593 -49.20 52.98 16.49
C GLN J 593 -47.73 52.82 16.91
N ASP J 594 -47.20 53.82 17.60
CA ASP J 594 -45.81 53.91 18.06
C ASP J 594 -45.38 52.69 18.89
N PRO J 624 -37.28 65.85 8.19
CA PRO J 624 -38.50 65.58 8.96
C PRO J 624 -38.26 64.59 10.11
N GLY J 625 -39.30 64.30 10.88
CA GLY J 625 -39.22 63.36 11.99
C GLY J 625 -38.84 61.95 11.52
N GLN J 626 -38.32 61.11 12.42
CA GLN J 626 -37.85 59.76 12.11
C GLN J 626 -38.85 58.88 11.36
N THR J 627 -40.12 58.88 11.78
CA THR J 627 -41.11 58.04 11.10
C THR J 627 -41.41 58.49 9.66
N ALA J 628 -41.03 59.72 9.31
CA ALA J 628 -41.17 60.22 7.95
C ALA J 628 -40.10 59.51 7.11
N LYS J 629 -38.82 59.72 7.45
CA LYS J 629 -37.69 59.08 6.75
C LYS J 629 -37.79 57.57 6.75
N GLU J 630 -38.31 56.99 7.82
CA GLU J 630 -38.47 55.55 7.98
C GLU J 630 -39.19 54.93 6.78
N HIS J 631 -40.21 55.61 6.24
CA HIS J 631 -40.92 55.07 5.08
C HIS J 631 -40.08 55.09 3.82
N LYS J 632 -39.15 56.04 3.75
CA LYS J 632 -38.21 56.27 2.66
C LYS J 632 -37.00 55.33 2.66
N LYS J 633 -36.55 54.84 3.82
CA LYS J 633 -35.35 54.00 3.94
C LYS J 633 -35.38 52.70 3.13
N THR J 634 -34.30 52.40 2.39
CA THR J 634 -34.17 51.16 1.61
C THR J 634 -34.04 49.97 2.55
N VAL J 635 -34.28 48.76 2.03
CA VAL J 635 -34.22 47.54 2.84
C VAL J 635 -32.82 47.40 3.41
N GLY J 636 -31.79 47.64 2.62
CA GLY J 636 -30.42 47.51 3.10
C GLY J 636 -30.12 48.49 4.23
N HIS J 637 -30.63 49.72 4.12
CA HIS J 637 -30.35 50.67 5.16
C HIS J 637 -31.08 50.29 6.43
N GLN J 638 -32.30 49.79 6.28
CA GLN J 638 -33.07 49.30 7.42
C GLN J 638 -32.32 48.15 8.06
N PHE J 639 -31.80 47.23 7.25
CA PHE J 639 -31.07 46.10 7.77
C PHE J 639 -29.83 46.57 8.50
N ARG J 640 -29.08 47.48 7.89
CA ARG J 640 -27.87 48.04 8.48
C ARG J 640 -28.16 48.66 9.83
N ASN J 641 -29.27 49.36 9.92
CA ASN J 641 -29.65 49.97 11.17
C ASN J 641 -30.09 48.92 12.18
N SER J 642 -30.91 47.96 11.75
CA SER J 642 -31.38 46.90 12.64
C SER J 642 -30.17 46.18 13.19
N LEU J 643 -29.16 45.97 12.36
CA LEU J 643 -27.93 45.33 12.76
C LEU J 643 -27.16 46.23 13.71
N HIS J 644 -27.15 47.54 13.51
CA HIS J 644 -26.47 48.39 14.48
C HIS J 644 -27.20 48.29 15.80
N LEU J 645 -28.53 48.26 15.80
CA LEU J 645 -29.28 48.13 17.04
C LEU J 645 -28.94 46.81 17.71
N LEU J 646 -28.86 45.73 16.96
CA LEU J 646 -28.52 44.42 17.52
C LEU J 646 -27.11 44.50 18.10
N MET J 647 -26.17 45.08 17.37
CA MET J 647 -24.81 45.18 17.85
C MET J 647 -24.72 46.08 19.06
N GLU J 648 -25.45 47.18 19.12
CA GLU J 648 -25.36 48.00 20.30
C GLU J 648 -26.03 47.28 21.48
N THR J 649 -26.97 46.37 21.21
CA THR J 649 -27.63 45.60 22.26
C THR J 649 -26.63 44.59 22.80
N LEU J 650 -25.98 43.85 21.91
CA LEU J 650 -25.02 42.84 22.33
C LEU J 650 -23.75 43.46 22.90
N ASN J 651 -23.27 44.59 22.40
CA ASN J 651 -22.05 45.17 22.96
C ASN J 651 -22.23 45.65 24.38
N ALA J 652 -23.45 45.96 24.78
CA ALA J 652 -23.75 46.33 26.16
C ALA J 652 -23.80 45.10 27.08
N THR J 653 -23.50 43.91 26.56
CA THR J 653 -23.73 42.65 27.26
C THR J 653 -22.60 41.66 27.13
N THR J 654 -22.59 40.60 27.93
CA THR J 654 -21.57 39.56 27.86
C THR J 654 -22.12 38.35 27.11
N PRO J 655 -21.50 37.99 25.98
CA PRO J 655 -21.92 36.86 25.18
C PRO J 655 -21.51 35.49 25.69
N HIS J 656 -22.33 34.52 25.33
CA HIS J 656 -22.14 33.09 25.50
C HIS J 656 -22.61 32.54 24.15
N TYR J 657 -21.88 31.63 23.53
CA TYR J 657 -22.24 31.15 22.20
C TYR J 657 -22.48 29.65 22.11
N VAL J 658 -23.50 29.31 21.34
CA VAL J 658 -23.95 27.96 21.08
C VAL J 658 -24.05 27.76 19.59
N ARG J 659 -23.67 26.58 19.10
CA ARG J 659 -23.78 26.18 17.70
C ARG J 659 -24.50 24.86 17.63
N CYS J 660 -25.55 24.80 16.83
CA CYS J 660 -26.31 23.58 16.62
C CYS J 660 -26.06 23.15 15.18
N ILE J 661 -25.72 21.88 14.95
CA ILE J 661 -25.42 21.35 13.63
C ILE J 661 -26.33 20.18 13.27
N LYS J 662 -26.64 20.06 11.98
CA LYS J 662 -27.48 19.01 11.41
C LYS J 662 -26.61 17.88 10.82
N PRO J 663 -26.63 16.65 11.37
CA PRO J 663 -25.75 15.56 10.90
C PRO J 663 -26.15 14.84 9.62
N ASN J 664 -27.44 14.79 9.29
CA ASN J 664 -27.93 14.13 8.07
C ASN J 664 -29.23 14.79 7.60
N ASP J 665 -29.46 14.75 6.31
CA ASP J 665 -30.61 15.37 5.65
C ASP J 665 -31.90 14.55 5.72
N PHE J 666 -31.88 13.35 6.30
CA PHE J 666 -33.04 12.46 6.35
C PHE J 666 -33.66 12.31 7.72
N LYS J 667 -33.18 13.09 8.69
CA LYS J 667 -33.64 13.05 10.07
C LYS J 667 -33.43 11.72 10.77
N PHE J 668 -32.43 10.95 10.33
CA PHE J 668 -32.12 9.66 10.92
C PHE J 668 -31.41 9.82 12.27
N PRO J 669 -31.88 9.15 13.33
CA PRO J 669 -31.24 9.22 14.63
C PRO J 669 -29.79 8.75 14.59
N PHE J 670 -28.90 9.52 15.21
CA PHE J 670 -27.50 9.15 15.37
C PHE J 670 -26.72 8.70 14.12
N THR J 671 -26.97 9.30 12.97
CA THR J 671 -26.19 9.01 11.75
C THR J 671 -25.51 10.33 11.41
N PHE J 672 -24.27 10.26 10.93
CA PHE J 672 -23.39 11.43 10.74
C PHE J 672 -22.75 11.45 9.35
N ASP J 673 -23.30 12.25 8.44
CA ASP J 673 -22.72 12.40 7.10
C ASP J 673 -21.59 13.44 7.15
N GLU J 674 -20.34 13.01 7.00
CA GLU J 674 -19.19 13.91 7.00
C GLU J 674 -19.30 15.03 5.97
N LYS J 675 -19.88 14.74 4.81
CA LYS J 675 -19.99 15.72 3.73
C LYS J 675 -20.93 16.85 4.17
N ARG J 676 -22.01 16.54 4.89
CA ARG J 676 -22.92 17.54 5.46
C ARG J 676 -22.25 18.24 6.63
N ALA J 677 -21.68 17.46 7.55
CA ALA J 677 -21.07 18.01 8.75
C ALA J 677 -19.94 19.00 8.47
N VAL J 678 -19.05 18.74 7.51
CA VAL J 678 -17.95 19.67 7.19
C VAL J 678 -18.53 21.02 6.77
N GLN J 679 -19.57 20.97 5.95
CA GLN J 679 -20.23 22.19 5.52
C GLN J 679 -20.83 22.90 6.73
N GLN J 680 -21.52 22.20 7.63
CA GLN J 680 -22.11 22.84 8.81
C GLN J 680 -21.03 23.50 9.65
N LEU J 681 -19.89 22.83 9.83
CA LEU J 681 -18.79 23.32 10.64
C LEU J 681 -18.14 24.55 10.03
N ARG J 682 -18.09 24.58 8.70
CA ARG J 682 -17.59 25.74 7.98
C ARG J 682 -18.56 26.89 8.21
N ALA J 683 -19.86 26.63 8.02
CA ALA J 683 -20.91 27.65 8.16
C ALA J 683 -20.98 28.23 9.57
N CYS J 684 -20.72 27.43 10.60
CA CYS J 684 -20.78 27.95 11.96
C CYS J 684 -19.47 28.67 12.33
N GLY J 685 -18.53 28.86 11.39
CA GLY J 685 -17.26 29.58 11.63
C GLY J 685 -16.28 28.80 12.48
N VAL J 686 -16.64 27.58 12.88
CA VAL J 686 -15.83 26.78 13.77
C VAL J 686 -14.46 26.57 13.16
N LEU J 687 -14.41 26.29 11.87
CA LEU J 687 -13.15 25.99 11.21
C LEU J 687 -12.20 27.19 11.18
N GLU J 688 -12.67 28.37 10.80
CA GLU J 688 -11.79 29.54 10.77
C GLU J 688 -11.41 29.98 12.16
N THR J 689 -12.29 29.77 13.13
CA THR J 689 -12.01 30.10 14.53
C THR J 689 -10.80 29.29 14.94
N ILE J 690 -10.86 28.03 14.59
CA ILE J 690 -9.79 27.12 14.88
C ILE J 690 -8.55 27.56 14.11
N ARG J 691 -8.68 28.00 12.85
CA ARG J 691 -7.54 28.48 12.09
C ARG J 691 -6.85 29.66 12.78
N ILE J 692 -7.61 30.64 13.26
CA ILE J 692 -7.05 31.81 13.96
C ILE J 692 -6.42 31.34 15.25
N SER J 693 -7.07 30.43 15.95
CA SER J 693 -6.54 29.93 17.20
C SER J 693 -5.19 29.26 16.98
N ALA J 694 -5.05 28.54 15.87
CA ALA J 694 -3.81 27.84 15.55
C ALA J 694 -2.59 28.76 15.34
N ALA J 695 -2.79 30.04 15.02
CA ALA J 695 -1.66 30.96 14.86
C ALA J 695 -1.03 31.36 16.19
N GLY J 696 -1.76 31.19 17.29
CA GLY J 696 -1.26 31.55 18.64
C GLY J 696 -0.99 30.32 19.48
N PHE J 697 -0.71 30.49 20.78
CA PHE J 697 -0.45 29.36 21.71
C PHE J 697 -1.78 28.67 22.01
N PRO J 698 -2.24 27.72 21.16
CA PRO J 698 -3.57 27.13 21.36
C PRO J 698 -3.72 26.16 22.55
N SER J 699 -2.67 25.42 22.92
CA SER J 699 -2.72 24.40 24.00
C SER J 699 -2.09 24.94 25.28
N ARG J 700 -2.24 24.23 26.41
CA ARG J 700 -1.53 24.62 27.64
C ARG J 700 -1.66 23.58 28.75
N TRP J 701 -0.60 23.43 29.55
CA TRP J 701 -0.40 22.37 30.55
C TRP J 701 0.08 22.99 31.87
N THR J 702 -0.46 22.57 33.02
CA THR J 702 0.10 22.95 34.33
C THR J 702 1.46 22.26 34.57
N TYR J 703 2.35 22.89 35.36
CA TYR J 703 3.71 22.37 35.58
C TYR J 703 3.76 20.95 36.17
N GLN J 704 2.95 20.66 37.19
CA GLN J 704 2.90 19.33 37.83
C GLN J 704 2.45 18.23 36.85
N GLU J 705 1.41 18.54 36.06
CA GLU J 705 0.79 17.71 35.03
C GLU J 705 1.76 17.41 33.88
N PHE J 706 2.40 18.44 33.32
CA PHE J 706 3.45 18.31 32.30
C PHE J 706 4.63 17.46 32.77
N PHE J 707 5.17 17.73 33.97
CA PHE J 707 6.22 16.91 34.59
C PHE J 707 5.80 15.43 34.72
N SER J 708 4.59 15.19 35.22
CA SER J 708 4.01 13.83 35.35
C SER J 708 3.85 13.12 34.00
N ARG J 709 3.47 13.83 32.92
CA ARG J 709 3.35 13.26 31.58
C ARG J 709 4.71 12.92 30.95
N TYR J 710 5.69 13.81 31.06
CA TYR J 710 6.91 13.78 30.24
C TYR J 710 8.20 13.33 30.95
N ARG J 711 8.15 12.77 32.18
CA ARG J 711 9.32 12.13 32.84
C ARG J 711 10.00 11.07 31.95
N VAL J 712 9.25 10.40 31.08
CA VAL J 712 9.72 9.52 29.98
C VAL J 712 10.88 10.14 29.16
N LEU J 713 10.88 11.46 28.99
CA LEU J 713 11.85 12.24 28.22
C LEU J 713 12.83 13.03 29.11
N MET J 714 12.94 12.70 30.41
CA MET J 714 13.83 13.33 31.39
C MET J 714 14.73 12.27 32.05
N LYS J 715 16.03 12.25 31.72
CA LYS J 715 17.00 11.42 32.45
C LYS J 715 17.13 11.94 33.89
N GLN J 716 17.52 11.10 34.85
CA GLN J 716 17.59 11.49 36.28
C GLN J 716 18.57 12.65 36.57
N LYS J 717 19.54 12.94 35.69
CA LYS J 717 20.42 14.12 35.76
C LYS J 717 19.82 15.39 35.10
N ASP J 718 18.76 15.27 34.29
CA ASP J 718 17.93 16.40 33.84
C ASP J 718 16.96 16.90 34.94
N VAL J 719 16.60 16.03 35.90
CA VAL J 719 15.66 16.33 36.98
C VAL J 719 16.34 17.14 38.08
N LEU J 720 15.86 18.38 38.29
CA LEU J 720 16.41 19.32 39.27
C LEU J 720 15.57 19.36 40.56
N GLY J 721 15.90 20.28 41.47
CA GLY J 721 15.19 20.49 42.74
C GLY J 721 13.91 21.35 42.63
N ASP J 722 13.49 21.70 41.42
CA ASP J 722 12.25 22.41 41.10
C ASP J 722 11.68 21.91 39.77
N ARG J 723 10.39 21.57 39.77
CA ARG J 723 9.67 21.12 38.57
C ARG J 723 9.52 22.21 37.52
N LYS J 724 9.38 23.50 37.87
CA LYS J 724 9.28 24.59 36.87
C LYS J 724 10.57 24.74 36.08
N GLN J 725 11.71 24.96 36.77
CA GLN J 725 13.03 25.04 36.16
C GLN J 725 13.42 23.76 35.41
N THR J 726 13.10 22.57 35.96
CA THR J 726 13.24 21.29 35.23
C THR J 726 12.50 21.34 33.89
N CYS J 727 11.20 21.69 33.88
CA CYS J 727 10.44 21.82 32.64
C CYS J 727 11.02 22.87 31.66
N LYS J 728 11.59 23.98 32.15
CA LYS J 728 12.26 24.98 31.28
C LYS J 728 13.55 24.45 30.66
N ASN J 729 14.45 23.85 31.44
CA ASN J 729 15.69 23.25 30.94
C ASN J 729 15.44 22.02 30.04
N VAL J 730 14.41 21.23 30.30
CA VAL J 730 13.98 20.12 29.43
C VAL J 730 13.35 20.65 28.13
N LEU J 731 12.35 21.55 28.19
CA LEU J 731 11.65 22.00 26.97
C LEU J 731 12.56 22.74 25.98
N GLU J 732 13.47 23.61 26.45
CA GLU J 732 14.45 24.26 25.57
C GLU J 732 15.47 23.27 24.96
N LYS J 733 15.72 22.10 25.60
CA LYS J 733 16.47 20.96 24.99
C LYS J 733 15.63 20.15 23.98
N LEU J 734 14.35 19.92 24.27
CA LEU J 734 13.44 19.13 23.41
C LEU J 734 12.97 19.88 22.16
N ILE J 735 12.78 21.20 22.23
CA ILE J 735 12.40 22.06 21.11
C ILE J 735 13.26 23.33 21.16
N LEU J 736 14.30 23.36 20.32
CA LEU J 736 15.33 24.43 20.29
C LEU J 736 14.78 25.79 19.81
N ASP J 737 13.61 25.76 19.16
CA ASP J 737 12.95 26.91 18.56
C ASP J 737 12.05 27.60 19.59
N LYS J 738 12.58 28.71 20.13
CA LYS J 738 12.07 29.41 21.33
C LYS J 738 10.82 30.26 21.09
N ASP J 739 10.36 30.36 19.83
CA ASP J 739 9.05 30.94 19.46
C ASP J 739 7.85 30.06 19.88
N LYS J 740 8.05 28.74 19.98
CA LYS J 740 6.96 27.76 19.86
C LYS J 740 6.15 27.53 21.15
N TYR J 741 6.55 28.16 22.26
CA TYR J 741 6.02 27.93 23.60
C TYR J 741 6.34 29.11 24.54
N GLN J 742 5.59 29.27 25.62
CA GLN J 742 5.81 30.32 26.62
C GLN J 742 5.45 29.87 28.05
N PHE J 743 6.24 30.33 29.01
CA PHE J 743 6.12 30.00 30.44
C PHE J 743 5.30 31.05 31.19
N GLY J 744 4.02 30.76 31.43
CA GLY J 744 3.16 31.55 32.32
C GLY J 744 3.35 31.17 33.80
N LYS J 745 2.74 31.95 34.70
CA LYS J 745 2.86 31.79 36.18
C LYS J 745 2.53 30.37 36.67
N THR J 746 1.49 29.73 36.12
CA THR J 746 1.00 28.40 36.53
C THR J 746 0.96 27.35 35.41
N LYS J 747 1.21 27.74 34.14
CA LYS J 747 1.03 26.90 32.94
C LYS J 747 2.06 27.22 31.85
N ILE J 748 2.56 26.18 31.18
CA ILE J 748 3.26 26.28 29.90
C ILE J 748 2.22 26.30 28.76
N PHE J 749 2.30 27.26 27.85
CA PHE J 749 1.43 27.39 26.67
C PHE J 749 2.21 27.07 25.38
N PHE J 750 1.54 26.52 24.37
CA PHE J 750 2.14 25.95 23.16
C PHE J 750 1.41 26.36 21.87
N ARG J 751 2.17 26.60 20.79
CA ARG J 751 1.64 26.67 19.42
C ARG J 751 1.11 25.30 18.93
N ALA J 752 0.48 25.30 17.76
CA ALA J 752 0.07 24.06 17.07
C ALA J 752 1.25 23.09 16.84
N GLY J 753 1.00 21.78 16.85
CA GLY J 753 1.97 20.74 16.44
C GLY J 753 3.00 20.35 17.50
N GLN J 754 3.31 21.23 18.46
CA GLN J 754 4.39 21.03 19.44
C GLN J 754 4.10 19.88 20.43
N VAL J 755 2.88 19.85 20.99
CA VAL J 755 2.44 18.77 21.90
C VAL J 755 2.37 17.43 21.16
N ALA J 756 1.89 17.42 19.90
CA ALA J 756 1.88 16.23 19.06
C ALA J 756 3.29 15.65 18.81
N TYR J 757 4.27 16.51 18.55
CA TYR J 757 5.69 16.13 18.45
C TYR J 757 6.22 15.50 19.76
N LEU J 758 5.95 16.12 20.92
CA LEU J 758 6.31 15.58 22.24
C LEU J 758 5.66 14.21 22.51
N GLU J 759 4.36 14.04 22.23
CA GLU J 759 3.66 12.75 22.35
C GLU J 759 4.16 11.68 21.36
N LYS J 760 4.48 12.05 20.11
CA LYS J 760 5.11 11.13 19.14
C LYS J 760 6.45 10.62 19.67
N LEU J 761 7.33 11.52 20.12
CA LEU J 761 8.61 11.18 20.72
C LEU J 761 8.46 10.32 21.98
N ARG J 762 7.48 10.61 22.84
CA ARG J 762 7.09 9.80 24.01
C ARG J 762 6.68 8.39 23.60
N ALA J 763 5.80 8.25 22.61
CA ALA J 763 5.38 6.96 22.06
C ALA J 763 6.54 6.15 21.45
N ASP J 764 7.43 6.80 20.68
CA ASP J 764 8.66 6.20 20.16
C ASP J 764 9.61 5.69 21.26
N LYS J 765 9.89 6.52 22.28
CA LYS J 765 10.72 6.14 23.44
C LYS J 765 10.15 4.92 24.18
N LEU J 766 8.85 4.93 24.50
CA LEU J 766 8.17 3.83 25.18
C LEU J 766 8.11 2.56 24.32
N ARG J 767 7.92 2.68 23.00
CA ARG J 767 7.95 1.55 22.06
C ARG J 767 9.33 0.89 22.01
N ALA J 768 10.40 1.67 21.83
CA ALA J 768 11.77 1.17 21.90
C ALA J 768 12.09 0.48 23.25
N ALA J 769 11.72 1.12 24.36
CA ALA J 769 11.90 0.59 25.71
C ALA J 769 11.19 -0.77 25.94
N CYS J 770 9.88 -0.85 25.71
CA CYS J 770 9.15 -2.12 25.87
C CYS J 770 9.63 -3.22 24.92
N ILE J 771 10.10 -2.87 23.71
CA ILE J 771 10.73 -3.84 22.79
C ILE J 771 12.06 -4.36 23.36
N ARG J 772 12.96 -3.49 23.85
CA ARG J 772 14.21 -3.92 24.51
C ARG J 772 13.94 -4.80 25.75
N ILE J 773 12.91 -4.50 26.55
CA ILE J 773 12.45 -5.35 27.66
C ILE J 773 11.96 -6.72 27.16
N GLN J 774 10.96 -6.76 26.25
CA GLN J 774 10.41 -8.01 25.69
C GLN J 774 11.50 -8.90 25.06
N LYS J 775 12.40 -8.31 24.27
CA LYS J 775 13.59 -8.95 23.70
C LYS J 775 14.45 -9.62 24.77
N THR J 776 14.75 -8.88 25.84
CA THR J 776 15.59 -9.32 26.95
C THR J 776 14.98 -10.51 27.68
N ILE J 777 13.72 -10.40 28.13
CA ILE J 777 12.98 -11.49 28.79
C ILE J 777 12.93 -12.75 27.91
N ARG J 778 12.48 -12.63 26.66
CA ARG J 778 12.42 -13.73 25.68
C ARG J 778 13.77 -14.41 25.47
N GLY J 779 14.83 -13.62 25.30
CA GLY J 779 16.21 -14.09 25.24
C GLY J 779 16.64 -14.88 26.48
N TRP J 780 16.45 -14.31 27.68
CA TRP J 780 16.81 -14.96 28.95
C TRP J 780 16.03 -16.25 29.22
N LEU J 781 14.73 -16.31 28.91
CA LEU J 781 13.93 -17.54 29.02
C LEU J 781 14.47 -18.66 28.12
N LEU J 782 14.84 -18.36 26.87
CA LEU J 782 15.47 -19.32 25.96
C LEU J 782 16.87 -19.75 26.43
N ARG J 783 17.70 -18.81 26.91
CA ARG J 783 19.00 -19.08 27.56
C ARG J 783 18.85 -20.04 28.74
N LYS J 784 17.93 -19.76 29.66
CA LYS J 784 17.63 -20.59 30.85
C LYS J 784 17.11 -21.98 30.45
N ARG J 785 16.21 -22.07 29.47
CA ARG J 785 15.71 -23.35 28.93
C ARG J 785 16.80 -24.19 28.25
N TYR J 786 17.69 -23.59 27.46
CA TYR J 786 18.86 -24.30 26.90
C TYR J 786 19.79 -24.86 27.99
N LEU J 787 20.15 -24.05 28.98
CA LEU J 787 20.95 -24.49 30.14
C LEU J 787 20.29 -25.65 30.89
N CYS J 788 18.99 -25.55 31.19
CA CYS J 788 18.22 -26.64 31.80
C CYS J 788 18.17 -27.91 30.92
N MET J 789 18.00 -27.76 29.60
CA MET J 789 18.01 -28.86 28.65
C MET J 789 19.36 -29.59 28.61
N GLN J 790 20.48 -28.85 28.55
CA GLN J 790 21.83 -29.44 28.58
C GLN J 790 22.09 -30.16 29.92
N ARG J 791 21.73 -29.55 31.05
CA ARG J 791 21.80 -30.17 32.39
C ARG J 791 20.98 -31.45 32.49
N ALA J 792 19.73 -31.43 32.01
CA ALA J 792 18.86 -32.61 31.94
C ALA J 792 19.46 -33.71 31.05
N ALA J 793 19.97 -33.36 29.86
CA ALA J 793 20.66 -34.29 28.97
C ALA J 793 21.83 -34.98 29.67
N ILE J 794 22.79 -34.22 30.22
CA ILE J 794 23.92 -34.74 31.02
C ILE J 794 23.45 -35.67 32.14
N THR J 795 22.42 -35.26 32.88
CA THR J 795 21.79 -36.03 33.98
C THR J 795 21.29 -37.41 33.52
N VAL J 796 20.61 -37.49 32.37
CA VAL J 796 20.17 -38.76 31.78
C VAL J 796 21.35 -39.56 31.22
N GLN J 797 22.19 -38.94 30.38
CA GLN J 797 23.33 -39.57 29.71
C GLN J 797 24.31 -40.23 30.69
N ARG J 798 24.70 -39.54 31.78
CA ARG J 798 25.57 -40.13 32.82
C ARG J 798 24.95 -41.39 33.45
N TYR J 799 23.64 -41.37 33.72
CA TYR J 799 22.91 -42.54 34.22
C TYR J 799 22.85 -43.69 33.21
N VAL J 800 22.54 -43.40 31.95
CA VAL J 800 22.58 -44.37 30.83
C VAL J 800 23.96 -45.02 30.69
N ARG J 801 25.04 -44.22 30.60
CA ARG J 801 26.43 -44.71 30.54
C ARG J 801 26.79 -45.53 31.79
N GLY J 802 26.27 -45.16 32.96
CA GLY J 802 26.32 -45.97 34.19
C GLY J 802 25.59 -47.32 34.11
N TYR J 803 24.34 -47.36 33.61
CA TYR J 803 23.58 -48.59 33.37
C TYR J 803 24.29 -49.51 32.38
N GLN J 804 24.83 -48.98 31.27
CA GLN J 804 25.66 -49.74 30.34
C GLN J 804 26.93 -50.29 31.01
N ALA J 805 27.67 -49.49 31.77
CA ALA J 805 28.82 -49.96 32.55
C ALA J 805 28.47 -51.11 33.50
N ARG J 806 27.33 -51.01 34.21
CA ARG J 806 26.80 -52.09 35.07
C ARG J 806 26.39 -53.34 34.27
N CYS J 807 25.71 -53.19 33.13
CA CYS J 807 25.39 -54.30 32.24
C CYS J 807 26.65 -54.99 31.68
N TYR J 808 27.69 -54.24 31.33
CA TYR J 808 28.96 -54.81 30.86
C TYR J 808 29.74 -55.50 32.00
N ALA J 809 29.75 -54.95 33.21
CA ALA J 809 30.26 -55.63 34.41
C ALA J 809 29.53 -56.97 34.68
N LYS J 810 28.20 -56.97 34.61
CA LYS J 810 27.33 -58.16 34.70
C LYS J 810 27.68 -59.21 33.63
N PHE J 811 27.82 -58.79 32.37
CA PHE J 811 28.31 -59.62 31.27
C PHE J 811 29.70 -60.21 31.56
N LEU J 812 30.66 -59.39 31.99
CA LEU J 812 32.02 -59.82 32.34
C LEU J 812 32.05 -60.87 33.47
N ARG J 813 31.38 -60.64 34.61
CA ARG J 813 31.35 -61.66 35.68
C ARG J 813 30.71 -62.96 35.20
N ARG J 814 29.58 -62.89 34.48
CA ARG J 814 28.87 -64.08 33.92
C ARG J 814 29.70 -64.85 32.88
N THR J 815 30.37 -64.16 31.95
CA THR J 815 31.26 -64.80 30.95
C THR J 815 32.53 -65.39 31.56
N LYS J 816 33.18 -64.70 32.52
CA LYS J 816 34.30 -65.26 33.31
C LYS J 816 33.86 -66.52 34.08
N ALA J 817 32.76 -66.44 34.80
CA ALA J 817 32.19 -67.54 35.58
C ALA J 817 31.86 -68.77 34.73
N ALA J 818 31.11 -68.61 33.64
CA ALA J 818 30.78 -69.72 32.74
C ALA J 818 32.05 -70.40 32.17
N THR J 819 33.01 -69.61 31.69
CA THR J 819 34.32 -70.11 31.23
C THR J 819 35.04 -70.93 32.30
N THR J 820 35.02 -70.45 33.55
CA THR J 820 35.62 -71.12 34.72
C THR J 820 34.98 -72.48 35.02
N ILE J 821 33.68 -72.64 34.78
CA ILE J 821 32.98 -73.93 34.90
C ILE J 821 33.32 -74.84 33.69
N GLN J 822 33.28 -74.28 32.48
CA GLN J 822 33.58 -74.96 31.22
C GLN J 822 34.97 -75.60 31.17
N LYS J 823 36.02 -74.93 31.68
CA LYS J 823 37.36 -75.54 31.85
C LYS J 823 37.33 -76.78 32.76
N TYR J 824 36.66 -76.68 33.91
CA TYR J 824 36.57 -77.74 34.91
C TYR J 824 35.80 -78.97 34.39
N TRP J 825 34.66 -78.78 33.72
CA TRP J 825 33.91 -79.88 33.11
C TRP J 825 34.70 -80.60 32.01
N ARG J 826 35.38 -79.84 31.13
CA ARG J 826 36.30 -80.39 30.12
C ARG J 826 37.40 -81.25 30.75
N MET J 827 38.01 -80.78 31.85
CA MET J 827 38.96 -81.58 32.64
C MET J 827 38.32 -82.87 33.18
N TYR J 828 37.19 -82.77 33.90
CA TYR J 828 36.50 -83.89 34.54
C TYR J 828 36.20 -85.05 33.57
N VAL J 829 35.52 -84.77 32.44
CA VAL J 829 35.10 -85.82 31.50
C VAL J 829 36.29 -86.48 30.79
N VAL J 830 37.34 -85.72 30.42
CA VAL J 830 38.53 -86.28 29.77
C VAL J 830 39.35 -87.12 30.75
N ARG J 831 39.61 -86.62 31.96
CA ARG J 831 40.26 -87.37 33.05
C ARG J 831 39.52 -88.68 33.35
N ARG J 832 38.19 -88.64 33.46
CA ARG J 832 37.33 -89.83 33.65
C ARG J 832 37.49 -90.85 32.51
N ARG J 833 37.38 -90.43 31.25
CA ARG J 833 37.51 -91.33 30.09
C ARG J 833 38.93 -91.88 29.93
N TYR J 834 39.97 -91.11 30.27
CA TYR J 834 41.35 -91.62 30.43
C TYR J 834 41.46 -92.72 31.50
N LYS J 835 40.93 -92.51 32.71
CA LYS J 835 40.91 -93.55 33.78
C LYS J 835 40.23 -94.84 33.30
N ILE J 836 39.03 -94.74 32.73
CA ILE J 836 38.29 -95.86 32.15
C ILE J 836 39.15 -96.63 31.13
N ARG J 837 39.71 -95.94 30.13
CA ARG J 837 40.55 -96.57 29.09
C ARG J 837 41.84 -97.19 29.65
N ARG J 838 42.52 -96.56 30.61
CA ARG J 838 43.73 -97.10 31.26
C ARG J 838 43.41 -98.37 32.07
N ALA J 839 42.35 -98.34 32.89
CA ALA J 839 41.85 -99.52 33.61
C ALA J 839 41.46 -100.67 32.65
N ALA J 840 40.67 -100.39 31.63
CA ALA J 840 40.29 -101.36 30.59
C ALA J 840 41.50 -101.99 29.89
N THR J 841 42.48 -101.17 29.51
CA THR J 841 43.76 -101.62 28.92
C THR J 841 44.48 -102.62 29.83
N ILE J 842 44.66 -102.27 31.11
CA ILE J 842 45.27 -103.14 32.13
C ILE J 842 44.50 -104.46 32.29
N VAL J 843 43.17 -104.43 32.36
CA VAL J 843 42.31 -105.63 32.36
C VAL J 843 42.58 -106.52 31.13
N ILE J 844 42.57 -105.95 29.92
CA ILE J 844 42.80 -106.69 28.67
C ILE J 844 44.22 -107.28 28.61
N GLN J 845 45.26 -106.51 28.95
CA GLN J 845 46.64 -106.99 29.11
C GLN J 845 46.73 -108.17 30.10
N SER J 846 46.06 -108.05 31.25
CA SER J 846 46.03 -109.09 32.30
C SER J 846 45.35 -110.38 31.82
N TYR J 847 44.21 -110.26 31.11
CA TYR J 847 43.51 -111.41 30.52
C TYR J 847 44.33 -112.08 29.41
N LEU J 848 45.00 -111.30 28.55
CA LEU J 848 45.91 -111.78 27.52
C LEU J 848 47.14 -112.51 28.09
N ARG J 849 47.80 -111.96 29.12
CA ARG J 849 48.89 -112.68 29.83
C ARG J 849 48.37 -113.94 30.54
N GLY J 850 47.13 -113.92 31.04
CA GLY J 850 46.39 -115.11 31.45
C GLY J 850 46.31 -116.18 30.36
N TYR J 851 45.78 -115.83 29.18
CA TYR J 851 45.71 -116.73 28.01
C TYR J 851 47.09 -117.29 27.62
N LEU J 852 48.10 -116.44 27.43
CA LEU J 852 49.44 -116.86 27.03
C LEU J 852 50.06 -117.82 28.05
N THR J 853 49.86 -117.57 29.36
CA THR J 853 50.22 -118.51 30.42
C THR J 853 49.49 -119.86 30.25
N ARG J 854 48.17 -119.84 30.12
CA ARG J 854 47.32 -121.04 29.94
C ARG J 854 47.69 -121.84 28.69
N ASN J 855 48.02 -121.18 27.57
CA ASN J 855 48.49 -121.85 26.36
C ASN J 855 49.85 -122.55 26.60
N ARG J 856 50.84 -121.86 27.20
CA ARG J 856 52.13 -122.50 27.56
C ARG J 856 51.94 -123.68 28.53
N TYR J 857 51.13 -123.52 29.58
CA TYR J 857 50.74 -124.60 30.49
C TYR J 857 50.13 -125.80 29.74
N ARG J 858 49.12 -125.58 28.87
CA ARG J 858 48.49 -126.64 28.07
C ARG J 858 49.49 -127.36 27.16
N LYS J 859 50.40 -126.64 26.50
CA LYS J 859 51.47 -127.22 25.66
C LYS J 859 52.45 -128.07 26.47
N ILE J 860 53.07 -127.50 27.52
CA ILE J 860 53.99 -128.18 28.44
C ILE J 860 53.36 -129.45 29.02
N LEU J 861 52.13 -129.35 29.54
CA LEU J 861 51.39 -130.49 30.10
C LEU J 861 51.20 -131.63 29.09
N ARG J 862 50.75 -131.33 27.86
CA ARG J 862 50.58 -132.33 26.79
C ARG J 862 51.90 -133.00 26.41
N GLU J 863 52.96 -132.23 26.18
CA GLU J 863 54.33 -132.72 25.93
C GLU J 863 54.79 -133.69 27.02
N TYR J 864 54.73 -133.25 28.29
CA TYR J 864 55.14 -134.02 29.46
C TYR J 864 54.37 -135.34 29.63
N LYS J 865 53.03 -135.30 29.54
CA LYS J 865 52.19 -136.51 29.63
C LYS J 865 52.34 -137.44 28.43
N ALA J 866 52.56 -136.91 27.21
CA ALA J 866 52.87 -137.72 26.03
C ALA J 866 54.11 -138.58 26.24
N VAL J 867 55.25 -137.99 26.67
CA VAL J 867 56.47 -138.74 27.02
C VAL J 867 56.20 -139.88 28.00
N ILE J 868 55.51 -139.60 29.11
CA ILE J 868 55.07 -140.59 30.12
C ILE J 868 54.34 -141.78 29.50
N ILE J 869 53.41 -141.52 28.56
CA ILE J 869 52.66 -142.57 27.84
C ILE J 869 53.55 -143.33 26.85
N GLN J 870 54.27 -142.62 25.96
CA GLN J 870 55.15 -143.19 24.93
C GLN J 870 56.14 -144.22 25.50
N LYS J 871 56.92 -143.82 26.52
CA LYS J 871 57.97 -144.67 27.10
C LYS J 871 57.43 -145.94 27.78
N ARG J 872 56.20 -145.89 28.32
CA ARG J 872 55.52 -147.07 28.90
C ARG J 872 55.05 -148.06 27.84
N VAL J 873 54.56 -147.60 26.70
CA VAL J 873 54.23 -148.47 25.55
C VAL J 873 55.48 -149.12 24.98
N ARG J 874 56.57 -148.38 24.76
CA ARG J 874 57.89 -148.92 24.39
C ARG J 874 58.37 -150.01 25.36
N GLY J 875 58.32 -149.73 26.66
CA GLY J 875 58.60 -150.73 27.71
C GLY J 875 57.74 -151.98 27.57
N TRP J 876 56.42 -151.81 27.51
CA TRP J 876 55.43 -152.88 27.44
C TRP J 876 55.56 -153.79 26.20
N LEU J 877 55.84 -153.24 25.00
CA LEU J 877 56.07 -154.04 23.78
C LEU J 877 57.21 -155.04 23.97
N ALA J 878 58.41 -154.55 24.28
CA ALA J 878 59.59 -155.37 24.54
C ALA J 878 59.34 -156.39 25.66
N ARG J 879 58.80 -155.92 26.78
CA ARG J 879 58.48 -156.72 27.98
C ARG J 879 57.45 -157.83 27.71
N THR J 880 56.48 -157.59 26.83
CA THR J 880 55.47 -158.59 26.41
C THR J 880 56.09 -159.70 25.55
N HIS J 881 56.80 -159.35 24.47
CA HIS J 881 57.47 -160.36 23.65
C HIS J 881 58.60 -161.09 24.40
N TYR J 882 59.30 -160.43 25.35
CA TYR J 882 60.17 -161.07 26.33
C TYR J 882 59.44 -162.11 27.21
N LYS J 883 58.29 -161.76 27.81
CA LYS J 883 57.45 -162.70 28.58
C LYS J 883 57.03 -163.93 27.76
N ARG J 884 56.58 -163.73 26.50
CA ARG J 884 56.26 -164.82 25.55
C ARG J 884 57.48 -165.71 25.29
N THR J 885 58.60 -165.10 24.90
CA THR J 885 59.87 -165.79 24.63
C THR J 885 60.32 -166.65 25.81
N MET J 886 60.37 -166.08 27.01
CA MET J 886 60.75 -166.81 28.24
C MET J 886 59.84 -168.02 28.51
N LYS J 887 58.52 -167.88 28.35
CA LYS J 887 57.55 -168.99 28.50
C LYS J 887 57.86 -170.13 27.51
N ALA J 888 58.07 -169.80 26.23
CA ALA J 888 58.44 -170.76 25.19
C ALA J 888 59.78 -171.46 25.47
N ILE J 889 60.85 -170.70 25.73
CA ILE J 889 62.19 -171.20 26.07
C ILE J 889 62.15 -172.17 27.26
N VAL J 890 61.50 -171.79 28.38
CA VAL J 890 61.41 -172.66 29.56
C VAL J 890 60.64 -173.95 29.28
N TYR J 891 59.54 -173.89 28.51
CA TYR J 891 58.83 -175.09 28.05
C TYR J 891 59.73 -176.01 27.21
N LEU J 892 60.43 -175.47 26.21
CA LEU J 892 61.41 -176.17 25.38
C LEU J 892 62.51 -176.82 26.23
N GLN J 893 63.14 -176.07 27.14
CA GLN J 893 64.14 -176.60 28.08
C GLN J 893 63.60 -177.74 28.94
N CYS J 894 62.39 -177.63 29.49
CA CYS J 894 61.76 -178.74 30.22
C CYS J 894 61.59 -180.00 29.36
N CYS J 895 61.19 -179.83 28.09
CA CYS J 895 61.07 -180.95 27.14
C CYS J 895 62.43 -181.57 26.77
N PHE J 896 63.45 -180.75 26.51
CA PHE J 896 64.82 -181.23 26.30
C PHE J 896 65.38 -181.97 27.54
N ARG J 897 65.19 -181.42 28.74
CA ARG J 897 65.63 -182.04 30.01
C ARG J 897 64.98 -183.43 30.22
N ARG J 898 63.71 -183.63 29.86
CA ARG J 898 63.10 -184.97 29.75
C ARG J 898 63.85 -185.87 28.76
N MET J 899 64.11 -185.39 27.55
CA MET J 899 64.82 -186.15 26.51
C MET J 899 66.23 -186.58 26.95
N MET J 900 67.04 -185.65 27.47
CA MET J 900 68.37 -185.92 28.01
C MET J 900 68.32 -186.98 29.13
N ALA J 901 67.43 -186.82 30.12
CA ALA J 901 67.21 -187.84 31.16
C ALA J 901 66.85 -189.22 30.60
N LYS J 902 65.97 -189.30 29.57
CA LYS J 902 65.61 -190.56 28.90
C LYS J 902 66.71 -191.10 27.96
N ARG J 903 67.80 -190.36 27.69
CA ARG J 903 69.05 -190.86 27.07
C ARG J 903 70.05 -191.33 28.11
N GLU J 904 70.29 -190.54 29.16
CA GLU J 904 71.09 -190.90 30.35
C GLU J 904 70.66 -192.26 30.92
N LEU J 905 69.35 -192.48 31.08
CA LEU J 905 68.75 -193.76 31.51
C LEU J 905 69.13 -194.97 30.62
N LYS J 906 69.25 -194.79 29.30
CA LYS J 906 69.72 -195.84 28.38
C LYS J 906 71.22 -196.09 28.50
N LYS J 907 71.99 -195.01 28.71
CA LYS J 907 73.47 -195.04 28.82
C LYS J 907 73.91 -195.86 30.04
N ASP J 908 73.44 -195.52 31.24
CA ASP J 908 73.85 -196.21 32.48
C ASP J 908 73.55 -197.72 32.49
N TYR J 909 72.47 -198.17 31.84
CA TYR J 909 72.18 -199.60 31.70
C TYR J 909 73.34 -200.37 31.04
N LYS J 910 73.98 -199.85 29.98
CA LYS J 910 75.01 -200.61 29.25
C LYS J 910 76.38 -200.63 29.96
N ASP J 911 76.54 -199.91 31.06
CA ASP J 911 77.62 -200.18 32.05
C ASP J 911 77.42 -201.53 32.79
N ASP J 912 76.23 -202.15 32.74
CA ASP J 912 76.01 -203.56 33.15
C ASP J 912 76.66 -204.57 32.17
N ASP J 913 76.96 -204.16 30.94
CA ASP J 913 77.52 -204.99 29.87
C ASP J 913 78.97 -204.65 29.51
N ASP J 914 79.41 -203.41 29.73
CA ASP J 914 80.80 -202.96 29.53
C ASP J 914 81.66 -203.38 30.75
N LYS J 915 81.77 -204.69 30.94
CA LYS J 915 82.23 -205.42 32.14
C LYS J 915 83.04 -206.65 31.73
#